data_9H1U
#
_entry.id   9H1U
#
_cell.length_a   1.00
_cell.length_b   1.00
_cell.length_c   1.00
_cell.angle_alpha   90.00
_cell.angle_beta   90.00
_cell.angle_gamma   90.00
#
_symmetry.space_group_name_H-M   'P 1'
#
loop_
_entity.id
_entity.type
_entity.pdbx_description
1 polymer Bacterioferritin
2 polymer Bacterioferritin
3 polymer Bacterioferritin
4 non-polymer 'PROTOPORPHYRIN IX CONTAINING FE'
5 non-polymer 'FE (III) ION'
#
loop_
_entity_poly.entity_id
_entity_poly.type
_entity_poly.pdbx_seq_one_letter_code
_entity_poly.pdbx_strand_id
1 'polypeptide(L)'
;MKANRTVLAALNDVLRHQLTAINQYFLHARMMKNWGFNALGKHEYKESIEEMKAADKLIERILLLEGLPNLQDLGKLLIG
ENVPEMLKNDFAMEKDAHADLVKTIALCEKQADYVSRDLLSEFLEECEERMDFYETQLELVKKMGEQNYLQSAVGALE
;
A,B,C,D,E,F,G,H
2 'polypeptide(L)'
;(UNK)(UNK)(UNK)(UNK)(UNK)(UNK)V(UNK)(UNK)(UNK)LN(UNK)(UNK)L(UNK)(UNK)(UNK)LTA
(UNK)(UNK)QYF(UNK)HARM(UNK)(UNK)NWGF(UNK)(UNK)L(UNK)(UNK)(UNK)(UNK)(UNK)(UNK)E
(UNK)(UNK)(UNK)E(UNK)(UNK)(UNK)A(UNK)(UNK)LI(UNK)RIL(UNK)LEG(UNK)P(UNK)(UNK)
(UNK)(UNK)(UNK)(UNK)(UNK)L(UNK)IG(UNK)(UNK)VP(UNK)M(UNK)(UNK)ND(UNK)A(UNK)E(UNK)
(UNK)(UNK)(UNK)(UNK)(UNK)L(UNK)(UNK)(UNK)IALCE(UNK)(UNK)(UNK)DY(UNK)(UNK)R(UNK)
(UNK)L(UNK)(UNK)(UNK)LEE(UNK)E(UNK)(UNK)(UNK)(UNK)(UNK)(UNK)L(UNK)V(UNK)(UNK)G
(UNK)(UNK)D(UNK)L(UNK)(UNK)KNYLQS(UNK)A(UNK)(UNK)(UNK)
;
I,J,K,L
3 'polypeptide(L)'
;PRGSPKVISVLNGLLTGELTAADQYFVHARMLENWGFKVLYERIEHERHDELDHAGLLINRILFLEGVPDVASRAALNIG
SDVPKMMANDLAYELQVVDELKAAIALCESERDYDTRRILVHLLEETEQDHVRWLEVQVGLIDKLGLKNYLQSAAGEI
;
M,N,O,P,Q,R,S,T,U,V,W,X
#
# COMPACT_ATOMS: atom_id res chain seq x y z
N ARG A 5 21.55 47.61 32.29
CA ARG A 5 21.85 46.80 33.46
C ARG A 5 20.61 46.59 34.32
N THR A 6 19.74 47.60 34.35
CA THR A 6 18.47 47.45 35.07
C THR A 6 17.58 46.43 34.39
N VAL A 7 17.55 46.41 33.06
CA VAL A 7 16.77 45.40 32.34
C VAL A 7 17.34 44.02 32.64
N LEU A 8 18.66 43.89 32.69
CA LEU A 8 19.29 42.62 33.01
C LEU A 8 18.93 42.17 34.42
N ALA A 9 18.95 43.09 35.39
CA ALA A 9 18.60 42.73 36.76
C ALA A 9 17.14 42.30 36.87
N ALA A 10 16.25 43.02 36.18
CA ALA A 10 14.84 42.65 36.18
C ALA A 10 14.63 41.28 35.53
N LEU A 11 15.35 41.01 34.44
CA LEU A 11 15.25 39.71 33.78
C LEU A 11 15.78 38.61 34.70
N ASN A 12 16.83 38.89 35.46
CA ASN A 12 17.35 37.91 36.40
C ASN A 12 16.35 37.64 37.52
N ASP A 13 15.65 38.67 37.98
CA ASP A 13 14.62 38.45 39.00
C ASP A 13 13.46 37.62 38.44
N VAL A 14 13.03 37.92 37.21
CA VAL A 14 12.00 37.12 36.57
C VAL A 14 12.45 35.68 36.42
N LEU A 15 13.71 35.48 36.05
CA LEU A 15 14.26 34.13 35.93
C LEU A 15 14.30 33.42 37.28
N ARG A 16 14.65 34.13 38.35
CA ARG A 16 14.65 33.51 39.67
C ARG A 16 13.25 33.06 40.05
N HIS A 17 12.25 33.90 39.80
CA HIS A 17 10.88 33.47 40.08
C HIS A 17 10.50 32.28 39.23
N GLN A 18 10.92 32.26 37.96
CA GLN A 18 10.54 31.17 37.08
C GLN A 18 11.19 29.85 37.51
N LEU A 19 12.43 29.92 38.01
CA LEU A 19 13.06 28.74 38.56
C LEU A 19 12.33 28.25 39.80
N THR A 20 11.93 29.17 40.68
CA THR A 20 11.15 28.79 41.85
C THR A 20 9.82 28.16 41.44
N ALA A 21 9.19 28.71 40.40
CA ALA A 21 7.94 28.14 39.90
C ALA A 21 8.16 26.75 39.35
N ILE A 22 9.27 26.54 38.63
CA ILE A 22 9.60 25.21 38.13
C ILE A 22 9.69 24.23 39.27
N ASN A 23 10.45 24.59 40.32
CA ASN A 23 10.65 23.68 41.43
C ASN A 23 9.34 23.38 42.15
N GLN A 24 8.54 24.43 42.42
CA GLN A 24 7.29 24.25 43.15
C GLN A 24 6.31 23.41 42.34
N TYR A 25 6.16 23.70 41.05
CA TYR A 25 5.25 22.93 40.22
C TYR A 25 5.67 21.48 40.12
N PHE A 26 6.96 21.22 39.94
CA PHE A 26 7.42 19.84 39.83
C PHE A 26 7.22 19.08 41.13
N LEU A 27 7.57 19.70 42.27
CA LEU A 27 7.41 19.04 43.55
C LEU A 27 5.93 18.78 43.84
N HIS A 28 5.06 19.74 43.52
CA HIS A 28 3.63 19.53 43.69
C HIS A 28 3.11 18.41 42.81
N ALA A 29 3.56 18.35 41.55
CA ALA A 29 3.12 17.29 40.66
C ALA A 29 3.57 15.93 41.17
N ARG A 30 4.80 15.84 41.67
CA ARG A 30 5.28 14.58 42.21
C ARG A 30 4.51 14.18 43.46
N MET A 31 4.17 15.14 44.32
CA MET A 31 3.35 14.82 45.49
C MET A 31 1.96 14.36 45.09
N MET A 32 1.36 15.01 44.09
CA MET A 32 0.04 14.59 43.62
C MET A 32 0.07 13.18 43.05
N LYS A 33 1.15 12.83 42.34
CA LYS A 33 1.27 11.47 41.84
C LYS A 33 1.56 10.48 42.96
N ASN A 34 2.24 10.94 44.01
CA ASN A 34 2.45 10.09 45.19
C ASN A 34 1.13 9.79 45.89
N TRP A 35 0.23 10.77 45.95
CA TRP A 35 -1.07 10.57 46.57
C TRP A 35 -2.06 9.84 45.67
N GLY A 36 -1.76 9.73 44.39
CA GLY A 36 -2.64 9.07 43.45
C GLY A 36 -3.49 9.99 42.60
N PHE A 37 -3.32 11.30 42.71
CA PHE A 37 -4.06 12.26 41.90
C PHE A 37 -3.37 12.37 40.55
N ASN A 38 -3.75 11.46 39.64
CA ASN A 38 -3.03 11.34 38.37
C ASN A 38 -3.35 12.47 37.41
N ALA A 39 -4.61 12.89 37.31
CA ALA A 39 -4.96 13.97 36.41
C ALA A 39 -4.36 15.30 36.85
N LEU A 40 -4.51 15.62 38.15
CA LEU A 40 -3.91 16.83 38.68
C LEU A 40 -2.40 16.77 38.62
N GLY A 41 -1.81 15.62 38.92
CA GLY A 41 -0.37 15.48 38.82
C GLY A 41 0.13 15.66 37.40
N LYS A 42 -0.60 15.13 36.42
CA LYS A 42 -0.23 15.31 35.03
C LYS A 42 -0.33 16.76 34.61
N HIS A 43 -1.40 17.45 35.02
CA HIS A 43 -1.53 18.86 34.67
C HIS A 43 -0.41 19.68 35.30
N GLU A 44 -0.07 19.41 36.55
CA GLU A 44 1.01 20.15 37.19
C GLU A 44 2.36 19.81 36.59
N TYR A 45 2.55 18.57 36.16
CA TYR A 45 3.77 18.21 35.43
C TYR A 45 3.88 19.02 34.15
N LYS A 46 2.77 19.13 33.40
CA LYS A 46 2.78 19.92 32.18
C LYS A 46 3.06 21.38 32.48
N GLU A 47 2.49 21.92 33.55
CA GLU A 47 2.75 23.31 33.90
C GLU A 47 4.22 23.52 34.26
N SER A 48 4.80 22.59 35.02
CA SER A 48 6.23 22.69 35.32
C SER A 48 7.06 22.64 34.05
N ILE A 49 6.70 21.76 33.10
CA ILE A 49 7.46 21.67 31.85
C ILE A 49 7.35 22.97 31.05
N GLU A 50 6.16 23.56 31.02
CA GLU A 50 6.00 24.83 30.32
C GLU A 50 6.83 25.92 30.98
N GLU A 51 6.91 25.90 32.31
CA GLU A 51 7.76 26.88 33.00
C GLU A 51 9.24 26.61 32.76
N MET A 52 9.63 25.35 32.59
CA MET A 52 11.00 25.02 32.21
C MET A 52 11.33 25.59 30.83
N LYS A 53 10.40 25.44 29.89
CA LYS A 53 10.61 26.01 28.56
C LYS A 53 10.68 27.53 28.62
N ALA A 54 9.84 28.14 29.47
CA ALA A 54 9.90 29.58 29.65
C ALA A 54 11.23 30.04 30.22
N ALA A 55 11.74 29.32 31.22
CA ALA A 55 13.05 29.64 31.76
C ALA A 55 14.14 29.46 30.73
N ASP A 56 14.00 28.45 29.86
CA ASP A 56 14.94 28.25 28.77
C ASP A 56 14.97 29.47 27.85
N LYS A 57 13.78 29.95 27.47
CA LYS A 57 13.69 31.13 26.62
C LYS A 57 14.28 32.35 27.31
N LEU A 58 14.02 32.52 28.60
CA LEU A 58 14.54 33.69 29.30
C LEU A 58 16.05 33.63 29.49
N ILE A 59 16.60 32.42 29.69
CA ILE A 59 18.05 32.29 29.76
C ILE A 59 18.69 32.61 28.42
N GLU A 60 18.07 32.14 27.33
CA GLU A 60 18.53 32.52 26.00
C GLU A 60 18.52 34.03 25.83
N ARG A 61 17.45 34.69 26.26
CA ARG A 61 17.34 36.14 26.13
C ARG A 61 18.38 36.86 26.98
N ILE A 62 18.62 36.38 28.19
CA ILE A 62 19.60 37.03 29.07
C ILE A 62 21.00 36.88 28.50
N LEU A 63 21.34 35.68 28.00
CA LEU A 63 22.66 35.48 27.41
C LEU A 63 22.83 36.30 26.14
N LEU A 64 21.75 36.43 25.36
CA LEU A 64 21.81 37.28 24.17
C LEU A 64 22.12 38.73 24.53
N LEU A 65 21.72 39.16 25.72
CA LEU A 65 21.99 40.51 26.20
C LEU A 65 23.36 40.64 26.86
N GLU A 66 24.21 39.62 26.72
CA GLU A 66 25.54 39.61 27.32
C GLU A 66 25.48 39.81 28.84
N GLY A 67 24.49 39.16 29.46
CA GLY A 67 24.36 39.16 30.90
C GLY A 67 24.69 37.78 31.48
N LEU A 68 24.73 37.74 32.81
CA LEU A 68 25.03 36.50 33.52
C LEU A 68 23.77 36.01 34.21
N PRO A 69 23.11 34.97 33.71
CA PRO A 69 21.91 34.46 34.38
C PRO A 69 22.23 33.98 35.79
N ASN A 70 21.33 34.31 36.72
CA ASN A 70 21.52 33.97 38.12
C ASN A 70 20.66 32.76 38.45
N LEU A 71 21.18 31.58 38.13
CA LEU A 71 20.51 30.32 38.41
C LEU A 71 20.77 29.82 39.83
N GLN A 72 21.61 30.52 40.59
CA GLN A 72 21.90 30.12 41.96
C GLN A 72 20.73 30.45 42.89
N ASP A 73 20.14 31.63 42.76
CA ASP A 73 19.09 32.05 43.67
C ASP A 73 17.78 31.33 43.36
N LEU A 74 16.94 31.23 44.39
CA LEU A 74 15.63 30.61 44.29
C LEU A 74 14.73 31.21 45.35
N GLY A 75 13.52 31.59 44.95
CA GLY A 75 12.56 32.09 45.90
C GLY A 75 12.04 31.01 46.81
N LYS A 76 11.34 31.43 47.85
CA LYS A 76 10.77 30.47 48.79
C LYS A 76 9.72 29.61 48.11
N LEU A 77 9.75 28.32 48.42
CA LEU A 77 8.78 27.37 47.87
C LEU A 77 7.61 27.23 48.83
N LEU A 78 6.41 27.52 48.34
CA LEU A 78 5.19 27.36 49.12
C LEU A 78 4.67 25.94 48.89
N ILE A 79 5.03 25.05 49.79
CA ILE A 79 4.71 23.62 49.66
C ILE A 79 3.46 23.34 50.49
N GLY A 80 2.44 22.77 49.84
CA GLY A 80 1.19 22.48 50.50
C GLY A 80 1.09 21.05 50.98
N GLU A 81 0.36 20.86 52.08
CA GLU A 81 0.21 19.54 52.68
C GLU A 81 -0.97 18.76 52.12
N ASN A 82 -1.98 19.44 51.58
CA ASN A 82 -3.09 18.79 50.91
C ASN A 82 -3.39 19.55 49.62
N VAL A 83 -4.18 18.92 48.75
CA VAL A 83 -4.36 19.45 47.39
C VAL A 83 -4.87 20.88 47.37
N PRO A 84 -5.91 21.25 48.12
CA PRO A 84 -6.33 22.67 48.09
C PRO A 84 -5.24 23.64 48.51
N GLU A 85 -4.40 23.25 49.47
CA GLU A 85 -3.33 24.13 49.90
C GLU A 85 -2.31 24.34 48.80
N MET A 86 -1.93 23.27 48.09
CA MET A 86 -1.00 23.42 46.98
C MET A 86 -1.63 24.21 45.82
N LEU A 87 -2.94 24.07 45.63
CA LEU A 87 -3.63 24.89 44.63
C LEU A 87 -3.51 26.37 44.97
N LYS A 88 -3.83 26.75 46.21
CA LYS A 88 -3.75 28.17 46.55
C LYS A 88 -2.31 28.67 46.60
N ASN A 89 -1.36 27.79 46.95
CA ASN A 89 0.04 28.21 46.93
C ASN A 89 0.51 28.49 45.50
N ASP A 90 0.12 27.63 44.55
CA ASP A 90 0.40 27.91 43.15
C ASP A 90 -0.24 29.23 42.73
N PHE A 91 -1.48 29.47 43.15
CA PHE A 91 -2.17 30.70 42.78
C PHE A 91 -1.45 31.94 43.33
N ALA A 92 -1.02 31.89 44.59
CA ALA A 92 -0.31 33.01 45.18
C ALA A 92 1.02 33.27 44.49
N MET A 93 1.77 32.20 44.20
CA MET A 93 3.03 32.36 43.48
C MET A 93 2.79 32.98 42.11
N GLU A 94 1.72 32.56 41.44
CA GLU A 94 1.40 33.13 40.13
C GLU A 94 0.99 34.60 40.23
N LYS A 95 0.30 34.99 41.31
CA LYS A 95 -0.03 36.40 41.50
C LYS A 95 1.24 37.24 41.66
N ASP A 96 2.19 36.75 42.47
CA ASP A 96 3.46 37.46 42.59
C ASP A 96 4.17 37.52 41.25
N ALA A 97 4.13 36.43 40.49
CA ALA A 97 4.66 36.41 39.13
C ALA A 97 4.07 37.52 38.30
N HIS A 98 2.74 37.66 38.34
CA HIS A 98 2.07 38.64 37.49
C HIS A 98 2.49 40.05 37.86
N ALA A 99 2.55 40.37 39.15
CA ALA A 99 2.95 41.71 39.56
C ALA A 99 4.38 42.01 39.11
N ASP A 100 5.31 41.07 39.37
CA ASP A 100 6.69 41.27 38.98
C ASP A 100 6.84 41.40 37.47
N LEU A 101 6.10 40.58 36.72
CA LEU A 101 6.18 40.61 35.27
C LEU A 101 5.64 41.92 34.70
N VAL A 102 4.55 42.44 35.28
CA VAL A 102 4.02 43.72 34.80
C VAL A 102 5.03 44.83 35.05
N LYS A 103 5.64 44.85 36.24
CA LYS A 103 6.67 45.85 36.51
C LYS A 103 7.82 45.72 35.52
N THR A 104 8.23 44.48 35.24
CA THR A 104 9.34 44.24 34.30
C THR A 104 8.98 44.70 32.89
N ILE A 105 7.75 44.46 32.45
CA ILE A 105 7.34 44.86 31.11
C ILE A 105 7.31 46.38 30.99
N ALA A 106 6.80 47.07 32.02
CA ALA A 106 6.84 48.52 32.00
C ALA A 106 8.28 49.04 31.96
N LEU A 107 9.17 48.41 32.73
CA LEU A 107 10.57 48.81 32.70
C LEU A 107 11.18 48.60 31.32
N CYS A 108 10.89 47.46 30.69
CA CYS A 108 11.44 47.16 29.37
C CYS A 108 10.93 48.14 28.32
N GLU A 109 9.65 48.50 28.40
CA GLU A 109 9.12 49.52 27.49
C GLU A 109 9.80 50.86 27.71
N LYS A 110 10.07 51.21 28.97
CA LYS A 110 10.71 52.50 29.26
C LYS A 110 12.12 52.56 28.70
N GLN A 111 12.86 51.45 28.74
CA GLN A 111 14.26 51.43 28.33
C GLN A 111 14.44 51.21 26.84
N ALA A 112 13.38 51.39 26.04
CA ALA A 112 13.43 51.24 24.59
C ALA A 112 13.91 49.86 24.17
N ASP A 113 13.66 48.86 25.01
CA ASP A 113 14.06 47.48 24.77
C ASP A 113 12.79 46.67 24.56
N TYR A 114 12.61 46.13 23.36
CA TYR A 114 11.31 45.64 22.93
C TYR A 114 11.24 44.13 22.71
N VAL A 115 12.35 43.48 22.36
CA VAL A 115 12.32 42.03 22.15
C VAL A 115 12.18 41.30 23.48
N SER A 116 12.96 41.66 24.48
CA SER A 116 12.70 41.07 25.78
C SER A 116 11.32 41.46 26.27
N ARG A 117 10.80 42.59 25.80
CA ARG A 117 9.45 42.99 26.21
C ARG A 117 8.39 42.06 25.64
N ASP A 118 8.49 41.66 24.36
CA ASP A 118 7.46 40.76 23.83
C ASP A 118 7.63 39.37 24.42
N LEU A 119 8.87 38.98 24.74
CA LEU A 119 9.07 37.74 25.48
C LEU A 119 8.38 37.78 26.85
N LEU A 120 8.56 38.88 27.58
CA LEU A 120 7.90 39.01 28.87
C LEU A 120 6.39 39.12 28.72
N SER A 121 5.90 39.68 27.61
CA SER A 121 4.47 39.81 27.40
C SER A 121 3.83 38.45 27.15
N GLU A 122 4.47 37.61 26.34
CA GLU A 122 3.94 36.25 26.19
C GLU A 122 4.05 35.49 27.50
N PHE A 123 5.15 35.68 28.25
CA PHE A 123 5.26 35.05 29.56
C PHE A 123 4.11 35.46 30.46
N LEU A 124 3.75 36.75 30.43
CA LEU A 124 2.64 37.26 31.20
C LEU A 124 1.32 36.66 30.74
N GLU A 125 1.20 36.39 29.43
CA GLU A 125 -0.01 35.75 28.93
C GLU A 125 -0.17 34.34 29.52
N GLU A 126 0.88 33.51 29.44
CA GLU A 126 0.78 32.21 30.09
C GLU A 126 0.57 32.33 31.60
N CYS A 127 1.22 33.31 32.24
CA CYS A 127 1.06 33.45 33.68
C CYS A 127 -0.36 33.79 34.07
N GLU A 128 -1.01 34.68 33.31
CA GLU A 128 -2.41 35.02 33.58
C GLU A 128 -3.32 33.84 33.29
N GLU A 129 -3.01 33.06 32.25
CA GLU A 129 -3.78 31.84 31.98
C GLU A 129 -3.69 30.89 33.17
N ARG A 130 -2.50 30.71 33.71
CA ARG A 130 -2.32 29.83 34.87
C ARG A 130 -3.02 30.38 36.11
N MET A 131 -2.98 31.70 36.29
CA MET A 131 -3.70 32.33 37.39
C MET A 131 -5.18 32.02 37.30
N ASP A 132 -5.75 32.16 36.11
CA ASP A 132 -7.16 31.83 35.91
C ASP A 132 -7.42 30.35 36.19
N PHE A 133 -6.53 29.48 35.72
CA PHE A 133 -6.73 28.06 35.94
C PHE A 133 -6.76 27.72 37.42
N TYR A 134 -5.86 28.31 38.21
CA TYR A 134 -5.81 27.97 39.64
C TYR A 134 -6.96 28.61 40.40
N GLU A 135 -7.34 29.84 40.06
CA GLU A 135 -8.53 30.42 40.71
C GLU A 135 -9.78 29.62 40.37
N THR A 136 -9.90 29.17 39.12
CA THR A 136 -11.01 28.32 38.74
C THR A 136 -10.96 26.98 39.47
N GLN A 137 -9.77 26.42 39.66
CA GLN A 137 -9.66 25.15 40.39
C GLN A 137 -10.11 25.31 41.83
N LEU A 138 -9.74 26.42 42.47
CA LEU A 138 -10.17 26.66 43.85
C LEU A 138 -11.69 26.83 43.92
N GLU A 139 -12.24 27.63 42.99
CA GLU A 139 -13.68 27.82 42.96
C GLU A 139 -14.40 26.50 42.69
N LEU A 140 -13.82 25.65 41.84
CA LEU A 140 -14.40 24.35 41.56
C LEU A 140 -14.36 23.46 42.79
N VAL A 141 -13.26 23.50 43.55
CA VAL A 141 -13.20 22.75 44.80
C VAL A 141 -14.37 23.16 45.69
N LYS A 142 -14.55 24.48 45.84
CA LYS A 142 -15.67 24.96 46.67
C LYS A 142 -17.01 24.53 46.09
N LYS A 143 -17.14 24.52 44.76
CA LYS A 143 -18.43 24.27 44.13
C LYS A 143 -18.85 22.81 44.24
N MET A 144 -17.94 21.88 43.97
CA MET A 144 -18.31 20.47 43.95
C MET A 144 -17.94 19.75 45.25
N GLY A 145 -17.35 20.43 46.21
CA GLY A 145 -16.91 19.64 47.34
C GLY A 145 -15.52 19.11 47.15
N GLU A 146 -14.77 19.05 48.25
CA GLU A 146 -13.40 18.56 48.19
C GLU A 146 -13.36 17.10 47.79
N GLN A 147 -14.33 16.30 48.24
CA GLN A 147 -14.35 14.88 47.89
C GLN A 147 -14.53 14.70 46.39
N ASN A 148 -15.48 15.43 45.80
CA ASN A 148 -15.70 15.31 44.35
C ASN A 148 -14.50 15.86 43.57
N TYR A 149 -13.90 16.96 44.03
CA TYR A 149 -12.75 17.48 43.33
C TYR A 149 -11.58 16.51 43.36
N LEU A 150 -11.35 15.86 44.51
CA LEU A 150 -10.29 14.88 44.59
C LEU A 150 -10.59 13.65 43.74
N GLN A 151 -11.86 13.25 43.67
CA GLN A 151 -12.23 12.16 42.78
C GLN A 151 -11.94 12.50 41.32
N SER A 152 -12.24 13.74 40.90
CA SER A 152 -11.92 14.15 39.54
C SER A 152 -10.41 14.23 39.33
N ALA A 153 -9.68 14.74 40.33
CA ALA A 153 -8.23 14.88 40.19
C ALA A 153 -7.54 13.53 40.13
N VAL A 154 -8.13 12.50 40.75
CA VAL A 154 -7.57 11.16 40.62
C VAL A 154 -7.62 10.69 39.18
N GLY A 155 -8.72 10.96 38.48
CA GLY A 155 -8.88 10.44 37.15
C GLY A 155 -9.21 8.96 37.20
N ALA A 156 -8.70 8.22 36.22
CA ALA A 156 -8.86 6.78 36.22
C ALA A 156 -8.12 6.16 37.40
N LEU A 157 -8.72 5.16 38.01
CA LEU A 157 -8.10 4.49 39.15
C LEU A 157 -6.98 3.56 38.71
N ASN B 4 14.10 5.35 57.59
CA ASN B 4 15.20 5.82 58.42
C ASN B 4 15.49 7.30 58.15
N ARG B 5 15.91 8.02 59.19
CA ARG B 5 16.16 9.43 59.05
C ARG B 5 17.45 9.70 58.29
N THR B 6 18.50 8.93 58.57
CA THR B 6 19.79 9.16 57.91
C THR B 6 19.69 8.88 56.41
N VAL B 7 18.95 7.85 56.03
CA VAL B 7 18.78 7.54 54.61
C VAL B 7 18.05 8.67 53.91
N LEU B 8 17.00 9.21 54.54
CA LEU B 8 16.27 10.33 53.94
C LEU B 8 17.15 11.57 53.84
N ALA B 9 17.98 11.83 54.85
CA ALA B 9 18.89 12.97 54.76
C ALA B 9 19.91 12.80 53.65
N ALA B 10 20.45 11.58 53.49
CA ALA B 10 21.39 11.33 52.40
C ALA B 10 20.71 11.46 51.05
N LEU B 11 19.47 10.99 50.94
CA LEU B 11 18.73 11.14 49.68
C LEU B 11 18.48 12.60 49.37
N ASN B 12 18.17 13.40 50.39
CA ASN B 12 17.98 14.83 50.18
C ASN B 12 19.29 15.49 49.75
N ASP B 13 20.41 15.06 50.32
CA ASP B 13 21.70 15.60 49.91
C ASP B 13 22.02 15.26 48.45
N VAL B 14 21.76 14.02 48.06
CA VAL B 14 21.99 13.62 46.67
C VAL B 14 21.04 14.37 45.74
N LEU B 15 19.81 14.62 46.18
CA LEU B 15 18.87 15.41 45.40
C LEU B 15 19.35 16.85 45.23
N ARG B 16 19.91 17.43 46.29
CA ARG B 16 20.47 18.78 46.18
C ARG B 16 21.64 18.81 45.20
N HIS B 17 22.50 17.79 45.26
CA HIS B 17 23.58 17.68 44.29
C HIS B 17 23.03 17.60 42.88
N GLN B 18 21.98 16.81 42.67
CA GLN B 18 21.42 16.64 41.35
C GLN B 18 20.78 17.92 40.84
N LEU B 19 20.11 18.67 41.71
CA LEU B 19 19.50 19.93 41.28
C LEU B 19 20.56 20.95 40.92
N THR B 20 21.63 21.03 41.71
CA THR B 20 22.74 21.91 41.36
C THR B 20 23.34 21.50 40.02
N ALA B 21 23.50 20.19 39.80
CA ALA B 21 24.02 19.72 38.52
C ALA B 21 23.09 20.07 37.37
N ILE B 22 21.77 19.97 37.60
CA ILE B 22 20.80 20.34 36.57
C ILE B 22 20.97 21.79 36.17
N ASN B 23 21.03 22.68 37.17
CA ASN B 23 21.16 24.11 36.87
C ASN B 23 22.48 24.39 36.16
N GLN B 24 23.57 23.80 36.65
CA GLN B 24 24.88 24.05 36.04
C GLN B 24 24.92 23.55 34.61
N TYR B 25 24.43 22.33 34.38
CA TYR B 25 24.47 21.76 33.04
C TYR B 25 23.61 22.55 32.07
N PHE B 26 22.41 22.96 32.50
CA PHE B 26 21.56 23.71 31.58
C PHE B 26 22.16 25.07 31.28
N LEU B 27 22.71 25.76 32.29
CA LEU B 27 23.36 27.04 32.03
C LEU B 27 24.54 26.88 31.08
N HIS B 28 25.37 25.85 31.29
CA HIS B 28 26.52 25.63 30.43
C HIS B 28 26.08 25.32 29.00
N ALA B 29 25.02 24.52 28.85
CA ALA B 29 24.49 24.26 27.51
C ALA B 29 24.01 25.54 26.86
N ARG B 30 23.36 26.42 27.62
CA ARG B 30 22.81 27.64 27.05
C ARG B 30 23.92 28.59 26.61
N MET B 31 25.00 28.72 27.40
CA MET B 31 26.08 29.58 26.92
C MET B 31 26.91 28.92 25.84
N MET B 32 26.97 27.59 25.79
CA MET B 32 27.59 26.94 24.65
C MET B 32 26.82 27.23 23.37
N LYS B 33 25.49 27.18 23.44
CA LYS B 33 24.68 27.55 22.28
C LYS B 33 24.78 29.04 21.98
N ASN B 34 24.97 29.87 23.01
CA ASN B 34 25.15 31.30 22.79
C ASN B 34 26.44 31.57 22.03
N TRP B 35 27.50 30.84 22.34
CA TRP B 35 28.77 31.01 21.65
C TRP B 35 28.80 30.33 20.29
N GLY B 36 27.82 29.49 19.98
CA GLY B 36 27.76 28.80 18.71
C GLY B 36 28.25 27.37 18.73
N PHE B 37 28.60 26.84 19.91
CA PHE B 37 29.06 25.46 20.03
C PHE B 37 27.85 24.54 20.06
N ASN B 38 27.28 24.31 18.87
CA ASN B 38 26.00 23.63 18.77
C ASN B 38 26.09 22.19 19.24
N ALA B 39 27.14 21.47 18.87
CA ALA B 39 27.24 20.05 19.23
C ALA B 39 27.50 19.87 20.73
N LEU B 40 28.46 20.62 21.27
CA LEU B 40 28.70 20.58 22.70
C LEU B 40 27.49 21.07 23.48
N GLY B 41 26.82 22.09 22.97
CA GLY B 41 25.60 22.56 23.61
C GLY B 41 24.52 21.50 23.63
N LYS B 42 24.37 20.76 22.52
CA LYS B 42 23.39 19.67 22.49
C LYS B 42 23.74 18.58 23.47
N HIS B 43 25.01 18.22 23.58
CA HIS B 43 25.40 17.19 24.53
C HIS B 43 25.17 17.66 25.97
N GLU B 44 25.48 18.92 26.26
CA GLU B 44 25.23 19.46 27.60
C GLU B 44 23.74 19.51 27.90
N TYR B 45 22.94 19.86 26.91
CA TYR B 45 21.49 19.86 27.07
C TYR B 45 20.96 18.46 27.38
N LYS B 46 21.47 17.45 26.66
CA LYS B 46 21.05 16.08 26.94
C LYS B 46 21.49 15.65 28.33
N GLU B 47 22.71 16.01 28.73
CA GLU B 47 23.19 15.68 30.08
C GLU B 47 22.31 16.34 31.14
N SER B 48 21.93 17.59 30.91
CA SER B 48 21.00 18.26 31.81
C SER B 48 19.70 17.49 31.91
N ILE B 49 19.11 17.13 30.77
CA ILE B 49 17.81 16.44 30.78
C ILE B 49 17.92 15.11 31.54
N GLU B 50 19.03 14.39 31.36
CA GLU B 50 19.20 13.14 32.11
C GLU B 50 19.31 13.41 33.60
N GLU B 51 20.00 14.49 33.99
CA GLU B 51 20.08 14.79 35.41
C GLU B 51 18.70 15.16 35.98
N MET B 52 17.85 15.81 35.19
CA MET B 52 16.50 16.12 35.68
C MET B 52 15.64 14.86 35.77
N LYS B 53 15.81 13.92 34.83
CA LYS B 53 15.12 12.64 34.97
C LYS B 53 15.59 11.90 36.22
N ALA B 54 16.90 11.96 36.51
CA ALA B 54 17.41 11.37 37.74
C ALA B 54 16.82 12.05 38.96
N ALA B 55 16.70 13.38 38.94
CA ALA B 55 16.09 14.08 40.05
C ALA B 55 14.62 13.74 40.19
N ASP B 56 13.93 13.49 39.09
CA ASP B 56 12.55 13.00 39.15
C ASP B 56 12.49 11.67 39.87
N LYS B 57 13.37 10.73 39.50
CA LYS B 57 13.41 9.43 40.16
C LYS B 57 13.72 9.58 41.64
N LEU B 58 14.67 10.45 41.99
CA LEU B 58 15.05 10.63 43.39
C LEU B 58 13.93 11.28 44.19
N ILE B 59 13.22 12.24 43.60
CA ILE B 59 12.09 12.87 44.28
C ILE B 59 10.98 11.85 44.53
N GLU B 60 10.69 11.02 43.53
CA GLU B 60 9.68 9.98 43.71
C GLU B 60 10.10 8.99 44.80
N ARG B 61 11.39 8.66 44.85
CA ARG B 61 11.88 7.77 45.91
C ARG B 61 11.73 8.41 47.29
N ILE B 62 12.08 9.69 47.41
CA ILE B 62 11.97 10.38 48.70
C ILE B 62 10.52 10.43 49.15
N LEU B 63 9.61 10.70 48.22
CA LEU B 63 8.19 10.72 48.56
C LEU B 63 7.69 9.34 48.95
N LEU B 64 8.13 8.30 48.23
CA LEU B 64 7.66 6.96 48.52
C LEU B 64 8.17 6.46 49.87
N LEU B 65 9.27 7.04 50.35
CA LEU B 65 9.76 6.77 51.70
C LEU B 65 9.07 7.62 52.75
N GLU B 66 7.97 8.29 52.38
CA GLU B 66 7.23 9.18 53.29
C GLU B 66 8.13 10.27 53.85
N GLY B 67 8.94 10.88 52.97
CA GLY B 67 9.85 11.94 53.34
C GLY B 67 9.55 13.21 52.58
N LEU B 68 10.20 14.29 53.00
CA LEU B 68 9.98 15.61 52.40
C LEU B 68 11.15 15.97 51.51
N PRO B 69 10.97 16.00 50.18
CA PRO B 69 12.07 16.40 49.30
C PRO B 69 12.42 17.87 49.49
N ASN B 70 13.72 18.14 49.53
CA ASN B 70 14.23 19.51 49.69
C ASN B 70 14.69 19.99 48.33
N LEU B 71 13.76 20.55 47.56
CA LEU B 71 14.08 21.21 46.30
C LEU B 71 14.46 22.67 46.50
N GLN B 72 14.44 23.16 47.75
CA GLN B 72 14.78 24.55 48.02
C GLN B 72 16.28 24.79 47.93
N ASP B 73 17.08 23.88 48.47
CA ASP B 73 18.53 24.07 48.53
C ASP B 73 19.17 23.86 47.16
N LEU B 74 20.32 24.49 46.98
CA LEU B 74 21.14 24.31 45.78
C LEU B 74 22.57 24.64 46.13
N GLY B 75 23.50 23.85 45.60
CA GLY B 75 24.91 24.07 45.85
C GLY B 75 25.47 25.19 45.00
N LYS B 76 26.77 25.42 45.16
CA LYS B 76 27.43 26.53 44.47
C LYS B 76 27.64 26.17 43.01
N LEU B 77 27.05 26.96 42.11
CA LEU B 77 27.21 26.74 40.68
C LEU B 77 28.58 27.20 40.24
N LEU B 78 29.39 26.27 39.72
CA LEU B 78 30.67 26.60 39.12
C LEU B 78 30.44 26.85 37.64
N ILE B 79 30.55 28.12 37.23
CA ILE B 79 30.22 28.55 35.89
C ILE B 79 31.51 28.97 35.19
N GLY B 80 31.82 28.30 34.08
CA GLY B 80 33.09 28.51 33.40
C GLY B 80 33.04 29.67 32.42
N GLU B 81 34.16 30.39 32.34
CA GLU B 81 34.27 31.52 31.42
C GLU B 81 34.47 31.07 29.98
N ASN B 82 35.02 29.88 29.77
CA ASN B 82 35.20 29.33 28.44
C ASN B 82 34.98 27.83 28.49
N VAL B 83 34.95 27.21 27.30
CA VAL B 83 34.57 25.81 27.20
C VAL B 83 35.49 24.88 27.98
N PRO B 84 36.82 25.01 27.92
CA PRO B 84 37.66 24.17 28.79
C PRO B 84 37.33 24.34 30.27
N GLU B 85 37.05 25.56 30.71
CA GLU B 85 36.65 25.77 32.09
C GLU B 85 35.29 25.17 32.38
N MET B 86 34.38 25.21 31.40
CA MET B 86 33.09 24.55 31.57
C MET B 86 33.28 23.05 31.80
N LEU B 87 34.09 22.40 30.97
CA LEU B 87 34.32 20.96 31.11
C LEU B 87 34.99 20.65 32.44
N LYS B 88 35.96 21.46 32.85
CA LYS B 88 36.64 21.24 34.11
C LYS B 88 35.69 21.40 35.30
N ASN B 89 34.83 22.42 35.27
CA ASN B 89 33.86 22.62 36.33
C ASN B 89 32.85 21.48 36.39
N ASP B 90 32.37 21.03 35.23
CA ASP B 90 31.45 19.90 35.21
C ASP B 90 32.10 18.65 35.80
N PHE B 91 33.36 18.40 35.44
CA PHE B 91 34.06 17.25 35.98
C PHE B 91 34.24 17.35 37.50
N ALA B 92 34.58 18.53 38.00
CA ALA B 92 34.77 18.69 39.44
C ALA B 92 33.45 18.50 40.21
N MET B 93 32.36 19.06 39.68
CA MET B 93 31.07 18.87 40.32
C MET B 93 30.67 17.39 40.29
N GLU B 94 30.97 16.70 39.19
CA GLU B 94 30.73 15.27 39.15
C GLU B 94 31.59 14.52 40.15
N LYS B 95 32.81 15.02 40.41
CA LYS B 95 33.66 14.39 41.42
C LYS B 95 32.99 14.46 42.80
N ASP B 96 32.56 15.65 43.18
CA ASP B 96 31.87 15.80 44.47
C ASP B 96 30.63 14.92 44.53
N ALA B 97 29.83 14.92 43.44
CA ALA B 97 28.61 14.14 43.42
C ALA B 97 28.89 12.65 43.52
N HIS B 98 29.96 12.19 42.87
CA HIS B 98 30.29 10.77 42.92
C HIS B 98 30.74 10.34 44.31
N ALA B 99 31.55 11.17 44.97
CA ALA B 99 31.96 10.83 46.34
C ALA B 99 30.74 10.76 47.26
N ASP B 100 29.85 11.75 47.14
CA ASP B 100 28.63 11.74 47.94
C ASP B 100 27.77 10.52 47.62
N LEU B 101 27.69 10.14 46.35
CA LEU B 101 26.90 8.98 45.95
C LEU B 101 27.46 7.70 46.54
N VAL B 102 28.79 7.55 46.52
CA VAL B 102 29.39 6.34 47.06
C VAL B 102 29.11 6.24 48.56
N LYS B 103 29.29 7.34 49.29
CA LYS B 103 28.99 7.32 50.72
C LYS B 103 27.53 7.00 50.98
N THR B 104 26.63 7.59 50.18
CA THR B 104 25.20 7.36 50.38
C THR B 104 24.81 5.93 50.06
N ILE B 105 25.41 5.33 49.04
CA ILE B 105 25.14 3.93 48.71
C ILE B 105 25.61 3.03 49.84
N ALA B 106 26.79 3.32 50.39
CA ALA B 106 27.25 2.54 51.55
C ALA B 106 26.28 2.66 52.71
N LEU B 107 25.81 3.87 52.98
CA LEU B 107 24.86 4.06 54.09
C LEU B 107 23.56 3.31 53.86
N CYS B 108 23.02 3.39 52.64
CA CYS B 108 21.77 2.70 52.33
C CYS B 108 21.94 1.19 52.40
N GLU B 109 23.11 0.68 52.02
CA GLU B 109 23.40 -0.73 52.21
C GLU B 109 23.43 -1.09 53.69
N LYS B 110 23.98 -0.21 54.51
CA LYS B 110 24.09 -0.49 55.94
C LYS B 110 22.71 -0.60 56.60
N GLN B 111 21.77 0.25 56.20
CA GLN B 111 20.44 0.25 56.80
C GLN B 111 19.49 -0.74 56.16
N ALA B 112 20.00 -1.60 55.27
CA ALA B 112 19.19 -2.62 54.59
C ALA B 112 18.01 -1.99 53.85
N ASP B 113 18.24 -0.87 53.19
CA ASP B 113 17.26 -0.21 52.35
C ASP B 113 17.74 -0.36 50.92
N TYR B 114 17.23 -1.38 50.24
CA TYR B 114 17.86 -1.86 49.01
C TYR B 114 17.28 -1.26 47.73
N VAL B 115 16.02 -0.83 47.74
CA VAL B 115 15.44 -0.24 46.54
C VAL B 115 16.11 1.10 46.24
N SER B 116 16.26 1.94 47.26
CA SER B 116 16.96 3.20 47.08
C SER B 116 18.43 2.95 46.78
N ARG B 117 19.01 1.89 47.34
CA ARG B 117 20.39 1.56 47.00
C ARG B 117 20.53 1.21 45.52
N ASP B 118 19.56 0.49 44.96
CA ASP B 118 19.60 0.16 43.54
C ASP B 118 19.42 1.40 42.68
N LEU B 119 18.50 2.28 43.08
CA LEU B 119 18.33 3.54 42.35
C LEU B 119 19.62 4.37 42.38
N LEU B 120 20.28 4.42 43.54
CA LEU B 120 21.54 5.15 43.63
C LEU B 120 22.66 4.45 42.87
N SER B 121 22.60 3.13 42.74
CA SER B 121 23.56 2.43 41.89
C SER B 121 23.40 2.84 40.43
N GLU B 122 22.15 2.95 39.97
CA GLU B 122 21.90 3.46 38.64
C GLU B 122 22.45 4.88 38.48
N PHE B 123 22.18 5.73 39.48
CA PHE B 123 22.69 7.09 39.46
C PHE B 123 24.21 7.11 39.41
N LEU B 124 24.85 6.23 40.16
CA LEU B 124 26.31 6.18 40.21
C LEU B 124 26.89 5.69 38.89
N GLU B 125 26.22 4.74 38.23
CA GLU B 125 26.67 4.30 36.92
C GLU B 125 26.64 5.46 35.93
N GLU B 126 25.52 6.20 35.91
CA GLU B 126 25.45 7.36 35.01
C GLU B 126 26.49 8.42 35.38
N CYS B 127 26.69 8.64 36.67
CA CYS B 127 27.67 9.64 37.10
C CYS B 127 29.08 9.24 36.69
N GLU B 128 29.43 7.96 36.81
CA GLU B 128 30.75 7.51 36.38
C GLU B 128 30.92 7.61 34.88
N GLU B 129 29.86 7.33 34.12
CA GLU B 129 29.90 7.56 32.68
C GLU B 129 30.17 9.03 32.38
N ARG B 130 29.53 9.93 33.12
CA ARG B 130 29.75 11.36 32.93
C ARG B 130 31.18 11.77 33.30
N MET B 131 31.71 11.19 34.37
CA MET B 131 33.13 11.36 34.70
C MET B 131 34.00 10.99 33.51
N ASP B 132 33.78 9.80 32.96
CA ASP B 132 34.61 9.35 31.85
C ASP B 132 34.49 10.28 30.67
N PHE B 133 33.26 10.72 30.36
CA PHE B 133 33.07 11.61 29.21
C PHE B 133 33.81 12.93 29.40
N TYR B 134 33.71 13.54 30.58
CA TYR B 134 34.34 14.85 30.76
C TYR B 134 35.85 14.74 30.86
N GLU B 135 36.36 13.70 31.52
CA GLU B 135 37.80 13.47 31.54
C GLU B 135 38.33 13.26 30.13
N THR B 136 37.61 12.48 29.32
CA THR B 136 37.99 12.26 27.93
C THR B 136 37.94 13.55 27.13
N GLN B 137 36.93 14.39 27.37
CA GLN B 137 36.84 15.66 26.65
C GLN B 137 38.02 16.56 26.99
N LEU B 138 38.40 16.64 28.27
CA LEU B 138 39.55 17.45 28.65
C LEU B 138 40.83 16.89 28.04
N GLU B 139 40.98 15.57 28.06
CA GLU B 139 42.16 14.96 27.45
C GLU B 139 42.20 15.19 25.95
N LEU B 140 41.04 15.18 25.29
CA LEU B 140 40.96 15.49 23.87
C LEU B 140 41.35 16.93 23.61
N VAL B 141 40.91 17.84 24.49
CA VAL B 141 41.34 19.23 24.35
C VAL B 141 42.86 19.31 24.39
N LYS B 142 43.47 18.68 25.40
CA LYS B 142 44.92 18.73 25.51
C LYS B 142 45.61 18.10 24.30
N LYS B 143 45.07 16.97 23.82
CA LYS B 143 45.72 16.24 22.74
C LYS B 143 45.62 16.98 21.42
N MET B 144 44.43 17.42 21.05
CA MET B 144 44.16 17.94 19.72
C MET B 144 44.15 19.46 19.63
N GLY B 145 44.39 20.17 20.73
CA GLY B 145 44.42 21.61 20.64
C GLY B 145 43.06 22.23 20.92
N GLU B 146 43.07 23.38 21.59
CA GLU B 146 41.81 24.04 21.92
C GLU B 146 41.07 24.46 20.67
N GLN B 147 41.79 24.95 19.66
CA GLN B 147 41.12 25.41 18.44
C GLN B 147 40.43 24.26 17.71
N ASN B 148 41.11 23.12 17.59
CA ASN B 148 40.50 21.96 16.97
C ASN B 148 39.32 21.45 17.78
N TYR B 149 39.45 21.43 19.11
CA TYR B 149 38.32 20.98 19.93
C TYR B 149 37.12 21.92 19.80
N LEU B 150 37.37 23.22 19.75
CA LEU B 150 36.28 24.18 19.59
C LEU B 150 35.62 24.05 18.23
N GLN B 151 36.41 23.79 17.18
CA GLN B 151 35.84 23.53 15.87
C GLN B 151 34.97 22.28 15.89
N SER B 152 35.42 21.24 16.58
CA SER B 152 34.60 20.03 16.71
C SER B 152 33.33 20.31 17.50
N ALA B 153 33.43 21.14 18.53
CA ALA B 153 32.26 21.49 19.33
C ALA B 153 31.24 22.26 18.51
N VAL B 154 31.71 23.12 17.61
CA VAL B 154 30.79 23.83 16.71
C VAL B 154 30.03 22.84 15.83
N GLY B 155 30.74 21.89 15.26
CA GLY B 155 30.11 20.98 14.31
C GLY B 155 29.72 21.74 13.06
N ALA B 156 28.46 21.59 12.66
CA ALA B 156 27.94 22.37 11.54
C ALA B 156 27.89 23.85 11.91
N LEU B 157 28.45 24.69 11.06
CA LEU B 157 28.51 26.13 11.31
C LEU B 157 27.11 26.73 11.36
N ASN C 4 -17.45 -48.18 30.59
CA ASN C 4 -18.68 -48.95 30.54
C ASN C 4 -18.85 -49.67 29.21
N ARG C 5 -19.32 -50.91 29.26
CA ARG C 5 -19.56 -51.67 28.04
C ARG C 5 -20.83 -51.23 27.32
N THR C 6 -21.89 -50.94 28.09
CA THR C 6 -23.16 -50.54 27.48
C THR C 6 -23.03 -49.22 26.74
N VAL C 7 -22.30 -48.26 27.32
CA VAL C 7 -22.08 -46.99 26.64
C VAL C 7 -21.29 -47.21 25.35
N LEU C 8 -20.29 -48.10 25.40
CA LEU C 8 -19.51 -48.39 24.19
C LEU C 8 -20.37 -49.02 23.11
N ALA C 9 -21.26 -49.94 23.50
CA ALA C 9 -22.15 -50.57 22.52
C ALA C 9 -23.10 -49.55 21.91
N ALA C 10 -23.66 -48.67 22.74
CA ALA C 10 -24.56 -47.64 22.21
C ALA C 10 -23.82 -46.68 21.28
N LEU C 11 -22.58 -46.34 21.65
CA LEU C 11 -21.77 -45.47 20.78
C LEU C 11 -21.45 -46.15 19.46
N ASN C 12 -21.18 -47.45 19.49
CA ASN C 12 -20.96 -48.19 18.25
C ASN C 12 -22.21 -48.19 17.39
N ASP C 13 -23.38 -48.35 18.00
CA ASP C 13 -24.62 -48.30 17.23
C ASP C 13 -24.83 -46.92 16.60
N VAL C 14 -24.60 -45.86 17.37
CA VAL C 14 -24.76 -44.51 16.84
C VAL C 14 -23.76 -44.25 15.73
N LEU C 15 -22.53 -44.79 15.88
CA LEU C 15 -21.53 -44.66 14.82
C LEU C 15 -21.95 -45.40 13.56
N ARG C 16 -22.59 -46.57 13.72
CA ARG C 16 -23.07 -47.29 12.56
C ARG C 16 -24.15 -46.49 11.82
N HIS C 17 -25.07 -45.88 12.56
CA HIS C 17 -26.01 -44.95 11.92
C HIS C 17 -25.28 -43.80 11.24
N GLN C 18 -24.21 -43.30 11.86
CA GLN C 18 -23.44 -42.21 11.25
C GLN C 18 -22.85 -42.63 9.91
N LEU C 19 -22.24 -43.82 9.86
CA LEU C 19 -21.62 -44.30 8.63
C LEU C 19 -22.66 -44.54 7.55
N THR C 20 -23.79 -45.15 7.92
CA THR C 20 -24.86 -45.38 6.96
C THR C 20 -25.39 -44.06 6.41
N ALA C 21 -25.54 -43.06 7.28
CA ALA C 21 -25.99 -41.75 6.83
C ALA C 21 -24.97 -41.10 5.91
N ILE C 22 -23.68 -41.22 6.22
CA ILE C 22 -22.65 -40.67 5.34
C ILE C 22 -22.77 -41.27 3.95
N ASN C 23 -22.85 -42.60 3.87
CA ASN C 23 -22.93 -43.25 2.57
C ASN C 23 -24.21 -42.87 1.83
N GLN C 24 -25.34 -42.85 2.53
CA GLN C 24 -26.60 -42.52 1.88
C GLN C 24 -26.58 -41.09 1.37
N TYR C 25 -26.09 -40.15 2.16
CA TYR C 25 -26.06 -38.75 1.71
C TYR C 25 -25.11 -38.57 0.55
N PHE C 26 -23.95 -39.23 0.57
CA PHE C 26 -23.02 -39.08 -0.55
C PHE C 26 -23.61 -39.66 -1.83
N LEU C 27 -24.23 -40.85 -1.73
CA LEU C 27 -24.88 -41.43 -2.90
C LEU C 27 -25.99 -40.54 -3.44
N HIS C 28 -26.83 -40.00 -2.53
CA HIS C 28 -27.92 -39.15 -2.95
C HIS C 28 -27.42 -37.86 -3.59
N ALA C 29 -26.38 -37.26 -3.01
CA ALA C 29 -25.82 -36.05 -3.59
C ALA C 29 -25.21 -36.33 -4.95
N ARG C 30 -24.57 -37.47 -5.11
CA ARG C 30 -23.99 -37.81 -6.41
C ARG C 30 -25.08 -38.07 -7.45
N MET C 31 -26.18 -38.69 -7.05
CA MET C 31 -27.29 -38.85 -7.99
C MET C 31 -27.92 -37.51 -8.34
N MET C 32 -28.05 -36.61 -7.36
CA MET C 32 -28.58 -35.29 -7.66
C MET C 32 -27.69 -34.54 -8.64
N LYS C 33 -26.36 -34.62 -8.45
CA LYS C 33 -25.45 -33.99 -9.39
C LYS C 33 -25.55 -34.66 -10.77
N ASN C 34 -25.74 -35.97 -10.79
CA ASN C 34 -25.88 -36.67 -12.07
C ASN C 34 -27.14 -36.24 -12.81
N TRP C 35 -28.18 -35.82 -12.09
CA TRP C 35 -29.42 -35.36 -12.69
C TRP C 35 -29.45 -33.86 -12.94
N GLY C 36 -28.37 -33.16 -12.61
CA GLY C 36 -28.30 -31.72 -12.82
C GLY C 36 -28.84 -30.86 -11.71
N PHE C 37 -29.24 -31.45 -10.59
CA PHE C 37 -29.74 -30.69 -9.44
C PHE C 37 -28.54 -30.22 -8.63
N ASN C 38 -28.00 -29.06 -9.02
CA ASN C 38 -26.76 -28.58 -8.43
C ASN C 38 -26.95 -28.04 -7.02
N ALA C 39 -28.01 -27.26 -6.78
CA ALA C 39 -28.21 -26.67 -5.46
C ALA C 39 -28.53 -27.75 -4.42
N LEU C 40 -29.50 -28.61 -4.72
CA LEU C 40 -29.85 -29.67 -3.79
C LEU C 40 -28.71 -30.66 -3.62
N GLY C 41 -28.04 -31.02 -4.71
CA GLY C 41 -26.92 -31.94 -4.61
C GLY C 41 -25.78 -31.38 -3.79
N LYS C 42 -25.49 -30.09 -3.96
CA LYS C 42 -24.44 -29.46 -3.18
C LYS C 42 -24.83 -29.39 -1.71
N HIS C 43 -26.12 -29.13 -1.42
CA HIS C 43 -26.56 -29.15 -0.04
C HIS C 43 -26.39 -30.52 0.60
N GLU C 44 -26.76 -31.58 -0.12
CA GLU C 44 -26.59 -32.92 0.44
C GLU C 44 -25.13 -33.33 0.51
N TYR C 45 -24.28 -32.80 -0.36
CA TYR C 45 -22.85 -33.03 -0.21
C TYR C 45 -22.32 -32.38 1.07
N LYS C 46 -22.73 -31.14 1.34
CA LYS C 46 -22.35 -30.50 2.60
C LYS C 46 -22.90 -31.29 3.79
N GLU C 47 -24.11 -31.81 3.65
CA GLU C 47 -24.72 -32.60 4.72
C GLU C 47 -23.91 -33.88 4.96
N SER C 48 -23.45 -34.52 3.89
CA SER C 48 -22.60 -35.70 4.04
C SER C 48 -21.28 -35.35 4.71
N ILE C 49 -20.73 -34.18 4.39
CA ILE C 49 -19.48 -33.77 5.05
C ILE C 49 -19.71 -33.52 6.54
N GLU C 50 -20.85 -32.91 6.89
CA GLU C 50 -21.18 -32.72 8.31
C GLU C 50 -21.33 -34.07 9.02
N GLU C 51 -22.05 -35.00 8.39
CA GLU C 51 -22.16 -36.35 8.93
C GLU C 51 -20.79 -36.98 9.09
N MET C 52 -19.88 -36.67 8.17
CA MET C 52 -18.54 -37.23 8.17
C MET C 52 -17.75 -36.75 9.37
N LYS C 53 -17.82 -35.44 9.62
CA LYS C 53 -17.16 -34.86 10.79
C LYS C 53 -17.75 -35.42 12.09
N ALA C 54 -19.07 -35.57 12.13
CA ALA C 54 -19.70 -36.13 13.33
C ALA C 54 -19.24 -37.57 13.57
N ALA C 55 -19.17 -38.36 12.52
CA ALA C 55 -18.68 -39.73 12.67
C ALA C 55 -17.23 -39.74 13.14
N ASP C 56 -16.41 -38.84 12.61
CA ASP C 56 -15.02 -38.75 13.05
C ASP C 56 -14.92 -38.44 14.54
N LYS C 57 -15.73 -37.48 14.99
CA LYS C 57 -15.76 -37.16 16.42
C LYS C 57 -16.19 -38.35 17.25
N LEU C 58 -17.19 -39.09 16.76
CA LEU C 58 -17.66 -40.27 17.48
C LEU C 58 -16.57 -41.34 17.56
N ILE C 59 -15.82 -41.54 16.47
CA ILE C 59 -14.73 -42.52 16.51
C ILE C 59 -13.66 -42.11 17.51
N GLU C 60 -13.30 -40.82 17.52
CA GLU C 60 -12.32 -40.37 18.50
C GLU C 60 -12.84 -40.59 19.92
N ARG C 61 -14.12 -40.30 20.16
CA ARG C 61 -14.70 -40.51 21.47
C ARG C 61 -14.65 -41.99 21.87
N ILE C 62 -15.04 -42.87 20.96
CA ILE C 62 -15.05 -44.30 21.25
C ILE C 62 -13.65 -44.80 21.54
N LEU C 63 -12.66 -44.30 20.79
CA LEU C 63 -11.28 -44.71 21.05
C LEU C 63 -10.81 -44.25 22.41
N LEU C 64 -11.16 -43.02 22.81
CA LEU C 64 -10.72 -42.52 24.11
C LEU C 64 -11.29 -43.35 25.26
N LEU C 65 -12.49 -43.91 25.07
CA LEU C 65 -13.11 -44.77 26.07
C LEU C 65 -12.54 -46.18 26.06
N GLU C 66 -11.45 -46.41 25.33
CA GLU C 66 -10.83 -47.73 25.20
C GLU C 66 -11.80 -48.74 24.61
N GLY C 67 -12.58 -48.30 23.62
CA GLY C 67 -13.45 -49.18 22.86
C GLY C 67 -12.94 -49.36 21.44
N LEU C 68 -13.61 -50.26 20.72
CA LEU C 68 -13.23 -50.59 19.35
C LEU C 68 -14.27 -50.07 18.38
N PRO C 69 -13.99 -49.03 17.60
CA PRO C 69 -14.99 -48.50 16.66
C PRO C 69 -15.25 -49.49 15.54
N ASN C 70 -16.50 -49.98 15.47
CA ASN C 70 -16.89 -50.97 14.47
C ASN C 70 -17.32 -50.23 13.20
N LEU C 71 -16.32 -49.90 12.38
CA LEU C 71 -16.57 -49.27 11.09
C LEU C 71 -16.94 -50.26 10.01
N GLN C 72 -16.89 -51.56 10.31
CA GLN C 72 -17.16 -52.56 9.28
C GLN C 72 -18.65 -52.66 8.97
N ASP C 73 -19.50 -52.61 10.00
CA ASP C 73 -20.92 -52.83 9.80
C ASP C 73 -21.61 -51.54 9.38
N LEU C 74 -22.64 -51.69 8.56
CA LEU C 74 -23.41 -50.57 8.04
C LEU C 74 -24.89 -50.92 8.07
N GLY C 75 -25.73 -49.89 8.00
CA GLY C 75 -27.15 -50.07 7.95
C GLY C 75 -27.67 -50.21 6.52
N LYS C 76 -28.98 -50.42 6.42
CA LYS C 76 -29.62 -50.51 5.12
C LYS C 76 -29.72 -49.13 4.50
N LEU C 77 -29.33 -49.00 3.24
CA LEU C 77 -29.33 -47.73 2.54
C LEU C 77 -30.67 -47.55 1.82
N LEU C 78 -31.38 -46.47 2.14
CA LEU C 78 -32.65 -46.13 1.52
C LEU C 78 -32.35 -45.15 0.38
N ILE C 79 -32.11 -45.69 -0.80
CA ILE C 79 -31.73 -44.89 -1.96
C ILE C 79 -32.96 -44.72 -2.84
N GLY C 80 -33.42 -43.48 -2.97
CA GLY C 80 -34.62 -43.19 -3.72
C GLY C 80 -34.34 -42.87 -5.19
N GLU C 81 -35.32 -43.22 -6.03
CA GLU C 81 -35.16 -43.05 -7.47
C GLU C 81 -35.46 -41.63 -7.95
N ASN C 82 -36.07 -40.79 -7.13
CA ASN C 82 -36.34 -39.42 -7.51
C ASN C 82 -36.04 -38.51 -6.32
N VAL C 83 -36.09 -37.20 -6.58
CA VAL C 83 -35.74 -36.23 -5.54
C VAL C 83 -36.72 -36.26 -4.37
N PRO C 84 -38.04 -36.19 -4.55
CA PRO C 84 -38.93 -36.24 -3.38
C PRO C 84 -38.80 -37.53 -2.58
N GLU C 85 -38.64 -38.67 -3.25
CA GLU C 85 -38.45 -39.92 -2.52
C GLU C 85 -37.12 -39.96 -1.80
N MET C 86 -36.08 -39.36 -2.40
CA MET C 86 -34.80 -39.25 -1.72
C MET C 86 -34.90 -38.39 -0.47
N LEU C 87 -35.65 -37.29 -0.55
CA LEU C 87 -35.88 -36.46 0.63
C LEU C 87 -36.63 -37.25 1.70
N LYS C 88 -37.65 -38.02 1.29
CA LYS C 88 -38.40 -38.82 2.24
C LYS C 88 -37.53 -39.87 2.92
N ASN C 89 -36.66 -40.52 2.16
CA ASN C 89 -35.78 -41.54 2.73
C ASN C 89 -34.77 -40.93 3.69
N ASP C 90 -34.21 -39.77 3.32
CA ASP C 90 -33.31 -39.06 4.23
C ASP C 90 -34.02 -38.68 5.52
N PHE C 91 -35.26 -38.20 5.39
CA PHE C 91 -36.03 -37.83 6.58
C PHE C 91 -36.30 -39.04 7.48
N ALA C 92 -36.66 -40.17 6.88
CA ALA C 92 -36.93 -41.37 7.68
C ALA C 92 -35.68 -41.85 8.39
N MET C 93 -34.54 -41.85 7.69
CA MET C 93 -33.29 -42.25 8.32
C MET C 93 -32.93 -41.31 9.46
N GLU C 94 -33.12 -40.00 9.26
CA GLU C 94 -32.85 -39.04 10.33
C GLU C 94 -33.75 -39.28 11.52
N LYS C 95 -35.02 -39.62 11.28
CA LYS C 95 -35.95 -39.88 12.38
C LYS C 95 -35.49 -41.08 13.21
N ASP C 96 -35.13 -42.17 12.54
CA ASP C 96 -34.66 -43.34 13.27
C ASP C 96 -33.38 -43.04 14.04
N ALA C 97 -32.44 -42.31 13.41
CA ALA C 97 -31.21 -41.95 14.09
C ALA C 97 -31.48 -41.07 15.30
N HIS C 98 -32.43 -40.14 15.18
CA HIS C 98 -32.77 -39.26 16.29
C HIS C 98 -33.36 -40.03 17.46
N ALA C 99 -34.23 -41.01 17.17
CA ALA C 99 -34.80 -41.81 18.25
C ALA C 99 -33.70 -42.60 18.97
N ASP C 100 -32.81 -43.25 18.21
CA ASP C 100 -31.73 -43.98 18.84
C ASP C 100 -30.77 -43.05 19.59
N LEU C 101 -30.56 -41.84 19.07
CA LEU C 101 -29.71 -40.86 19.73
C LEU C 101 -30.32 -40.41 21.06
N VAL C 102 -31.63 -40.21 21.10
CA VAL C 102 -32.28 -39.85 22.36
C VAL C 102 -32.13 -40.97 23.38
N LYS C 103 -32.34 -42.21 22.94
CA LYS C 103 -32.14 -43.34 23.85
C LYS C 103 -30.70 -43.39 24.37
N THR C 104 -29.74 -43.12 23.48
CA THR C 104 -28.33 -43.16 23.89
C THR C 104 -27.98 -42.03 24.86
N ILE C 105 -28.55 -40.84 24.64
CA ILE C 105 -28.30 -39.73 25.56
C ILE C 105 -28.87 -40.06 26.93
N ALA C 106 -30.07 -40.66 26.96
CA ALA C 106 -30.64 -41.10 28.23
C ALA C 106 -29.73 -42.11 28.91
N LEU C 107 -29.19 -43.06 28.14
CA LEU C 107 -28.28 -44.05 28.70
C LEU C 107 -27.02 -43.41 29.25
N CYS C 108 -26.46 -42.44 28.53
CA CYS C 108 -25.23 -41.79 28.99
C CYS C 108 -25.49 -40.96 30.24
N GLU C 109 -26.66 -40.34 30.36
CA GLU C 109 -27.01 -39.66 31.60
C GLU C 109 -27.16 -40.66 32.73
N LYS C 110 -27.75 -41.82 32.46
CA LYS C 110 -27.90 -42.84 33.50
C LYS C 110 -26.56 -43.41 33.94
N GLN C 111 -25.61 -43.53 33.01
CA GLN C 111 -24.31 -44.12 33.29
C GLN C 111 -23.25 -43.08 33.64
N ALA C 112 -23.65 -41.83 33.82
CA ALA C 112 -22.77 -40.74 34.26
C ALA C 112 -21.66 -40.44 33.25
N ASP C 113 -21.83 -40.84 31.99
CA ASP C 113 -20.89 -40.49 30.94
C ASP C 113 -21.34 -39.15 30.35
N TYR C 114 -20.75 -38.07 30.84
CA TYR C 114 -21.27 -36.74 30.55
C TYR C 114 -20.65 -36.09 29.32
N VAL C 115 -19.37 -36.35 29.03
CA VAL C 115 -18.80 -35.83 27.79
C VAL C 115 -19.37 -36.57 26.60
N SER C 116 -19.59 -37.88 26.73
CA SER C 116 -20.33 -38.60 25.71
C SER C 116 -21.72 -38.00 25.53
N ARG C 117 -22.37 -37.64 26.63
CA ARG C 117 -23.69 -37.02 26.54
C ARG C 117 -23.63 -35.67 25.83
N ASP C 118 -22.59 -34.87 26.10
CA ASP C 118 -22.45 -33.59 25.43
C ASP C 118 -22.23 -33.75 23.93
N LEU C 119 -21.38 -34.70 23.55
CA LEU C 119 -21.15 -34.98 22.13
C LEU C 119 -22.42 -35.46 21.44
N LEU C 120 -23.16 -36.36 22.11
CA LEU C 120 -24.41 -36.84 21.53
C LEU C 120 -25.48 -35.75 21.50
N SER C 121 -25.44 -34.80 22.44
CA SER C 121 -26.38 -33.70 22.40
C SER C 121 -26.09 -32.77 21.22
N GLU C 122 -24.81 -32.52 20.94
CA GLU C 122 -24.45 -31.80 19.72
C GLU C 122 -24.93 -32.55 18.48
N PHE C 123 -24.74 -33.87 18.48
CA PHE C 123 -25.23 -34.69 17.36
C PHE C 123 -26.74 -34.58 17.22
N LEU C 124 -27.46 -34.58 18.34
CA LEU C 124 -28.91 -34.50 18.30
C LEU C 124 -29.38 -33.14 17.80
N GLU C 125 -28.68 -32.07 18.20
CA GLU C 125 -29.01 -30.75 17.70
C GLU C 125 -28.86 -30.70 16.19
N GLU C 126 -27.73 -31.20 15.67
CA GLU C 126 -27.54 -31.21 14.22
C GLU C 126 -28.55 -32.11 13.53
N CYS C 127 -28.85 -33.26 14.13
CA CYS C 127 -29.78 -34.21 13.52
C CYS C 127 -31.19 -33.64 13.43
N GLU C 128 -31.63 -32.94 14.48
CA GLU C 128 -32.96 -32.33 14.42
C GLU C 128 -32.98 -31.11 13.51
N GLU C 129 -31.84 -30.42 13.37
CA GLU C 129 -31.75 -29.39 12.33
C GLU C 129 -31.94 -29.98 10.94
N ARG C 130 -31.29 -31.12 10.67
CA ARG C 130 -31.50 -31.81 9.40
C ARG C 130 -32.94 -32.27 9.24
N MET C 131 -33.53 -32.79 10.32
CA MET C 131 -34.92 -33.25 10.26
C MET C 131 -35.87 -32.10 9.91
N ASP C 132 -35.66 -30.95 10.55
CA ASP C 132 -36.48 -29.79 10.23
C ASP C 132 -36.27 -29.36 8.78
N PHE C 133 -35.02 -29.39 8.30
CA PHE C 133 -34.77 -29.03 6.92
C PHE C 133 -35.49 -29.96 5.95
N TYR C 134 -35.46 -31.28 6.21
CA TYR C 134 -36.07 -32.21 5.28
C TYR C 134 -37.59 -32.13 5.33
N GLU C 135 -38.17 -31.93 6.51
CA GLU C 135 -39.62 -31.72 6.58
C GLU C 135 -40.02 -30.44 5.87
N THR C 136 -39.21 -29.39 6.02
CA THR C 136 -39.47 -28.14 5.30
C THR C 136 -39.39 -28.35 3.79
N GLN C 137 -38.41 -29.14 3.34
CA GLN C 137 -38.29 -29.43 1.92
C GLN C 137 -39.48 -30.23 1.40
N LEU C 138 -39.98 -31.20 2.17
CA LEU C 138 -41.16 -31.94 1.76
C LEU C 138 -42.39 -31.02 1.68
N GLU C 139 -42.54 -30.14 2.65
CA GLU C 139 -43.63 -29.17 2.61
C GLU C 139 -43.49 -28.26 1.40
N LEU C 140 -42.27 -27.84 1.07
CA LEU C 140 -42.05 -27.00 -0.10
C LEU C 140 -42.36 -27.74 -1.39
N VAL C 141 -42.02 -29.03 -1.46
CA VAL C 141 -42.40 -29.85 -2.60
C VAL C 141 -43.91 -29.84 -2.77
N LYS C 142 -44.65 -30.00 -1.66
CA LYS C 142 -46.11 -29.96 -1.75
C LYS C 142 -46.60 -28.58 -2.17
N LYS C 143 -46.03 -27.51 -1.62
CA LYS C 143 -46.59 -26.17 -1.77
C LYS C 143 -46.25 -25.56 -3.13
N MET C 144 -44.97 -25.51 -3.47
CA MET C 144 -44.54 -24.93 -4.73
C MET C 144 -44.80 -25.85 -5.91
N GLY C 145 -44.99 -27.13 -5.68
CA GLY C 145 -45.10 -28.10 -6.74
C GLY C 145 -43.77 -28.77 -7.03
N GLU C 146 -43.85 -30.00 -7.55
CA GLU C 146 -42.63 -30.75 -7.83
C GLU C 146 -41.79 -30.06 -8.90
N GLN C 147 -42.45 -29.53 -9.94
CA GLN C 147 -41.71 -28.88 -11.03
C GLN C 147 -40.95 -27.66 -10.53
N ASN C 148 -41.61 -26.81 -9.74
CA ASN C 148 -40.95 -25.63 -9.19
C ASN C 148 -39.83 -26.01 -8.24
N TYR C 149 -40.07 -27.01 -7.39
CA TYR C 149 -39.03 -27.43 -6.45
C TYR C 149 -37.81 -27.99 -7.18
N LEU C 150 -38.03 -28.77 -8.23
CA LEU C 150 -36.92 -29.31 -9.00
C LEU C 150 -36.17 -28.20 -9.73
N GLN C 151 -36.90 -27.20 -10.23
CA GLN C 151 -36.23 -26.05 -10.83
C GLN C 151 -35.37 -25.31 -9.81
N SER C 152 -35.88 -25.16 -8.58
CA SER C 152 -35.08 -24.55 -7.53
C SER C 152 -33.86 -25.38 -7.19
N ALA C 153 -34.02 -26.71 -7.18
CA ALA C 153 -32.91 -27.60 -6.88
C ALA C 153 -31.85 -27.57 -7.98
N VAL C 154 -32.24 -27.32 -9.22
CA VAL C 154 -31.28 -27.27 -10.31
C VAL C 154 -30.29 -26.13 -10.10
N GLY C 155 -30.79 -24.95 -9.77
CA GLY C 155 -29.93 -23.79 -9.65
C GLY C 155 -29.57 -23.20 -10.99
N ALA C 156 -28.28 -23.18 -11.30
CA ALA C 156 -27.81 -22.66 -12.58
C ALA C 156 -27.93 -23.72 -13.67
N LEU C 157 -27.71 -23.30 -14.90
CA LEU C 157 -27.75 -24.20 -16.05
C LEU C 157 -26.36 -24.34 -16.69
N ASN D 4 -22.23 -51.79 -20.53
CA ASN D 4 -21.92 -53.21 -20.34
C ASN D 4 -22.09 -53.61 -18.88
N ARG D 5 -22.72 -54.77 -18.66
CA ARG D 5 -22.95 -55.23 -17.29
C ARG D 5 -21.64 -55.54 -16.58
N THR D 6 -20.68 -56.18 -17.28
CA THR D 6 -19.45 -56.59 -16.64
C THR D 6 -18.59 -55.39 -16.25
N VAL D 7 -18.56 -54.35 -17.07
CA VAL D 7 -17.78 -53.16 -16.75
C VAL D 7 -18.34 -52.50 -15.49
N LEU D 8 -19.66 -52.38 -15.39
CA LEU D 8 -20.27 -51.80 -14.20
C LEU D 8 -20.06 -52.68 -12.97
N ALA D 9 -20.11 -54.00 -13.15
CA ALA D 9 -19.83 -54.90 -12.03
C ALA D 9 -18.40 -54.73 -11.53
N ALA D 10 -17.44 -54.65 -12.44
CA ALA D 10 -16.05 -54.46 -12.04
C ALA D 10 -15.84 -53.09 -11.39
N LEU D 11 -16.52 -52.07 -11.91
CA LEU D 11 -16.45 -50.75 -11.29
C LEU D 11 -17.02 -50.78 -9.88
N ASN D 12 -18.11 -51.52 -9.68
CA ASN D 12 -18.68 -51.64 -8.34
C ASN D 12 -17.75 -52.40 -7.40
N ASP D 13 -17.06 -53.42 -7.89
CA ASP D 13 -16.07 -54.11 -7.08
C ASP D 13 -14.94 -53.17 -6.68
N VAL D 14 -14.46 -52.36 -7.64
CA VAL D 14 -13.43 -51.37 -7.33
C VAL D 14 -13.94 -50.38 -6.30
N LEU D 15 -15.21 -49.97 -6.43
CA LEU D 15 -15.79 -49.04 -5.47
C LEU D 15 -15.89 -49.66 -4.08
N ARG D 16 -16.27 -50.94 -4.00
CA ARG D 16 -16.33 -51.60 -2.70
C ARG D 16 -14.95 -51.67 -2.06
N HIS D 17 -13.94 -51.99 -2.86
CA HIS D 17 -12.56 -51.99 -2.36
C HIS D 17 -12.17 -50.60 -1.88
N GLN D 18 -12.57 -49.57 -2.62
CA GLN D 18 -12.18 -48.21 -2.26
C GLN D 18 -12.87 -47.75 -0.98
N LEU D 19 -14.13 -48.14 -0.79
CA LEU D 19 -14.83 -47.77 0.44
C LEU D 19 -14.27 -48.53 1.64
N THR D 20 -13.94 -49.81 1.46
CA THR D 20 -13.26 -50.55 2.52
C THR D 20 -11.93 -49.89 2.86
N ALA D 21 -11.20 -49.44 1.84
CA ALA D 21 -9.94 -48.73 2.07
C ALA D 21 -10.17 -47.42 2.82
N ILE D 22 -11.24 -46.70 2.47
CA ILE D 22 -11.55 -45.45 3.15
C ILE D 22 -11.79 -45.71 4.63
N ASN D 23 -12.63 -46.69 4.94
CA ASN D 23 -12.93 -46.98 6.34
C ASN D 23 -11.68 -47.43 7.10
N GLN D 24 -10.90 -48.31 6.50
CA GLN D 24 -9.68 -48.78 7.17
C GLN D 24 -8.70 -47.65 7.39
N TYR D 25 -8.50 -46.79 6.39
CA TYR D 25 -7.57 -45.69 6.51
C TYR D 25 -8.00 -44.71 7.59
N PHE D 26 -9.29 -44.36 7.62
CA PHE D 26 -9.75 -43.41 8.61
C PHE D 26 -9.69 -44.00 10.00
N LEU D 27 -10.07 -45.27 10.16
CA LEU D 27 -9.96 -45.91 11.45
C LEU D 27 -8.52 -45.96 11.94
N HIS D 28 -7.60 -46.32 11.04
CA HIS D 28 -6.19 -46.40 11.43
C HIS D 28 -5.65 -45.03 11.79
N ALA D 29 -6.03 -44.00 11.04
CA ALA D 29 -5.62 -42.64 11.40
C ALA D 29 -6.16 -42.24 12.76
N ARG D 30 -7.41 -42.63 13.05
CA ARG D 30 -8.00 -42.26 14.34
C ARG D 30 -7.29 -42.94 15.50
N MET D 31 -7.00 -44.23 15.38
CA MET D 31 -6.26 -44.88 16.46
C MET D 31 -4.79 -44.46 16.48
N MET D 32 -4.27 -43.89 15.40
CA MET D 32 -2.92 -43.33 15.45
C MET D 32 -2.91 -42.02 16.22
N LYS D 33 -3.89 -41.16 15.97
CA LYS D 33 -4.03 -39.95 16.78
C LYS D 33 -4.33 -40.28 18.23
N ASN D 34 -5.08 -41.37 18.46
CA ASN D 34 -5.37 -41.80 19.82
C ASN D 34 -4.12 -42.21 20.57
N TRP D 35 -3.11 -42.71 19.87
CA TRP D 35 -1.85 -43.10 20.49
C TRP D 35 -0.83 -41.97 20.48
N GLY D 36 -1.16 -40.81 19.93
CA GLY D 36 -0.23 -39.71 19.87
C GLY D 36 0.73 -39.74 18.71
N PHE D 37 0.57 -40.68 17.78
CA PHE D 37 1.42 -40.75 16.59
C PHE D 37 0.87 -39.74 15.58
N ASN D 38 1.29 -38.49 15.75
CA ASN D 38 0.69 -37.39 15.01
C ASN D 38 1.11 -37.36 13.55
N ALA D 39 2.40 -37.54 13.26
CA ALA D 39 2.84 -37.43 11.86
C ALA D 39 2.23 -38.53 11.00
N LEU D 40 2.36 -39.78 11.46
CA LEU D 40 1.75 -40.89 10.72
C LEU D 40 0.24 -40.80 10.71
N GLY D 41 -0.35 -40.26 11.78
CA GLY D 41 -1.79 -40.08 11.81
C GLY D 41 -2.27 -39.08 10.77
N LYS D 42 -1.57 -37.96 10.63
CA LYS D 42 -1.91 -36.99 9.59
C LYS D 42 -1.71 -37.58 8.20
N HIS D 43 -0.63 -38.34 7.99
CA HIS D 43 -0.46 -38.94 6.67
C HIS D 43 -1.58 -39.92 6.36
N GLU D 44 -1.97 -40.74 7.34
CA GLU D 44 -3.09 -41.65 7.17
C GLU D 44 -4.39 -40.89 6.89
N TYR D 45 -4.57 -39.76 7.58
CA TYR D 45 -5.77 -38.95 7.36
C TYR D 45 -5.82 -38.43 5.93
N LYS D 46 -4.70 -37.93 5.42
CA LYS D 46 -4.68 -37.45 4.04
C LYS D 46 -4.86 -38.59 3.03
N GLU D 47 -4.34 -39.78 3.35
CA GLU D 47 -4.58 -40.92 2.46
C GLU D 47 -6.05 -41.30 2.46
N SER D 48 -6.72 -41.21 3.61
CA SER D 48 -8.16 -41.43 3.66
C SER D 48 -8.90 -40.39 2.82
N ILE D 49 -8.47 -39.13 2.90
CA ILE D 49 -9.10 -38.08 2.11
C ILE D 49 -8.92 -38.36 0.62
N GLU D 50 -7.72 -38.78 0.22
CA GLU D 50 -7.45 -39.08 -1.18
C GLU D 50 -8.30 -40.24 -1.66
N GLU D 51 -8.40 -41.31 -0.86
CA GLU D 51 -9.26 -42.43 -1.23
C GLU D 51 -10.71 -42.02 -1.28
N MET D 52 -11.12 -41.07 -0.46
CA MET D 52 -12.52 -40.63 -0.47
C MET D 52 -12.83 -39.83 -1.71
N LYS D 53 -11.90 -38.95 -2.13
CA LYS D 53 -12.07 -38.24 -3.39
C LYS D 53 -12.07 -39.20 -4.58
N ALA D 54 -11.24 -40.25 -4.52
CA ALA D 54 -11.22 -41.23 -5.59
C ALA D 54 -12.53 -42.01 -5.65
N ALA D 55 -13.09 -42.38 -4.49
CA ALA D 55 -14.39 -43.03 -4.49
C ALA D 55 -15.47 -42.09 -5.03
N ASP D 56 -15.35 -40.80 -4.74
CA ASP D 56 -16.28 -39.83 -5.32
C ASP D 56 -16.20 -39.82 -6.84
N LYS D 57 -14.97 -39.81 -7.37
CA LYS D 57 -14.81 -39.82 -8.83
C LYS D 57 -15.37 -41.09 -9.44
N LEU D 58 -15.14 -42.23 -8.78
CA LEU D 58 -15.66 -43.49 -9.31
C LEU D 58 -17.18 -43.54 -9.22
N ILE D 59 -17.78 -42.92 -8.21
CA ILE D 59 -19.23 -42.88 -8.13
C ILE D 59 -19.81 -42.00 -9.23
N GLU D 60 -19.17 -40.86 -9.51
CA GLU D 60 -19.49 -40.12 -10.73
C GLU D 60 -19.46 -41.01 -11.96
N ARG D 61 -18.37 -41.77 -12.14
CA ARG D 61 -18.24 -42.57 -13.35
C ARG D 61 -19.33 -43.64 -13.44
N ILE D 62 -19.61 -44.33 -12.33
CA ILE D 62 -20.62 -45.39 -12.36
C ILE D 62 -22.00 -44.80 -12.63
N LEU D 63 -22.31 -43.65 -12.02
CA LEU D 63 -23.61 -43.02 -12.26
C LEU D 63 -23.73 -42.53 -13.69
N LEU D 64 -22.62 -42.10 -14.29
CA LEU D 64 -22.65 -41.65 -15.68
C LEU D 64 -22.92 -42.81 -16.64
N LEU D 65 -22.55 -44.04 -16.26
CA LEU D 65 -22.73 -45.21 -17.10
C LEU D 65 -24.11 -45.85 -16.94
N GLU D 66 -25.08 -45.11 -16.39
CA GLU D 66 -26.41 -45.65 -16.09
C GLU D 66 -26.33 -46.89 -15.21
N GLY D 67 -25.49 -46.81 -14.19
CA GLY D 67 -25.36 -47.89 -13.23
C GLY D 67 -25.42 -47.37 -11.82
N LEU D 68 -25.98 -48.20 -10.93
CA LEU D 68 -26.23 -47.79 -9.56
C LEU D 68 -25.06 -48.19 -8.68
N PRO D 69 -24.41 -47.26 -7.99
CA PRO D 69 -23.29 -47.62 -7.13
C PRO D 69 -23.74 -48.46 -5.95
N ASN D 70 -22.83 -49.31 -5.48
CA ASN D 70 -23.09 -50.18 -4.34
C ASN D 70 -22.24 -49.70 -3.16
N LEU D 71 -22.79 -48.74 -2.41
CA LEU D 71 -22.16 -48.26 -1.20
C LEU D 71 -22.53 -49.08 0.03
N GLN D 72 -23.41 -50.07 -0.12
CA GLN D 72 -23.83 -50.87 1.02
C GLN D 72 -22.75 -51.83 1.47
N ASP D 73 -22.09 -52.51 0.53
CA ASP D 73 -21.17 -53.57 0.86
C ASP D 73 -19.81 -53.01 1.28
N LEU D 74 -19.06 -53.84 2.02
CA LEU D 74 -17.76 -53.45 2.54
C LEU D 74 -16.93 -54.71 2.75
N GLY D 75 -15.70 -54.69 2.25
CA GLY D 75 -14.82 -55.81 2.44
C GLY D 75 -14.33 -55.91 3.88
N LYS D 76 -13.76 -57.06 4.21
CA LYS D 76 -13.28 -57.29 5.57
C LYS D 76 -12.21 -56.27 5.93
N LEU D 77 -12.35 -55.67 7.11
CA LEU D 77 -11.42 -54.63 7.55
C LEU D 77 -10.20 -55.27 8.20
N LEU D 78 -9.05 -54.69 7.97
CA LEU D 78 -7.77 -55.18 8.47
C LEU D 78 -7.22 -54.15 9.45
N ILE D 79 -7.52 -54.34 10.74
CA ILE D 79 -7.17 -53.38 11.77
C ILE D 79 -5.96 -53.88 12.53
N GLY D 80 -4.95 -53.03 12.67
CA GLY D 80 -3.69 -53.41 13.31
C GLY D 80 -3.66 -52.98 14.77
N GLU D 81 -3.10 -53.85 15.61
CA GLU D 81 -2.97 -53.55 17.04
C GLU D 81 -1.88 -52.54 17.32
N ASN D 82 -0.92 -52.38 16.42
CA ASN D 82 0.20 -51.47 16.59
C ASN D 82 0.55 -50.87 15.22
N VAL D 83 1.39 -49.84 15.25
CA VAL D 83 1.67 -49.08 14.02
C VAL D 83 2.26 -49.95 12.92
N PRO D 84 3.29 -50.75 13.16
CA PRO D 84 3.79 -51.61 12.07
C PRO D 84 2.75 -52.60 11.56
N GLU D 85 1.90 -53.14 12.44
CA GLU D 85 0.84 -54.02 12.00
C GLU D 85 -0.15 -53.29 11.09
N MET D 86 -0.47 -52.04 11.42
CA MET D 86 -1.29 -51.24 10.54
C MET D 86 -0.62 -51.04 9.19
N LEU D 87 0.71 -50.85 9.19
CA LEU D 87 1.43 -50.70 7.94
C LEU D 87 1.32 -51.97 7.08
N LYS D 88 1.50 -53.14 7.71
CA LYS D 88 1.39 -54.39 6.95
C LYS D 88 -0.03 -54.59 6.42
N ASN D 89 -1.03 -54.32 7.25
CA ASN D 89 -2.42 -54.54 6.83
C ASN D 89 -2.79 -53.57 5.70
N ASP D 90 -2.30 -52.33 5.78
CA ASP D 90 -2.49 -51.37 4.71
C ASP D 90 -1.84 -51.86 3.42
N PHE D 91 -0.62 -52.38 3.52
CA PHE D 91 0.08 -52.87 2.35
C PHE D 91 -0.66 -54.05 1.72
N ALA D 92 -1.17 -54.96 2.53
CA ALA D 92 -1.91 -56.10 2.01
C ALA D 92 -3.19 -55.67 1.31
N MET D 93 -3.94 -54.76 1.95
CA MET D 93 -5.17 -54.25 1.34
C MET D 93 -4.88 -53.55 0.02
N GLU D 94 -3.81 -52.75 -0.03
CA GLU D 94 -3.45 -52.06 -1.27
C GLU D 94 -2.99 -53.03 -2.34
N LYS D 95 -2.28 -54.10 -1.96
CA LYS D 95 -1.87 -55.11 -2.92
C LYS D 95 -3.09 -55.74 -3.59
N ASP D 96 -4.07 -56.16 -2.79
CA ASP D 96 -5.26 -56.78 -3.37
C ASP D 96 -6.04 -55.77 -4.22
N ALA D 97 -6.17 -54.54 -3.74
CA ALA D 97 -6.87 -53.52 -4.51
C ALA D 97 -6.16 -53.25 -5.84
N HIS D 98 -4.83 -53.28 -5.84
CA HIS D 98 -4.08 -53.02 -7.06
C HIS D 98 -4.23 -54.16 -8.06
N ALA D 99 -4.22 -55.41 -7.57
CA ALA D 99 -4.45 -56.53 -8.48
C ALA D 99 -5.83 -56.45 -9.12
N ASP D 100 -6.86 -56.16 -8.32
CA ASP D 100 -8.20 -56.03 -8.87
C ASP D 100 -8.29 -54.84 -9.82
N LEU D 101 -7.57 -53.76 -9.52
CA LEU D 101 -7.56 -52.60 -10.39
C LEU D 101 -6.94 -52.94 -11.74
N VAL D 102 -5.84 -53.69 -11.74
CA VAL D 102 -5.21 -54.08 -13.00
C VAL D 102 -6.15 -54.96 -13.82
N LYS D 103 -6.82 -55.90 -13.16
CA LYS D 103 -7.81 -56.73 -13.87
C LYS D 103 -8.91 -55.87 -14.48
N THR D 104 -9.41 -54.88 -13.72
CA THR D 104 -10.48 -54.03 -14.22
C THR D 104 -10.03 -53.15 -15.38
N ILE D 105 -8.78 -52.66 -15.32
CA ILE D 105 -8.24 -51.87 -16.43
C ILE D 105 -8.17 -52.72 -17.69
N ALA D 106 -7.68 -53.96 -17.55
CA ALA D 106 -7.63 -54.84 -18.70
C ALA D 106 -9.03 -55.09 -19.26
N LEU D 107 -10.00 -55.33 -18.39
CA LEU D 107 -11.36 -55.57 -18.85
C LEU D 107 -11.92 -54.35 -19.59
N CYS D 108 -11.69 -53.16 -19.05
CA CYS D 108 -12.15 -51.94 -19.70
C CYS D 108 -11.52 -51.78 -21.07
N GLU D 109 -10.25 -52.17 -21.21
CA GLU D 109 -9.63 -52.18 -22.53
C GLU D 109 -10.34 -53.16 -23.45
N LYS D 110 -10.71 -54.34 -22.94
CA LYS D 110 -11.42 -55.32 -23.76
C LYS D 110 -12.76 -54.77 -24.26
N GLN D 111 -13.50 -54.09 -23.39
CA GLN D 111 -14.81 -53.56 -23.77
C GLN D 111 -14.74 -52.17 -24.38
N ALA D 112 -13.54 -51.61 -24.56
CA ALA D 112 -13.35 -50.31 -25.20
C ALA D 112 -13.98 -49.17 -24.40
N ASP D 113 -14.00 -49.29 -23.07
CA ASP D 113 -14.44 -48.20 -22.20
C ASP D 113 -13.21 -47.41 -21.79
N TYR D 114 -12.75 -46.55 -22.69
CA TYR D 114 -11.44 -45.91 -22.53
C TYR D 114 -11.44 -44.82 -21.48
N VAL D 115 -12.56 -44.12 -21.29
CA VAL D 115 -12.63 -43.12 -20.23
C VAL D 115 -12.58 -43.79 -18.86
N SER D 116 -13.32 -44.89 -18.70
CA SER D 116 -13.22 -45.68 -17.48
C SER D 116 -11.81 -46.19 -17.29
N ARG D 117 -11.16 -46.63 -18.37
CA ARG D 117 -9.79 -47.12 -18.26
C ARG D 117 -8.84 -46.02 -17.83
N ASP D 118 -9.03 -44.80 -18.34
CA ASP D 118 -8.18 -43.69 -17.94
C ASP D 118 -8.36 -43.35 -16.46
N LEU D 119 -9.61 -43.31 -16.00
CA LEU D 119 -9.87 -43.05 -14.59
C LEU D 119 -9.26 -44.14 -13.71
N LEU D 120 -9.40 -45.40 -14.13
CA LEU D 120 -8.81 -46.50 -13.37
C LEU D 120 -7.29 -46.46 -13.40
N SER D 121 -6.69 -45.99 -14.49
CA SER D 121 -5.25 -45.84 -14.54
C SER D 121 -4.77 -44.77 -13.57
N GLU D 122 -5.51 -43.67 -13.47
CA GLU D 122 -5.19 -42.66 -12.45
C GLU D 122 -5.31 -43.24 -11.05
N PHE D 123 -6.37 -44.02 -10.81
CA PHE D 123 -6.53 -44.67 -9.51
C PHE D 123 -5.39 -45.64 -9.24
N LEU D 124 -4.92 -46.33 -10.28
CA LEU D 124 -3.81 -47.26 -10.14
C LEU D 124 -2.53 -46.53 -9.81
N GLU D 125 -2.33 -45.35 -10.40
CA GLU D 125 -1.16 -44.54 -10.03
C GLU D 125 -1.20 -44.17 -8.55
N GLU D 126 -2.37 -43.75 -8.07
CA GLU D 126 -2.51 -43.46 -6.64
C GLU D 126 -2.25 -44.70 -5.79
N CYS D 127 -2.82 -45.84 -6.19
CA CYS D 127 -2.66 -47.06 -5.42
C CYS D 127 -1.20 -47.50 -5.38
N GLU D 128 -0.49 -47.33 -6.48
CA GLU D 128 0.90 -47.76 -6.54
C GLU D 128 1.81 -46.84 -5.74
N GLU D 129 1.54 -45.52 -5.76
CA GLU D 129 2.31 -44.64 -4.88
C GLU D 129 2.05 -44.96 -3.42
N ARG D 130 0.79 -45.26 -3.06
CA ARG D 130 0.49 -45.65 -1.69
C ARG D 130 1.19 -46.95 -1.31
N MET D 131 1.21 -47.92 -2.24
CA MET D 131 1.89 -49.18 -1.99
C MET D 131 3.38 -48.97 -1.77
N ASP D 132 4.00 -48.13 -2.61
CA ASP D 132 5.41 -47.81 -2.42
C ASP D 132 5.66 -47.13 -1.09
N PHE D 133 4.77 -46.21 -0.70
CA PHE D 133 4.93 -45.54 0.59
C PHE D 133 4.87 -46.53 1.74
N TYR D 134 3.94 -47.47 1.69
CA TYR D 134 3.81 -48.40 2.81
C TYR D 134 4.96 -49.41 2.84
N GLU D 135 5.44 -49.85 1.67
CA GLU D 135 6.61 -50.72 1.65
C GLU D 135 7.84 -49.97 2.17
N THR D 136 7.99 -48.70 1.80
CA THR D 136 9.08 -47.88 2.30
C THR D 136 8.97 -47.69 3.81
N GLN D 137 7.76 -47.48 4.32
CA GLN D 137 7.57 -47.33 5.76
C GLN D 137 7.93 -48.61 6.50
N LEU D 138 7.55 -49.77 5.97
CA LEU D 138 7.92 -51.02 6.63
C LEU D 138 9.42 -51.24 6.61
N GLU D 139 10.08 -50.90 5.49
CA GLU D 139 11.54 -51.00 5.46
C GLU D 139 12.18 -50.02 6.43
N LEU D 140 11.58 -48.84 6.60
CA LEU D 140 12.07 -47.88 7.58
C LEU D 140 11.91 -48.42 9.00
N VAL D 141 10.80 -49.11 9.26
CA VAL D 141 10.63 -49.76 10.56
C VAL D 141 11.74 -50.77 10.78
N LYS D 142 12.07 -51.55 9.75
CA LYS D 142 13.15 -52.52 9.87
C LYS D 142 14.50 -51.85 10.12
N LYS D 143 14.78 -50.75 9.42
CA LYS D 143 16.12 -50.16 9.44
C LYS D 143 16.32 -49.25 10.64
N MET D 144 15.46 -48.23 10.81
CA MET D 144 15.55 -47.32 11.93
C MET D 144 15.24 -48.01 13.25
N GLY D 145 14.51 -49.11 13.23
CA GLY D 145 14.03 -49.74 14.43
C GLY D 145 12.64 -49.24 14.83
N GLU D 146 11.99 -50.00 15.70
CA GLU D 146 10.64 -49.64 16.13
C GLU D 146 10.64 -48.34 16.92
N GLN D 147 11.58 -48.18 17.85
CA GLN D 147 11.57 -47.00 18.73
C GLN D 147 11.81 -45.73 17.93
N ASN D 148 12.82 -45.72 17.07
CA ASN D 148 13.11 -44.55 16.27
C ASN D 148 11.97 -44.23 15.31
N TYR D 149 11.41 -45.26 14.67
CA TYR D 149 10.33 -45.03 13.72
C TYR D 149 9.09 -44.50 14.42
N LEU D 150 8.79 -44.99 15.62
CA LEU D 150 7.64 -44.48 16.36
C LEU D 150 7.88 -43.06 16.83
N GLN D 151 9.12 -42.73 17.22
CA GLN D 151 9.44 -41.35 17.57
C GLN D 151 9.26 -40.43 16.39
N SER D 152 9.64 -40.89 15.19
CA SER D 152 9.40 -40.10 13.99
C SER D 152 7.90 -39.98 13.70
N ALA D 153 7.15 -41.06 13.89
CA ALA D 153 5.71 -41.02 13.67
C ALA D 153 5.01 -40.07 14.63
N VAL D 154 5.59 -39.87 15.82
CA VAL D 154 5.01 -38.94 16.77
C VAL D 154 5.06 -37.52 16.22
N GLY D 155 6.20 -37.13 15.66
CA GLY D 155 6.33 -35.78 15.14
C GLY D 155 6.30 -34.75 16.26
N ALA D 156 5.44 -33.74 16.11
CA ALA D 156 5.29 -32.71 17.13
C ALA D 156 4.65 -33.30 18.37
N LEU D 157 5.33 -33.19 19.51
CA LEU D 157 4.88 -33.82 20.74
C LEU D 157 3.65 -33.13 21.31
N ARG E 5 -9.54 6.29 -59.38
CA ARG E 5 -9.44 7.25 -60.47
C ARG E 5 -10.10 8.57 -60.08
N THR E 6 -11.40 8.70 -60.39
CA THR E 6 -12.14 9.89 -59.98
C THR E 6 -12.27 9.95 -58.47
N VAL E 7 -12.45 8.80 -57.81
CA VAL E 7 -12.49 8.76 -56.35
C VAL E 7 -11.16 9.22 -55.79
N LEU E 8 -10.05 8.79 -56.41
CA LEU E 8 -8.73 9.20 -55.95
C LEU E 8 -8.50 10.70 -56.15
N ALA E 9 -8.94 11.25 -57.28
CA ALA E 9 -8.81 12.68 -57.50
C ALA E 9 -9.62 13.48 -56.48
N ALA E 10 -10.84 13.02 -56.18
CA ALA E 10 -11.65 13.69 -55.17
C ALA E 10 -11.00 13.58 -53.80
N LEU E 11 -10.41 12.43 -53.48
CA LEU E 11 -9.70 12.27 -52.22
C LEU E 11 -8.51 13.21 -52.14
N ASN E 12 -7.82 13.43 -53.26
CA ASN E 12 -6.70 14.37 -53.26
C ASN E 12 -7.17 15.81 -53.11
N ASP E 13 -8.32 16.15 -53.68
CA ASP E 13 -8.90 17.46 -53.43
C ASP E 13 -9.22 17.65 -51.95
N VAL E 14 -9.85 16.65 -51.33
CA VAL E 14 -10.15 16.71 -49.91
C VAL E 14 -8.86 16.81 -49.10
N LEU E 15 -7.81 16.11 -49.54
CA LEU E 15 -6.53 16.16 -48.84
C LEU E 15 -5.93 17.56 -48.90
N ARG E 16 -5.99 18.20 -50.06
CA ARG E 16 -5.48 19.57 -50.17
C ARG E 16 -6.26 20.50 -49.27
N HIS E 17 -7.59 20.33 -49.20
CA HIS E 17 -8.38 21.12 -48.28
C HIS E 17 -7.94 20.89 -46.83
N GLN E 18 -7.68 19.64 -46.47
CA GLN E 18 -7.26 19.33 -45.10
C GLN E 18 -5.90 19.95 -44.78
N LEU E 19 -4.96 19.90 -45.73
CA LEU E 19 -3.64 20.47 -45.48
C LEU E 19 -3.72 21.98 -45.36
N THR E 20 -4.53 22.63 -46.21
CA THR E 20 -4.73 24.06 -46.07
C THR E 20 -5.35 24.40 -44.72
N ALA E 21 -6.31 23.59 -44.28
CA ALA E 21 -6.91 23.81 -42.96
C ALA E 21 -5.90 23.66 -41.85
N ILE E 22 -5.01 22.66 -41.96
CA ILE E 22 -3.96 22.47 -40.96
C ILE E 22 -3.08 23.71 -40.87
N ASN E 23 -2.62 24.20 -42.03
CA ASN E 23 -1.72 25.35 -42.04
C ASN E 23 -2.42 26.58 -41.48
N GLN E 24 -3.65 26.83 -41.90
CA GLN E 24 -4.38 28.00 -41.42
C GLN E 24 -4.64 27.91 -39.92
N TYR E 25 -5.03 26.73 -39.44
CA TYR E 25 -5.31 26.57 -38.02
C TYR E 25 -4.05 26.76 -37.17
N PHE E 26 -2.92 26.22 -37.61
CA PHE E 26 -1.70 26.42 -36.83
C PHE E 26 -1.26 27.88 -36.85
N LEU E 27 -1.37 28.55 -38.00
CA LEU E 27 -1.02 29.96 -38.06
C LEU E 27 -1.92 30.79 -37.16
N HIS E 28 -3.22 30.50 -37.16
CA HIS E 28 -4.15 31.25 -36.33
C HIS E 28 -3.92 30.98 -34.84
N ALA E 29 -3.64 29.72 -34.47
CA ALA E 29 -3.36 29.41 -33.08
C ALA E 29 -2.09 30.09 -32.60
N ARG E 30 -1.05 30.07 -33.43
CA ARG E 30 0.19 30.77 -33.07
C ARG E 30 -0.03 32.26 -32.96
N MET E 31 -0.82 32.84 -33.87
CA MET E 31 -1.12 34.27 -33.79
C MET E 31 -1.90 34.60 -32.53
N MET E 32 -2.87 33.76 -32.16
CA MET E 32 -3.61 33.96 -30.93
C MET E 32 -2.67 33.92 -29.71
N LYS E 33 -1.77 32.94 -29.67
CA LYS E 33 -0.84 32.85 -28.55
C LYS E 33 0.09 34.05 -28.51
N ASN E 34 0.54 34.53 -29.67
CA ASN E 34 1.37 35.73 -29.70
C ASN E 34 0.59 36.94 -29.20
N TRP E 35 -0.70 37.01 -29.52
CA TRP E 35 -1.55 38.10 -29.05
C TRP E 35 -1.94 37.97 -27.59
N GLY E 36 -1.76 36.80 -26.99
CA GLY E 36 -2.08 36.58 -25.60
C GLY E 36 -3.39 35.86 -25.34
N PHE E 37 -4.08 35.40 -26.38
CA PHE E 37 -5.34 34.69 -26.22
C PHE E 37 -5.05 33.21 -26.04
N ASN E 38 -4.84 32.81 -24.79
CA ASN E 38 -4.38 31.44 -24.52
C ASN E 38 -5.50 30.43 -24.70
N ALA E 39 -6.71 30.75 -24.28
CA ALA E 39 -7.81 29.79 -24.40
C ALA E 39 -8.17 29.54 -25.86
N LEU E 40 -8.39 30.62 -26.61
CA LEU E 40 -8.72 30.49 -28.03
C LEU E 40 -7.56 29.87 -28.79
N GLY E 41 -6.33 30.26 -28.47
CA GLY E 41 -5.18 29.67 -29.11
C GLY E 41 -5.05 28.18 -28.85
N LYS E 42 -5.32 27.75 -27.63
CA LYS E 42 -5.29 26.33 -27.31
C LYS E 42 -6.39 25.58 -28.07
N HIS E 43 -7.59 26.15 -28.15
CA HIS E 43 -8.65 25.48 -28.90
C HIS E 43 -8.29 25.37 -30.37
N GLU E 44 -7.74 26.43 -30.96
CA GLU E 44 -7.34 26.38 -32.36
C GLU E 44 -6.18 25.41 -32.56
N TYR E 45 -5.30 25.27 -31.58
CA TYR E 45 -4.24 24.27 -31.64
C TYR E 45 -4.80 22.86 -31.63
N LYS E 46 -5.82 22.61 -30.80
CA LYS E 46 -6.47 21.29 -30.81
C LYS E 46 -7.15 21.03 -32.15
N GLU E 47 -7.80 22.05 -32.71
CA GLU E 47 -8.40 21.90 -34.03
C GLU E 47 -7.34 21.60 -35.09
N SER E 48 -6.19 22.26 -34.99
CA SER E 48 -5.10 21.98 -35.92
C SER E 48 -4.64 20.53 -35.80
N ILE E 49 -4.44 20.05 -34.57
CA ILE E 49 -3.97 18.68 -34.38
C ILE E 49 -5.00 17.69 -34.91
N GLU E 50 -6.29 17.95 -34.67
CA GLU E 50 -7.33 17.06 -35.18
C GLU E 50 -7.32 17.05 -36.71
N GLU E 51 -7.16 18.21 -37.33
CA GLU E 51 -7.06 18.24 -38.79
C GLU E 51 -5.84 17.50 -39.28
N MET E 52 -4.74 17.56 -38.53
CA MET E 52 -3.54 16.78 -38.87
C MET E 52 -3.83 15.29 -38.85
N LYS E 53 -4.52 14.83 -37.81
CA LYS E 53 -4.86 13.41 -37.72
C LYS E 53 -5.80 13.00 -38.85
N ALA E 54 -6.75 13.88 -39.20
CA ALA E 54 -7.63 13.60 -40.32
C ALA E 54 -6.86 13.50 -41.63
N ALA E 55 -5.88 14.39 -41.83
CA ALA E 55 -5.05 14.32 -43.02
C ALA E 55 -4.21 13.04 -43.04
N ASP E 56 -3.73 12.61 -41.86
CA ASP E 56 -3.00 11.35 -41.78
C ASP E 56 -3.88 10.18 -42.20
N LYS E 57 -5.11 10.14 -41.70
CA LYS E 57 -6.04 9.08 -42.07
C LYS E 57 -6.32 9.10 -43.57
N LEU E 58 -6.54 10.30 -44.13
CA LEU E 58 -6.81 10.41 -45.56
C LEU E 58 -5.62 9.98 -46.39
N ILE E 59 -4.40 10.34 -45.96
CA ILE E 59 -3.20 9.94 -46.68
C ILE E 59 -3.05 8.43 -46.67
N GLU E 60 -3.28 7.80 -45.52
CA GLU E 60 -3.20 6.35 -45.45
C GLU E 60 -4.25 5.70 -46.33
N ARG E 61 -5.47 6.25 -46.36
CA ARG E 61 -6.51 5.72 -47.23
C ARG E 61 -6.13 5.85 -48.70
N ILE E 62 -5.56 6.99 -49.09
CA ILE E 62 -5.14 7.19 -50.47
C ILE E 62 -4.05 6.20 -50.85
N LEU E 63 -3.08 6.01 -49.95
CA LEU E 63 -2.00 5.06 -50.22
C LEU E 63 -2.52 3.64 -50.33
N LEU E 64 -3.50 3.28 -49.48
CA LEU E 64 -4.12 1.96 -49.58
C LEU E 64 -4.77 1.76 -50.94
N LEU E 65 -5.42 2.80 -51.45
CA LEU E 65 -6.09 2.77 -52.76
C LEU E 65 -5.13 2.80 -53.91
N GLU E 66 -3.83 2.64 -53.66
CA GLU E 66 -2.81 2.65 -54.71
C GLU E 66 -2.79 3.99 -55.44
N GLY E 67 -2.70 5.07 -54.67
CA GLY E 67 -2.60 6.40 -55.23
C GLY E 67 -1.49 7.20 -54.56
N LEU E 68 -1.11 8.28 -55.23
CA LEU E 68 -0.02 9.12 -54.73
C LEU E 68 -0.59 10.40 -54.15
N PRO E 69 -0.56 10.60 -52.83
CA PRO E 69 -1.09 11.83 -52.25
C PRO E 69 -0.30 13.05 -52.73
N ASN E 70 -1.03 14.14 -52.96
CA ASN E 70 -0.44 15.39 -53.42
C ASN E 70 -0.27 16.30 -52.22
N LEU E 71 0.85 16.15 -51.52
CA LEU E 71 1.20 17.00 -50.39
C LEU E 71 1.92 18.27 -50.83
N GLN E 72 2.04 18.50 -52.13
CA GLN E 72 2.69 19.69 -52.66
C GLN E 72 1.72 20.86 -52.80
N ASP E 73 0.52 20.63 -53.33
CA ASP E 73 -0.43 21.70 -53.52
C ASP E 73 -1.02 22.14 -52.18
N LEU E 74 -1.50 23.38 -52.16
CA LEU E 74 -2.05 23.96 -50.94
C LEU E 74 -2.99 25.09 -51.32
N GLY E 75 -4.18 25.10 -50.73
CA GLY E 75 -5.12 26.17 -51.00
C GLY E 75 -4.69 27.47 -50.36
N LYS E 76 -5.39 28.54 -50.70
CA LYS E 76 -5.03 29.86 -50.22
C LYS E 76 -5.30 30.00 -48.73
N LEU E 77 -4.33 30.54 -48.01
CA LEU E 77 -4.45 30.71 -46.56
C LEU E 77 -5.12 32.04 -46.25
N LEU E 78 -6.31 31.98 -45.66
CA LEU E 78 -7.03 33.17 -45.21
C LEU E 78 -6.56 33.51 -43.81
N ILE E 79 -5.61 34.42 -43.71
CA ILE E 79 -5.02 34.81 -42.44
C ILE E 79 -5.63 36.15 -42.02
N GLY E 80 -6.42 36.12 -40.94
CA GLY E 80 -7.07 37.34 -40.49
C GLY E 80 -6.14 38.26 -39.73
N GLU E 81 -6.53 39.53 -39.65
CA GLU E 81 -5.73 40.53 -38.97
C GLU E 81 -6.06 40.64 -37.49
N ASN E 82 -7.28 40.27 -37.09
CA ASN E 82 -7.68 40.27 -35.69
C ASN E 82 -8.47 39.00 -35.42
N VAL E 83 -8.87 38.82 -34.15
CA VAL E 83 -9.53 37.58 -33.76
C VAL E 83 -10.86 37.36 -34.46
N PRO E 84 -11.79 38.34 -34.50
CA PRO E 84 -13.05 38.10 -35.23
C PRO E 84 -12.84 37.81 -36.71
N GLU E 85 -11.91 38.51 -37.34
CA GLU E 85 -11.63 38.28 -38.76
C GLU E 85 -11.13 36.86 -38.99
N MET E 86 -10.22 36.39 -38.14
CA MET E 86 -9.69 35.04 -38.33
C MET E 86 -10.70 33.97 -37.96
N LEU E 87 -11.60 34.27 -37.02
CA LEU E 87 -12.71 33.35 -36.74
C LEU E 87 -13.62 33.20 -37.95
N LYS E 88 -13.99 34.33 -38.58
CA LYS E 88 -14.86 34.23 -39.73
C LYS E 88 -14.14 33.62 -40.93
N ASN E 89 -12.83 33.83 -41.05
CA ASN E 89 -12.06 33.17 -42.09
C ASN E 89 -12.05 31.66 -41.90
N ASP E 90 -11.86 31.20 -40.65
CA ASP E 90 -11.92 29.78 -40.37
C ASP E 90 -13.31 29.22 -40.71
N PHE E 91 -14.36 29.95 -40.36
CA PHE E 91 -15.71 29.48 -40.66
C PHE E 91 -15.94 29.37 -42.16
N ALA E 92 -15.49 30.36 -42.93
CA ALA E 92 -15.68 30.32 -44.38
C ALA E 92 -14.91 29.16 -45.00
N MET E 93 -13.67 28.96 -44.56
CA MET E 93 -12.89 27.83 -45.08
C MET E 93 -13.57 26.51 -44.76
N GLU E 94 -14.12 26.39 -43.55
CA GLU E 94 -14.86 25.18 -43.20
C GLU E 94 -16.08 25.00 -44.07
N LYS E 95 -16.78 26.09 -44.40
CA LYS E 95 -17.96 25.99 -45.26
C LYS E 95 -17.58 25.45 -46.63
N ASP E 96 -16.54 26.01 -47.25
CA ASP E 96 -16.12 25.54 -48.57
C ASP E 96 -15.65 24.10 -48.51
N ALA E 97 -14.87 23.75 -47.50
CA ALA E 97 -14.40 22.37 -47.34
C ALA E 97 -15.57 21.41 -47.17
N HIS E 98 -16.61 21.83 -46.43
CA HIS E 98 -17.78 20.99 -46.21
C HIS E 98 -18.54 20.76 -47.51
N ALA E 99 -18.69 21.80 -48.33
CA ALA E 99 -19.35 21.61 -49.62
C ALA E 99 -18.59 20.60 -50.48
N ASP E 100 -17.27 20.77 -50.57
CA ASP E 100 -16.47 19.83 -51.35
C ASP E 100 -16.54 18.42 -50.79
N LEU E 101 -16.55 18.30 -49.45
CA LEU E 101 -16.63 17.00 -48.81
C LEU E 101 -17.95 16.31 -49.09
N VAL E 102 -19.05 17.05 -49.08
CA VAL E 102 -20.36 16.47 -49.41
C VAL E 102 -20.36 15.96 -50.85
N LYS E 103 -19.81 16.76 -51.77
CA LYS E 103 -19.73 16.31 -53.15
C LYS E 103 -18.87 15.04 -53.27
N THR E 104 -17.76 15.00 -52.54
CA THR E 104 -16.89 13.83 -52.58
C THR E 104 -17.57 12.59 -52.01
N ILE E 105 -18.36 12.76 -50.94
CA ILE E 105 -19.08 11.62 -50.38
C ILE E 105 -20.10 11.09 -51.38
N ALA E 106 -20.81 11.99 -52.07
CA ALA E 106 -21.74 11.56 -53.10
C ALA E 106 -21.01 10.79 -54.20
N LEU E 107 -19.87 11.31 -54.65
CA LEU E 107 -19.12 10.65 -55.70
C LEU E 107 -18.63 9.27 -55.27
N CYS E 108 -18.12 9.18 -54.04
CA CYS E 108 -17.62 7.90 -53.54
C CYS E 108 -18.74 6.88 -53.40
N GLU E 109 -19.91 7.31 -52.94
CA GLU E 109 -21.04 6.39 -52.87
C GLU E 109 -21.47 5.92 -54.25
N LYS E 110 -21.46 6.83 -55.24
CA LYS E 110 -21.86 6.43 -56.58
C LYS E 110 -20.85 5.44 -57.19
N GLN E 111 -19.57 5.63 -56.92
CA GLN E 111 -18.53 4.73 -57.42
C GLN E 111 -18.42 3.44 -56.62
N ALA E 112 -19.42 3.12 -55.80
CA ALA E 112 -19.46 1.87 -55.04
C ALA E 112 -18.22 1.71 -54.15
N ASP E 113 -17.77 2.81 -53.57
CA ASP E 113 -16.62 2.82 -52.67
C ASP E 113 -17.12 3.27 -51.30
N TYR E 114 -17.18 2.35 -50.35
CA TYR E 114 -17.86 2.60 -49.09
C TYR E 114 -16.92 2.85 -47.91
N VAL E 115 -15.69 2.32 -47.94
CA VAL E 115 -14.76 2.57 -46.84
C VAL E 115 -14.29 4.02 -46.84
N SER E 116 -13.91 4.53 -48.01
CA SER E 116 -13.61 5.96 -48.10
C SER E 116 -14.83 6.80 -47.82
N ARG E 117 -16.03 6.31 -48.17
CA ARG E 117 -17.24 7.03 -47.81
C ARG E 117 -17.39 7.15 -46.30
N ASP E 118 -17.10 6.07 -45.56
CA ASP E 118 -17.16 6.13 -44.10
C ASP E 118 -16.12 7.09 -43.55
N LEU E 119 -14.90 7.06 -44.09
CA LEU E 119 -13.87 7.99 -43.65
C LEU E 119 -14.30 9.44 -43.90
N LEU E 120 -14.85 9.71 -45.07
CA LEU E 120 -15.30 11.07 -45.37
C LEU E 120 -16.54 11.45 -44.57
N SER E 121 -17.34 10.47 -44.14
CA SER E 121 -18.46 10.77 -43.26
C SER E 121 -17.97 11.19 -41.88
N GLU E 122 -16.92 10.53 -41.40
CA GLU E 122 -16.28 11.00 -40.17
C GLU E 122 -15.73 12.41 -40.34
N PHE E 123 -15.08 12.66 -41.47
CA PHE E 123 -14.56 13.99 -41.75
C PHE E 123 -15.70 15.02 -41.78
N LEU E 124 -16.82 14.65 -42.39
CA LEU E 124 -17.97 15.56 -42.48
C LEU E 124 -18.56 15.84 -41.10
N GLU E 125 -18.64 14.82 -40.25
CA GLU E 125 -19.14 15.04 -38.89
C GLU E 125 -18.26 16.03 -38.14
N GLU E 126 -16.93 15.83 -38.21
CA GLU E 126 -16.02 16.75 -37.53
C GLU E 126 -16.11 18.15 -38.13
N CYS E 127 -16.21 18.26 -39.45
CA CYS E 127 -16.29 19.56 -40.09
C CYS E 127 -17.57 20.30 -39.70
N GLU E 128 -18.69 19.58 -39.64
CA GLU E 128 -19.95 20.21 -39.22
C GLU E 128 -19.87 20.66 -37.78
N GLU E 129 -19.22 19.87 -36.91
CA GLU E 129 -19.02 20.30 -35.54
C GLU E 129 -18.18 21.58 -35.47
N ARG E 130 -17.11 21.64 -36.28
CA ARG E 130 -16.28 22.84 -36.30
C ARG E 130 -17.05 24.05 -36.84
N MET E 131 -17.86 23.85 -37.86
CA MET E 131 -18.68 24.93 -38.40
C MET E 131 -19.65 25.45 -37.35
N ASP E 132 -20.29 24.53 -36.61
CA ASP E 132 -21.19 24.95 -35.53
C ASP E 132 -20.43 25.73 -34.48
N PHE E 133 -19.22 25.27 -34.13
CA PHE E 133 -18.42 25.98 -33.13
C PHE E 133 -18.10 27.40 -33.58
N TYR E 134 -17.69 27.56 -34.84
CA TYR E 134 -17.28 28.88 -35.30
C TYR E 134 -18.47 29.82 -35.47
N GLU E 135 -19.60 29.29 -35.95
CA GLU E 135 -20.83 30.10 -35.99
C GLU E 135 -21.24 30.52 -34.58
N THR E 136 -21.13 29.61 -33.61
CA THR E 136 -21.45 29.95 -32.23
C THR E 136 -20.50 31.00 -31.69
N GLN E 137 -19.22 30.92 -32.03
CA GLN E 137 -18.25 31.90 -31.54
C GLN E 137 -18.53 33.29 -32.12
N LEU E 138 -18.87 33.35 -33.41
CA LEU E 138 -19.22 34.65 -33.98
C LEU E 138 -20.50 35.20 -33.36
N GLU E 139 -21.48 34.34 -33.12
CA GLU E 139 -22.68 34.76 -32.41
C GLU E 139 -22.35 35.25 -31.01
N LEU E 140 -21.40 34.59 -30.34
CA LEU E 140 -20.98 35.00 -29.01
C LEU E 140 -20.32 36.37 -29.03
N VAL E 141 -19.48 36.62 -30.03
CA VAL E 141 -18.90 37.95 -30.19
C VAL E 141 -20.03 38.98 -30.32
N LYS E 142 -20.99 38.70 -31.20
CA LYS E 142 -22.09 39.64 -31.40
C LYS E 142 -22.87 39.88 -30.11
N LYS E 143 -23.14 38.81 -29.35
CA LYS E 143 -24.00 38.91 -28.18
C LYS E 143 -23.30 39.58 -27.00
N MET E 144 -22.02 39.28 -26.79
CA MET E 144 -21.34 39.70 -25.57
C MET E 144 -20.35 40.84 -25.78
N GLY E 145 -20.15 41.31 -27.00
CA GLY E 145 -19.19 42.39 -27.20
C GLY E 145 -17.80 41.87 -27.48
N GLU E 146 -17.08 42.58 -28.34
CA GLU E 146 -15.73 42.15 -28.70
C GLU E 146 -14.81 42.14 -27.48
N GLN E 147 -14.91 43.16 -26.63
CA GLN E 147 -14.05 43.23 -25.47
C GLN E 147 -14.27 42.06 -24.53
N ASN E 148 -15.53 41.72 -24.26
CA ASN E 148 -15.83 40.58 -23.39
C ASN E 148 -15.37 39.27 -24.03
N TYR E 149 -15.61 39.12 -25.34
CA TYR E 149 -15.17 37.89 -26.00
C TYR E 149 -13.65 37.74 -25.95
N LEU E 150 -12.93 38.82 -26.21
CA LEU E 150 -11.47 38.76 -26.17
C LEU E 150 -10.98 38.48 -24.75
N GLN E 151 -11.65 39.05 -23.74
CA GLN E 151 -11.27 38.78 -22.37
C GLN E 151 -11.47 37.30 -22.02
N SER E 152 -12.57 36.72 -22.48
CA SER E 152 -12.76 35.28 -22.30
C SER E 152 -11.78 34.47 -23.13
N ALA E 153 -11.28 35.03 -24.22
CA ALA E 153 -10.33 34.34 -25.08
C ALA E 153 -8.93 34.33 -24.49
N VAL E 154 -8.55 35.34 -23.71
CA VAL E 154 -7.25 35.30 -23.06
C VAL E 154 -7.17 34.19 -22.02
N GLY E 155 -8.32 33.67 -21.57
CA GLY E 155 -8.31 32.66 -20.54
C GLY E 155 -7.79 33.22 -19.24
N ALA E 156 -7.13 32.36 -18.47
CA ALA E 156 -6.46 32.81 -17.26
C ALA E 156 -5.22 33.62 -17.63
N LEU E 157 -5.07 34.78 -16.99
CA LEU E 157 -3.94 35.67 -17.29
C LEU E 157 -2.63 35.08 -16.77
N ARG F 5 14.12 43.03 -41.34
CA ARG F 5 13.49 42.68 -42.61
C ARG F 5 14.22 41.52 -43.28
N THR F 6 15.54 41.64 -43.40
CA THR F 6 16.34 40.56 -43.97
C THR F 6 16.29 39.32 -43.09
N VAL F 7 16.38 39.51 -41.77
CA VAL F 7 16.28 38.38 -40.84
C VAL F 7 14.92 37.72 -40.96
N LEU F 8 13.85 38.51 -41.06
CA LEU F 8 12.52 37.95 -41.19
C LEU F 8 12.35 37.18 -42.49
N ALA F 9 12.89 37.70 -43.60
CA ALA F 9 12.81 36.97 -44.86
C ALA F 9 13.60 35.66 -44.80
N ALA F 10 14.79 35.69 -44.19
CA ALA F 10 15.57 34.47 -44.05
C ALA F 10 14.86 33.45 -43.18
N LEU F 11 14.24 33.90 -42.09
CA LEU F 11 13.49 32.99 -41.23
C LEU F 11 12.27 32.44 -41.95
N ASN F 12 11.64 33.24 -42.82
CA ASN F 12 10.52 32.73 -43.60
C ASN F 12 10.98 31.67 -44.59
N ASP F 13 12.15 31.85 -45.18
CA ASP F 13 12.70 30.81 -46.06
C ASP F 13 12.99 29.52 -45.29
N VAL F 14 13.58 29.66 -44.10
CA VAL F 14 13.83 28.47 -43.27
C VAL F 14 12.51 27.80 -42.90
N LEU F 15 11.48 28.60 -42.61
CA LEU F 15 10.17 28.04 -42.31
C LEU F 15 9.58 27.32 -43.51
N ARG F 16 9.77 27.87 -44.72
CA ARG F 16 9.30 27.20 -45.92
C ARG F 16 9.97 25.84 -46.08
N HIS F 17 11.28 25.77 -45.85
CA HIS F 17 11.91 24.47 -45.96
C HIS F 17 11.42 23.54 -44.86
N GLN F 18 11.17 24.06 -43.66
CA GLN F 18 10.68 23.23 -42.57
C GLN F 18 9.31 22.64 -42.91
N LEU F 19 8.44 23.44 -43.50
CA LEU F 19 7.14 22.95 -43.93
C LEU F 19 7.28 21.88 -45.01
N THR F 20 8.17 22.12 -45.97
CA THR F 20 8.42 21.11 -47.01
C THR F 20 8.93 19.82 -46.40
N ALA F 21 9.85 19.92 -45.44
CA ALA F 21 10.38 18.73 -44.78
C ALA F 21 9.31 18.01 -44.00
N ILE F 22 8.42 18.74 -43.34
CA ILE F 22 7.31 18.11 -42.63
C ILE F 22 6.48 17.28 -43.60
N ASN F 23 6.09 17.90 -44.72
CA ASN F 23 5.25 17.20 -45.69
C ASN F 23 5.95 15.97 -46.25
N GLN F 24 7.21 16.13 -46.65
CA GLN F 24 7.94 15.02 -47.27
C GLN F 24 8.17 13.89 -46.26
N TYR F 25 8.54 14.23 -45.03
CA TYR F 25 8.77 13.21 -44.01
C TYR F 25 7.48 12.46 -43.70
N PHE F 26 6.36 13.17 -43.59
CA PHE F 26 5.11 12.47 -43.29
C PHE F 26 4.69 11.57 -44.45
N LEU F 27 4.84 12.04 -45.68
CA LEU F 27 4.51 11.20 -46.82
C LEU F 27 5.40 9.96 -46.87
N HIS F 28 6.69 10.13 -46.63
CA HIS F 28 7.59 8.98 -46.64
C HIS F 28 7.25 8.02 -45.52
N ALA F 29 6.92 8.53 -44.34
CA ALA F 29 6.54 7.64 -43.23
C ALA F 29 5.28 6.86 -43.56
N ARG F 30 4.28 7.52 -44.14
CA ARG F 30 3.05 6.81 -44.49
C ARG F 30 3.30 5.80 -45.60
N MET F 31 4.28 6.07 -46.47
CA MET F 31 4.63 5.10 -47.50
C MET F 31 5.34 3.89 -46.91
N MET F 32 6.24 4.09 -45.95
CA MET F 32 6.84 2.95 -45.26
C MET F 32 5.77 2.12 -44.57
N LYS F 33 4.85 2.79 -43.86
CA LYS F 33 3.77 2.07 -43.21
C LYS F 33 2.87 1.36 -44.21
N ASN F 34 2.77 1.90 -45.42
CA ASN F 34 1.98 1.26 -46.46
C ASN F 34 2.60 -0.04 -46.94
N TRP F 35 3.93 -0.13 -46.91
CA TRP F 35 4.64 -1.32 -47.40
C TRP F 35 5.20 -2.17 -46.29
N GLY F 36 4.71 -2.00 -45.06
CA GLY F 36 5.12 -2.86 -43.97
C GLY F 36 6.45 -2.53 -43.35
N PHE F 37 7.13 -1.48 -43.80
CA PHE F 37 8.38 -1.05 -43.17
C PHE F 37 8.02 -0.27 -41.91
N ASN F 38 7.72 -1.01 -40.85
CA ASN F 38 7.20 -0.40 -39.63
C ASN F 38 8.27 0.35 -38.87
N ALA F 39 9.48 -0.20 -38.79
CA ALA F 39 10.54 0.49 -38.06
C ALA F 39 10.92 1.79 -38.75
N LEU F 40 11.16 1.73 -40.07
CA LEU F 40 11.50 2.94 -40.80
C LEU F 40 10.33 3.91 -40.85
N GLY F 41 9.11 3.39 -40.93
CA GLY F 41 7.94 4.26 -40.88
C GLY F 41 7.83 4.99 -39.55
N LYS F 42 8.07 4.28 -38.45
CA LYS F 42 8.05 4.93 -37.14
C LYS F 42 9.14 5.99 -37.04
N HIS F 43 10.34 5.69 -37.54
CA HIS F 43 11.40 6.68 -37.47
C HIS F 43 11.08 7.92 -38.31
N GLU F 44 10.54 7.72 -39.51
CA GLU F 44 10.19 8.86 -40.35
C GLU F 44 9.05 9.67 -39.75
N TYR F 45 8.09 8.99 -39.13
CA TYR F 45 7.01 9.69 -38.42
C TYR F 45 7.58 10.52 -37.28
N LYS F 46 8.52 9.96 -36.52
CA LYS F 46 9.16 10.72 -35.45
C LYS F 46 9.90 11.93 -35.99
N GLU F 47 10.63 11.77 -37.09
CA GLU F 47 11.34 12.90 -37.68
C GLU F 47 10.36 13.97 -38.17
N SER F 48 9.22 13.55 -38.71
CA SER F 48 8.19 14.51 -39.11
C SER F 48 7.68 15.29 -37.90
N ILE F 49 7.49 14.61 -36.78
CA ILE F 49 7.05 15.29 -35.56
C ILE F 49 8.10 16.28 -35.07
N GLU F 50 9.38 15.90 -35.12
CA GLU F 50 10.43 16.84 -34.71
C GLU F 50 10.48 18.05 -35.63
N GLU F 51 10.36 17.85 -36.94
CA GLU F 51 10.28 18.98 -37.86
C GLU F 51 9.06 19.82 -37.59
N MET F 52 7.97 19.19 -37.16
CA MET F 52 6.74 19.90 -36.84
C MET F 52 6.94 20.82 -35.65
N LYS F 53 7.58 20.30 -34.59
CA LYS F 53 7.89 21.11 -33.42
C LYS F 53 8.87 22.23 -33.77
N ALA F 54 9.86 21.93 -34.62
CA ALA F 54 10.80 22.97 -35.04
C ALA F 54 10.09 24.08 -35.80
N ALA F 55 9.15 23.73 -36.67
CA ALA F 55 8.37 24.75 -37.36
C ALA F 55 7.49 25.52 -36.39
N ASP F 56 6.98 24.86 -35.35
CA ASP F 56 6.25 25.57 -34.30
C ASP F 56 7.13 26.64 -33.65
N LYS F 57 8.35 26.26 -33.27
CA LYS F 57 9.27 27.22 -32.67
C LYS F 57 9.60 28.36 -33.63
N LEU F 58 9.83 28.03 -34.90
CA LEU F 58 10.18 29.05 -35.88
C LEU F 58 9.02 30.01 -36.12
N ILE F 59 7.80 29.50 -36.19
CA ILE F 59 6.64 30.37 -36.37
C ILE F 59 6.48 31.28 -35.16
N GLU F 60 6.67 30.74 -33.96
CA GLU F 60 6.60 31.59 -32.76
C GLU F 60 7.66 32.67 -32.80
N ARG F 61 8.87 32.32 -33.23
CA ARG F 61 9.94 33.32 -33.33
C ARG F 61 9.60 34.40 -34.35
N ILE F 62 9.08 34.00 -35.51
CA ILE F 62 8.75 34.96 -36.56
C ILE F 62 7.65 35.91 -36.08
N LEU F 63 6.64 35.36 -35.39
CA LEU F 63 5.58 36.21 -34.85
C LEU F 63 6.11 37.16 -33.79
N LEU F 64 6.99 36.67 -32.91
CA LEU F 64 7.58 37.53 -31.88
C LEU F 64 8.40 38.66 -32.49
N LEU F 65 8.89 38.50 -33.71
CA LEU F 65 9.68 39.52 -34.38
C LEU F 65 8.82 40.48 -35.21
N GLU F 66 7.51 40.50 -34.97
CA GLU F 66 6.59 41.37 -35.71
C GLU F 66 6.64 41.10 -37.21
N GLY F 67 6.60 39.81 -37.57
CA GLY F 67 6.62 39.42 -38.96
C GLY F 67 5.45 38.49 -39.26
N LEU F 68 5.22 38.28 -40.56
CA LEU F 68 4.14 37.42 -41.00
C LEU F 68 4.71 36.08 -41.45
N PRO F 69 4.53 35.00 -40.69
CA PRO F 69 5.05 33.71 -41.12
C PRO F 69 4.38 33.26 -42.40
N ASN F 70 5.15 32.60 -43.25
CA ASN F 70 4.66 32.12 -44.53
C ASN F 70 4.44 30.62 -44.45
N LEU F 71 3.18 30.20 -44.51
CA LEU F 71 2.81 28.80 -44.61
C LEU F 71 2.16 28.48 -45.94
N GLN F 72 2.00 29.47 -46.81
CA GLN F 72 1.47 29.23 -48.14
C GLN F 72 2.50 28.56 -49.04
N ASP F 73 3.74 29.07 -49.04
CA ASP F 73 4.77 28.62 -49.95
C ASP F 73 5.36 27.29 -49.49
N LEU F 74 5.63 26.41 -50.45
CA LEU F 74 6.25 25.12 -50.18
C LEU F 74 7.24 24.80 -51.28
N GLY F 75 8.42 24.31 -50.88
CA GLY F 75 9.38 23.83 -51.84
C GLY F 75 8.97 22.48 -52.40
N LYS F 76 9.69 22.04 -53.43
CA LYS F 76 9.31 20.81 -54.12
C LYS F 76 9.63 19.59 -53.26
N LEU F 77 8.69 18.65 -53.21
CA LEU F 77 8.88 17.41 -52.47
C LEU F 77 9.67 16.41 -53.31
N LEU F 78 10.56 15.67 -52.64
CA LEU F 78 11.33 14.61 -53.28
C LEU F 78 10.71 13.28 -52.87
N ILE F 79 9.70 12.87 -53.63
CA ILE F 79 8.90 11.69 -53.29
C ILE F 79 9.50 10.50 -54.03
N GLY F 80 10.06 9.55 -53.26
CA GLY F 80 10.67 8.38 -53.85
C GLY F 80 9.75 7.18 -53.90
N GLU F 81 10.10 6.22 -54.76
CA GLU F 81 9.29 5.03 -54.94
C GLU F 81 9.86 3.78 -54.30
N ASN F 82 11.09 3.83 -53.78
CA ASN F 82 11.62 2.74 -52.97
C ASN F 82 12.40 3.31 -51.80
N VAL F 83 12.69 2.45 -50.82
CA VAL F 83 13.27 2.92 -49.56
C VAL F 83 14.62 3.61 -49.75
N PRO F 84 15.60 3.04 -50.47
CA PRO F 84 16.85 3.78 -50.69
C PRO F 84 16.63 5.09 -51.44
N GLU F 85 15.66 5.13 -52.35
CA GLU F 85 15.37 6.37 -53.05
C GLU F 85 14.93 7.46 -52.09
N MET F 86 14.04 7.13 -51.15
CA MET F 86 13.65 8.14 -50.16
C MET F 86 14.76 8.45 -49.18
N LEU F 87 15.63 7.49 -48.89
CA LEU F 87 16.78 7.79 -48.03
C LEU F 87 17.67 8.85 -48.69
N LYS F 88 17.98 8.67 -49.97
CA LYS F 88 18.81 9.67 -50.65
C LYS F 88 18.08 10.98 -50.84
N ASN F 89 16.75 10.93 -51.06
CA ASN F 89 15.98 12.16 -51.19
C ASN F 89 15.98 12.96 -49.89
N ASP F 90 15.77 12.27 -48.76
CA ASP F 90 15.81 12.94 -47.47
C ASP F 90 17.20 13.49 -47.18
N PHE F 91 18.24 12.74 -47.53
CA PHE F 91 19.59 13.23 -47.33
C PHE F 91 19.85 14.51 -48.14
N ALA F 92 19.41 14.54 -49.41
CA ALA F 92 19.59 15.72 -50.23
C ALA F 92 18.83 16.92 -49.66
N MET F 93 17.59 16.70 -49.26
CA MET F 93 16.81 17.79 -48.69
C MET F 93 17.46 18.32 -47.41
N GLU F 94 17.97 17.43 -46.58
CA GLU F 94 18.64 17.86 -45.35
C GLU F 94 19.93 18.61 -45.65
N LYS F 95 20.65 18.22 -46.71
CA LYS F 95 21.85 18.96 -47.10
C LYS F 95 21.50 20.39 -47.51
N ASP F 96 20.44 20.55 -48.30
CA ASP F 96 20.00 21.90 -48.66
C ASP F 96 19.58 22.68 -47.42
N ALA F 97 18.87 22.01 -46.50
CA ALA F 97 18.55 22.62 -45.21
C ALA F 97 19.79 23.13 -44.51
N HIS F 98 20.83 22.31 -44.47
CA HIS F 98 22.05 22.68 -43.77
C HIS F 98 22.70 23.91 -44.39
N ALA F 99 22.75 23.96 -45.72
CA ALA F 99 23.37 25.11 -46.38
C ALA F 99 22.59 26.39 -46.10
N ASP F 100 21.27 26.35 -46.31
CA ASP F 100 20.45 27.54 -46.09
C ASP F 100 20.49 27.96 -44.62
N LEU F 101 20.47 26.99 -43.70
CA LEU F 101 20.51 27.29 -42.28
C LEU F 101 21.83 27.93 -41.88
N VAL F 102 22.95 27.46 -42.43
CA VAL F 102 24.24 28.07 -42.11
C VAL F 102 24.27 29.51 -42.59
N LYS F 103 23.79 29.75 -43.82
CA LYS F 103 23.74 31.12 -44.31
C LYS F 103 22.85 32.00 -43.43
N THR F 104 21.71 31.46 -43.00
CA THR F 104 20.79 32.23 -42.16
C THR F 104 21.39 32.51 -40.79
N ILE F 105 22.12 31.56 -40.21
CA ILE F 105 22.77 31.78 -38.92
C ILE F 105 23.83 32.86 -39.04
N ALA F 106 24.60 32.84 -40.11
CA ALA F 106 25.57 33.90 -40.33
C ALA F 106 24.89 35.26 -40.46
N LEU F 107 23.77 35.31 -41.19
CA LEU F 107 23.04 36.56 -41.34
C LEU F 107 22.50 37.05 -39.99
N CYS F 108 21.93 36.14 -39.20
CA CYS F 108 21.38 36.52 -37.91
C CYS F 108 22.47 37.04 -36.97
N GLU F 109 23.65 36.41 -37.01
CA GLU F 109 24.78 36.92 -36.22
C GLU F 109 25.21 38.30 -36.71
N LYS F 110 25.18 38.53 -38.03
CA LYS F 110 25.54 39.83 -38.55
C LYS F 110 24.55 40.91 -38.11
N GLN F 111 23.26 40.61 -38.14
CA GLN F 111 22.23 41.57 -37.74
C GLN F 111 21.96 41.52 -36.24
N ALA F 112 22.81 40.85 -35.47
CA ALA F 112 22.77 40.85 -34.01
C ALA F 112 21.45 40.29 -33.47
N ASP F 113 20.81 39.39 -34.20
CA ASP F 113 19.62 38.69 -33.72
C ASP F 113 20.11 37.40 -33.08
N TYR F 114 20.37 37.44 -31.78
CA TYR F 114 21.02 36.34 -31.10
C TYR F 114 20.06 35.27 -30.60
N VAL F 115 18.82 35.63 -30.28
CA VAL F 115 17.83 34.63 -29.91
C VAL F 115 17.44 33.80 -31.12
N SER F 116 17.23 34.46 -32.27
CA SER F 116 17.00 33.74 -33.52
C SER F 116 18.21 32.88 -33.85
N ARG F 117 19.41 33.38 -33.58
CA ARG F 117 20.61 32.59 -33.84
C ARG F 117 20.63 31.34 -32.97
N ASP F 118 20.23 31.46 -31.70
CA ASP F 118 20.19 30.29 -30.83
C ASP F 118 19.18 29.26 -31.32
N LEU F 119 17.99 29.74 -31.72
CA LEU F 119 16.99 28.82 -32.26
C LEU F 119 17.49 28.12 -33.52
N LEU F 120 18.14 28.87 -34.41
CA LEU F 120 18.64 28.27 -35.64
C LEU F 120 19.81 27.34 -35.37
N SER F 121 20.57 27.57 -34.29
CA SER F 121 21.62 26.64 -33.93
C SER F 121 21.05 25.32 -33.42
N GLU F 122 19.95 25.40 -32.65
CA GLU F 122 19.25 24.16 -32.29
C GLU F 122 18.76 23.43 -33.53
N PHE F 123 18.21 24.19 -34.48
CA PHE F 123 17.76 23.59 -35.75
C PHE F 123 18.91 22.93 -36.49
N LEU F 124 20.07 23.59 -36.53
CA LEU F 124 21.23 23.04 -37.22
C LEU F 124 21.73 21.78 -36.55
N GLU F 125 21.73 21.74 -35.22
CA GLU F 125 22.09 20.53 -34.50
C GLU F 125 21.18 19.37 -34.92
N GLU F 126 19.87 19.60 -34.89
CA GLU F 126 18.95 18.54 -35.29
C GLU F 126 19.15 18.12 -36.75
N CYS F 127 19.37 19.11 -37.62
CA CYS F 127 19.54 18.81 -39.05
C CYS F 127 20.81 18.00 -39.30
N GLU F 128 21.90 18.34 -38.62
CA GLU F 128 23.13 17.59 -38.82
C GLU F 128 23.02 16.18 -38.27
N GLU F 129 22.32 16.00 -37.15
CA GLU F 129 22.06 14.64 -36.66
C GLU F 129 21.25 13.84 -37.67
N ARG F 130 20.22 14.45 -38.26
CA ARG F 130 19.42 13.74 -39.27
C ARG F 130 20.25 13.42 -40.51
N MET F 131 21.11 14.34 -40.93
CA MET F 131 21.99 14.10 -42.07
C MET F 131 22.92 12.92 -41.80
N ASP F 132 23.50 12.87 -40.60
CA ASP F 132 24.35 11.75 -40.23
C ASP F 132 23.55 10.45 -40.22
N PHE F 133 22.32 10.49 -39.71
CA PHE F 133 21.48 9.30 -39.69
C PHE F 133 21.21 8.80 -41.11
N TYR F 134 20.94 9.69 -42.05
CA TYR F 134 20.59 9.26 -43.39
C TYR F 134 21.80 8.75 -44.16
N GLU F 135 22.97 9.39 -43.97
CA GLU F 135 24.19 8.85 -44.55
C GLU F 135 24.51 7.49 -43.97
N THR F 136 24.29 7.32 -42.66
CA THR F 136 24.50 6.03 -42.02
C THR F 136 23.57 4.97 -42.59
N GLN F 137 22.31 5.34 -42.82
CA GLN F 137 21.37 4.39 -43.41
C GLN F 137 21.79 3.98 -44.81
N LEU F 138 22.28 4.93 -45.62
CA LEU F 138 22.75 4.58 -46.96
C LEU F 138 23.96 3.65 -46.89
N GLU F 139 24.91 3.95 -46.00
CA GLU F 139 26.08 3.09 -45.87
C GLU F 139 25.69 1.71 -45.35
N LEU F 140 24.70 1.63 -44.46
CA LEU F 140 24.22 0.35 -43.99
C LEU F 140 23.55 -0.44 -45.10
N VAL F 141 22.80 0.25 -45.97
CA VAL F 141 22.22 -0.41 -47.14
C VAL F 141 23.32 -1.01 -47.99
N LYS F 142 24.39 -0.26 -48.22
CA LYS F 142 25.51 -0.81 -48.99
C LYS F 142 26.19 -1.96 -48.25
N LYS F 143 26.23 -1.92 -46.93
CA LYS F 143 26.97 -2.92 -46.16
C LYS F 143 26.21 -4.24 -46.04
N MET F 144 25.04 -4.22 -45.40
CA MET F 144 24.30 -5.47 -45.21
C MET F 144 23.53 -5.89 -46.45
N GLY F 145 23.47 -5.05 -47.48
CA GLY F 145 22.70 -5.35 -48.66
C GLY F 145 21.26 -4.85 -48.55
N GLU F 146 20.63 -4.71 -49.71
CA GLU F 146 19.29 -4.13 -49.75
C GLU F 146 18.27 -5.03 -49.06
N GLN F 147 18.38 -6.34 -49.24
CA GLN F 147 17.39 -7.25 -48.67
C GLN F 147 17.49 -7.28 -47.14
N ASN F 148 18.71 -7.31 -46.61
CA ASN F 148 18.88 -7.28 -45.16
C ASN F 148 18.40 -5.96 -44.57
N TYR F 149 18.66 -4.85 -45.25
CA TYR F 149 18.21 -3.56 -44.74
C TYR F 149 16.68 -3.47 -44.78
N LEU F 150 16.05 -3.99 -45.82
CA LEU F 150 14.59 -3.98 -45.85
C LEU F 150 14.01 -4.89 -44.78
N GLN F 151 14.66 -6.03 -44.52
CA GLN F 151 14.23 -6.88 -43.42
C GLN F 151 14.33 -6.16 -42.08
N SER F 152 15.42 -5.41 -41.87
CA SER F 152 15.55 -4.61 -40.67
C SER F 152 14.47 -3.53 -40.60
N ALA F 153 14.17 -2.89 -41.73
CA ALA F 153 13.20 -1.80 -41.75
C ALA F 153 11.79 -2.31 -41.47
N VAL F 154 11.47 -3.54 -41.89
CA VAL F 154 10.16 -4.09 -41.58
C VAL F 154 9.98 -4.23 -40.07
N GLY F 155 10.99 -4.71 -39.38
CA GLY F 155 10.88 -4.86 -37.93
C GLY F 155 9.95 -6.01 -37.59
N ALA F 156 9.06 -5.78 -36.62
CA ALA F 156 8.12 -6.79 -36.20
C ALA F 156 7.08 -7.04 -37.28
N LEU F 157 6.81 -8.31 -37.55
CA LEU F 157 5.87 -8.70 -38.60
C LEU F 157 4.48 -8.95 -38.04
N ASN G 4 -46.91 37.99 2.44
CA ASN G 4 -47.66 39.03 3.15
C ASN G 4 -46.82 39.62 4.29
N ARG G 5 -47.26 40.77 4.80
CA ARG G 5 -46.52 41.44 5.86
C ARG G 5 -46.61 40.69 7.18
N THR G 6 -47.70 39.97 7.41
CA THR G 6 -47.86 39.25 8.68
C THR G 6 -46.86 38.10 8.80
N VAL G 7 -46.66 37.36 7.71
CA VAL G 7 -45.70 36.26 7.75
C VAL G 7 -44.29 36.78 7.94
N LEU G 8 -43.95 37.89 7.28
CA LEU G 8 -42.62 38.48 7.46
C LEU G 8 -42.44 38.99 8.89
N ALA G 9 -43.49 39.57 9.47
CA ALA G 9 -43.40 40.01 10.86
C ALA G 9 -43.19 38.83 11.80
N ALA G 10 -43.92 37.74 11.58
CA ALA G 10 -43.75 36.55 12.43
C ALA G 10 -42.36 35.97 12.27
N LEU G 11 -41.85 35.91 11.04
CA LEU G 11 -40.50 35.38 10.82
C LEU G 11 -39.45 36.27 11.47
N ASN G 12 -39.65 37.59 11.44
CA ASN G 12 -38.71 38.50 12.09
C ASN G 12 -38.76 38.34 13.60
N ASP G 13 -39.95 38.11 14.17
CA ASP G 13 -40.05 37.83 15.59
C ASP G 13 -39.29 36.55 15.96
N VAL G 14 -39.47 35.50 15.16
CA VAL G 14 -38.73 34.25 15.40
C VAL G 14 -37.24 34.48 15.26
N LEU G 15 -36.83 35.32 14.30
CA LEU G 15 -35.41 35.61 14.12
C LEU G 15 -34.84 36.37 15.30
N ARG G 16 -35.59 37.31 15.85
CA ARG G 16 -35.13 38.01 17.05
C ARG G 16 -35.00 37.04 18.22
N HIS G 17 -35.97 36.12 18.36
CA HIS G 17 -35.83 35.05 19.34
C HIS G 17 -34.54 34.26 19.11
N GLN G 18 -34.24 33.94 17.85
CA GLN G 18 -33.05 33.17 17.53
C GLN G 18 -31.78 33.91 17.91
N LEU G 19 -31.72 35.21 17.60
CA LEU G 19 -30.53 36.00 17.93
C LEU G 19 -30.34 36.12 19.43
N THR G 20 -31.44 36.33 20.17
CA THR G 20 -31.35 36.36 21.62
C THR G 20 -30.86 35.01 22.17
N ALA G 21 -31.36 33.91 21.61
CA ALA G 21 -30.91 32.59 22.03
C ALA G 21 -29.43 32.40 21.72
N ILE G 22 -28.97 32.86 20.56
CA ILE G 22 -27.55 32.75 20.21
C ILE G 22 -26.70 33.47 21.25
N ASN G 23 -27.06 34.72 21.54
CA ASN G 23 -26.27 35.49 22.49
C ASN G 23 -26.31 34.88 23.89
N GLN G 24 -27.48 34.41 24.32
CA GLN G 24 -27.60 33.83 25.64
C GLN G 24 -26.79 32.55 25.76
N TYR G 25 -26.87 31.67 24.76
CA TYR G 25 -26.10 30.44 24.78
C TYR G 25 -24.60 30.71 24.75
N PHE G 26 -24.16 31.67 23.93
CA PHE G 26 -22.74 31.94 23.88
C PHE G 26 -22.23 32.54 25.18
N LEU G 27 -22.99 33.46 25.78
CA LEU G 27 -22.58 33.99 27.07
C LEU G 27 -22.53 32.90 28.12
N HIS G 28 -23.54 32.03 28.15
CA HIS G 28 -23.56 30.96 29.15
C HIS G 28 -22.39 30.00 28.95
N ALA G 29 -22.06 29.66 27.71
CA ALA G 29 -20.91 28.81 27.46
C ALA G 29 -19.61 29.50 27.88
N ARG G 30 -19.49 30.80 27.60
CA ARG G 30 -18.29 31.53 27.98
C ARG G 30 -18.10 31.52 29.49
N MET G 31 -19.16 31.79 30.26
CA MET G 31 -19.02 31.76 31.71
C MET G 31 -18.86 30.34 32.24
N MET G 32 -19.47 29.35 31.58
CA MET G 32 -19.29 27.97 32.03
C MET G 32 -17.84 27.54 31.92
N LYS G 33 -17.17 27.84 30.80
CA LYS G 33 -15.75 27.54 30.72
C LYS G 33 -14.90 28.53 31.51
N ASN G 34 -15.44 29.70 31.84
CA ASN G 34 -14.75 30.56 32.79
C ASN G 34 -14.69 29.91 34.17
N TRP G 35 -15.75 29.21 34.55
CA TRP G 35 -15.80 28.51 35.83
C TRP G 35 -15.20 27.11 35.78
N GLY G 36 -14.71 26.68 34.63
CA GLY G 36 -14.13 25.35 34.52
C GLY G 36 -15.11 24.24 34.20
N PHE G 37 -16.34 24.57 33.81
CA PHE G 37 -17.32 23.56 33.41
C PHE G 37 -17.10 23.26 31.93
N ASN G 38 -16.13 22.39 31.67
CA ASN G 38 -15.71 22.14 30.29
C ASN G 38 -16.76 21.37 29.52
N ALA G 39 -17.33 20.32 30.10
CA ALA G 39 -18.29 19.49 29.39
C ALA G 39 -19.59 20.25 29.11
N LEU G 40 -20.15 20.86 30.15
CA LEU G 40 -21.36 21.65 29.97
C LEU G 40 -21.12 22.86 29.10
N GLY G 41 -19.96 23.51 29.25
CA GLY G 41 -19.63 24.63 28.39
C GLY G 41 -19.51 24.24 26.93
N LYS G 42 -18.92 23.07 26.67
CA LYS G 42 -18.84 22.57 25.30
C LYS G 42 -20.22 22.31 24.73
N HIS G 43 -21.08 21.67 25.52
CA HIS G 43 -22.43 21.40 25.02
C HIS G 43 -23.17 22.70 24.73
N GLU G 44 -23.02 23.70 25.61
CA GLU G 44 -23.69 24.98 25.42
C GLU G 44 -23.14 25.71 24.19
N TYR G 45 -21.83 25.63 23.97
CA TYR G 45 -21.25 26.25 22.79
C TYR G 45 -21.75 25.58 21.52
N LYS G 46 -21.86 24.25 21.53
CA LYS G 46 -22.43 23.54 20.38
C LYS G 46 -23.87 23.97 20.14
N GLU G 47 -24.66 24.08 21.20
CA GLU G 47 -26.05 24.53 21.03
C GLU G 47 -26.10 25.94 20.49
N SER G 48 -25.19 26.81 20.93
CA SER G 48 -25.12 28.15 20.39
C SER G 48 -24.83 28.13 18.89
N ILE G 49 -23.89 27.27 18.48
CA ILE G 49 -23.56 27.14 17.06
C ILE G 49 -24.77 26.68 16.27
N GLU G 50 -25.52 25.71 16.80
CA GLU G 50 -26.72 25.25 16.13
C GLU G 50 -27.75 26.35 16.02
N GLU G 51 -27.88 27.18 17.05
CA GLU G 51 -28.79 28.31 16.99
C GLU G 51 -28.37 29.30 15.92
N MET G 52 -27.06 29.50 15.74
CA MET G 52 -26.59 30.34 14.64
C MET G 52 -26.92 29.74 13.28
N LYS G 53 -26.79 28.42 13.13
CA LYS G 53 -27.19 27.80 11.87
C LYS G 53 -28.67 27.99 11.61
N ALA G 54 -29.49 27.87 12.65
CA ALA G 54 -30.92 28.11 12.52
C ALA G 54 -31.22 29.55 12.13
N ALA G 55 -30.54 30.51 12.76
CA ALA G 55 -30.74 31.91 12.39
C ALA G 55 -30.28 32.19 10.96
N ASP G 56 -29.24 31.48 10.52
CA ASP G 56 -28.83 31.55 9.12
C ASP G 56 -29.95 31.13 8.19
N LYS G 57 -30.57 29.97 8.48
CA LYS G 57 -31.68 29.50 7.65
C LYS G 57 -32.85 30.49 7.69
N LEU G 58 -33.11 31.05 8.85
CA LEU G 58 -34.20 32.02 8.98
C LEU G 58 -33.94 33.28 8.15
N ILE G 59 -32.70 33.77 8.16
CA ILE G 59 -32.37 34.94 7.35
C ILE G 59 -32.50 34.62 5.87
N GLU G 60 -32.06 33.41 5.46
CA GLU G 60 -32.30 32.96 4.09
C GLU G 60 -33.78 33.06 3.74
N ARG G 61 -34.64 32.51 4.58
CA ARG G 61 -36.07 32.47 4.26
C ARG G 61 -36.67 33.86 4.24
N ILE G 62 -36.25 34.73 5.14
CA ILE G 62 -36.80 36.08 5.18
C ILE G 62 -36.36 36.87 3.95
N LEU G 63 -35.11 36.71 3.52
CA LEU G 63 -34.65 37.39 2.32
C LEU G 63 -35.34 36.86 1.07
N LEU G 64 -35.55 35.55 1.01
CA LEU G 64 -36.25 34.97 -0.14
C LEU G 64 -37.68 35.50 -0.25
N LEU G 65 -38.32 35.78 0.88
CA LEU G 65 -39.68 36.30 0.90
C LEU G 65 -39.76 37.80 0.64
N GLU G 66 -38.69 38.38 0.07
CA GLU G 66 -38.64 39.80 -0.24
C GLU G 66 -38.85 40.66 1.01
N GLY G 67 -38.14 40.30 2.08
CA GLY G 67 -38.20 41.00 3.34
C GLY G 67 -36.81 41.46 3.78
N LEU G 68 -36.80 42.24 4.85
CA LEU G 68 -35.55 42.75 5.43
C LEU G 68 -35.41 42.21 6.84
N PRO G 69 -34.53 41.23 7.06
CA PRO G 69 -34.35 40.69 8.41
C PRO G 69 -33.86 41.77 9.37
N ASN G 70 -34.39 41.73 10.59
CA ASN G 70 -34.04 42.71 11.63
C ASN G 70 -33.00 42.04 12.53
N LEU G 71 -31.73 42.31 12.27
CA LEU G 71 -30.65 41.83 13.11
C LEU G 71 -30.25 42.84 14.18
N GLN G 72 -30.95 43.97 14.26
CA GLN G 72 -30.69 44.96 15.29
C GLN G 72 -31.39 44.61 16.60
N ASP G 73 -32.70 44.38 16.54
CA ASP G 73 -33.47 44.17 17.75
C ASP G 73 -33.10 42.85 18.41
N LEU G 74 -33.03 42.87 19.74
CA LEU G 74 -32.64 41.71 20.52
C LEU G 74 -33.52 41.66 21.77
N GLY G 75 -33.73 40.44 22.27
CA GLY G 75 -34.49 40.25 23.49
C GLY G 75 -33.62 40.45 24.72
N LYS G 76 -34.26 40.36 25.87
CA LYS G 76 -33.55 40.47 27.14
C LYS G 76 -32.79 39.18 27.43
N LEU G 77 -31.53 39.32 27.81
CA LEU G 77 -30.66 38.18 28.06
C LEU G 77 -30.78 37.76 29.52
N LEU G 78 -31.15 36.50 29.75
CA LEU G 78 -31.26 35.95 31.10
C LEU G 78 -29.93 35.28 31.44
N ILE G 79 -28.98 36.09 31.89
CA ILE G 79 -27.66 35.60 32.24
C ILE G 79 -27.70 35.04 33.65
N GLY G 80 -27.25 33.80 33.81
CA GLY G 80 -27.34 33.12 35.09
C GLY G 80 -26.13 33.35 35.97
N GLU G 81 -26.38 33.33 37.28
CA GLU G 81 -25.30 33.50 38.27
C GLU G 81 -24.56 32.21 38.54
N ASN G 82 -25.18 31.06 38.29
CA ASN G 82 -24.50 29.77 38.43
C ASN G 82 -25.13 28.79 37.44
N VAL G 83 -24.63 27.56 37.47
CA VAL G 83 -25.05 26.56 36.47
C VAL G 83 -26.54 26.26 36.55
N PRO G 84 -27.13 25.94 37.72
CA PRO G 84 -28.58 25.71 37.74
C PRO G 84 -29.39 26.91 37.28
N GLU G 85 -28.95 28.13 37.59
CA GLU G 85 -29.67 29.31 37.11
C GLU G 85 -29.57 29.45 35.60
N MET G 86 -28.41 29.11 35.02
CA MET G 86 -28.30 29.07 33.57
C MET G 86 -29.26 28.05 32.97
N LEU G 87 -29.35 26.87 33.58
CA LEU G 87 -30.26 25.86 33.07
C LEU G 87 -31.71 26.34 33.14
N LYS G 88 -32.10 26.94 34.26
CA LYS G 88 -33.47 27.46 34.38
C LYS G 88 -33.75 28.55 33.37
N ASN G 89 -32.81 29.49 33.19
CA ASN G 89 -33.01 30.59 32.26
C ASN G 89 -33.13 30.09 30.83
N ASP G 90 -32.23 29.19 30.43
CA ASP G 90 -32.28 28.63 29.09
C ASP G 90 -33.57 27.87 28.86
N PHE G 91 -34.00 27.07 29.83
CA PHE G 91 -35.24 26.33 29.69
C PHE G 91 -36.44 27.25 29.56
N ALA G 92 -36.48 28.31 30.37
CA ALA G 92 -37.61 29.23 30.33
C ALA G 92 -37.67 29.98 28.99
N MET G 93 -36.53 30.48 28.52
CA MET G 93 -36.56 31.20 27.26
C MET G 93 -36.85 30.25 26.09
N GLU G 94 -36.41 29.00 26.19
CA GLU G 94 -36.79 28.02 25.17
C GLU G 94 -38.28 27.75 25.20
N LYS G 95 -38.89 27.70 26.38
CA LYS G 95 -40.34 27.49 26.45
C LYS G 95 -41.09 28.64 25.79
N ASP G 96 -40.69 29.88 26.09
CA ASP G 96 -41.35 31.03 25.49
C ASP G 96 -41.14 31.05 23.98
N ALA G 97 -39.91 30.77 23.52
CA ALA G 97 -39.64 30.73 22.09
C ALA G 97 -40.42 29.61 21.42
N HIS G 98 -40.62 28.49 22.10
CA HIS G 98 -41.41 27.39 21.52
C HIS G 98 -42.87 27.79 21.37
N ALA G 99 -43.42 28.50 22.35
CA ALA G 99 -44.79 28.98 22.22
C ALA G 99 -44.93 29.93 21.03
N ASP G 100 -44.00 30.87 20.90
CA ASP G 100 -44.04 31.80 19.77
C ASP G 100 -43.85 31.06 18.45
N LEU G 101 -42.99 30.03 18.44
CA LEU G 101 -42.75 29.24 17.24
C LEU G 101 -44.01 28.50 16.82
N VAL G 102 -44.75 27.95 17.79
CA VAL G 102 -46.00 27.27 17.47
C VAL G 102 -47.00 28.24 16.89
N LYS G 103 -47.10 29.45 17.46
CA LYS G 103 -47.99 30.45 16.89
C LYS G 103 -47.57 30.82 15.47
N THR G 104 -46.27 30.94 15.23
CA THR G 104 -45.77 31.27 13.90
C THR G 104 -46.08 30.15 12.91
N ILE G 105 -45.93 28.89 13.32
CA ILE G 105 -46.26 27.77 12.44
C ILE G 105 -47.74 27.80 12.08
N ALA G 106 -48.60 28.06 13.07
CA ALA G 106 -50.02 28.15 12.80
C ALA G 106 -50.33 29.27 11.82
N LEU G 107 -49.69 30.43 12.01
CA LEU G 107 -49.93 31.55 11.10
C LEU G 107 -49.44 31.24 9.69
N CYS G 108 -48.30 30.57 9.57
CA CYS G 108 -47.79 30.20 8.25
C CYS G 108 -48.71 29.22 7.56
N GLU G 109 -49.24 28.24 8.29
CA GLU G 109 -50.22 27.33 7.69
C GLU G 109 -51.48 28.09 7.27
N LYS G 110 -51.91 29.07 8.07
CA LYS G 110 -53.10 29.83 7.75
C LYS G 110 -52.92 30.64 6.46
N GLN G 111 -51.71 31.13 6.21
CA GLN G 111 -51.43 31.97 5.05
C GLN G 111 -50.98 31.18 3.84
N ALA G 112 -51.07 29.85 3.88
CA ALA G 112 -50.61 28.97 2.80
C ALA G 112 -49.13 29.23 2.49
N ASP G 113 -48.33 29.36 3.53
CA ASP G 113 -46.88 29.52 3.42
C ASP G 113 -46.26 28.23 3.94
N TYR G 114 -46.06 27.27 3.04
CA TYR G 114 -45.72 25.91 3.45
C TYR G 114 -44.23 25.67 3.57
N VAL G 115 -43.40 26.30 2.73
CA VAL G 115 -41.96 26.17 2.90
C VAL G 115 -41.53 26.80 4.22
N SER G 116 -42.09 27.96 4.54
CA SER G 116 -41.85 28.57 5.83
C SER G 116 -42.31 27.67 6.96
N ARG G 117 -43.46 27.00 6.79
CA ARG G 117 -43.94 26.07 7.80
C ARG G 117 -42.98 24.91 7.98
N ASP G 118 -42.39 24.41 6.89
CA ASP G 118 -41.41 23.32 6.99
C ASP G 118 -40.18 23.77 7.75
N LEU G 119 -39.66 24.96 7.42
CA LEU G 119 -38.49 25.47 8.12
C LEU G 119 -38.78 25.67 9.61
N LEU G 120 -39.95 26.23 9.92
CA LEU G 120 -40.29 26.46 11.32
C LEU G 120 -40.59 25.15 12.06
N SER G 121 -41.07 24.13 11.35
CA SER G 121 -41.25 22.82 11.98
C SER G 121 -39.91 22.20 12.33
N GLU G 122 -38.92 22.36 11.45
CA GLU G 122 -37.56 21.93 11.81
C GLU G 122 -37.05 22.69 13.03
N PHE G 123 -37.28 24.01 13.06
CA PHE G 123 -36.88 24.81 14.22
C PHE G 123 -37.56 24.31 15.48
N LEU G 124 -38.85 23.97 15.38
CA LEU G 124 -39.59 23.49 16.54
C LEU G 124 -39.05 22.15 17.03
N GLU G 125 -38.70 21.26 16.11
CA GLU G 125 -38.12 19.98 16.50
C GLU G 125 -36.83 20.20 17.29
N GLU G 126 -35.93 21.02 16.75
CA GLU G 126 -34.68 21.30 17.47
C GLU G 126 -34.92 22.00 18.80
N CYS G 127 -35.87 22.95 18.83
CA CYS G 127 -36.14 23.68 20.05
C CYS G 127 -36.70 22.78 21.14
N GLU G 128 -37.60 21.85 20.78
CA GLU G 128 -38.12 20.94 21.79
C GLU G 128 -37.09 19.92 22.20
N GLU G 129 -36.15 19.55 21.32
CA GLU G 129 -35.03 18.74 21.77
C GLU G 129 -34.23 19.48 22.83
N ARG G 130 -33.93 20.76 22.61
CA ARG G 130 -33.23 21.57 23.61
C ARG G 130 -34.03 21.67 24.90
N MET G 131 -35.34 21.88 24.78
CA MET G 131 -36.20 22.03 25.94
C MET G 131 -36.22 20.76 26.78
N ASP G 132 -36.32 19.61 26.12
CA ASP G 132 -36.22 18.33 26.84
C ASP G 132 -34.86 18.20 27.50
N PHE G 133 -33.79 18.58 26.79
CA PHE G 133 -32.45 18.46 27.36
C PHE G 133 -32.33 19.26 28.64
N TYR G 134 -32.75 20.53 28.61
CA TYR G 134 -32.60 21.37 29.80
C TYR G 134 -33.53 20.92 30.92
N GLU G 135 -34.73 20.45 30.59
CA GLU G 135 -35.62 19.91 31.60
C GLU G 135 -35.00 18.72 32.30
N THR G 136 -34.43 17.78 31.52
CA THR G 136 -33.82 16.62 32.13
C THR G 136 -32.51 16.95 32.83
N GLN G 137 -31.81 18.01 32.42
CA GLN G 137 -30.63 18.42 33.16
C GLN G 137 -31.00 19.01 34.52
N LEU G 138 -32.09 19.78 34.57
CA LEU G 138 -32.57 20.26 35.87
C LEU G 138 -33.01 19.09 36.74
N GLU G 139 -33.72 18.13 36.16
CA GLU G 139 -34.10 16.95 36.93
C GLU G 139 -32.88 16.10 37.32
N LEU G 140 -31.81 16.15 36.53
CA LEU G 140 -30.59 15.46 36.90
C LEU G 140 -29.90 16.16 38.07
N VAL G 141 -29.90 17.50 38.06
CA VAL G 141 -29.40 18.25 39.21
C VAL G 141 -30.16 17.85 40.46
N LYS G 142 -31.48 17.68 40.33
CA LYS G 142 -32.28 17.23 41.46
C LYS G 142 -31.90 15.81 41.88
N LYS G 143 -31.82 14.88 40.91
CA LYS G 143 -31.67 13.47 41.22
C LYS G 143 -30.29 13.17 41.81
N MET G 144 -29.23 13.60 41.13
CA MET G 144 -27.87 13.26 41.53
C MET G 144 -27.24 14.30 42.44
N GLY G 145 -27.93 15.40 42.74
CA GLY G 145 -27.40 16.43 43.59
C GLY G 145 -26.65 17.50 42.82
N GLU G 146 -26.42 18.61 43.51
CA GLU G 146 -25.74 19.75 42.87
C GLU G 146 -24.26 19.46 42.67
N GLN G 147 -23.59 18.92 43.68
CA GLN G 147 -22.15 18.72 43.60
C GLN G 147 -21.79 17.64 42.58
N ASN G 148 -22.56 16.55 42.54
CA ASN G 148 -22.31 15.52 41.53
C ASN G 148 -22.58 16.06 40.13
N TYR G 149 -23.62 16.87 39.97
CA TYR G 149 -23.88 17.46 38.65
C TYR G 149 -22.76 18.39 38.23
N LEU G 150 -22.22 19.16 39.18
CA LEU G 150 -21.09 20.04 38.85
C LEU G 150 -19.86 19.23 38.49
N GLN G 151 -19.63 18.11 39.18
CA GLN G 151 -18.51 17.25 38.84
C GLN G 151 -18.67 16.68 37.44
N SER G 152 -19.89 16.29 37.06
CA SER G 152 -20.13 15.81 35.71
C SER G 152 -19.97 16.94 34.69
N ALA G 153 -20.41 18.14 35.04
CA ALA G 153 -20.33 19.27 34.12
C ALA G 153 -18.90 19.69 33.86
N VAL G 154 -18.01 19.52 34.85
CA VAL G 154 -16.60 19.81 34.62
C VAL G 154 -15.99 18.77 33.68
N GLY G 155 -16.28 17.50 33.91
CA GLY G 155 -15.74 16.44 33.08
C GLY G 155 -14.28 16.16 33.39
N ALA G 156 -13.51 15.84 32.35
CA ALA G 156 -12.10 15.53 32.55
C ALA G 156 -11.36 16.77 33.04
N LEU G 157 -10.59 16.60 34.10
CA LEU G 157 -9.89 17.72 34.73
C LEU G 157 -8.78 18.25 33.83
N ASN H 4 -9.65 46.01 36.00
CA ASN H 4 -9.83 47.46 36.13
C ASN H 4 -11.19 47.89 35.59
N ARG H 5 -11.76 48.95 36.17
CA ARG H 5 -13.08 49.39 35.77
C ARG H 5 -13.07 50.04 34.40
N THR H 6 -12.11 50.96 34.17
CA THR H 6 -12.03 51.64 32.89
C THR H 6 -11.69 50.67 31.76
N VAL H 7 -10.76 49.75 32.02
CA VAL H 7 -10.38 48.77 31.00
C VAL H 7 -11.56 47.86 30.68
N LEU H 8 -12.32 47.44 31.69
CA LEU H 8 -13.48 46.60 31.45
C LEU H 8 -14.55 47.33 30.66
N ALA H 9 -14.77 48.62 30.96
CA ALA H 9 -15.74 49.39 30.18
C ALA H 9 -15.31 49.53 28.73
N ALA H 10 -14.02 49.80 28.51
CA ALA H 10 -13.52 49.92 27.14
C ALA H 10 -13.63 48.61 26.39
N LEU H 11 -13.31 47.50 27.06
CA LEU H 11 -13.45 46.19 26.43
C LEU H 11 -14.91 45.89 26.12
N ASN H 12 -15.84 46.31 26.99
CA ASN H 12 -17.26 46.14 26.70
C ASN H 12 -17.68 46.93 25.47
N ASP H 13 -17.17 48.16 25.33
CA ASP H 13 -17.49 48.93 24.14
C ASP H 13 -16.93 48.27 22.89
N VAL H 14 -15.70 47.75 22.95
CA VAL H 14 -15.13 47.05 21.82
C VAL H 14 -15.96 45.82 21.47
N LEU H 15 -16.43 45.09 22.50
CA LEU H 15 -17.26 43.92 22.26
C LEU H 15 -18.59 44.30 21.63
N ARG H 16 -19.17 45.43 22.04
CA ARG H 16 -20.39 45.91 21.40
C ARG H 16 -20.15 46.17 19.91
N HIS H 17 -19.03 46.82 19.60
CA HIS H 17 -18.63 46.93 18.20
C HIS H 17 -18.54 45.56 17.53
N GLN H 18 -17.93 44.59 18.20
CA GLN H 18 -17.70 43.29 17.58
C GLN H 18 -19.02 42.60 17.25
N LEU H 19 -19.97 42.66 18.17
CA LEU H 19 -21.27 42.05 17.93
C LEU H 19 -22.02 42.77 16.81
N THR H 20 -21.95 44.11 16.79
CA THR H 20 -22.57 44.86 15.69
C THR H 20 -21.95 44.46 14.36
N ALA H 21 -20.63 44.35 14.31
CA ALA H 21 -19.95 43.97 13.08
C ALA H 21 -20.32 42.55 12.66
N ILE H 22 -20.45 41.63 13.63
CA ILE H 22 -20.86 40.28 13.29
C ILE H 22 -22.23 40.28 12.63
N ASN H 23 -23.18 40.99 13.23
CA ASN H 23 -24.54 41.01 12.67
C ASN H 23 -24.56 41.66 11.29
N GLN H 24 -23.86 42.79 11.13
CA GLN H 24 -23.85 43.46 9.84
C GLN H 24 -23.17 42.61 8.77
N TYR H 25 -22.04 42.00 9.09
CA TYR H 25 -21.34 41.14 8.14
C TYR H 25 -22.22 39.98 7.72
N PHE H 26 -22.88 39.34 8.67
CA PHE H 26 -23.68 38.17 8.31
C PHE H 26 -24.89 38.56 7.49
N LEU H 27 -25.55 39.67 7.85
CA LEU H 27 -26.67 40.13 7.04
C LEU H 27 -26.22 40.48 5.63
N HIS H 28 -25.10 41.18 5.49
CA HIS H 28 -24.61 41.55 4.17
C HIS H 28 -24.26 40.32 3.35
N ALA H 29 -23.62 39.33 3.98
CA ALA H 29 -23.32 38.07 3.29
C ALA H 29 -24.60 37.39 2.85
N ARG H 30 -25.63 37.43 3.69
CA ARG H 30 -26.87 36.75 3.36
C ARG H 30 -27.59 37.40 2.18
N MET H 31 -27.66 38.74 2.16
CA MET H 31 -28.27 39.37 0.99
C MET H 31 -27.38 39.27 -0.25
N MET H 32 -26.06 39.16 -0.09
CA MET H 32 -25.20 38.90 -1.24
C MET H 32 -25.49 37.53 -1.83
N LYS H 33 -25.62 36.52 -0.98
CA LYS H 33 -26.01 35.19 -1.45
C LYS H 33 -27.40 35.21 -2.06
N ASN H 34 -28.31 36.01 -1.50
CA ASN H 34 -29.65 36.13 -2.06
C ASN H 34 -29.61 36.72 -3.46
N TRP H 35 -28.73 37.71 -3.68
CA TRP H 35 -28.60 38.31 -5.00
C TRP H 35 -27.68 37.52 -5.92
N GLY H 36 -27.07 36.44 -5.44
CA GLY H 36 -26.27 35.58 -6.28
C GLY H 36 -24.80 35.93 -6.36
N PHE H 37 -24.31 36.84 -5.50
CA PHE H 37 -22.89 37.17 -5.48
C PHE H 37 -22.19 36.16 -4.58
N ASN H 38 -21.89 35.00 -5.17
CA ASN H 38 -21.40 33.87 -4.40
C ASN H 38 -20.00 34.12 -3.85
N ALA H 39 -19.11 34.72 -4.64
CA ALA H 39 -17.75 34.94 -4.17
C ALA H 39 -17.72 35.99 -3.08
N LEU H 40 -18.38 37.13 -3.31
CA LEU H 40 -18.44 38.17 -2.29
C LEU H 40 -19.21 37.68 -1.07
N GLY H 41 -20.26 36.90 -1.27
CA GLY H 41 -20.98 36.32 -0.14
C GLY H 41 -20.11 35.40 0.68
N LYS H 42 -19.31 34.55 0.02
CA LYS H 42 -18.41 33.66 0.74
C LYS H 42 -17.38 34.44 1.53
N HIS H 43 -16.80 35.49 0.93
CA HIS H 43 -15.82 36.27 1.67
C HIS H 43 -16.46 37.01 2.83
N GLU H 44 -17.66 37.56 2.64
CA GLU H 44 -18.33 38.26 3.73
C GLU H 44 -18.69 37.29 4.85
N TYR H 45 -19.10 36.07 4.51
CA TYR H 45 -19.35 35.06 5.52
C TYR H 45 -18.08 34.73 6.30
N LYS H 46 -16.95 34.61 5.59
CA LYS H 46 -15.69 34.33 6.26
C LYS H 46 -15.28 35.47 7.19
N GLU H 47 -15.45 36.71 6.75
CA GLU H 47 -15.14 37.85 7.62
C GLU H 47 -16.07 37.90 8.81
N SER H 48 -17.35 37.56 8.59
CA SER H 48 -18.28 37.45 9.71
C SER H 48 -17.77 36.44 10.73
N ILE H 49 -17.40 35.23 10.27
CA ILE H 49 -16.93 34.18 11.17
C ILE H 49 -15.69 34.63 11.93
N GLU H 50 -14.77 35.32 11.23
CA GLU H 50 -13.58 35.82 11.90
C GLU H 50 -13.94 36.83 12.98
N GLU H 51 -14.91 37.70 12.70
CA GLU H 51 -15.38 38.63 13.73
C GLU H 51 -16.00 37.89 14.90
N MET H 52 -16.69 36.78 14.64
CA MET H 52 -17.26 35.98 15.73
C MET H 52 -16.16 35.38 16.59
N LYS H 53 -15.09 34.88 15.97
CA LYS H 53 -13.97 34.34 16.73
C LYS H 53 -13.30 35.45 17.57
N ALA H 54 -13.16 36.64 16.98
CA ALA H 54 -12.57 37.75 17.72
C ALA H 54 -13.45 38.15 18.91
N ALA H 55 -14.77 38.20 18.71
CA ALA H 55 -15.67 38.50 19.81
C ALA H 55 -15.63 37.40 20.88
N ASP H 56 -15.46 36.15 20.47
CA ASP H 56 -15.28 35.06 21.43
C ASP H 56 -14.04 35.30 22.28
N LYS H 57 -12.93 35.66 21.65
CA LYS H 57 -11.71 35.97 22.39
C LYS H 57 -11.94 37.12 23.36
N LEU H 58 -12.65 38.16 22.90
CA LEU H 58 -12.90 39.31 23.76
C LEU H 58 -13.79 38.96 24.95
N ILE H 59 -14.80 38.12 24.75
CA ILE H 59 -15.66 37.73 25.85
C ILE H 59 -14.90 36.89 26.87
N GLU H 60 -14.05 35.98 26.39
CA GLU H 60 -13.21 35.23 27.32
C GLU H 60 -12.26 36.14 28.07
N ARG H 61 -11.74 37.18 27.40
CA ARG H 61 -10.86 38.13 28.07
C ARG H 61 -11.61 38.93 29.13
N ILE H 62 -12.84 39.35 28.83
CA ILE H 62 -13.63 40.11 29.80
C ILE H 62 -13.96 39.24 31.01
N LEU H 63 -14.32 37.98 30.77
CA LEU H 63 -14.57 37.07 31.89
C LEU H 63 -13.29 36.77 32.66
N LEU H 64 -12.14 36.86 32.01
CA LEU H 64 -10.87 36.79 32.72
C LEU H 64 -10.73 37.94 33.71
N LEU H 65 -11.12 39.15 33.29
CA LEU H 65 -11.01 40.33 34.12
C LEU H 65 -12.14 40.45 35.12
N GLU H 66 -12.86 39.35 35.37
CA GLU H 66 -13.93 39.31 36.35
C GLU H 66 -15.03 40.33 36.06
N GLY H 67 -15.25 40.61 34.77
CA GLY H 67 -16.29 41.52 34.35
C GLY H 67 -17.50 40.78 33.79
N LEU H 68 -18.48 41.57 33.37
CA LEU H 68 -19.69 41.03 32.76
C LEU H 68 -19.75 41.48 31.32
N PRO H 69 -19.49 40.59 30.35
CA PRO H 69 -19.60 40.99 28.95
C PRO H 69 -21.02 41.43 28.61
N ASN H 70 -21.12 42.46 27.79
CA ASN H 70 -22.40 43.03 27.40
C ASN H 70 -22.75 42.54 26.01
N LEU H 71 -23.62 41.53 25.94
CA LEU H 71 -24.12 41.01 24.67
C LEU H 71 -25.51 41.54 24.34
N GLN H 72 -25.96 42.59 25.04
CA GLN H 72 -27.26 43.20 24.80
C GLN H 72 -27.17 44.40 23.88
N ASP H 73 -26.25 45.33 24.16
CA ASP H 73 -26.11 46.52 23.33
C ASP H 73 -25.59 46.15 21.94
N LEU H 74 -26.15 46.81 20.93
CA LEU H 74 -25.69 46.68 19.56
C LEU H 74 -25.71 48.07 18.94
N GLY H 75 -24.68 48.38 18.14
CA GLY H 75 -24.65 49.64 17.45
C GLY H 75 -25.57 49.66 16.25
N LYS H 76 -25.68 50.83 15.62
CA LYS H 76 -26.54 50.95 14.45
C LYS H 76 -25.99 50.11 13.30
N LEU H 77 -26.88 49.35 12.67
CA LEU H 77 -26.50 48.48 11.56
C LEU H 77 -26.59 49.26 10.25
N LEU H 78 -25.46 49.35 9.56
CA LEU H 78 -25.39 50.04 8.27
C LEU H 78 -25.60 48.99 7.18
N ILE H 79 -26.84 48.85 6.72
CA ILE H 79 -27.21 47.87 5.70
C ILE H 79 -27.44 48.62 4.40
N GLY H 80 -26.76 48.20 3.34
CA GLY H 80 -26.86 48.87 2.06
C GLY H 80 -27.88 48.21 1.14
N GLU H 81 -28.38 49.00 0.19
CA GLU H 81 -29.32 48.51 -0.80
C GLU H 81 -28.65 47.87 -2.00
N ASN H 82 -27.33 48.01 -2.13
CA ASN H 82 -26.60 47.45 -3.25
C ASN H 82 -25.18 47.14 -2.80
N VAL H 83 -24.48 46.34 -3.61
CA VAL H 83 -23.14 45.89 -3.24
C VAL H 83 -22.18 47.04 -2.94
N PRO H 84 -22.10 48.10 -3.76
CA PRO H 84 -21.23 49.22 -3.38
C PRO H 84 -21.60 49.85 -2.05
N GLU H 85 -22.89 49.93 -1.75
CA GLU H 85 -23.29 50.50 -0.46
C GLU H 85 -22.92 49.58 0.69
N MET H 86 -23.02 48.26 0.49
CA MET H 86 -22.55 47.34 1.51
C MET H 86 -21.06 47.50 1.77
N LEU H 87 -20.26 47.59 0.69
CA LEU H 87 -18.82 47.72 0.86
C LEU H 87 -18.47 49.01 1.57
N LYS H 88 -19.11 50.12 1.18
CA LYS H 88 -18.79 51.39 1.80
C LYS H 88 -19.25 51.45 3.26
N ASN H 89 -20.42 50.86 3.56
CA ASN H 89 -20.89 50.82 4.93
C ASN H 89 -19.97 49.98 5.80
N ASP H 90 -19.52 48.84 5.28
CA ASP H 90 -18.64 47.97 6.04
C ASP H 90 -17.32 48.64 6.32
N PHE H 91 -16.74 49.28 5.30
CA PHE H 91 -15.49 50.01 5.50
C PHE H 91 -15.68 51.17 6.48
N ALA H 92 -16.81 51.85 6.40
CA ALA H 92 -17.08 52.95 7.32
C ALA H 92 -17.11 52.47 8.76
N MET H 93 -17.85 51.40 9.04
CA MET H 93 -17.92 50.94 10.41
C MET H 93 -16.55 50.45 10.87
N GLU H 94 -15.80 49.80 9.98
CA GLU H 94 -14.47 49.31 10.35
C GLU H 94 -13.56 50.47 10.73
N LYS H 95 -13.62 51.57 10.00
CA LYS H 95 -12.77 52.73 10.33
C LYS H 95 -13.20 53.38 11.64
N ASP H 96 -14.51 53.65 11.78
CA ASP H 96 -14.99 54.33 12.97
C ASP H 96 -14.75 53.52 14.22
N ALA H 97 -14.67 52.20 14.10
CA ALA H 97 -14.32 51.38 15.25
C ALA H 97 -12.82 51.14 15.37
N HIS H 98 -12.07 51.27 14.28
CA HIS H 98 -10.62 51.19 14.36
C HIS H 98 -10.06 52.32 15.20
N ALA H 99 -10.64 53.52 15.08
CA ALA H 99 -10.21 54.62 15.93
C ALA H 99 -10.44 54.29 17.41
N ASP H 100 -11.60 53.73 17.73
CA ASP H 100 -11.91 53.36 19.12
C ASP H 100 -10.99 52.25 19.61
N LEU H 101 -10.66 51.30 18.74
CA LEU H 101 -9.73 50.23 19.12
C LEU H 101 -8.35 50.80 19.42
N VAL H 102 -7.89 51.78 18.64
CA VAL H 102 -6.61 52.41 18.90
C VAL H 102 -6.63 53.10 20.26
N LYS H 103 -7.71 53.84 20.54
CA LYS H 103 -7.81 54.51 21.84
C LYS H 103 -7.83 53.50 22.98
N THR H 104 -8.54 52.37 22.79
CA THR H 104 -8.58 51.34 23.81
C THR H 104 -7.22 50.71 24.04
N ILE H 105 -6.44 50.52 22.98
CA ILE H 105 -5.09 49.98 23.14
C ILE H 105 -4.22 50.96 23.92
N ALA H 106 -4.37 52.26 23.64
CA ALA H 106 -3.64 53.26 24.41
C ALA H 106 -4.02 53.20 25.89
N LEU H 107 -5.32 53.08 26.17
CA LEU H 107 -5.77 52.97 27.56
C LEU H 107 -5.21 51.72 28.23
N CYS H 108 -5.22 50.59 27.53
CA CYS H 108 -4.70 49.35 28.09
C CYS H 108 -3.21 49.47 28.39
N GLU H 109 -2.47 50.18 27.52
CA GLU H 109 -1.06 50.44 27.80
C GLU H 109 -0.91 51.31 29.04
N LYS H 110 -1.80 52.30 29.20
CA LYS H 110 -1.73 53.17 30.37
C LYS H 110 -1.92 52.39 31.67
N GLN H 111 -2.88 51.48 31.71
CA GLN H 111 -3.25 50.77 32.93
C GLN H 111 -2.37 49.56 33.21
N ALA H 112 -1.26 49.41 32.48
CA ALA H 112 -0.38 48.25 32.63
C ALA H 112 -1.16 46.95 32.48
N ASP H 113 -2.06 46.91 31.50
CA ASP H 113 -2.80 45.72 31.13
C ASP H 113 -2.26 45.28 29.77
N TYR H 114 -1.37 44.30 29.78
CA TYR H 114 -0.61 43.95 28.58
C TYR H 114 -1.14 42.74 27.84
N VAL H 115 -1.81 41.80 28.52
CA VAL H 115 -2.46 40.71 27.81
C VAL H 115 -3.67 41.23 27.05
N SER H 116 -4.45 42.11 27.68
CA SER H 116 -5.53 42.78 26.96
C SER H 116 -4.98 43.61 25.81
N ARG H 117 -3.84 44.28 26.03
CA ARG H 117 -3.22 45.05 24.96
C ARG H 117 -2.80 44.15 23.80
N ASP H 118 -2.26 42.98 24.10
CA ASP H 118 -1.85 42.05 23.05
C ASP H 118 -3.05 41.56 22.25
N LEU H 119 -4.12 41.18 22.96
CA LEU H 119 -5.33 40.73 22.28
C LEU H 119 -5.91 41.84 21.40
N LEU H 120 -5.95 43.07 21.93
CA LEU H 120 -6.49 44.18 21.15
C LEU H 120 -5.58 44.56 19.98
N SER H 121 -4.27 44.34 20.13
CA SER H 121 -3.37 44.58 19.01
C SER H 121 -3.60 43.56 17.89
N GLU H 122 -3.84 42.31 18.26
CA GLU H 122 -4.22 41.32 17.24
C GLU H 122 -5.53 41.69 16.57
N PHE H 123 -6.51 42.12 17.36
CA PHE H 123 -7.77 42.59 16.79
C PHE H 123 -7.55 43.76 15.85
N LEU H 124 -6.65 44.67 16.22
CA LEU H 124 -6.33 45.82 15.39
C LEU H 124 -5.69 45.40 14.08
N GLU H 125 -4.79 44.42 14.12
CA GLU H 125 -4.17 43.95 12.89
C GLU H 125 -5.20 43.34 11.96
N GLU H 126 -6.12 42.51 12.50
CA GLU H 126 -7.16 41.93 11.66
C GLU H 126 -8.10 43.01 11.11
N CYS H 127 -8.46 43.98 11.96
CA CYS H 127 -9.34 45.05 11.52
C CYS H 127 -8.71 45.87 10.42
N GLU H 128 -7.41 46.17 10.53
CA GLU H 128 -6.75 46.97 9.51
C GLU H 128 -6.60 46.20 8.21
N GLU H 129 -6.37 44.89 8.27
CA GLU H 129 -6.46 44.09 7.04
C GLU H 129 -7.85 44.20 6.42
N ARG H 130 -8.90 44.19 7.26
CA ARG H 130 -10.25 44.32 6.72
C ARG H 130 -10.48 45.67 6.05
N MET H 131 -9.99 46.76 6.66
CA MET H 131 -10.13 48.07 6.03
C MET H 131 -9.35 48.12 4.72
N ASP H 132 -8.17 47.50 4.68
CA ASP H 132 -7.42 47.43 3.44
C ASP H 132 -8.22 46.71 2.37
N PHE H 133 -8.82 45.57 2.72
CA PHE H 133 -9.63 44.82 1.76
C PHE H 133 -10.80 45.65 1.25
N TYR H 134 -11.48 46.36 2.14
CA TYR H 134 -12.69 47.08 1.72
C TYR H 134 -12.35 48.34 0.92
N GLU H 135 -11.28 49.04 1.28
CA GLU H 135 -10.81 50.14 0.45
C GLU H 135 -10.39 49.65 -0.92
N THR H 136 -9.72 48.49 -0.96
CA THR H 136 -9.36 47.88 -2.23
C THR H 136 -10.60 47.56 -3.05
N GLN H 137 -11.65 47.03 -2.42
CA GLN H 137 -12.87 46.70 -3.15
C GLN H 137 -13.53 47.95 -3.71
N LEU H 138 -13.58 49.03 -2.93
CA LEU H 138 -14.15 50.28 -3.44
C LEU H 138 -13.34 50.82 -4.61
N GLU H 139 -12.02 50.79 -4.50
CA GLU H 139 -11.19 51.27 -5.60
C GLU H 139 -11.31 50.37 -6.82
N LEU H 140 -11.49 49.06 -6.63
CA LEU H 140 -11.71 48.16 -7.75
C LEU H 140 -13.04 48.43 -8.43
N VAL H 141 -14.08 48.76 -7.65
CA VAL H 141 -15.34 49.18 -8.25
C VAL H 141 -15.13 50.43 -9.08
N LYS H 142 -14.34 51.39 -8.56
CA LYS H 142 -14.06 52.60 -9.33
C LYS H 142 -13.29 52.28 -10.61
N LYS H 143 -12.35 51.34 -10.56
CA LYS H 143 -11.45 51.09 -11.68
C LYS H 143 -12.11 50.22 -12.75
N MET H 144 -12.44 48.97 -12.39
CA MET H 144 -12.98 48.04 -13.38
C MET H 144 -14.43 48.29 -13.71
N GLY H 145 -15.13 49.12 -12.95
CA GLY H 145 -16.51 49.42 -13.21
C GLY H 145 -17.46 48.63 -12.31
N GLU H 146 -18.68 49.14 -12.18
CA GLU H 146 -19.67 48.48 -11.35
C GLU H 146 -20.06 47.12 -11.89
N GLN H 147 -20.32 47.05 -13.20
CA GLN H 147 -20.78 45.80 -13.80
C GLN H 147 -19.70 44.73 -13.78
N ASN H 148 -18.46 45.11 -14.08
CA ASN H 148 -17.37 44.14 -14.02
C ASN H 148 -17.14 43.63 -12.60
N TYR H 149 -17.21 44.54 -11.62
CA TYR H 149 -17.04 44.12 -10.24
C TYR H 149 -18.16 43.20 -9.80
N LEU H 150 -19.40 43.48 -10.22
CA LEU H 150 -20.50 42.59 -9.89
C LEU H 150 -20.32 41.22 -10.54
N GLN H 151 -19.83 41.20 -11.78
CA GLN H 151 -19.58 39.93 -12.44
C GLN H 151 -18.52 39.12 -11.71
N SER H 152 -17.46 39.80 -11.24
CA SER H 152 -16.44 39.10 -10.45
C SER H 152 -17.00 38.64 -9.11
N ALA H 153 -17.90 39.43 -8.51
CA ALA H 153 -18.51 39.03 -7.24
C ALA H 153 -19.40 37.81 -7.40
N VAL H 154 -20.06 37.67 -8.55
CA VAL H 154 -20.87 36.48 -8.80
C VAL H 154 -19.98 35.23 -8.84
N GLY H 155 -18.83 35.32 -9.50
CA GLY H 155 -17.94 34.18 -9.60
C GLY H 155 -18.40 33.15 -10.59
N ALA H 156 -18.67 31.94 -10.11
CA ALA H 156 -19.16 30.87 -10.96
C ALA H 156 -20.68 30.91 -11.01
N LEU H 157 -21.24 31.03 -12.22
CA LEU H 157 -22.68 31.16 -12.39
C LEU H 157 -23.41 29.89 -11.98
N UNK I 2 43.27 -35.44 5.73
CA UNK I 2 44.72 -35.55 5.83
C UNK I 2 45.39 -34.25 5.40
N UNK I 3 46.53 -33.96 6.02
CA UNK I 3 47.28 -32.75 5.72
C UNK I 3 48.73 -32.91 6.21
N UNK I 4 49.67 -32.43 5.41
CA UNK I 4 51.10 -32.57 5.72
C UNK I 4 51.47 -31.89 7.03
N UNK I 5 52.58 -32.32 7.62
CA UNK I 5 53.04 -31.78 8.90
C UNK I 5 53.53 -30.34 8.75
N UNK I 6 54.27 -30.08 7.68
CA UNK I 6 54.81 -28.75 7.42
C UNK I 6 53.68 -27.75 7.22
N VAL I 7 52.69 -28.14 6.42
CA VAL I 7 51.55 -27.29 6.11
C VAL I 7 50.76 -26.98 7.37
N UNK I 8 50.51 -27.99 8.19
CA UNK I 8 49.76 -27.82 9.43
C UNK I 8 50.51 -26.92 10.41
N UNK I 9 51.83 -27.08 10.47
CA UNK I 9 52.65 -26.24 11.33
C UNK I 9 52.62 -24.78 10.88
N UNK I 10 52.69 -24.58 9.56
CA UNK I 10 52.63 -23.24 8.99
C UNK I 10 51.28 -22.59 9.30
N LEU I 11 50.23 -23.38 9.18
CA LEU I 11 48.88 -22.92 9.47
C LEU I 11 48.74 -22.54 10.95
N ASN I 12 49.33 -23.34 11.82
CA ASN I 12 49.30 -23.06 13.25
C ASN I 12 50.05 -21.77 13.57
N UNK I 13 51.17 -21.56 12.90
CA UNK I 13 51.95 -20.34 13.08
C UNK I 13 51.14 -19.11 12.66
N UNK I 14 50.52 -19.22 11.49
CA UNK I 14 49.69 -18.12 10.98
C UNK I 14 48.50 -17.87 11.90
N LEU I 15 47.97 -18.94 12.49
CA LEU I 15 46.84 -18.84 13.41
C LEU I 15 47.23 -18.13 14.71
N UNK I 16 48.39 -18.49 15.24
CA UNK I 16 48.93 -17.82 16.42
C UNK I 16 49.08 -16.33 16.12
N UNK I 17 49.60 -16.03 14.94
CA UNK I 17 49.74 -14.66 14.49
C UNK I 17 48.40 -13.92 14.46
N UNK I 18 47.40 -14.56 13.87
CA UNK I 18 46.08 -13.97 13.74
C UNK I 18 45.42 -13.72 15.10
N LEU I 19 45.59 -14.66 16.03
CA LEU I 19 45.02 -14.51 17.37
C LEU I 19 45.71 -13.39 18.14
N THR I 20 47.04 -13.31 18.03
CA THR I 20 47.76 -12.21 18.65
C THR I 20 47.32 -10.87 18.08
N ALA I 21 47.15 -10.80 16.77
CA ALA I 21 46.71 -9.58 16.12
C ALA I 21 45.30 -9.20 16.56
N UNK I 22 44.45 -10.20 16.73
CA UNK I 22 43.09 -9.95 17.20
C UNK I 22 43.12 -9.36 18.59
N UNK I 23 43.92 -9.93 19.48
CA UNK I 23 44.05 -9.41 20.83
C UNK I 23 44.59 -7.97 20.84
N GLN I 24 45.58 -7.71 20.01
CA GLN I 24 46.16 -6.36 19.90
C GLN I 24 45.15 -5.34 19.39
N TYR I 25 44.42 -5.72 18.34
CA TYR I 25 43.40 -4.84 17.80
C TYR I 25 42.30 -4.59 18.82
N PHE I 26 41.94 -5.60 19.59
CA PHE I 26 40.98 -5.46 20.69
C PHE I 26 41.43 -4.42 21.69
N UNK I 27 42.65 -4.62 22.21
CA UNK I 27 43.22 -3.71 23.18
C UNK I 27 43.24 -2.28 22.64
N HIS I 28 43.77 -2.10 21.44
CA HIS I 28 43.91 -0.78 20.84
C HIS I 28 42.56 -0.11 20.59
N ALA I 29 41.57 -0.88 20.13
CA ALA I 29 40.24 -0.33 19.92
C ALA I 29 39.65 0.15 21.23
N ARG I 30 39.80 -0.65 22.30
CA ARG I 30 39.26 -0.25 23.58
C ARG I 30 39.96 1.00 24.12
N MET I 31 41.28 1.08 23.99
CA MET I 31 41.99 2.29 24.42
C MET I 31 41.62 3.51 23.59
N UNK I 32 41.36 3.32 22.30
CA UNK I 32 41.00 4.42 21.43
C UNK I 32 39.60 4.91 21.75
N UNK I 33 38.73 4.00 22.15
CA UNK I 33 37.39 4.38 22.57
C UNK I 33 37.44 5.10 23.92
N ASN I 34 38.31 4.63 24.80
CA ASN I 34 38.51 5.23 26.11
C ASN I 34 39.07 6.65 25.99
N TRP I 35 39.92 6.86 24.99
CA TRP I 35 40.51 8.17 24.76
C TRP I 35 39.55 9.13 24.08
N GLY I 36 38.47 8.63 23.49
CA GLY I 36 37.50 9.47 22.82
C GLY I 36 37.57 9.46 21.31
N PHE I 37 38.59 8.85 20.74
CA PHE I 37 38.65 8.68 19.29
C PHE I 37 37.67 7.59 18.87
N UNK I 38 36.53 8.01 18.32
CA UNK I 38 35.44 7.08 18.05
C UNK I 38 35.51 6.48 16.65
N UNK I 39 35.90 7.28 15.66
CA UNK I 39 36.02 6.79 14.29
C UNK I 39 37.11 5.73 14.18
N LEU I 40 38.27 6.06 14.73
CA LEU I 40 39.40 5.14 14.77
C LEU I 40 39.04 3.89 15.54
N UNK I 41 38.26 4.06 16.61
CA UNK I 41 37.84 2.94 17.43
C UNK I 41 36.92 2.00 16.65
N UNK I 42 35.97 2.57 15.92
CA UNK I 42 35.05 1.77 15.12
C UNK I 42 35.80 1.01 14.05
N UNK I 43 36.75 1.69 13.40
CA UNK I 43 37.59 1.06 12.39
C UNK I 43 38.37 -0.11 12.97
N UNK I 44 39.06 0.11 14.07
CA UNK I 44 39.87 -0.92 14.71
C UNK I 44 39.02 -2.08 15.23
N UNK I 45 37.80 -1.79 15.69
CA UNK I 45 36.91 -2.84 16.15
C UNK I 45 36.44 -3.71 14.99
N UNK I 46 36.12 -3.06 13.87
CA UNK I 46 35.76 -3.80 12.66
C UNK I 46 36.93 -4.67 12.21
N GLU I 47 38.14 -4.12 12.31
CA GLU I 47 39.36 -4.84 11.96
C GLU I 47 39.57 -6.06 12.86
N UNK I 48 39.28 -5.90 14.15
CA UNK I 48 39.40 -7.00 15.10
C UNK I 48 38.39 -8.10 14.79
N UNK I 49 37.18 -7.69 14.42
CA UNK I 49 36.15 -8.65 14.02
C UNK I 49 36.59 -9.42 12.78
N UNK I 50 37.17 -8.71 11.83
CA UNK I 50 37.70 -9.33 10.61
C UNK I 50 38.82 -10.31 10.93
N GLU I 51 39.67 -9.93 11.87
CA GLU I 51 40.75 -10.80 12.33
C GLU I 51 40.19 -12.07 12.94
N UNK I 52 39.12 -11.92 13.71
CA UNK I 52 38.45 -13.06 14.32
C UNK I 52 37.89 -13.99 13.25
N UNK I 53 37.30 -13.40 12.22
CA UNK I 53 36.77 -14.18 11.09
C UNK I 53 37.88 -14.95 10.37
N UNK I 54 39.01 -14.29 10.17
CA UNK I 54 40.17 -14.90 9.51
C UNK I 54 40.71 -16.06 10.33
N ALA I 55 40.81 -15.84 11.64
CA ALA I 55 41.26 -16.90 12.55
C ALA I 55 40.28 -18.07 12.54
N UNK I 56 38.99 -17.76 12.41
CA UNK I 56 37.96 -18.79 12.33
C UNK I 56 38.15 -19.65 11.09
N UNK I 57 38.39 -18.99 9.97
CA UNK I 57 38.66 -19.68 8.71
C UNK I 57 39.89 -20.58 8.84
N LEU I 58 40.94 -20.04 9.45
CA LEU I 58 42.18 -20.79 9.63
C LEU I 58 42.00 -22.01 10.54
N ILE I 59 41.21 -21.85 11.61
CA ILE I 59 40.96 -22.96 12.52
C ILE I 59 40.12 -24.03 11.83
N UNK I 60 39.14 -23.60 11.05
CA UNK I 60 38.32 -24.54 10.28
C UNK I 60 39.22 -25.34 9.33
N ARG I 61 40.15 -24.64 8.69
CA ARG I 61 41.10 -25.29 7.79
C ARG I 61 41.98 -26.30 8.51
N ILE I 62 42.53 -25.90 9.66
CA ILE I 62 43.40 -26.79 10.43
C ILE I 62 42.63 -28.02 10.90
N LEU I 63 41.37 -27.85 11.26
CA LEU I 63 40.56 -28.95 11.74
C LEU I 63 40.14 -29.88 10.60
N UNK I 64 39.95 -29.32 9.41
CA UNK I 64 39.60 -30.12 8.25
C UNK I 64 40.79 -30.98 7.82
N LEU I 65 42.00 -30.46 8.06
CA LEU I 65 43.22 -31.16 7.68
C LEU I 65 43.65 -32.16 8.73
N GLU I 66 42.74 -32.45 9.67
CA GLU I 66 42.98 -33.42 10.75
C GLU I 66 44.18 -33.02 11.59
N GLY I 67 44.21 -31.76 11.98
CA GLY I 67 45.27 -31.24 12.85
C GLY I 67 44.73 -30.72 14.16
N UNK I 68 45.60 -30.09 14.95
CA UNK I 68 45.21 -29.53 16.24
C UNK I 68 45.55 -28.04 16.30
N PRO I 69 44.53 -27.17 16.21
CA PRO I 69 44.71 -25.72 16.25
C PRO I 69 45.10 -25.21 17.64
N UNK I 70 46.36 -24.82 17.81
CA UNK I 70 46.83 -24.34 19.10
C UNK I 70 46.42 -22.89 19.32
N UNK I 71 45.34 -22.69 20.07
CA UNK I 71 44.86 -21.35 20.38
C UNK I 71 45.37 -20.91 21.74
N UNK I 72 45.99 -21.84 22.45
CA UNK I 72 46.52 -21.57 23.79
C UNK I 72 47.70 -20.62 23.73
N UNK I 73 48.39 -20.61 22.59
CA UNK I 73 49.59 -19.78 22.44
C UNK I 73 49.26 -18.40 21.88
N UNK I 74 50.04 -17.41 22.29
CA UNK I 74 49.89 -16.05 21.80
C UNK I 74 51.23 -15.35 21.81
N UNK I 75 51.57 -14.71 20.70
CA UNK I 75 52.88 -14.09 20.54
C UNK I 75 53.03 -12.84 21.41
N UNK I 76 54.18 -12.19 21.28
CA UNK I 76 54.44 -10.95 22.02
C UNK I 76 53.50 -9.86 21.55
N LEU I 77 52.99 -9.07 22.49
CA LEU I 77 52.00 -8.06 22.19
C LEU I 77 52.57 -6.66 22.32
N UNK I 78 52.64 -5.94 21.21
CA UNK I 78 53.14 -4.58 21.21
C UNK I 78 51.99 -3.58 21.31
N ILE I 79 51.79 -3.03 22.50
CA ILE I 79 50.73 -2.07 22.74
C ILE I 79 51.27 -0.66 22.59
N GLY I 80 50.42 0.26 22.12
CA GLY I 80 50.81 1.64 21.93
C GLY I 80 50.38 2.54 23.07
N UNK I 81 51.10 3.64 23.25
CA UNK I 81 50.79 4.61 24.29
C UNK I 81 50.10 5.83 23.69
N UNK I 82 50.49 6.15 22.46
CA UNK I 82 49.86 7.23 21.69
C UNK I 82 49.28 6.65 20.42
N VAL I 83 48.32 7.34 19.82
CA VAL I 83 47.71 6.89 18.58
C VAL I 83 48.72 6.61 17.46
N PRO I 84 49.72 7.50 17.27
CA PRO I 84 50.73 7.16 16.26
C PRO I 84 51.47 5.86 16.58
N UNK I 85 51.74 5.65 17.87
CA UNK I 85 52.42 4.43 18.32
C UNK I 85 51.56 3.21 18.02
N MET I 86 50.26 3.30 18.31
CA MET I 86 49.34 2.21 17.99
C MET I 86 49.34 1.92 16.50
N UNK I 87 49.26 2.97 15.69
CA UNK I 87 49.23 2.80 14.24
C UNK I 87 50.49 2.10 13.74
N UNK I 88 51.65 2.57 14.20
CA UNK I 88 52.93 1.98 13.81
C UNK I 88 53.03 0.52 14.26
N ASN I 89 52.55 0.22 15.46
CA ASN I 89 52.63 -1.15 15.98
C ASN I 89 51.74 -2.09 15.19
N ASP I 90 50.52 -1.64 14.89
CA ASP I 90 49.62 -2.40 14.05
C ASP I 90 50.25 -2.67 12.68
N UNK I 91 50.85 -1.64 12.10
CA UNK I 91 51.50 -1.78 10.79
C UNK I 91 52.65 -2.79 10.84
N ALA I 92 53.45 -2.74 11.90
CA ALA I 92 54.57 -3.66 12.06
C ALA I 92 54.08 -5.11 12.18
N UNK I 93 53.08 -5.32 13.03
CA UNK I 93 52.50 -6.64 13.21
C UNK I 93 51.95 -7.17 11.89
N GLU I 94 51.26 -6.30 11.14
CA GLU I 94 50.68 -6.70 9.87
C GLU I 94 51.74 -7.04 8.84
N UNK I 95 52.84 -6.30 8.83
CA UNK I 95 53.94 -6.58 7.91
C UNK I 95 54.55 -7.95 8.21
N UNK I 96 54.79 -8.22 9.50
CA UNK I 96 55.33 -9.52 9.91
C UNK I 96 54.39 -10.66 9.52
N UNK I 97 53.10 -10.42 9.75
CA UNK I 97 52.07 -11.40 9.40
C UNK I 97 52.05 -11.67 7.90
N UNK I 98 52.18 -10.62 7.10
CA UNK I 98 52.18 -10.77 5.64
C UNK I 98 53.41 -11.54 5.16
N UNK I 99 54.55 -11.29 5.79
CA UNK I 99 55.77 -12.03 5.45
C UNK I 99 55.58 -13.53 5.72
N UNK I 100 55.09 -13.83 6.92
CA UNK I 100 54.82 -15.21 7.30
C UNK I 100 53.79 -15.85 6.37
N LEU I 101 52.82 -15.05 5.93
CA LEU I 101 51.78 -15.53 5.03
C LEU I 101 52.35 -15.88 3.66
N UNK I 102 53.27 -15.05 3.18
CA UNK I 102 53.91 -15.31 1.89
C UNK I 102 54.72 -16.60 1.97
N UNK I 103 55.43 -16.76 3.07
CA UNK I 103 56.19 -17.98 3.30
C UNK I 103 55.28 -19.21 3.32
N UNK I 104 54.16 -19.09 4.01
CA UNK I 104 53.19 -20.18 4.11
C UNK I 104 52.54 -20.50 2.77
N ILE I 105 52.31 -19.49 1.96
CA ILE I 105 51.71 -19.70 0.65
C ILE I 105 52.69 -20.46 -0.24
N ALA I 106 53.97 -20.07 -0.15
CA ALA I 106 54.99 -20.80 -0.89
C ALA I 106 55.07 -22.26 -0.42
N LEU I 107 55.01 -22.48 0.89
CA LEU I 107 55.04 -23.84 1.42
C LEU I 107 53.85 -24.66 0.95
N CYS I 108 52.65 -24.06 0.96
CA CYS I 108 51.46 -24.76 0.53
C CYS I 108 51.50 -25.05 -0.96
N GLU I 109 52.13 -24.19 -1.75
CA GLU I 109 52.32 -24.47 -3.16
C GLU I 109 53.26 -25.66 -3.34
N UNK I 110 54.34 -25.66 -2.58
CA UNK I 110 55.33 -26.73 -2.67
C UNK I 110 54.73 -28.09 -2.30
N UNK I 111 53.88 -28.11 -1.27
CA UNK I 111 53.28 -29.35 -0.80
C UNK I 111 51.99 -29.67 -1.55
N UNK I 112 51.72 -28.89 -2.59
CA UNK I 112 50.56 -29.11 -3.46
C UNK I 112 49.24 -29.10 -2.70
N ASP I 113 49.16 -28.30 -1.65
CA ASP I 113 47.92 -28.12 -0.91
C ASP I 113 47.26 -26.83 -1.39
N TYR I 114 46.44 -26.95 -2.42
CA TYR I 114 46.00 -25.79 -3.18
C TYR I 114 44.78 -25.09 -2.60
N UNK I 115 43.94 -25.83 -1.88
CA UNK I 115 42.79 -25.22 -1.23
C UNK I 115 43.26 -24.35 -0.07
N UNK I 116 44.19 -24.90 0.70
CA UNK I 116 44.80 -24.16 1.81
C UNK I 116 45.51 -22.94 1.26
N ARG I 117 46.18 -23.10 0.12
CA ARG I 117 46.88 -21.98 -0.51
C ARG I 117 45.89 -20.91 -0.96
N UNK I 118 44.72 -21.32 -1.44
CA UNK I 118 43.70 -20.37 -1.85
C UNK I 118 43.19 -19.57 -0.65
N UNK I 119 42.97 -20.27 0.45
CA UNK I 119 42.56 -19.62 1.69
C UNK I 119 43.61 -18.63 2.16
N LEU I 120 44.87 -19.04 2.11
CA LEU I 120 45.97 -18.20 2.55
C LEU I 120 46.15 -17.00 1.64
N UNK I 121 45.85 -17.17 0.35
CA UNK I 121 45.92 -16.08 -0.61
C UNK I 121 44.82 -15.07 -0.32
N UNK I 122 43.64 -15.56 0.03
CA UNK I 122 42.54 -14.67 0.43
C UNK I 122 42.94 -13.87 1.67
N UNK I 123 43.52 -14.57 2.64
CA UNK I 123 43.97 -13.94 3.88
C UNK I 123 45.05 -12.89 3.61
N LEU I 124 45.97 -13.20 2.70
CA LEU I 124 47.04 -12.27 2.35
C LEU I 124 46.47 -11.05 1.63
N GLU I 125 45.48 -11.26 0.77
CA GLU I 125 44.83 -10.14 0.12
C GLU I 125 44.17 -9.22 1.15
N GLU I 126 43.49 -9.80 2.12
CA GLU I 126 42.85 -9.02 3.18
C GLU I 126 43.89 -8.27 4.01
N UNK I 127 44.97 -8.95 4.37
CA UNK I 127 46.00 -8.38 5.22
C UNK I 127 46.84 -7.33 4.48
N GLU I 128 46.81 -7.36 3.16
CA GLU I 128 47.56 -6.39 2.37
C GLU I 128 46.71 -5.19 1.98
N UNK I 129 45.41 -5.40 1.83
CA UNK I 129 44.52 -4.32 1.40
C UNK I 129 43.76 -3.71 2.55
N UNK I 130 42.94 -4.52 3.22
CA UNK I 130 42.07 -4.02 4.28
C UNK I 130 42.85 -3.56 5.52
N UNK I 131 44.07 -4.04 5.68
CA UNK I 131 44.84 -3.75 6.89
C UNK I 131 46.09 -2.91 6.62
N UNK I 132 47.11 -3.52 6.01
CA UNK I 132 48.40 -2.86 5.82
C UNK I 132 48.28 -1.56 5.04
N UNK I 133 47.43 -1.56 4.00
CA UNK I 133 47.22 -0.36 3.20
C UNK I 133 46.59 0.74 4.04
N UNK I 134 45.54 0.40 4.79
CA UNK I 134 44.84 1.35 5.63
C UNK I 134 45.75 1.92 6.71
N LEU I 135 46.60 1.10 7.29
CA LEU I 135 47.49 1.57 8.36
C LEU I 135 48.62 2.43 7.81
N UNK I 136 49.13 2.08 6.63
CA UNK I 136 50.14 2.91 5.99
C UNK I 136 49.54 4.27 5.63
N VAL I 137 48.30 4.25 5.17
CA VAL I 137 47.57 5.47 4.84
C VAL I 137 47.37 6.31 6.10
N UNK I 138 47.04 5.65 7.20
CA UNK I 138 46.83 6.33 8.47
C UNK I 138 48.11 7.00 8.96
N UNK I 139 49.23 6.30 8.84
CA UNK I 139 50.51 6.87 9.23
C UNK I 139 50.86 8.08 8.36
N GLY I 140 50.67 7.93 7.05
CA GLY I 140 50.89 9.03 6.14
C GLY I 140 50.00 10.24 6.42
N UNK I 141 48.77 9.98 6.82
CA UNK I 141 47.82 11.03 7.13
C UNK I 141 48.17 11.70 8.46
N UNK I 142 48.69 10.94 9.41
CA UNK I 142 49.16 11.52 10.66
C UNK I 142 50.37 12.40 10.38
N ASP I 143 51.10 12.06 9.34
CA ASP I 143 52.27 12.86 8.92
C ASP I 143 51.87 14.15 8.18
N UNK I 144 50.86 14.05 7.32
CA UNK I 144 50.49 15.15 6.43
C UNK I 144 49.45 16.11 7.03
N LEU I 145 48.44 15.56 7.69
CA LEU I 145 47.40 16.33 8.35
C LEU I 145 47.94 17.06 9.57
N UNK I 146 48.90 16.43 10.23
CA UNK I 146 49.38 16.92 11.52
C UNK I 146 48.77 16.02 12.58
N UNK I 147 49.42 15.92 13.72
CA UNK I 147 48.94 15.05 14.80
C UNK I 147 47.59 15.55 15.33
N LYS I 148 47.49 16.86 15.53
CA LYS I 148 46.27 17.45 16.08
C LYS I 148 45.08 17.29 15.14
N ASN I 149 45.28 17.61 13.86
CA ASN I 149 44.21 17.46 12.88
C ASN I 149 43.79 16.00 12.73
N TYR I 150 44.76 15.09 12.70
CA TYR I 150 44.43 13.68 12.58
C TYR I 150 43.67 13.18 13.80
N LEU I 151 44.07 13.61 15.00
CA LEU I 151 43.34 13.21 16.19
C LEU I 151 41.95 13.83 16.22
N GLN I 152 41.79 15.04 15.69
CA GLN I 152 40.45 15.61 15.58
C GLN I 152 39.57 14.79 14.65
N SER I 153 40.14 14.33 13.54
CA SER I 153 39.40 13.50 12.59
C SER I 153 39.04 12.16 13.22
N UNK I 154 39.97 11.63 14.01
CA UNK I 154 39.79 10.35 14.68
C UNK I 154 38.77 10.43 15.81
N ALA I 155 38.59 11.62 16.37
CA ALA I 155 37.63 11.82 17.46
C ALA I 155 36.20 11.80 16.92
N UNK I 156 36.05 12.11 15.65
CA UNK I 156 34.73 12.10 15.01
C UNK I 156 33.94 13.36 15.35
N UNK I 157 32.82 13.17 16.04
CA UNK I 157 31.96 14.28 16.45
C UNK I 157 31.85 14.33 17.97
N UNK I 158 31.70 15.53 18.51
CA UNK I 158 31.61 15.73 19.95
C UNK I 158 30.17 15.64 20.42
N UNK J 1 37.69 6.29 37.89
CA UNK J 1 39.13 6.41 37.69
C UNK J 1 39.87 6.22 39.01
N UNK J 2 41.20 6.11 38.93
CA UNK J 2 42.04 5.84 40.09
C UNK J 2 41.55 4.62 40.84
N UNK J 3 41.30 3.54 40.09
CA UNK J 3 40.80 2.30 40.67
C UNK J 3 41.84 1.71 41.60
N UNK J 4 41.36 0.96 42.60
CA UNK J 4 42.24 0.34 43.58
C UNK J 4 43.12 -0.71 42.90
N UNK J 5 44.32 -0.91 43.43
CA UNK J 5 45.24 -1.89 42.88
C UNK J 5 44.64 -3.29 42.96
N UNK J 6 44.00 -3.60 44.09
CA UNK J 6 43.38 -4.89 44.30
C UNK J 6 42.20 -5.10 43.35
N VAL J 7 41.39 -4.07 43.19
CA VAL J 7 40.23 -4.13 42.30
C VAL J 7 40.70 -4.35 40.86
N UNK J 8 41.70 -3.59 40.44
CA UNK J 8 42.24 -3.71 39.09
C UNK J 8 42.85 -5.08 38.87
N UNK J 9 43.53 -5.61 39.86
CA UNK J 9 44.13 -6.94 39.77
C UNK J 9 43.07 -8.03 39.65
N UNK J 10 42.01 -7.90 40.43
CA UNK J 10 40.91 -8.86 40.38
C UNK J 10 40.24 -8.80 39.01
N LEU J 11 40.07 -7.59 38.49
CA LEU J 11 39.48 -7.39 37.18
C LEU J 11 40.35 -8.01 36.10
N ASN J 12 41.67 -7.87 36.24
CA ASN J 12 42.61 -8.48 35.30
C ASN J 12 42.53 -10.00 35.33
N UNK J 13 42.37 -10.55 36.54
CA UNK J 13 42.20 -12.00 36.69
C UNK J 13 40.92 -12.48 35.99
N UNK J 14 39.84 -11.75 36.23
CA UNK J 14 38.55 -12.08 35.62
C UNK J 14 38.65 -11.96 34.10
N LEU J 15 39.44 -11.00 33.63
CA LEU J 15 39.65 -10.80 32.21
C LEU J 15 40.42 -11.96 31.59
N UNK J 16 41.47 -12.40 32.26
CA UNK J 16 42.24 -13.56 31.81
C UNK J 16 41.32 -14.77 31.71
N UNK J 17 40.46 -14.93 32.70
CA UNK J 17 39.47 -16.00 32.70
C UNK J 17 38.54 -15.91 31.49
N UNK J 18 38.02 -14.72 31.24
CA UNK J 18 37.09 -14.50 30.13
C UNK J 18 37.74 -14.75 28.78
N LEU J 19 39.01 -14.34 28.63
CA LEU J 19 39.73 -14.55 27.40
C LEU J 19 40.03 -16.02 27.15
N THR J 20 40.45 -16.72 28.21
CA THR J 20 40.66 -18.16 28.11
C THR J 20 39.36 -18.87 27.74
N ALA J 21 38.25 -18.46 28.33
CA ALA J 21 36.95 -19.02 27.99
C ALA J 21 36.61 -18.75 26.53
N UNK J 22 36.88 -17.54 26.06
CA UNK J 22 36.63 -17.19 24.67
C UNK J 22 37.40 -18.13 23.74
N UNK J 23 38.68 -18.32 24.02
CA UNK J 23 39.52 -19.21 23.20
C UNK J 23 39.02 -20.65 23.22
N GLN J 24 38.66 -21.13 24.41
CA GLN J 24 38.20 -22.51 24.57
C GLN J 24 36.89 -22.76 23.83
N TYR J 25 35.90 -21.88 24.03
CA TYR J 25 34.65 -22.02 23.29
C TYR J 25 34.85 -21.84 21.79
N PHE J 26 35.80 -21.01 21.38
CA PHE J 26 36.13 -20.87 19.97
C PHE J 26 36.56 -22.22 19.38
N UNK J 27 37.56 -22.81 20.01
CA UNK J 27 38.08 -24.10 19.56
C UNK J 27 36.97 -25.14 19.54
N HIS J 28 36.23 -25.23 20.64
CA HIS J 28 35.17 -26.23 20.78
C HIS J 28 34.07 -26.06 19.73
N ALA J 29 33.66 -24.82 19.48
CA ALA J 29 32.64 -24.58 18.46
C ALA J 29 33.15 -24.97 17.08
N ARG J 30 34.41 -24.66 16.78
CA ARG J 30 34.95 -25.02 15.48
C ARG J 30 35.00 -26.53 15.30
N MET J 31 35.44 -27.28 16.30
CA MET J 31 35.49 -28.74 16.09
C MET J 31 34.11 -29.38 16.21
N UNK J 32 33.17 -28.68 16.85
CA UNK J 32 31.79 -29.15 16.88
C UNK J 32 31.17 -29.01 15.50
N UNK J 33 31.51 -27.93 14.82
CA UNK J 33 31.06 -27.73 13.44
C UNK J 33 31.77 -28.72 12.51
N ASN J 34 33.02 -29.02 12.83
CA ASN J 34 33.81 -29.98 12.06
C ASN J 34 33.23 -31.38 12.16
N TRP J 35 32.73 -31.74 13.34
CA TRP J 35 32.14 -33.05 13.55
C TRP J 35 30.72 -33.18 13.02
N GLY J 36 30.14 -32.09 12.52
CA GLY J 36 28.79 -32.10 12.01
C GLY J 36 27.72 -31.72 13.02
N PHE J 37 28.09 -31.47 14.27
CA PHE J 37 27.13 -31.07 15.29
C PHE J 37 26.84 -29.58 15.18
N UNK J 38 25.97 -29.22 14.23
CA UNK J 38 25.70 -27.83 13.93
C UNK J 38 24.81 -27.16 14.98
N UNK J 39 23.82 -27.89 15.47
CA UNK J 39 22.87 -27.33 16.45
C UNK J 39 23.54 -27.08 17.79
N LEU J 40 24.71 -27.67 17.99
CA LEU J 40 25.50 -27.44 19.19
C LEU J 40 26.58 -26.40 18.92
N UNK J 41 27.13 -26.44 17.72
CA UNK J 41 28.15 -25.48 17.30
C UNK J 41 27.61 -24.06 17.30
N UNK J 42 26.35 -23.90 16.89
CA UNK J 42 25.74 -22.58 16.85
C UNK J 42 25.66 -21.99 18.26
N UNK J 43 25.22 -22.81 19.21
CA UNK J 43 25.11 -22.39 20.60
C UNK J 43 26.49 -22.05 21.16
N UNK J 44 27.47 -22.91 20.91
CA UNK J 44 28.83 -22.69 21.40
C UNK J 44 29.42 -21.41 20.81
N UNK J 45 29.14 -21.13 19.54
CA UNK J 45 29.66 -19.94 18.88
C UNK J 45 29.00 -18.68 19.43
N UNK J 46 27.69 -18.76 19.67
CA UNK J 46 26.97 -17.65 20.28
C UNK J 46 27.54 -17.36 21.67
N GLU J 47 27.83 -18.42 22.41
CA GLU J 47 28.41 -18.27 23.74
C GLU J 47 29.81 -17.68 23.68
N UNK J 48 30.58 -18.05 22.67
CA UNK J 48 31.90 -17.46 22.46
C UNK J 48 31.80 -15.96 22.17
N UNK J 49 30.79 -15.58 21.38
CA UNK J 49 30.58 -14.17 21.08
C UNK J 49 30.18 -13.41 22.33
N UNK J 50 29.34 -14.05 23.14
CA UNK J 50 28.95 -13.49 24.44
C UNK J 50 30.16 -13.28 25.33
N GLU J 51 31.07 -14.25 25.31
CA GLU J 51 32.32 -14.17 26.06
C GLU J 51 33.16 -13.00 25.60
N UNK J 52 33.22 -12.82 24.28
CA UNK J 52 33.94 -11.70 23.69
C UNK J 52 33.37 -10.37 24.18
N UNK J 53 32.05 -10.26 24.17
CA UNK J 53 31.36 -9.05 24.64
C UNK J 53 31.63 -8.79 26.12
N UNK J 54 31.61 -9.84 26.92
CA UNK J 54 31.87 -9.74 28.35
C UNK J 54 33.28 -9.26 28.62
N ALA J 55 34.24 -9.83 27.89
CA ALA J 55 35.63 -9.43 28.01
C ALA J 55 35.80 -7.98 27.59
N UNK J 56 35.03 -7.57 26.60
CA UNK J 56 35.07 -6.18 26.14
C UNK J 56 34.61 -5.24 27.25
N UNK J 57 33.50 -5.59 27.89
CA UNK J 57 32.99 -4.81 29.02
C UNK J 57 34.04 -4.71 30.12
N LEU J 58 34.67 -5.85 30.41
CA LEU J 58 35.72 -5.90 31.44
C LEU J 58 36.90 -5.00 31.10
N ILE J 59 37.36 -5.03 29.85
CA ILE J 59 38.49 -4.21 29.42
C ILE J 59 38.13 -2.74 29.47
N UNK J 60 36.92 -2.40 29.05
CA UNK J 60 36.46 -1.02 29.09
C UNK J 60 36.46 -0.50 30.52
N ARG J 61 35.98 -1.33 31.45
CA ARG J 61 35.96 -0.97 32.86
C ARG J 61 37.39 -0.81 33.39
N ILE J 62 38.29 -1.74 33.05
CA ILE J 62 39.67 -1.66 33.52
C ILE J 62 40.33 -0.39 33.01
N LEU J 63 40.04 0.00 31.77
CA LEU J 63 40.60 1.21 31.19
C LEU J 63 40.02 2.45 31.85
N UNK J 64 38.73 2.38 32.21
CA UNK J 64 38.08 3.49 32.90
C UNK J 64 38.60 3.64 34.33
N LEU J 65 39.33 2.65 34.80
CA LEU J 65 39.89 2.68 36.15
C LEU J 65 41.36 3.07 36.14
N GLU J 66 41.83 3.56 35.00
CA GLU J 66 43.23 3.96 34.81
C GLU J 66 44.16 2.79 35.10
N GLY J 67 43.86 1.64 34.53
CA GLY J 67 44.68 0.46 34.67
C GLY J 67 45.17 -0.08 33.34
N UNK J 68 46.07 -1.05 33.39
CA UNK J 68 46.59 -1.66 32.17
C UNK J 68 45.96 -3.03 31.96
N PRO J 69 45.07 -3.13 30.96
CA PRO J 69 44.37 -4.38 30.65
C PRO J 69 45.32 -5.49 30.21
N UNK J 70 45.52 -6.47 31.07
CA UNK J 70 46.34 -7.63 30.74
C UNK J 70 45.57 -8.56 29.82
N UNK J 71 45.64 -8.30 28.52
CA UNK J 71 44.99 -9.14 27.53
C UNK J 71 45.99 -10.13 26.94
N UNK J 72 47.22 -10.08 27.44
CA UNK J 72 48.29 -10.94 26.93
C UNK J 72 48.22 -12.34 27.52
N UNK J 73 48.10 -12.41 28.84
CA UNK J 73 48.08 -13.68 29.54
C UNK J 73 46.91 -14.57 29.13
N UNK J 74 47.08 -15.86 29.30
CA UNK J 74 46.03 -16.83 29.01
C UNK J 74 46.25 -18.08 29.85
N UNK J 75 45.17 -18.65 30.35
CA UNK J 75 45.26 -19.85 31.17
C UNK J 75 45.48 -21.09 30.30
N UNK J 76 45.44 -22.26 30.94
CA UNK J 76 45.62 -23.51 30.21
C UNK J 76 44.29 -24.02 29.67
N LEU J 77 44.13 -23.97 28.35
CA LEU J 77 42.92 -24.45 27.69
C LEU J 77 42.66 -25.93 28.01
N UNK J 78 41.39 -26.30 28.03
CA UNK J 78 41.00 -27.69 28.22
C UNK J 78 40.09 -28.13 27.09
N ILE J 79 40.69 -28.68 26.04
CA ILE J 79 39.94 -29.05 24.85
C ILE J 79 39.51 -30.51 24.90
N GLY J 80 38.21 -30.74 24.71
CA GLY J 80 37.65 -32.08 24.76
C GLY J 80 37.78 -32.85 23.46
N UNK J 81 37.96 -34.16 23.57
CA UNK J 81 38.11 -35.03 22.41
C UNK J 81 36.77 -35.60 21.98
N UNK J 82 35.74 -35.34 22.78
CA UNK J 82 34.39 -35.78 22.48
C UNK J 82 33.40 -34.82 23.14
N VAL J 83 32.19 -34.74 22.60
CA VAL J 83 31.19 -33.79 23.07
C VAL J 83 30.92 -33.85 24.59
N PRO J 84 30.81 -35.07 25.17
CA PRO J 84 30.66 -35.09 26.63
C PRO J 84 31.84 -34.45 27.37
N UNK J 85 33.05 -34.77 26.94
CA UNK J 85 34.26 -34.20 27.54
C UNK J 85 34.28 -32.69 27.33
N MET J 86 33.89 -32.27 26.13
CA MET J 86 33.73 -30.85 25.80
C MET J 86 32.86 -30.13 26.82
N UNK J 87 31.63 -30.63 26.96
CA UNK J 87 30.63 -29.99 27.83
C UNK J 87 31.06 -30.05 29.29
N UNK J 88 31.70 -31.12 29.71
CA UNK J 88 32.19 -31.24 31.07
C UNK J 88 33.27 -30.21 31.36
N ASN J 89 34.22 -30.08 30.43
CA ASN J 89 35.29 -29.10 30.58
C ASN J 89 34.75 -27.68 30.59
N ASP J 90 33.74 -27.43 29.74
CA ASP J 90 33.10 -26.12 29.70
C ASP J 90 32.43 -25.80 31.02
N UNK J 91 31.70 -26.77 31.57
CA UNK J 91 31.05 -26.63 32.86
C UNK J 91 32.06 -26.34 33.96
N ALA J 92 33.16 -27.08 33.96
CA ALA J 92 34.20 -26.90 34.96
C ALA J 92 34.80 -25.50 34.91
N UNK J 93 35.13 -25.05 33.69
CA UNK J 93 35.69 -23.73 33.49
C UNK J 93 34.72 -22.65 33.96
N GLU J 94 33.44 -22.82 33.62
CA GLU J 94 32.44 -21.83 34.00
C GLU J 94 32.22 -21.79 35.51
N UNK J 95 32.31 -22.93 36.16
CA UNK J 95 32.17 -23.00 37.61
C UNK J 95 33.34 -22.28 38.29
N UNK J 96 34.55 -22.52 37.80
CA UNK J 96 35.73 -21.83 38.32
C UNK J 96 35.60 -20.32 38.12
N UNK J 97 35.10 -19.93 36.95
CA UNK J 97 34.89 -18.52 36.63
C UNK J 97 33.86 -17.90 37.57
N UNK J 98 32.81 -18.65 37.89
CA UNK J 98 31.77 -18.17 38.79
C UNK J 98 32.33 -17.95 40.19
N UNK J 99 33.18 -18.88 40.64
CA UNK J 99 33.83 -18.73 41.93
C UNK J 99 34.69 -17.47 41.98
N UNK J 100 35.50 -17.29 40.94
CA UNK J 100 36.36 -16.11 40.83
C UNK J 100 35.52 -14.83 40.80
N LEU J 101 34.38 -14.88 40.12
CA LEU J 101 33.49 -13.75 40.00
C LEU J 101 32.85 -13.38 41.33
N UNK J 102 32.44 -14.39 42.09
CA UNK J 102 31.87 -14.15 43.42
C UNK J 102 32.91 -13.49 44.32
N UNK J 103 34.15 -14.00 44.26
CA UNK J 103 35.23 -13.41 45.05
C UNK J 103 35.49 -11.95 44.66
N UNK J 104 35.48 -11.68 43.36
CA UNK J 104 35.70 -10.32 42.86
C UNK J 104 34.56 -9.39 43.24
N ILE J 105 33.33 -9.90 43.26
CA ILE J 105 32.17 -9.10 43.65
C ILE J 105 32.28 -8.74 45.12
N ALA J 106 32.69 -9.72 45.93
CA ALA J 106 32.91 -9.45 47.35
C ALA J 106 33.99 -8.40 47.54
N LEU J 107 35.08 -8.48 46.78
CA LEU J 107 36.12 -7.47 46.87
C LEU J 107 35.61 -6.09 46.46
N CYS J 108 34.84 -6.03 45.38
CA CYS J 108 34.32 -4.75 44.90
C CYS J 108 33.38 -4.12 45.91
N GLU J 109 32.56 -4.92 46.58
CA GLU J 109 31.70 -4.41 47.65
C GLU J 109 32.52 -3.94 48.84
N UNK J 110 33.56 -4.69 49.18
CA UNK J 110 34.40 -4.35 50.33
C UNK J 110 35.17 -3.05 50.11
N UNK J 111 35.56 -2.79 48.87
CA UNK J 111 36.31 -1.58 48.55
C UNK J 111 35.41 -0.48 48.04
N UNK J 112 34.11 -0.65 48.25
CA UNK J 112 33.09 0.35 47.92
C UNK J 112 33.13 0.79 46.46
N ASP J 113 33.54 -0.12 45.58
CA ASP J 113 33.49 0.14 44.14
C ASP J 113 32.21 -0.50 43.61
N TYR J 114 31.17 0.31 43.44
CA TYR J 114 29.85 -0.22 43.19
C TYR J 114 29.52 -0.38 41.71
N UNK J 115 30.16 0.42 40.87
CA UNK J 115 29.95 0.31 39.43
C UNK J 115 30.61 -0.96 38.89
N UNK J 116 31.84 -1.22 39.33
CA UNK J 116 32.54 -2.43 38.94
C UNK J 116 31.79 -3.62 39.49
N ARG J 117 31.21 -3.47 40.68
CA ARG J 117 30.43 -4.52 41.28
C ARG J 117 29.17 -4.80 40.47
N UNK J 118 28.56 -3.74 39.93
CA UNK J 118 27.39 -3.90 39.07
C UNK J 118 27.75 -4.66 37.80
N UNK J 119 28.87 -4.27 37.20
CA UNK J 119 29.37 -4.95 36.01
C UNK J 119 29.62 -6.44 36.27
N LEU J 120 30.29 -6.72 37.39
CA LEU J 120 30.62 -8.09 37.77
C LEU J 120 29.37 -8.89 38.12
N UNK J 121 28.37 -8.23 38.68
CA UNK J 121 27.11 -8.89 38.99
C UNK J 121 26.41 -9.29 37.70
N UNK J 122 26.47 -8.40 36.71
CA UNK J 122 25.90 -8.69 35.40
C UNK J 122 26.60 -9.90 34.77
N UNK J 123 27.93 -9.87 34.83
CA UNK J 123 28.73 -10.96 34.27
C UNK J 123 28.43 -12.28 34.99
N LEU J 124 28.29 -12.23 36.31
CA LEU J 124 28.01 -13.43 37.10
C LEU J 124 26.62 -13.97 36.80
N GLU J 125 25.65 -13.08 36.65
CA GLU J 125 24.32 -13.52 36.27
C GLU J 125 24.33 -14.20 34.91
N GLU J 126 25.05 -13.61 33.95
CA GLU J 126 25.13 -14.19 32.62
C GLU J 126 25.84 -15.54 32.63
N UNK J 127 26.88 -15.67 33.44
CA UNK J 127 27.65 -16.90 33.52
C UNK J 127 26.88 -18.00 34.25
N GLU J 128 26.06 -17.62 35.23
CA GLU J 128 25.31 -18.59 36.00
C GLU J 128 24.08 -19.08 35.24
N UNK J 129 23.41 -18.17 34.55
CA UNK J 129 22.17 -18.50 33.86
C UNK J 129 22.39 -18.94 32.42
N UNK J 130 23.05 -18.10 31.63
CA UNK J 130 23.18 -18.34 30.20
C UNK J 130 24.21 -19.41 29.85
N UNK J 131 25.18 -19.64 30.73
CA UNK J 131 26.26 -20.56 30.45
C UNK J 131 26.24 -21.81 31.34
N UNK J 132 26.51 -21.63 32.63
CA UNK J 132 26.62 -22.75 33.56
C UNK J 132 25.36 -23.61 33.60
N UNK J 133 24.21 -22.96 33.57
CA UNK J 133 22.94 -23.68 33.58
C UNK J 133 22.79 -24.52 32.32
N UNK J 134 23.11 -23.93 31.17
CA UNK J 134 23.01 -24.62 29.89
C UNK J 134 23.96 -25.80 29.84
N LEU J 135 25.18 -25.63 30.33
CA LEU J 135 26.15 -26.71 30.31
C LEU J 135 25.74 -27.84 31.25
N UNK J 136 25.21 -27.49 32.42
CA UNK J 136 24.73 -28.49 33.36
C UNK J 136 23.56 -29.27 32.78
N VAL J 137 22.65 -28.55 32.12
CA VAL J 137 21.47 -29.18 31.55
C VAL J 137 21.88 -30.05 30.37
N UNK J 138 22.93 -29.66 29.65
CA UNK J 138 23.42 -30.46 28.54
C UNK J 138 24.09 -31.72 29.06
N UNK J 139 24.83 -31.61 30.16
CA UNK J 139 25.47 -32.77 30.76
C UNK J 139 24.44 -33.75 31.31
N GLY J 140 23.30 -33.23 31.77
CA GLY J 140 22.21 -34.07 32.21
C GLY J 140 21.43 -34.71 31.07
N UNK J 141 21.29 -33.97 29.98
CA UNK J 141 20.58 -34.46 28.81
C UNK J 141 21.40 -35.54 28.11
N UNK J 142 22.71 -35.39 28.06
CA UNK J 142 23.59 -36.40 27.47
C UNK J 142 23.78 -37.55 28.44
N ASP J 143 22.70 -37.95 29.08
CA ASP J 143 22.71 -38.97 30.12
C ASP J 143 21.29 -39.50 30.28
N UNK J 144 20.34 -38.57 30.20
CA UNK J 144 18.93 -38.94 30.17
C UNK J 144 18.54 -39.42 28.78
N LEU J 145 19.17 -38.83 27.76
CA LEU J 145 18.91 -39.16 26.36
C LEU J 145 19.79 -40.31 25.90
N UNK J 146 20.99 -40.38 26.46
CA UNK J 146 22.01 -41.30 25.98
C UNK J 146 22.90 -40.54 25.02
N UNK J 147 24.14 -40.99 24.86
CA UNK J 147 25.10 -40.29 24.00
C UNK J 147 24.61 -40.24 22.56
N LYS J 148 24.08 -41.35 22.07
CA LYS J 148 23.64 -41.46 20.68
C LYS J 148 22.49 -40.52 20.36
N ASN J 149 21.44 -40.55 21.19
CA ASN J 149 20.29 -39.67 20.99
C ASN J 149 20.70 -38.20 21.14
N TYR J 150 21.54 -37.91 22.14
CA TYR J 150 21.98 -36.53 22.34
C TYR J 150 22.79 -36.03 21.16
N LEU J 151 23.68 -36.86 20.63
CA LEU J 151 24.46 -36.45 19.46
C LEU J 151 23.58 -36.32 18.22
N GLN J 152 22.54 -37.14 18.10
CA GLN J 152 21.59 -36.96 17.01
C GLN J 152 20.89 -35.62 17.13
N SER J 153 20.52 -35.23 18.33
CA SER J 153 19.88 -33.94 18.55
C SER J 153 20.84 -32.79 18.31
N UNK J 154 22.12 -33.01 18.61
CA UNK J 154 23.14 -31.99 18.47
C UNK J 154 23.53 -31.79 17.01
N ALA J 155 23.42 -32.84 16.22
CA ALA J 155 23.70 -32.75 14.79
C ALA J 155 22.60 -31.97 14.09
N UNK J 156 21.40 -32.01 14.64
CA UNK J 156 20.26 -31.29 14.07
C UNK J 156 19.89 -31.87 12.71
N UNK J 157 19.77 -31.00 11.71
CA UNK J 157 19.47 -31.45 10.35
C UNK J 157 20.73 -32.02 9.70
N UNK J 158 20.62 -33.25 9.19
CA UNK J 158 21.76 -33.93 8.57
C UNK J 158 22.22 -33.20 7.32
N UNK K 5 -1.42 -44.82 -42.72
CA UNK K 5 -2.33 -43.99 -43.48
C UNK K 5 -3.75 -44.07 -42.92
N UNK K 6 -4.10 -45.24 -42.38
CA UNK K 6 -5.41 -45.47 -41.79
C UNK K 6 -5.63 -44.55 -40.59
N VAL K 7 -4.58 -44.35 -39.81
CA VAL K 7 -4.65 -43.46 -38.65
C VAL K 7 -4.94 -42.03 -39.10
N UNK K 8 -4.27 -41.60 -40.16
CA UNK K 8 -4.49 -40.27 -40.71
C UNK K 8 -5.91 -40.11 -41.23
N UNK K 9 -6.42 -41.14 -41.91
CA UNK K 9 -7.79 -41.12 -42.40
C UNK K 9 -8.80 -41.02 -41.27
N UNK K 10 -8.57 -41.80 -40.22
CA UNK K 10 -9.44 -41.80 -39.05
C UNK K 10 -9.42 -40.44 -38.36
N LEU K 11 -8.24 -39.86 -38.25
CA LEU K 11 -8.08 -38.55 -37.65
C LEU K 11 -8.79 -37.49 -38.47
N ASN K 12 -8.74 -37.62 -39.79
CA ASN K 12 -9.44 -36.68 -40.67
C ASN K 12 -10.95 -36.81 -40.53
N UNK K 13 -11.42 -38.04 -40.38
CA UNK K 13 -12.85 -38.28 -40.15
C UNK K 13 -13.31 -37.63 -38.85
N UNK K 14 -12.54 -37.85 -37.79
CA UNK K 14 -12.84 -37.26 -36.48
C UNK K 14 -12.77 -35.73 -36.55
N LEU K 15 -11.87 -35.20 -37.37
CA LEU K 15 -11.76 -33.77 -37.56
C LEU K 15 -12.99 -33.20 -38.24
N UNK K 16 -13.47 -33.89 -39.27
CA UNK K 16 -14.70 -33.50 -39.95
C UNK K 16 -15.85 -33.49 -38.95
N UNK K 17 -15.89 -34.53 -38.12
CA UNK K 17 -16.90 -34.65 -37.08
C UNK K 17 -16.87 -33.45 -36.12
N UNK K 18 -15.68 -33.10 -35.65
CA UNK K 18 -15.51 -32.00 -34.71
C UNK K 18 -15.86 -30.65 -35.34
N LEU K 19 -15.48 -30.46 -36.60
CA LEU K 19 -15.80 -29.23 -37.32
C LEU K 19 -17.30 -29.07 -37.49
N THR K 20 -17.97 -30.18 -37.85
CA THR K 20 -19.43 -30.17 -37.94
C THR K 20 -20.06 -29.88 -36.59
N ALA K 21 -19.54 -30.48 -35.54
CA ALA K 21 -20.04 -30.24 -34.19
C ALA K 21 -19.93 -28.76 -33.82
N UNK K 22 -18.80 -28.15 -34.13
CA UNK K 22 -18.60 -26.73 -33.85
C UNK K 22 -19.57 -25.87 -34.64
N UNK K 23 -19.74 -26.19 -35.92
CA UNK K 23 -20.61 -25.41 -36.79
C UNK K 23 -22.08 -25.53 -36.39
N GLN K 24 -22.44 -26.65 -35.77
CA GLN K 24 -23.81 -26.84 -35.30
C GLN K 24 -24.02 -26.18 -33.95
N TYR K 25 -23.02 -26.33 -33.07
CA TYR K 25 -23.08 -25.70 -31.75
C TYR K 25 -23.19 -24.20 -31.87
N PHE K 26 -22.45 -23.60 -32.80
CA PHE K 26 -22.48 -22.14 -32.96
C PHE K 26 -23.84 -21.65 -33.43
N UNK K 27 -24.40 -22.33 -34.42
CA UNK K 27 -25.72 -21.98 -34.94
C UNK K 27 -26.77 -22.11 -33.84
N HIS K 28 -26.71 -23.23 -33.10
CA HIS K 28 -27.66 -23.45 -32.02
C HIS K 28 -27.54 -22.38 -30.93
N ALA K 29 -26.29 -22.04 -30.60
CA ALA K 29 -26.05 -21.01 -29.59
C ALA K 29 -26.62 -19.68 -30.02
N ARG K 30 -26.41 -19.30 -31.28
CA ARG K 30 -26.90 -18.00 -31.72
C ARG K 30 -28.42 -17.99 -31.85
N MET K 31 -29.03 -19.11 -32.24
CA MET K 31 -30.49 -19.18 -32.23
C MET K 31 -31.04 -19.06 -30.81
N UNK K 32 -30.39 -19.74 -29.86
CA UNK K 32 -30.81 -19.71 -28.46
C UNK K 32 -30.64 -18.33 -27.86
N UNK K 33 -29.63 -17.59 -28.31
CA UNK K 33 -29.41 -16.23 -27.84
C UNK K 33 -30.40 -15.26 -28.49
N ASN K 34 -30.78 -15.56 -29.73
CA ASN K 34 -31.77 -14.77 -30.43
C ASN K 34 -33.13 -14.92 -29.76
N TRP K 35 -33.39 -16.13 -29.25
CA TRP K 35 -34.64 -16.38 -28.54
C TRP K 35 -34.66 -15.77 -27.15
N GLY K 36 -33.53 -15.34 -26.62
CA GLY K 36 -33.45 -14.74 -25.31
C GLY K 36 -32.90 -15.64 -24.23
N PHE K 37 -32.73 -16.94 -24.50
CA PHE K 37 -32.17 -17.86 -23.53
C PHE K 37 -30.68 -17.61 -23.36
N UNK K 38 -30.33 -16.66 -22.51
CA UNK K 38 -28.95 -16.21 -22.37
C UNK K 38 -28.03 -17.25 -21.73
N UNK K 39 -28.53 -17.99 -20.75
CA UNK K 39 -27.71 -18.96 -20.04
C UNK K 39 -27.32 -20.14 -20.94
N LEU K 40 -28.32 -20.71 -21.61
CA LEU K 40 -28.10 -21.78 -22.56
C LEU K 40 -27.20 -21.30 -23.69
N UNK K 41 -27.37 -20.05 -24.09
CA UNK K 41 -26.55 -19.45 -25.13
C UNK K 41 -25.09 -19.40 -24.72
N UNK K 42 -24.84 -18.96 -23.49
CA UNK K 42 -23.48 -18.87 -22.97
C UNK K 42 -22.85 -20.26 -22.90
N UNK K 43 -23.62 -21.21 -22.40
CA UNK K 43 -23.14 -22.59 -22.31
C UNK K 43 -22.77 -23.16 -23.67
N UNK K 44 -23.65 -22.97 -24.65
CA UNK K 44 -23.43 -23.52 -25.99
C UNK K 44 -22.29 -22.78 -26.70
N UNK K 45 -22.10 -21.50 -26.40
CA UNK K 45 -20.97 -20.77 -26.97
C UNK K 45 -19.67 -21.30 -26.41
N UNK K 46 -19.65 -21.57 -25.11
CA UNK K 46 -18.48 -22.18 -24.48
C UNK K 46 -18.20 -23.57 -25.10
N GLU K 47 -19.27 -24.32 -25.35
CA GLU K 47 -19.17 -25.63 -25.97
C GLU K 47 -18.56 -25.53 -27.38
N UNK K 48 -19.01 -24.54 -28.14
CA UNK K 48 -18.48 -24.30 -29.47
C UNK K 48 -17.00 -23.94 -29.41
N UNK K 49 -16.62 -23.14 -28.43
CA UNK K 49 -15.21 -22.77 -28.25
C UNK K 49 -14.36 -24.01 -27.95
N UNK K 50 -14.86 -24.84 -27.05
CA UNK K 50 -14.17 -26.08 -26.69
C UNK K 50 -14.03 -27.00 -27.90
N GLU K 51 -15.08 -27.09 -28.70
CA GLU K 51 -15.04 -27.92 -29.90
C GLU K 51 -14.04 -27.39 -30.92
N UNK K 52 -13.96 -26.06 -31.02
CA UNK K 52 -12.99 -25.44 -31.91
C UNK K 52 -11.57 -25.77 -31.46
N UNK K 53 -11.34 -25.70 -30.15
CA UNK K 53 -10.04 -26.04 -29.58
C UNK K 53 -9.67 -27.50 -29.86
N UNK K 54 -10.64 -28.39 -29.69
CA UNK K 54 -10.42 -29.81 -29.94
C UNK K 54 -10.12 -30.08 -31.43
N ALA K 55 -10.85 -29.41 -32.30
CA ALA K 55 -10.62 -29.55 -33.74
C ALA K 55 -9.24 -29.04 -34.12
N UNK K 56 -8.82 -27.96 -33.47
CA UNK K 56 -7.49 -27.39 -33.70
C UNK K 56 -6.42 -28.39 -33.27
N UNK K 57 -6.64 -29.03 -32.13
CA UNK K 57 -5.72 -30.07 -31.65
C UNK K 57 -5.63 -31.20 -32.67
N LEU K 58 -6.78 -31.58 -33.21
CA LEU K 58 -6.83 -32.63 -34.23
C LEU K 58 -6.04 -32.23 -35.48
N ILE K 59 -6.20 -30.99 -35.91
CA ILE K 59 -5.48 -30.48 -37.07
C ILE K 59 -3.97 -30.53 -36.82
N UNK K 60 -3.55 -30.08 -35.65
CA UNK K 60 -2.13 -30.07 -35.30
C UNK K 60 -1.56 -31.49 -35.28
N ARG K 61 -2.33 -32.43 -34.74
CA ARG K 61 -1.91 -33.83 -34.70
C ARG K 61 -1.81 -34.43 -36.09
N ILE K 62 -2.78 -34.13 -36.95
CA ILE K 62 -2.75 -34.61 -38.32
C ILE K 62 -1.52 -34.06 -39.05
N LEU K 63 -1.23 -32.78 -38.84
CA LEU K 63 -0.09 -32.15 -39.49
C LEU K 63 1.23 -32.74 -39.02
N UNK K 64 1.32 -33.04 -37.72
CA UNK K 64 2.54 -33.63 -37.17
C UNK K 64 2.75 -35.06 -37.67
N LEU K 65 1.72 -35.63 -38.28
CA LEU K 65 1.80 -36.99 -38.82
C LEU K 65 2.02 -36.98 -40.32
N GLU K 66 2.40 -35.82 -40.86
CA GLU K 66 2.58 -35.63 -42.30
C GLU K 66 1.32 -35.98 -43.06
N GLY K 67 0.26 -35.22 -42.77
CA GLY K 67 -1.02 -35.43 -43.42
C GLY K 67 -1.65 -34.13 -43.90
N UNK K 68 -2.81 -34.26 -44.54
CA UNK K 68 -3.53 -33.09 -45.04
C UNK K 68 -4.92 -33.02 -44.44
N PRO K 69 -5.14 -32.09 -43.49
CA PRO K 69 -6.41 -31.94 -42.80
C PRO K 69 -7.54 -31.53 -43.73
N UNK K 70 -8.57 -32.37 -43.83
CA UNK K 70 -9.73 -32.06 -44.64
C UNK K 70 -10.64 -31.09 -43.90
N UNK K 71 -10.28 -29.80 -43.94
CA UNK K 71 -11.05 -28.78 -43.26
C UNK K 71 -12.07 -28.16 -44.21
N UNK K 72 -12.53 -28.94 -45.18
CA UNK K 72 -13.54 -28.48 -46.13
C UNK K 72 -14.70 -29.46 -46.15
N UNK K 73 -14.42 -30.71 -45.83
CA UNK K 73 -15.45 -31.75 -45.80
C UNK K 73 -16.21 -31.69 -44.48
N UNK K 74 -17.49 -31.33 -44.57
CA UNK K 74 -18.33 -31.26 -43.38
C UNK K 74 -19.56 -32.14 -43.55
N UNK K 75 -20.08 -32.63 -42.43
CA UNK K 75 -21.24 -33.51 -42.46
C UNK K 75 -22.54 -32.73 -42.28
N UNK K 76 -23.65 -33.46 -42.25
CA UNK K 76 -24.96 -32.83 -42.16
C UNK K 76 -25.20 -32.21 -40.79
N LEU K 77 -25.69 -30.97 -40.80
CA LEU K 77 -26.01 -30.26 -39.56
C LEU K 77 -27.46 -30.51 -39.19
N UNK K 78 -27.68 -31.16 -38.03
CA UNK K 78 -29.02 -31.39 -37.53
C UNK K 78 -29.46 -30.24 -36.65
N ILE K 79 -30.07 -29.23 -37.26
CA ILE K 79 -30.50 -28.04 -36.54
C ILE K 79 -31.91 -28.21 -36.00
N GLY K 80 -32.12 -27.79 -34.76
CA GLY K 80 -33.42 -27.90 -34.13
C GLY K 80 -34.28 -26.66 -34.27
N UNK K 81 -35.56 -26.78 -33.94
CA UNK K 81 -36.50 -25.67 -34.07
C UNK K 81 -36.94 -25.16 -32.70
N UNK K 82 -36.82 -26.02 -31.69
CA UNK K 82 -37.13 -25.67 -30.32
C UNK K 82 -36.00 -26.14 -29.43
N VAL K 83 -35.84 -25.53 -28.26
CA VAL K 83 -34.75 -25.89 -27.34
C VAL K 83 -34.65 -27.39 -27.05
N PRO K 84 -35.79 -28.07 -26.79
CA PRO K 84 -35.69 -29.53 -26.65
C PRO K 84 -35.14 -30.21 -27.90
N UNK K 85 -35.55 -29.72 -29.06
CA UNK K 85 -35.09 -30.27 -30.33
C UNK K 85 -33.58 -30.10 -30.50
N MET K 86 -33.07 -28.90 -30.22
CA MET K 86 -31.63 -28.68 -30.32
C MET K 86 -30.87 -29.54 -29.33
N UNK K 87 -31.40 -29.67 -28.12
CA UNK K 87 -30.76 -30.49 -27.10
C UNK K 87 -30.66 -31.94 -27.57
N UNK K 88 -31.76 -32.46 -28.10
CA UNK K 88 -31.79 -33.84 -28.59
C UNK K 88 -30.85 -34.05 -29.78
N ASN K 89 -30.85 -33.10 -30.71
CA ASN K 89 -29.98 -33.19 -31.88
C ASN K 89 -28.52 -33.16 -31.48
N ASP K 90 -28.19 -32.30 -30.54
CA ASP K 90 -26.83 -32.19 -30.02
C ASP K 90 -26.41 -33.50 -29.36
N UNK K 91 -27.30 -34.06 -28.55
CA UNK K 91 -27.02 -35.33 -27.89
C UNK K 91 -26.76 -36.44 -28.91
N ALA K 92 -27.59 -36.48 -29.95
CA ALA K 92 -27.44 -37.48 -31.02
C ALA K 92 -26.09 -37.36 -31.72
N UNK K 93 -25.76 -36.13 -32.12
CA UNK K 93 -24.50 -35.86 -32.79
C UNK K 93 -23.32 -36.27 -31.92
N GLU K 94 -23.40 -35.93 -30.63
CA GLU K 94 -22.33 -36.23 -29.70
C GLU K 94 -22.17 -37.73 -29.49
N UNK K 95 -23.29 -38.45 -29.46
CA UNK K 95 -23.24 -39.90 -29.31
C UNK K 95 -22.55 -40.55 -30.51
N UNK K 96 -22.95 -40.11 -31.71
CA UNK K 96 -22.32 -40.61 -32.93
C UNK K 96 -20.81 -40.32 -32.93
N UNK K 97 -20.46 -39.11 -32.53
CA UNK K 97 -19.06 -38.70 -32.45
C UNK K 97 -18.29 -39.54 -31.46
N UNK K 98 -18.91 -39.90 -30.34
CA UNK K 98 -18.27 -40.72 -29.33
C UNK K 98 -18.01 -42.12 -29.85
N UNK K 99 -18.98 -42.66 -30.59
CA UNK K 99 -18.79 -43.98 -31.21
C UNK K 99 -17.61 -43.96 -32.16
N UNK K 100 -17.58 -42.92 -33.01
CA UNK K 100 -16.49 -42.73 -33.96
C UNK K 100 -15.14 -42.63 -33.24
N LEU K 101 -15.13 -41.89 -32.14
CA LEU K 101 -13.93 -41.71 -31.34
C LEU K 101 -13.43 -43.02 -30.74
N UNK K 102 -14.36 -43.84 -30.26
CA UNK K 102 -13.99 -45.13 -29.70
C UNK K 102 -13.34 -46.01 -30.77
N UNK K 103 -13.96 -46.02 -31.95
CA UNK K 103 -13.41 -46.77 -33.07
C UNK K 103 -11.99 -46.29 -33.41
N UNK K 104 -11.82 -44.97 -33.45
CA UNK K 104 -10.53 -44.36 -33.77
C UNK K 104 -9.46 -44.69 -32.72
N ILE K 105 -9.85 -44.72 -31.46
CA ILE K 105 -8.91 -45.03 -30.38
C ILE K 105 -8.48 -46.49 -30.48
N ALA K 106 -9.44 -47.37 -30.79
CA ALA K 106 -9.10 -48.77 -31.00
C ALA K 106 -8.12 -48.93 -32.15
N LEU K 107 -8.36 -48.21 -33.25
CA LEU K 107 -7.44 -48.27 -34.39
C LEU K 107 -6.05 -47.75 -34.01
N CYS K 108 -6.00 -46.63 -33.28
CA CYS K 108 -4.72 -46.07 -32.88
C CYS K 108 -3.95 -47.04 -31.98
N GLU K 109 -4.65 -47.76 -31.12
CA GLU K 109 -4.00 -48.77 -30.28
C GLU K 109 -3.47 -49.91 -31.13
N UNK K 110 -4.26 -50.35 -32.10
CA UNK K 110 -3.84 -51.43 -32.98
C UNK K 110 -2.65 -51.01 -33.85
N UNK K 111 -2.67 -49.76 -34.31
CA UNK K 111 -1.61 -49.26 -35.18
C UNK K 111 -0.42 -48.73 -34.38
N UNK K 112 -0.41 -49.03 -33.08
CA UNK K 112 0.69 -48.69 -32.19
C UNK K 112 1.00 -47.19 -32.14
N ASP K 113 0.04 -46.35 -32.51
CA ASP K 113 0.24 -44.91 -32.41
C ASP K 113 -0.37 -44.42 -31.10
N TYR K 114 0.48 -44.15 -30.11
CA TYR K 114 0.01 -43.90 -28.75
C TYR K 114 -0.18 -42.42 -28.43
N UNK K 115 0.51 -41.55 -29.17
CA UNK K 115 0.36 -40.11 -28.94
C UNK K 115 -1.00 -39.64 -29.41
N UNK K 116 -1.38 -40.01 -30.63
CA UNK K 116 -2.70 -39.70 -31.14
C UNK K 116 -3.73 -40.44 -30.32
N ARG K 117 -3.38 -41.60 -29.78
CA ARG K 117 -4.28 -42.33 -28.90
C ARG K 117 -4.58 -41.53 -27.64
N UNK K 118 -3.54 -40.92 -27.07
CA UNK K 118 -3.69 -40.09 -25.88
C UNK K 118 -4.53 -38.84 -26.17
N UNK K 119 -4.25 -38.22 -27.31
CA UNK K 119 -5.02 -37.05 -27.73
C UNK K 119 -6.50 -37.40 -27.90
N LEU K 120 -6.75 -38.54 -28.54
CA LEU K 120 -8.11 -39.00 -28.79
C LEU K 120 -8.81 -39.38 -27.50
N UNK K 121 -8.05 -39.92 -26.54
CA UNK K 121 -8.61 -40.24 -25.23
C UNK K 121 -9.01 -38.98 -24.50
N UNK K 122 -8.20 -37.94 -24.64
CA UNK K 122 -8.54 -36.64 -24.04
C UNK K 122 -9.81 -36.07 -24.68
N UNK K 123 -9.89 -36.17 -26.00
CA UNK K 123 -11.07 -35.72 -26.73
C UNK K 123 -12.31 -36.51 -26.31
N LEU K 124 -12.14 -37.80 -26.08
CA LEU K 124 -13.23 -38.67 -25.65
C LEU K 124 -13.68 -38.30 -24.24
N GLU K 125 -12.74 -37.99 -23.37
CA GLU K 125 -13.09 -37.52 -22.03
C GLU K 125 -13.89 -36.22 -22.12
N GLU K 126 -13.43 -35.29 -22.94
CA GLU K 126 -14.12 -34.01 -23.12
C GLU K 126 -15.52 -34.20 -23.70
N UNK K 127 -15.67 -35.18 -24.58
CA UNK K 127 -16.95 -35.45 -25.23
C UNK K 127 -17.94 -36.13 -24.28
N GLU K 128 -17.49 -37.18 -23.60
CA GLU K 128 -18.36 -37.97 -22.75
C GLU K 128 -18.68 -37.27 -21.44
N UNK K 129 -17.65 -36.84 -20.72
CA UNK K 129 -17.82 -36.32 -19.37
C UNK K 129 -17.81 -34.80 -19.30
N UNK K 130 -18.36 -34.15 -20.32
CA UNK K 130 -18.43 -32.69 -20.34
C UNK K 130 -19.41 -32.16 -21.36
N UNK K 131 -19.73 -32.96 -22.38
CA UNK K 131 -20.64 -32.53 -23.43
C UNK K 131 -21.85 -33.45 -23.52
N UNK K 132 -21.61 -34.74 -23.65
CA UNK K 132 -22.70 -35.71 -23.73
C UNK K 132 -23.41 -35.77 -22.38
N UNK K 133 -22.63 -35.65 -21.31
CA UNK K 133 -23.17 -35.66 -19.95
C UNK K 133 -24.11 -34.48 -19.75
N UNK K 134 -23.65 -33.28 -20.07
CA UNK K 134 -24.43 -32.06 -19.89
C UNK K 134 -25.72 -32.10 -20.70
N LEU K 135 -25.64 -32.59 -21.94
CA LEU K 135 -26.80 -32.63 -22.80
C LEU K 135 -27.80 -33.69 -22.35
N UNK K 136 -27.31 -34.82 -21.85
CA UNK K 136 -28.18 -35.85 -21.29
C UNK K 136 -28.90 -35.31 -20.06
N VAL K 137 -28.15 -34.57 -19.25
CA VAL K 137 -28.67 -33.91 -18.07
C VAL K 137 -29.79 -32.96 -18.44
N UNK K 138 -29.54 -32.12 -19.44
CA UNK K 138 -30.51 -31.13 -19.88
C UNK K 138 -31.75 -31.79 -20.48
N UNK K 139 -31.55 -32.90 -21.20
CA UNK K 139 -32.66 -33.63 -21.77
C UNK K 139 -33.55 -34.21 -20.68
N GLY K 140 -32.92 -34.70 -19.61
CA GLY K 140 -33.68 -35.19 -18.47
C GLY K 140 -34.37 -34.07 -17.69
N UNK K 141 -33.70 -32.93 -17.62
CA UNK K 141 -34.20 -31.79 -16.85
C UNK K 141 -35.38 -31.12 -17.54
N UNK K 142 -35.38 -31.09 -18.86
CA UNK K 142 -36.48 -30.51 -19.61
C UNK K 142 -37.75 -31.34 -19.45
N ASP K 143 -37.60 -32.52 -18.86
CA ASP K 143 -38.71 -33.42 -18.63
C ASP K 143 -39.11 -33.42 -17.16
N UNK K 144 -38.10 -33.32 -16.29
CA UNK K 144 -38.33 -33.30 -14.85
C UNK K 144 -38.85 -31.94 -14.36
N LEU K 145 -38.47 -30.88 -15.05
CA LEU K 145 -38.86 -29.52 -14.68
C LEU K 145 -40.11 -29.07 -15.41
N UNK K 146 -40.29 -29.58 -16.62
CA UNK K 146 -41.35 -29.13 -17.50
C UNK K 146 -40.70 -28.18 -18.50
N UNK K 147 -41.32 -28.00 -19.66
CA UNK K 147 -40.75 -27.16 -20.70
C UNK K 147 -40.70 -25.70 -20.25
N LYS K 148 -41.76 -25.22 -19.61
CA LYS K 148 -41.85 -23.83 -19.19
C LYS K 148 -40.82 -23.48 -18.12
N ASN K 149 -40.72 -24.31 -17.09
CA ASN K 149 -39.73 -24.07 -16.03
C ASN K 149 -38.31 -24.12 -16.58
N TYR K 150 -38.03 -25.12 -17.44
CA TYR K 150 -36.70 -25.22 -18.03
C TYR K 150 -36.38 -24.01 -18.88
N LEU K 151 -37.33 -23.55 -19.68
CA LEU K 151 -37.09 -22.37 -20.51
C LEU K 151 -36.90 -21.12 -19.65
N GLN K 152 -37.62 -21.02 -18.52
CA GLN K 152 -37.40 -19.91 -17.62
C GLN K 152 -36.00 -19.93 -17.03
N SER K 153 -35.52 -21.12 -16.67
CA SER K 153 -34.16 -21.25 -16.15
C SER K 153 -33.14 -20.91 -17.24
N UNK K 154 -33.47 -21.24 -18.48
CA UNK K 154 -32.59 -20.99 -19.61
C UNK K 154 -32.53 -19.53 -19.99
N ALA K 155 -33.61 -18.80 -19.77
CA ALA K 155 -33.69 -17.39 -20.12
C ALA K 155 -32.85 -16.52 -19.17
N UNK K 156 -32.44 -17.10 -18.05
CA UNK K 156 -31.61 -16.40 -17.08
C UNK K 156 -32.35 -15.22 -16.47
N UNK K 157 -31.91 -14.01 -16.79
CA UNK K 157 -32.52 -12.80 -16.28
C UNK K 157 -33.38 -12.12 -17.35
N UNK K 158 -34.69 -12.06 -17.10
CA UNK K 158 -35.63 -11.46 -18.05
C UNK K 158 -36.31 -10.24 -17.44
N UNK L 2 -39.04 -9.08 -40.17
CA UNK L 2 -38.77 -9.82 -41.40
C UNK L 2 -37.88 -9.03 -42.35
N UNK L 3 -36.83 -9.68 -42.83
CA UNK L 3 -35.95 -9.07 -43.82
C UNK L 3 -36.39 -9.56 -45.20
N UNK L 4 -35.90 -8.90 -46.24
CA UNK L 4 -36.25 -9.29 -47.61
C UNK L 4 -35.67 -10.66 -47.93
N UNK L 5 -36.16 -11.27 -49.00
CA UNK L 5 -35.62 -12.55 -49.45
C UNK L 5 -34.22 -12.34 -50.02
N UNK L 6 -34.08 -11.30 -50.83
CA UNK L 6 -32.82 -10.97 -51.47
C UNK L 6 -31.74 -10.63 -50.46
N VAL L 7 -32.11 -9.86 -49.44
CA VAL L 7 -31.16 -9.42 -48.43
C VAL L 7 -30.66 -10.61 -47.62
N UNK L 8 -31.59 -11.46 -47.19
CA UNK L 8 -31.23 -12.66 -46.45
C UNK L 8 -30.35 -13.58 -47.29
N UNK L 9 -30.66 -13.67 -48.58
CA UNK L 9 -29.87 -14.49 -49.50
C UNK L 9 -28.44 -13.98 -49.62
N UNK L 10 -28.30 -12.67 -49.83
CA UNK L 10 -26.99 -12.04 -49.95
C UNK L 10 -26.19 -12.21 -48.67
N LEU L 11 -26.89 -12.11 -47.54
CA LEU L 11 -26.22 -12.22 -46.25
C LEU L 11 -25.77 -13.66 -45.99
N ASN L 12 -26.57 -14.62 -46.42
CA ASN L 12 -26.18 -16.03 -46.31
C ASN L 12 -24.96 -16.31 -47.18
N UNK L 13 -24.93 -15.68 -48.36
CA UNK L 13 -23.78 -15.78 -49.24
C UNK L 13 -22.51 -15.23 -48.57
N UNK L 14 -22.66 -14.04 -47.99
CA UNK L 14 -21.55 -13.40 -47.29
C UNK L 14 -21.08 -14.26 -46.11
N LEU L 15 -22.03 -14.90 -45.45
CA LEU L 15 -21.75 -15.79 -44.34
C LEU L 15 -20.96 -17.02 -44.79
N UNK L 16 -21.35 -17.57 -45.93
CA UNK L 16 -20.64 -18.72 -46.50
C UNK L 16 -19.20 -18.31 -46.82
N UNK L 17 -19.07 -17.12 -47.38
CA UNK L 17 -17.76 -16.56 -47.70
C UNK L 17 -16.89 -16.47 -46.44
N UNK L 18 -17.47 -15.91 -45.38
CA UNK L 18 -16.78 -15.75 -44.10
C UNK L 18 -16.39 -17.09 -43.48
N LEU L 19 -17.29 -18.07 -43.55
CA LEU L 19 -17.04 -19.40 -42.98
C LEU L 19 -15.89 -20.09 -43.70
N THR L 20 -15.93 -20.04 -45.04
CA THR L 20 -14.85 -20.61 -45.83
C THR L 20 -13.53 -19.90 -45.52
N ALA L 21 -13.57 -18.57 -45.42
CA ALA L 21 -12.39 -17.78 -45.10
C ALA L 21 -11.81 -18.21 -43.77
N UNK L 22 -12.68 -18.41 -42.77
CA UNK L 22 -12.24 -18.78 -41.43
C UNK L 22 -11.58 -20.14 -41.43
N UNK L 23 -12.21 -21.10 -42.12
CA UNK L 23 -11.64 -22.45 -42.21
C UNK L 23 -10.27 -22.44 -42.89
N GLN L 24 -10.19 -21.71 -43.99
CA GLN L 24 -8.94 -21.61 -44.74
C GLN L 24 -7.85 -20.96 -43.91
N TYR L 25 -8.21 -19.88 -43.21
CA TYR L 25 -7.27 -19.20 -42.34
C TYR L 25 -6.78 -20.11 -41.23
N PHE L 26 -7.67 -20.91 -40.66
CA PHE L 26 -7.30 -21.84 -39.61
C PHE L 26 -6.31 -22.88 -40.11
N UNK L 27 -6.65 -23.50 -41.24
CA UNK L 27 -5.77 -24.50 -41.84
C UNK L 27 -4.40 -23.92 -42.11
N HIS L 28 -4.37 -22.72 -42.69
CA HIS L 28 -3.11 -22.06 -43.01
C HIS L 28 -2.29 -21.73 -41.76
N ALA L 29 -2.98 -21.24 -40.72
CA ALA L 29 -2.29 -20.90 -39.48
C ALA L 29 -1.67 -22.13 -38.83
N ARG L 30 -2.40 -23.24 -38.80
CA ARG L 30 -1.84 -24.45 -38.22
C ARG L 30 -0.71 -25.01 -39.09
N MET L 31 -0.81 -24.89 -40.41
CA MET L 31 0.27 -25.30 -41.29
C MET L 31 1.54 -24.48 -41.01
N UNK L 32 1.37 -23.17 -40.85
CA UNK L 32 2.49 -22.29 -40.57
C UNK L 32 3.09 -22.59 -39.20
N UNK L 33 2.25 -22.96 -38.24
CA UNK L 33 2.73 -23.34 -36.91
C UNK L 33 3.55 -24.62 -37.00
N ASN L 34 3.08 -25.54 -37.85
CA ASN L 34 3.78 -26.79 -38.09
C ASN L 34 5.14 -26.55 -38.72
N TRP L 35 5.22 -25.55 -39.60
CA TRP L 35 6.48 -25.22 -40.26
C TRP L 35 7.43 -24.46 -39.35
N GLY L 36 6.94 -23.90 -38.24
CA GLY L 36 7.79 -23.16 -37.33
C GLY L 36 7.73 -21.66 -37.46
N PHE L 37 6.93 -21.14 -38.39
CA PHE L 37 6.76 -19.70 -38.53
C PHE L 37 5.77 -19.19 -37.52
N UNK L 38 6.22 -19.04 -36.28
CA UNK L 38 5.35 -18.73 -35.15
C UNK L 38 4.69 -17.35 -35.25
N UNK L 39 5.42 -16.35 -35.74
CA UNK L 39 4.89 -15.00 -35.84
C UNK L 39 3.73 -14.94 -36.84
N LEU L 40 3.97 -15.44 -38.04
CA LEU L 40 2.95 -15.48 -39.08
C LEU L 40 1.77 -16.35 -38.63
N UNK L 41 2.07 -17.41 -37.89
CA UNK L 41 1.03 -18.28 -37.36
C UNK L 41 0.12 -17.54 -36.39
N UNK L 42 0.72 -16.76 -35.50
CA UNK L 42 -0.03 -15.98 -34.53
C UNK L 42 -0.89 -14.95 -35.23
N UNK L 43 -0.31 -14.29 -36.23
CA UNK L 43 -1.04 -13.30 -37.02
C UNK L 43 -2.25 -13.92 -37.70
N UNK L 44 -2.04 -15.07 -38.34
CA UNK L 44 -3.11 -15.75 -39.05
C UNK L 44 -4.17 -16.27 -38.09
N UNK L 45 -3.77 -16.65 -36.88
CA UNK L 45 -4.71 -17.11 -35.88
C UNK L 45 -5.60 -15.95 -35.44
N UNK L 46 -4.98 -14.79 -35.25
CA UNK L 46 -5.73 -13.58 -34.92
C UNK L 46 -6.74 -13.26 -36.02
N GLU L 47 -6.29 -13.37 -37.27
CA GLU L 47 -7.17 -13.16 -38.42
C GLU L 47 -8.33 -14.15 -38.45
N UNK L 48 -8.06 -15.39 -38.10
CA UNK L 48 -9.10 -16.43 -38.07
C UNK L 48 -10.13 -16.12 -36.99
N UNK L 49 -9.65 -15.66 -35.84
CA UNK L 49 -10.54 -15.27 -34.75
C UNK L 49 -11.44 -14.11 -35.17
N UNK L 50 -10.83 -13.15 -35.86
CA UNK L 50 -11.57 -11.99 -36.37
C UNK L 50 -12.65 -12.42 -37.37
N GLU L 51 -12.29 -13.35 -38.25
CA GLU L 51 -13.24 -13.88 -39.23
C GLU L 51 -14.38 -14.62 -38.54
N UNK L 52 -14.06 -15.32 -37.46
CA UNK L 52 -15.06 -16.04 -36.67
C UNK L 52 -16.06 -15.05 -36.07
N UNK L 53 -15.53 -13.96 -35.52
CA UNK L 53 -16.35 -12.90 -34.95
C UNK L 53 -17.27 -12.29 -36.01
N UNK L 54 -16.71 -12.06 -37.20
CA UNK L 54 -17.47 -11.51 -38.32
C UNK L 54 -18.61 -12.43 -38.74
N ALA L 55 -18.30 -13.72 -38.83
CA ALA L 55 -19.30 -14.73 -39.20
C ALA L 55 -20.40 -14.79 -38.15
N UNK L 56 -20.01 -14.63 -36.89
CA UNK L 56 -20.98 -14.63 -35.81
C UNK L 56 -21.92 -13.43 -35.90
N UNK L 57 -21.36 -12.27 -36.18
CA UNK L 57 -22.16 -11.06 -36.38
C UNK L 57 -23.13 -11.25 -37.54
N LEU L 58 -22.64 -11.86 -38.62
CA LEU L 58 -23.48 -12.12 -39.79
C LEU L 58 -24.62 -13.07 -39.45
N ILE L 59 -24.33 -14.09 -38.66
CA ILE L 59 -25.33 -15.07 -38.24
C ILE L 59 -26.40 -14.39 -37.40
N UNK L 60 -25.96 -13.55 -36.46
CA UNK L 60 -26.88 -12.80 -35.62
C UNK L 60 -27.81 -11.93 -36.45
N ARG L 61 -27.23 -11.22 -37.42
CA ARG L 61 -28.02 -10.38 -38.32
C ARG L 61 -29.02 -11.20 -39.12
N ILE L 62 -28.58 -12.33 -39.66
CA ILE L 62 -29.49 -13.18 -40.43
C ILE L 62 -30.63 -13.69 -39.55
N LEU L 63 -30.34 -14.00 -38.30
CA LEU L 63 -31.35 -14.48 -37.37
C LEU L 63 -32.36 -13.39 -37.01
N UNK L 64 -31.87 -12.17 -36.86
CA UNK L 64 -32.73 -11.04 -36.49
C UNK L 64 -33.75 -10.74 -37.58
N LEU L 65 -33.41 -11.03 -38.83
CA LEU L 65 -34.29 -10.75 -39.95
C LEU L 65 -35.26 -11.91 -40.20
N GLU L 66 -35.37 -12.80 -39.21
CA GLU L 66 -36.23 -13.97 -39.28
C GLU L 66 -35.90 -14.86 -40.49
N GLY L 67 -34.60 -14.94 -40.81
CA GLY L 67 -34.12 -15.81 -41.85
C GLY L 67 -33.24 -16.91 -41.31
N UNK L 68 -33.14 -18.03 -42.03
CA UNK L 68 -32.36 -19.16 -41.55
C UNK L 68 -30.94 -19.15 -42.11
N PRO L 69 -29.94 -19.13 -41.21
CA PRO L 69 -28.52 -19.12 -41.60
C PRO L 69 -28.07 -20.45 -42.22
N UNK L 70 -27.31 -20.38 -43.30
CA UNK L 70 -26.78 -21.57 -43.95
C UNK L 70 -25.33 -21.80 -43.57
N UNK L 71 -25.11 -22.38 -42.40
CA UNK L 71 -23.76 -22.62 -41.91
C UNK L 71 -23.29 -24.03 -42.27
N UNK L 72 -23.91 -24.61 -43.30
CA UNK L 72 -23.52 -25.93 -43.77
C UNK L 72 -22.81 -25.82 -45.12
N UNK L 73 -23.07 -24.72 -45.82
CA UNK L 73 -22.45 -24.47 -47.12
C UNK L 73 -21.11 -23.78 -46.93
N UNK L 74 -20.11 -24.23 -47.69
CA UNK L 74 -18.77 -23.64 -47.62
C UNK L 74 -18.10 -23.73 -48.98
N UNK L 75 -17.45 -22.63 -49.38
CA UNK L 75 -16.76 -22.58 -50.66
C UNK L 75 -15.50 -23.43 -50.65
N UNK L 76 -14.88 -23.58 -51.82
CA UNK L 76 -13.67 -24.37 -51.95
C UNK L 76 -12.50 -23.75 -51.19
N LEU L 77 -11.68 -24.59 -50.59
CA LEU L 77 -10.54 -24.12 -49.81
C LEU L 77 -9.27 -24.12 -50.65
N UNK L 78 -8.95 -22.98 -51.26
CA UNK L 78 -7.71 -22.84 -52.00
C UNK L 78 -6.54 -22.81 -51.01
N ILE L 79 -5.91 -23.96 -50.80
CA ILE L 79 -4.84 -24.09 -49.82
C ILE L 79 -3.47 -24.09 -50.49
N GLY L 80 -2.56 -23.28 -49.97
CA GLY L 80 -1.23 -23.16 -50.52
C GLY L 80 -0.23 -24.13 -49.91
N UNK L 81 0.72 -24.58 -50.72
CA UNK L 81 1.71 -25.57 -50.27
C UNK L 81 2.92 -24.89 -49.62
N UNK L 82 3.12 -23.61 -49.93
CA UNK L 82 4.23 -22.86 -49.38
C UNK L 82 3.73 -21.50 -48.90
N VAL L 83 4.55 -20.80 -48.12
CA VAL L 83 4.15 -19.53 -47.51
C VAL L 83 3.71 -18.46 -48.53
N PRO L 84 4.50 -18.23 -49.59
CA PRO L 84 4.01 -17.24 -50.57
C PRO L 84 2.72 -17.67 -51.25
N UNK L 85 2.60 -18.98 -51.50
CA UNK L 85 1.39 -19.52 -52.10
C UNK L 85 0.19 -19.29 -51.18
N MET L 86 0.38 -19.56 -49.89
CA MET L 86 -0.67 -19.33 -48.90
C MET L 86 -1.09 -17.87 -48.88
N UNK L 87 -0.10 -16.97 -48.90
CA UNK L 87 -0.37 -15.54 -48.86
C UNK L 87 -1.17 -15.10 -50.06
N UNK L 88 -0.75 -15.56 -51.25
CA UNK L 88 -1.44 -15.23 -52.49
C UNK L 88 -2.86 -15.75 -52.49
N ASN L 89 -3.04 -16.98 -52.01
CA ASN L 89 -4.36 -17.60 -51.96
C ASN L 89 -5.30 -16.83 -51.04
N ASP L 90 -4.77 -16.47 -49.87
CA ASP L 90 -5.52 -15.68 -48.89
C ASP L 90 -5.93 -14.34 -49.48
N UNK L 91 -5.01 -13.68 -50.16
CA UNK L 91 -5.28 -12.40 -50.80
C UNK L 91 -6.39 -12.53 -51.85
N ALA L 92 -6.31 -13.56 -52.68
CA ALA L 92 -7.32 -13.80 -53.72
C ALA L 92 -8.71 -14.00 -53.11
N UNK L 93 -8.78 -14.88 -52.12
CA UNK L 93 -10.03 -15.17 -51.44
C UNK L 93 -10.62 -13.91 -50.83
N GLU L 94 -9.77 -13.12 -50.18
CA GLU L 94 -10.22 -11.91 -49.51
C GLU L 94 -10.72 -10.87 -50.52
N UNK L 95 -10.07 -10.79 -51.67
CA UNK L 95 -10.50 -9.86 -52.72
C UNK L 95 -11.87 -10.26 -53.25
N UNK L 96 -12.06 -11.55 -53.45
CA UNK L 96 -13.37 -12.06 -53.88
C UNK L 96 -14.45 -11.70 -52.87
N UNK L 97 -14.13 -11.93 -51.59
CA UNK L 97 -15.04 -11.61 -50.49
C UNK L 97 -15.37 -10.12 -50.46
N UNK L 98 -14.38 -9.28 -50.73
CA UNK L 98 -14.58 -7.83 -50.75
C UNK L 98 -15.51 -7.40 -51.88
N UNK L 99 -15.34 -8.01 -53.05
CA UNK L 99 -16.22 -7.72 -54.18
C UNK L 99 -17.67 -8.10 -53.85
N UNK L 100 -17.82 -9.29 -53.28
CA UNK L 100 -19.14 -9.78 -52.89
C UNK L 100 -19.78 -8.86 -51.85
N LEU L 101 -18.96 -8.38 -50.91
CA LEU L 101 -19.43 -7.49 -49.86
C LEU L 101 -19.86 -6.15 -50.43
N UNK L 102 -19.13 -5.65 -51.41
CA UNK L 102 -19.50 -4.39 -52.05
C UNK L 102 -20.87 -4.52 -52.72
N UNK L 103 -21.05 -5.63 -53.43
CA UNK L 103 -22.34 -5.91 -54.07
C UNK L 103 -23.47 -6.01 -53.02
N UNK L 104 -23.19 -6.68 -51.91
CA UNK L 104 -24.16 -6.84 -50.84
C UNK L 104 -24.54 -5.52 -50.19
N ILE L 105 -23.56 -4.63 -50.01
CA ILE L 105 -23.80 -3.32 -49.43
C ILE L 105 -24.70 -2.53 -50.37
N ALA L 106 -24.42 -2.63 -51.67
CA ALA L 106 -25.27 -1.95 -52.65
C ALA L 106 -26.70 -2.46 -52.58
N LEU L 107 -26.87 -3.78 -52.50
CA LEU L 107 -28.22 -4.35 -52.41
C LEU L 107 -28.92 -3.89 -51.14
N CYS L 108 -28.22 -3.89 -50.01
CA CYS L 108 -28.84 -3.48 -48.75
C CYS L 108 -29.25 -2.02 -48.79
N GLU L 109 -28.42 -1.16 -49.38
CA GLU L 109 -28.77 0.25 -49.53
C GLU L 109 -30.00 0.39 -50.43
N UNK L 110 -30.07 -0.43 -51.47
CA UNK L 110 -31.20 -0.40 -52.38
C UNK L 110 -32.50 -0.88 -51.71
N UNK L 111 -32.38 -1.89 -50.86
CA UNK L 111 -33.54 -2.49 -50.22
C UNK L 111 -33.89 -1.81 -48.89
N UNK L 112 -33.32 -0.65 -48.66
CA UNK L 112 -33.60 0.16 -47.47
C UNK L 112 -33.33 -0.57 -46.17
N ASP L 113 -32.28 -1.39 -46.16
CA ASP L 113 -31.84 -2.07 -44.95
C ASP L 113 -30.54 -1.44 -44.49
N TYR L 114 -30.59 -0.65 -43.43
CA TYR L 114 -29.48 0.21 -43.07
C TYR L 114 -28.66 -0.30 -41.90
N UNK L 115 -29.26 -1.04 -40.99
CA UNK L 115 -28.51 -1.66 -39.91
C UNK L 115 -27.65 -2.78 -40.49
N UNK L 116 -28.25 -3.54 -41.40
CA UNK L 116 -27.55 -4.57 -42.14
C UNK L 116 -26.42 -3.96 -42.94
N ARG L 117 -26.67 -2.80 -43.53
CA ARG L 117 -25.66 -2.11 -44.32
C ARG L 117 -24.53 -1.61 -43.44
N UNK L 118 -24.85 -1.20 -42.21
CA UNK L 118 -23.83 -0.75 -41.27
C UNK L 118 -22.93 -1.92 -40.88
N UNK L 119 -23.55 -3.06 -40.60
CA UNK L 119 -22.80 -4.27 -40.30
C UNK L 119 -21.88 -4.64 -41.47
N LEU L 120 -22.43 -4.62 -42.67
CA LEU L 120 -21.69 -4.96 -43.87
C LEU L 120 -20.54 -4.00 -44.14
N UNK L 121 -20.75 -2.70 -43.88
CA UNK L 121 -19.71 -1.71 -44.07
C UNK L 121 -18.59 -1.90 -43.06
N UNK L 122 -18.95 -2.24 -41.83
CA UNK L 122 -17.94 -2.54 -40.81
C UNK L 122 -17.10 -3.73 -41.25
N UNK L 123 -17.79 -4.77 -41.75
CA UNK L 123 -17.12 -5.96 -42.23
C UNK L 123 -16.22 -5.64 -43.43
N LEU L 124 -16.65 -4.68 -44.25
CA LEU L 124 -15.86 -4.27 -45.41
C LEU L 124 -14.58 -3.56 -44.99
N GLU L 125 -14.69 -2.64 -44.03
CA GLU L 125 -13.48 -2.01 -43.49
C GLU L 125 -12.55 -3.05 -42.89
N GLU L 126 -13.09 -4.00 -42.14
CA GLU L 126 -12.28 -5.06 -41.54
C GLU L 126 -11.56 -5.89 -42.61
N UNK L 127 -12.29 -6.26 -43.67
CA UNK L 127 -11.75 -7.11 -44.71
C UNK L 127 -10.77 -6.41 -45.63
N GLU L 128 -10.88 -5.08 -45.74
CA GLU L 128 -9.97 -4.34 -46.61
C GLU L 128 -8.74 -3.85 -45.85
N UNK L 129 -8.90 -3.60 -44.55
CA UNK L 129 -7.81 -3.08 -43.73
C UNK L 129 -7.08 -4.21 -43.01
N UNK L 130 -7.76 -4.87 -42.09
CA UNK L 130 -7.14 -5.89 -41.25
C UNK L 130 -6.72 -7.13 -42.03
N UNK L 131 -7.24 -7.31 -43.24
CA UNK L 131 -6.98 -8.51 -44.02
C UNK L 131 -6.24 -8.24 -45.32
N UNK L 132 -6.96 -7.75 -46.32
CA UNK L 132 -6.41 -7.57 -47.67
C UNK L 132 -5.15 -6.71 -47.67
N UNK L 133 -5.14 -5.67 -46.85
CA UNK L 133 -3.98 -4.79 -46.75
C UNK L 133 -2.78 -5.55 -46.22
N UNK L 134 -2.97 -6.30 -45.14
CA UNK L 134 -1.90 -7.08 -44.53
C UNK L 134 -1.35 -8.11 -45.52
N LEU L 135 -2.22 -8.78 -46.25
CA LEU L 135 -1.81 -9.81 -47.19
C LEU L 135 -1.07 -9.22 -48.39
N UNK L 136 -1.54 -8.08 -48.87
CA UNK L 136 -0.87 -7.39 -49.96
C UNK L 136 0.52 -6.95 -49.52
N VAL L 137 0.60 -6.43 -48.31
CA VAL L 137 1.87 -6.02 -47.73
C VAL L 137 2.81 -7.21 -47.60
N UNK L 138 2.26 -8.35 -47.18
CA UNK L 138 3.04 -9.55 -47.00
C UNK L 138 3.61 -10.04 -48.33
N UNK L 139 2.80 -10.00 -49.39
CA UNK L 139 3.26 -10.40 -50.72
C UNK L 139 4.37 -9.45 -51.21
N GLY L 140 4.11 -8.15 -51.05
CA GLY L 140 5.10 -7.15 -51.41
C GLY L 140 6.42 -7.32 -50.68
N UNK L 141 6.33 -7.67 -49.40
CA UNK L 141 7.53 -7.86 -48.57
C UNK L 141 8.22 -9.18 -48.91
N UNK L 142 7.46 -10.18 -49.34
CA UNK L 142 8.04 -11.43 -49.78
C UNK L 142 8.83 -11.19 -51.05
N ASP L 143 8.37 -10.22 -51.83
CA ASP L 143 9.09 -9.86 -53.06
C ASP L 143 10.28 -8.93 -52.81
N UNK L 144 10.16 -8.06 -51.82
CA UNK L 144 11.19 -7.06 -51.52
C UNK L 144 12.31 -7.62 -50.64
N LEU L 145 11.95 -8.14 -49.47
CA LEU L 145 12.88 -8.78 -48.55
C LEU L 145 13.59 -9.96 -49.19
N UNK L 146 12.90 -10.63 -50.09
CA UNK L 146 13.35 -11.92 -50.60
C UNK L 146 12.62 -12.97 -49.78
N UNK L 147 12.39 -14.15 -50.34
CA UNK L 147 11.64 -15.19 -49.67
C UNK L 147 12.36 -15.69 -48.43
N LYS L 148 13.69 -15.75 -48.49
CA LYS L 148 14.49 -16.26 -47.38
C LYS L 148 14.44 -15.33 -46.18
N ASN L 149 14.66 -14.04 -46.42
CA ASN L 149 14.58 -13.05 -45.35
C ASN L 149 13.17 -12.95 -44.78
N TYR L 150 12.17 -12.98 -45.66
CA TYR L 150 10.79 -12.93 -45.18
C TYR L 150 10.47 -14.14 -44.31
N LEU L 151 10.93 -15.32 -44.71
CA LEU L 151 10.68 -16.52 -43.90
C LEU L 151 11.43 -16.44 -42.57
N GLN L 152 12.64 -15.89 -42.58
CA GLN L 152 13.36 -15.71 -41.32
C GLN L 152 12.61 -14.77 -40.39
N SER L 153 12.04 -13.71 -40.93
CA SER L 153 11.23 -12.79 -40.14
C SER L 153 9.96 -13.46 -39.63
N UNK L 154 9.38 -14.33 -40.44
CA UNK L 154 8.15 -15.02 -40.09
C UNK L 154 8.38 -16.05 -39.00
N ALA L 155 9.56 -16.64 -38.98
CA ALA L 155 9.91 -17.61 -37.94
C ALA L 155 10.04 -16.90 -36.60
N UNK L 156 10.40 -15.62 -36.64
CA UNK L 156 10.54 -14.82 -35.43
C UNK L 156 11.68 -15.33 -34.56
N UNK L 157 11.32 -15.91 -33.42
CA UNK L 157 12.31 -16.46 -32.50
C UNK L 157 12.43 -17.97 -32.69
N UNK L 158 13.59 -18.52 -32.38
CA UNK L 158 13.83 -19.95 -32.50
C UNK L 158 14.03 -20.59 -31.12
N PRO M 1 25.22 -25.48 40.23
CA PRO M 1 25.66 -24.59 41.31
C PRO M 1 24.82 -24.75 42.58
N ARG M 2 25.31 -25.56 43.51
CA ARG M 2 24.57 -25.82 44.73
C ARG M 2 24.49 -24.55 45.59
N GLY M 3 23.32 -24.35 46.20
CA GLY M 3 23.11 -23.20 47.06
C GLY M 3 23.17 -23.58 48.54
N SER M 4 23.22 -22.55 49.37
CA SER M 4 23.25 -22.77 50.81
C SER M 4 21.91 -23.34 51.27
N PRO M 5 21.91 -24.25 52.25
CA PRO M 5 20.64 -24.68 52.83
C PRO M 5 19.85 -23.56 53.45
N LYS M 6 20.53 -22.56 54.03
CA LYS M 6 19.84 -21.41 54.58
C LYS M 6 19.23 -20.56 53.48
N VAL M 7 19.95 -20.38 52.37
CA VAL M 7 19.41 -19.64 51.23
C VAL M 7 18.20 -20.37 50.66
N ILE M 8 18.28 -21.70 50.58
CA ILE M 8 17.15 -22.47 50.06
C ILE M 8 15.95 -22.35 50.98
N SER M 9 16.17 -22.41 52.30
CA SER M 9 15.06 -22.29 53.24
C SER M 9 14.42 -20.91 53.17
N VAL M 10 15.24 -19.86 53.06
CA VAL M 10 14.68 -18.51 52.99
C VAL M 10 13.95 -18.31 51.67
N LEU M 11 14.45 -18.91 50.58
CA LEU M 11 13.75 -18.82 49.31
C LEU M 11 12.43 -19.60 49.35
N ASN M 12 12.38 -20.69 50.13
CA ASN M 12 11.13 -21.42 50.28
C ASN M 12 10.12 -20.62 51.09
N GLY M 13 10.58 -19.93 52.13
CA GLY M 13 9.71 -19.02 52.85
C GLY M 13 9.18 -17.90 51.96
N LEU M 14 10.06 -17.34 51.13
CA LEU M 14 9.62 -16.33 50.18
C LEU M 14 8.63 -16.90 49.19
N LEU M 15 8.85 -18.13 48.74
CA LEU M 15 7.95 -18.76 47.78
C LEU M 15 6.58 -19.00 48.37
N THR M 16 6.51 -19.48 49.61
CA THR M 16 5.20 -19.66 50.23
C THR M 16 4.52 -18.32 50.49
N GLY M 17 5.29 -17.29 50.83
CA GLY M 17 4.72 -15.95 50.93
C GLY M 17 4.12 -15.46 49.62
N GLU M 18 4.86 -15.67 48.52
CA GLU M 18 4.38 -15.21 47.21
C GLU M 18 3.17 -16.01 46.75
N LEU M 19 3.16 -17.32 47.01
CA LEU M 19 2.01 -18.13 46.65
C LEU M 19 0.78 -17.72 47.45
N THR M 20 0.95 -17.47 48.76
CA THR M 20 -0.16 -17.00 49.57
C THR M 20 -0.65 -15.64 49.09
N ALA M 21 0.29 -14.76 48.71
CA ALA M 21 -0.10 -13.45 48.18
C ALA M 21 -0.90 -13.61 46.90
N ALA M 22 -0.47 -14.50 46.01
CA ALA M 22 -1.19 -14.72 44.76
C ALA M 22 -2.59 -15.27 45.03
N ASP M 23 -2.70 -16.19 45.99
CA ASP M 23 -4.01 -16.75 46.31
C ASP M 23 -4.95 -15.69 46.87
N GLN M 24 -4.46 -14.89 47.82
CA GLN M 24 -5.28 -13.83 48.40
C GLN M 24 -5.66 -12.79 47.36
N TYR M 25 -4.72 -12.42 46.49
CA TYR M 25 -5.04 -11.48 45.41
C TYR M 25 -6.08 -12.07 44.46
N PHE M 26 -6.00 -13.37 44.20
CA PHE M 26 -7.00 -14.05 43.39
C PHE M 26 -8.39 -13.90 44.00
N VAL M 27 -8.51 -14.24 45.28
CA VAL M 27 -9.82 -14.15 45.94
C VAL M 27 -10.32 -12.72 45.95
N HIS M 28 -9.44 -11.76 46.27
CA HIS M 28 -9.86 -10.37 46.34
C HIS M 28 -10.28 -9.84 44.97
N ALA M 29 -9.54 -10.17 43.92
CA ALA M 29 -9.91 -9.74 42.58
C ALA M 29 -11.25 -10.32 42.17
N ARG M 30 -11.48 -11.60 42.46
CA ARG M 30 -12.74 -12.21 42.06
C ARG M 30 -13.91 -11.64 42.86
N MET M 31 -13.69 -11.33 44.14
CA MET M 31 -14.74 -10.67 44.92
C MET M 31 -15.03 -9.27 44.38
N LEU M 32 -13.99 -8.53 43.99
CA LEU M 32 -14.19 -7.21 43.42
C LEU M 32 -14.97 -7.29 42.11
N GLU M 33 -14.67 -8.31 41.29
CA GLU M 33 -15.44 -8.53 40.08
C GLU M 33 -16.89 -8.86 40.40
N ASN M 34 -17.11 -9.68 41.43
CA ASN M 34 -18.47 -10.05 41.81
C ASN M 34 -19.27 -8.83 42.25
N TRP M 35 -18.64 -7.93 43.00
CA TRP M 35 -19.33 -6.71 43.45
C TRP M 35 -19.52 -5.70 42.34
N GLY M 36 -18.85 -5.86 41.21
CA GLY M 36 -18.97 -4.94 40.11
C GLY M 36 -17.92 -3.85 40.03
N PHE M 37 -16.82 -3.96 40.79
CA PHE M 37 -15.75 -2.97 40.77
C PHE M 37 -14.77 -3.37 39.69
N LYS M 38 -15.05 -2.94 38.47
CA LYS M 38 -14.37 -3.47 37.29
C LYS M 38 -12.90 -3.06 37.26
N VAL M 39 -12.61 -1.76 37.45
CA VAL M 39 -11.23 -1.30 37.33
C VAL M 39 -10.38 -1.85 38.48
N LEU M 40 -10.97 -1.98 39.67
CA LEU M 40 -10.25 -2.59 40.78
C LEU M 40 -9.98 -4.06 40.49
N TYR M 41 -10.94 -4.75 39.88
CA TYR M 41 -10.72 -6.15 39.52
C TYR M 41 -9.60 -6.28 38.49
N GLU M 42 -9.58 -5.41 37.49
CA GLU M 42 -8.48 -5.42 36.53
C GLU M 42 -7.14 -5.25 37.22
N ARG M 43 -7.02 -4.24 38.08
CA ARG M 43 -5.73 -3.98 38.72
C ARG M 43 -5.31 -5.14 39.60
N ILE M 44 -6.23 -5.66 40.43
CA ILE M 44 -5.87 -6.73 41.35
C ILE M 44 -5.55 -8.02 40.61
N GLU M 45 -6.25 -8.29 39.50
CA GLU M 45 -5.93 -9.46 38.69
C GLU M 45 -4.54 -9.34 38.07
N HIS M 46 -4.18 -8.14 37.58
CA HIS M 46 -2.84 -7.95 37.06
C HIS M 46 -1.78 -8.13 38.15
N GLU M 47 -2.08 -7.66 39.37
CA GLU M 47 -1.18 -7.88 40.49
C GLU M 47 -1.04 -9.36 40.81
N ARG M 48 -2.14 -10.11 40.70
CA ARG M 48 -2.08 -11.55 40.89
C ARG M 48 -1.17 -12.21 39.86
N HIS M 49 -1.27 -11.77 38.59
CA HIS M 49 -0.39 -12.29 37.56
C HIS M 49 1.07 -11.98 37.87
N ASP M 50 1.35 -10.77 38.34
CA ASP M 50 2.70 -10.41 38.72
C ASP M 50 3.20 -11.29 39.86
N GLU M 51 2.32 -11.63 40.81
CA GLU M 51 2.73 -12.49 41.91
C GLU M 51 2.98 -13.93 41.43
N LEU M 52 2.22 -14.39 40.45
CA LEU M 52 2.53 -15.70 39.86
C LEU M 52 3.91 -15.67 39.19
N ASP M 53 4.22 -14.58 38.50
CA ASP M 53 5.55 -14.45 37.90
C ASP M 53 6.64 -14.43 38.97
N HIS M 54 6.39 -13.74 40.08
CA HIS M 54 7.35 -13.72 41.19
C HIS M 54 7.58 -15.13 41.74
N ALA M 55 6.49 -15.88 41.94
CA ALA M 55 6.62 -17.24 42.44
C ALA M 55 7.38 -18.12 41.45
N GLY M 56 7.15 -17.93 40.15
CA GLY M 56 7.89 -18.69 39.15
C GLY M 56 9.37 -18.38 39.17
N LEU M 57 9.73 -17.10 39.28
CA LEU M 57 11.13 -16.73 39.37
C LEU M 57 11.78 -17.34 40.62
N LEU M 58 11.07 -17.29 41.76
CA LEU M 58 11.61 -17.86 42.98
C LEU M 58 11.81 -19.36 42.86
N ILE M 59 10.85 -20.07 42.28
CA ILE M 59 10.97 -21.53 42.17
C ILE M 59 12.06 -21.90 41.17
N ASN M 60 12.24 -21.11 40.10
CA ASN M 60 13.35 -21.35 39.20
C ASN M 60 14.68 -21.18 39.92
N ARG M 61 14.79 -20.14 40.75
CA ARG M 61 16.02 -19.97 41.52
C ARG M 61 16.24 -21.13 42.48
N ILE M 62 15.18 -21.62 43.11
CA ILE M 62 15.33 -22.72 44.07
C ILE M 62 15.77 -23.99 43.35
N LEU M 63 15.14 -24.30 42.21
CA LEU M 63 15.51 -25.50 41.46
C LEU M 63 16.93 -25.39 40.91
N PHE M 64 17.32 -24.19 40.49
CA PHE M 64 18.69 -23.97 40.04
C PHE M 64 19.70 -24.28 41.14
N LEU M 65 19.33 -24.03 42.39
CA LEU M 65 20.21 -24.30 43.52
C LEU M 65 20.06 -25.72 44.06
N GLU M 66 19.39 -26.60 43.32
CA GLU M 66 19.24 -28.01 43.68
C GLU M 66 18.52 -28.19 45.02
N GLY M 67 17.56 -27.33 45.31
CA GLY M 67 16.72 -27.45 46.48
C GLY M 67 15.30 -27.76 46.05
N VAL M 68 14.63 -28.62 46.79
CA VAL M 68 13.25 -28.98 46.49
C VAL M 68 12.34 -27.81 46.88
N PRO M 69 11.59 -27.25 45.94
CA PRO M 69 10.75 -26.10 46.27
C PRO M 69 9.40 -26.51 46.83
N ASP M 70 9.06 -25.99 48.00
CA ASP M 70 7.81 -26.34 48.66
C ASP M 70 6.73 -25.34 48.25
N VAL M 71 5.71 -25.83 47.55
CA VAL M 71 4.52 -25.03 47.24
C VAL M 71 3.29 -25.56 47.95
N ALA M 72 3.38 -26.70 48.63
CA ALA M 72 2.24 -27.20 49.39
C ALA M 72 1.93 -26.29 50.58
N SER M 73 2.97 -25.73 51.19
CA SER M 73 2.77 -24.84 52.33
C SER M 73 2.08 -23.56 51.89
N ARG M 74 1.00 -23.20 52.58
CA ARG M 74 0.24 -21.99 52.31
C ARG M 74 -0.01 -21.29 53.63
N ALA M 75 0.23 -19.98 53.66
CA ALA M 75 0.01 -19.22 54.88
C ALA M 75 -1.47 -18.85 55.02
N ALA M 76 -1.86 -18.50 56.24
CA ALA M 76 -3.24 -18.13 56.50
C ALA M 76 -3.62 -16.88 55.71
N LEU M 77 -4.78 -16.94 55.05
CA LEU M 77 -5.27 -15.83 54.25
C LEU M 77 -5.98 -14.82 55.13
N ASN M 78 -6.03 -13.57 54.65
CA ASN M 78 -6.76 -12.49 55.29
C ASN M 78 -7.73 -11.93 54.26
N ILE M 79 -8.94 -12.47 54.23
CA ILE M 79 -9.96 -12.05 53.29
C ILE M 79 -10.81 -10.97 53.93
N GLY M 80 -10.91 -9.81 53.27
CA GLY M 80 -11.67 -8.70 53.82
C GLY M 80 -13.14 -8.75 53.41
N SER M 81 -13.98 -8.19 54.29
CA SER M 81 -15.42 -8.20 54.03
C SER M 81 -15.80 -7.18 52.97
N ASP M 82 -15.24 -5.97 53.04
CA ASP M 82 -15.54 -4.90 52.10
C ASP M 82 -14.23 -4.42 51.48
N VAL M 83 -14.35 -3.49 50.53
CA VAL M 83 -13.16 -3.05 49.78
C VAL M 83 -12.08 -2.47 50.69
N PRO M 84 -12.37 -1.50 51.57
CA PRO M 84 -11.29 -0.97 52.42
C PRO M 84 -10.63 -2.03 53.27
N LYS M 85 -11.39 -2.98 53.80
CA LYS M 85 -10.80 -4.06 54.59
C LYS M 85 -9.89 -4.94 53.73
N MET M 86 -10.32 -5.24 52.51
CA MET M 86 -9.49 -6.04 51.62
C MET M 86 -8.18 -5.34 51.30
N MET M 87 -8.23 -4.04 51.03
CA MET M 87 -6.98 -3.35 50.67
C MET M 87 -6.09 -3.14 51.89
N ALA M 88 -6.68 -2.97 53.08
CA ALA M 88 -5.87 -2.95 54.29
C ALA M 88 -5.15 -4.28 54.52
N ASN M 89 -5.87 -5.39 54.31
CA ASN M 89 -5.24 -6.71 54.43
C ASN M 89 -4.14 -6.90 53.40
N ASP M 90 -4.39 -6.47 52.17
CA ASP M 90 -3.37 -6.58 51.12
C ASP M 90 -2.14 -5.76 51.46
N LEU M 91 -2.33 -4.53 51.96
CA LEU M 91 -1.20 -3.70 52.36
C LEU M 91 -0.40 -4.34 53.48
N ALA M 92 -1.09 -4.91 54.48
CA ALA M 92 -0.40 -5.54 55.59
C ALA M 92 0.42 -6.74 55.12
N TYR M 93 -0.17 -7.58 54.26
CA TYR M 93 0.57 -8.73 53.79
C TYR M 93 1.75 -8.33 52.92
N GLU M 94 1.58 -7.27 52.11
CA GLU M 94 2.70 -6.81 51.29
C GLU M 94 3.83 -6.25 52.16
N LEU M 95 3.48 -5.58 53.26
CA LEU M 95 4.53 -5.12 54.18
C LEU M 95 5.27 -6.28 54.80
N GLN M 96 4.55 -7.33 55.22
CA GLN M 96 5.21 -8.52 55.76
C GLN M 96 6.12 -9.15 54.71
N VAL M 97 5.65 -9.21 53.46
CA VAL M 97 6.47 -9.73 52.37
C VAL M 97 7.72 -8.89 52.19
N VAL M 98 7.59 -7.56 52.32
CA VAL M 98 8.75 -6.68 52.19
C VAL M 98 9.77 -6.97 53.28
N ASP M 99 9.30 -7.15 54.52
CA ASP M 99 10.23 -7.45 55.62
C ASP M 99 10.96 -8.76 55.38
N GLU M 100 10.22 -9.80 54.99
CA GLU M 100 10.86 -11.09 54.70
C GLU M 100 11.85 -10.97 53.55
N LEU M 101 11.51 -10.17 52.54
CA LEU M 101 12.39 -9.96 51.41
C LEU M 101 13.68 -9.27 51.83
N LYS M 102 13.58 -8.27 52.70
CA LYS M 102 14.78 -7.57 53.17
C LYS M 102 15.67 -8.51 53.97
N ALA M 103 15.07 -9.35 54.82
CA ALA M 103 15.86 -10.33 55.54
C ALA M 103 16.56 -11.30 54.59
N ALA M 104 15.84 -11.76 53.57
CA ALA M 104 16.43 -12.68 52.60
C ALA M 104 17.56 -12.02 51.81
N ILE M 105 17.41 -10.75 51.46
CA ILE M 105 18.46 -10.04 50.72
C ILE M 105 19.71 -9.90 51.58
N ALA M 106 19.53 -9.57 52.86
CA ALA M 106 20.68 -9.50 53.76
C ALA M 106 21.36 -10.86 53.89
N LEU M 107 20.57 -11.94 53.98
CA LEU M 107 21.15 -13.28 54.04
C LEU M 107 21.94 -13.60 52.78
N CYS M 108 21.39 -13.26 51.62
CA CYS M 108 22.08 -13.53 50.36
C CYS M 108 23.38 -12.75 50.27
N GLU M 109 23.40 -11.51 50.76
CA GLU M 109 24.65 -10.78 50.84
C GLU M 109 25.65 -11.48 51.75
N SER M 110 25.18 -11.98 52.91
CA SER M 110 26.09 -12.64 53.83
C SER M 110 26.67 -13.92 53.23
N GLU M 111 25.84 -14.71 52.56
CA GLU M 111 26.25 -16.02 52.06
C GLU M 111 26.92 -15.97 50.69
N ARG M 112 27.41 -14.80 50.29
CA ARG M 112 28.29 -14.62 49.13
C ARG M 112 27.68 -15.07 47.82
N ASP M 113 26.37 -15.32 47.78
CA ASP M 113 25.70 -15.69 46.53
C ASP M 113 24.85 -14.49 46.09
N TYR M 114 25.16 -13.96 44.90
CA TYR M 114 24.71 -12.65 44.50
C TYR M 114 23.65 -12.66 43.40
N ASP M 115 23.55 -13.74 42.63
CA ASP M 115 22.46 -13.83 41.67
C ASP M 115 21.11 -13.91 42.37
N THR M 116 21.05 -14.66 43.47
CA THR M 116 19.84 -14.67 44.28
C THR M 116 19.56 -13.31 44.87
N ARG M 117 20.60 -12.60 45.30
CA ARG M 117 20.39 -11.24 45.79
C ARG M 117 19.84 -10.34 44.70
N ARG M 118 20.31 -10.53 43.46
CA ARG M 118 19.80 -9.73 42.35
C ARG M 118 18.33 -10.00 42.09
N ILE M 119 17.94 -11.28 42.06
CA ILE M 119 16.54 -11.59 41.79
C ILE M 119 15.66 -11.13 42.96
N LEU M 120 16.17 -11.24 44.19
CA LEU M 120 15.40 -10.80 45.34
C LEU M 120 15.27 -9.28 45.39
N VAL M 121 16.29 -8.57 44.94
CA VAL M 121 16.19 -7.11 44.86
C VAL M 121 15.18 -6.71 43.80
N HIS M 122 15.15 -7.43 42.67
CA HIS M 122 14.10 -7.19 41.68
C HIS M 122 12.73 -7.43 42.27
N LEU M 123 12.57 -8.53 43.02
CA LEU M 123 11.29 -8.82 43.67
C LEU M 123 10.92 -7.74 44.68
N LEU M 124 11.89 -7.27 45.45
CA LEU M 124 11.64 -6.21 46.42
C LEU M 124 11.22 -4.91 45.75
N GLU M 125 11.88 -4.56 44.65
CA GLU M 125 11.49 -3.37 43.91
C GLU M 125 10.06 -3.48 43.39
N GLU M 126 9.71 -4.64 42.82
CA GLU M 126 8.35 -4.83 42.32
C GLU M 126 7.33 -4.77 43.46
N THR M 127 7.65 -5.40 44.59
CA THR M 127 6.72 -5.39 45.73
C THR M 127 6.55 -3.98 46.27
N GLU M 128 7.64 -3.21 46.36
CA GLU M 128 7.57 -1.87 46.93
C GLU M 128 6.83 -0.90 46.02
N GLN M 129 7.11 -0.95 44.72
CA GLN M 129 6.51 0.01 43.79
C GLN M 129 5.20 -0.50 43.21
N ASP M 130 5.24 -1.66 42.53
CA ASP M 130 4.06 -2.12 41.81
C ASP M 130 2.91 -2.47 42.75
N HIS M 131 3.20 -3.00 43.95
CA HIS M 131 2.16 -3.51 44.82
C HIS M 131 1.97 -2.66 46.08
N VAL M 132 3.03 -2.43 46.87
CA VAL M 132 2.87 -1.68 48.12
C VAL M 132 2.43 -0.26 47.83
N ARG M 133 3.10 0.40 46.89
CA ARG M 133 2.82 1.80 46.61
C ARG M 133 1.38 2.01 46.17
N TRP M 134 0.89 1.14 45.28
CA TRP M 134 -0.49 1.27 44.82
C TRP M 134 -1.47 1.08 45.97
N LEU M 135 -1.17 0.15 46.88
CA LEU M 135 -2.09 -0.10 48.00
C LEU M 135 -2.13 1.07 48.97
N GLU M 136 -0.98 1.66 49.31
CA GLU M 136 -1.02 2.82 50.19
C GLU M 136 -1.68 4.01 49.51
N VAL M 137 -1.45 4.16 48.20
CA VAL M 137 -2.14 5.19 47.43
C VAL M 137 -3.64 5.01 47.54
N GLN M 138 -4.11 3.77 47.39
CA GLN M 138 -5.55 3.54 47.41
C GLN M 138 -6.14 3.70 48.80
N VAL M 139 -5.40 3.35 49.85
CA VAL M 139 -5.88 3.60 51.20
C VAL M 139 -6.01 5.09 51.46
N GLY M 140 -5.01 5.87 51.05
CA GLY M 140 -5.12 7.31 51.12
C GLY M 140 -6.27 7.86 50.28
N LEU M 141 -6.55 7.22 49.15
CA LEU M 141 -7.65 7.66 48.30
C LEU M 141 -9.00 7.37 48.93
N ILE M 142 -9.12 6.24 49.63
CA ILE M 142 -10.34 5.98 50.40
C ILE M 142 -10.50 7.04 51.47
N ASP M 143 -9.40 7.41 52.12
CA ASP M 143 -9.46 8.44 53.16
C ASP M 143 -9.88 9.79 52.59
N LYS M 144 -9.32 10.18 51.45
CA LYS M 144 -9.48 11.52 50.89
C LYS M 144 -10.76 11.68 50.07
N LEU M 145 -10.97 10.79 49.10
CA LEU M 145 -12.15 10.86 48.25
C LEU M 145 -13.43 10.58 49.02
N GLY M 146 -13.36 9.73 50.03
CA GLY M 146 -14.56 9.22 50.65
C GLY M 146 -14.93 7.86 50.09
N LEU M 147 -15.60 7.06 50.93
CA LEU M 147 -15.92 5.69 50.53
C LEU M 147 -16.82 5.64 49.31
N LYS M 148 -17.87 6.48 49.28
CA LYS M 148 -18.81 6.45 48.17
C LYS M 148 -18.14 6.85 46.87
N ASN M 149 -17.37 7.95 46.89
CA ASN M 149 -16.68 8.39 45.69
C ASN M 149 -15.62 7.39 45.25
N TYR M 150 -14.89 6.82 46.21
CA TYR M 150 -13.86 5.85 45.85
C TYR M 150 -14.48 4.62 45.20
N LEU M 151 -15.61 4.14 45.74
CA LEU M 151 -16.28 2.99 45.15
C LEU M 151 -16.88 3.34 43.79
N GLN M 152 -17.31 4.58 43.60
CA GLN M 152 -17.77 5.00 42.29
C GLN M 152 -16.65 4.95 41.26
N SER M 153 -15.46 5.42 41.66
CA SER M 153 -14.32 5.35 40.75
C SER M 153 -13.89 3.91 40.51
N ALA M 154 -13.96 3.06 41.54
CA ALA M 154 -13.56 1.67 41.39
C ALA M 154 -14.52 0.89 40.51
N ALA M 155 -15.82 1.21 40.58
CA ALA M 155 -16.80 0.52 39.75
C ALA M 155 -16.58 0.81 38.28
N GLY M 156 -16.08 2.01 37.96
CA GLY M 156 -15.84 2.38 36.57
C GLY M 156 -17.12 2.61 35.80
N GLU M 157 -17.34 1.78 34.79
CA GLU M 157 -18.48 1.92 33.88
C GLU M 157 -19.53 0.88 34.24
N ILE M 158 -20.75 1.33 34.51
CA ILE M 158 -21.84 0.43 34.85
C ILE M 158 -22.71 0.16 33.63
N PRO N 1 -29.10 -14.66 43.79
CA PRO N 1 -29.46 -16.08 43.72
C PRO N 1 -28.74 -16.90 44.77
N ARG N 2 -29.43 -17.21 45.87
CA ARG N 2 -28.86 -18.04 46.92
C ARG N 2 -28.50 -19.41 46.36
N GLY N 3 -27.34 -19.91 46.78
CA GLY N 3 -26.86 -21.22 46.36
C GLY N 3 -27.05 -22.24 47.46
N SER N 4 -27.37 -23.47 47.06
CA SER N 4 -27.57 -24.54 48.02
C SER N 4 -26.24 -24.89 48.70
N PRO N 5 -26.28 -25.26 49.99
CA PRO N 5 -25.03 -25.59 50.70
C PRO N 5 -24.28 -26.76 50.09
N LYS N 6 -24.99 -27.76 49.55
CA LYS N 6 -24.30 -28.92 48.98
C LYS N 6 -23.56 -28.56 47.71
N VAL N 7 -24.18 -27.77 46.84
CA VAL N 7 -23.51 -27.33 45.62
C VAL N 7 -22.30 -26.48 45.96
N ILE N 8 -22.44 -25.60 46.97
CA ILE N 8 -21.32 -24.77 47.40
C ILE N 8 -20.18 -25.65 47.91
N SER N 9 -20.52 -26.69 48.69
CA SER N 9 -19.49 -27.56 49.25
C SER N 9 -18.77 -28.35 48.16
N VAL N 10 -19.52 -28.89 47.19
CA VAL N 10 -18.85 -29.64 46.13
C VAL N 10 -18.05 -28.72 45.23
N LEU N 11 -18.53 -27.49 45.02
CA LEU N 11 -17.75 -26.52 44.27
C LEU N 11 -16.46 -26.16 44.99
N ASN N 12 -16.52 -26.07 46.32
CA ASN N 12 -15.31 -25.80 47.09
C ASN N 12 -14.33 -26.96 47.04
N GLY N 13 -14.85 -28.19 47.09
CA GLY N 13 -13.98 -29.35 46.92
C GLY N 13 -13.31 -29.37 45.57
N LEU N 14 -14.07 -29.07 44.51
CA LEU N 14 -13.50 -29.00 43.17
C LEU N 14 -12.49 -27.86 43.05
N LEU N 15 -12.76 -26.73 43.70
CA LEU N 15 -11.83 -25.61 43.68
C LEU N 15 -10.51 -25.97 44.36
N THR N 16 -10.59 -26.65 45.51
CA THR N 16 -9.38 -27.13 46.16
C THR N 16 -8.63 -28.09 45.25
N GLY N 17 -9.36 -28.99 44.58
CA GLY N 17 -8.71 -29.91 43.66
C GLY N 17 -8.00 -29.20 42.53
N GLU N 18 -8.67 -28.21 41.92
CA GLU N 18 -8.06 -27.50 40.80
C GLU N 18 -6.88 -26.64 41.24
N LEU N 19 -6.92 -26.06 42.45
CA LEU N 19 -5.79 -25.28 42.91
C LEU N 19 -4.59 -26.17 43.23
N THR N 20 -4.84 -27.32 43.84
CA THR N 20 -3.77 -28.29 44.04
C THR N 20 -3.20 -28.76 42.72
N ALA N 21 -4.07 -28.99 41.73
CA ALA N 21 -3.58 -29.34 40.39
C ALA N 21 -2.72 -28.24 39.80
N ALA N 22 -3.16 -26.98 39.95
CA ALA N 22 -2.38 -25.87 39.41
C ALA N 22 -1.00 -25.82 40.04
N ASP N 23 -0.91 -26.01 41.36
CA ASP N 23 0.39 -26.05 42.01
C ASP N 23 1.23 -27.21 41.51
N GLN N 24 0.62 -28.39 41.33
CA GLN N 24 1.36 -29.56 40.89
C GLN N 24 1.93 -29.35 39.48
N TYR N 25 1.09 -28.89 38.55
CA TYR N 25 1.56 -28.62 37.20
C TYR N 25 2.60 -27.52 37.18
N PHE N 26 2.46 -26.52 38.04
CA PHE N 26 3.44 -25.44 38.09
C PHE N 26 4.81 -25.98 38.50
N VAL N 27 4.84 -26.79 39.56
CA VAL N 27 6.10 -27.38 40.00
C VAL N 27 6.68 -28.29 38.92
N HIS N 28 5.84 -29.14 38.34
CA HIS N 28 6.32 -30.09 37.34
C HIS N 28 6.88 -29.38 36.12
N ALA N 29 6.19 -28.35 35.63
CA ALA N 29 6.69 -27.57 34.51
C ALA N 29 8.02 -26.91 34.87
N ARG N 30 8.14 -26.40 36.09
CA ARG N 30 9.37 -25.70 36.43
C ARG N 30 10.56 -26.66 36.49
N MET N 31 10.39 -27.85 37.07
CA MET N 31 11.54 -28.76 37.08
C MET N 31 11.78 -29.38 35.72
N LEU N 32 10.75 -29.50 34.87
CA LEU N 32 10.97 -29.91 33.49
C LEU N 32 11.81 -28.89 32.75
N GLU N 33 11.52 -27.60 32.94
CA GLU N 33 12.35 -26.56 32.36
C GLU N 33 13.77 -26.62 32.93
N ASN N 34 13.88 -26.94 34.22
CA ASN N 34 15.20 -27.11 34.81
C ASN N 34 15.99 -28.24 34.13
N TRP N 35 15.30 -29.32 33.76
CA TRP N 35 15.96 -30.45 33.12
C TRP N 35 16.16 -30.28 31.63
N GLY N 36 15.67 -29.19 31.04
CA GLY N 36 15.83 -28.96 29.62
C GLY N 36 14.78 -29.59 28.73
N PHE N 37 13.71 -30.14 29.31
CA PHE N 37 12.61 -30.69 28.54
C PHE N 37 11.66 -29.56 28.21
N LYS N 38 12.03 -28.77 27.19
CA LYS N 38 11.32 -27.52 26.91
C LYS N 38 9.93 -27.77 26.34
N VAL N 39 9.76 -28.82 25.52
CA VAL N 39 8.44 -29.09 24.95
C VAL N 39 7.46 -29.48 26.05
N LEU N 40 7.87 -30.40 26.92
CA LEU N 40 7.03 -30.78 28.05
C LEU N 40 6.78 -29.59 28.97
N TYR N 41 7.80 -28.76 29.18
CA TYR N 41 7.63 -27.58 30.01
C TYR N 41 6.58 -26.64 29.44
N GLU N 42 6.63 -26.40 28.13
CA GLU N 42 5.66 -25.50 27.51
C GLU N 42 4.25 -26.07 27.60
N ARG N 43 4.10 -27.37 27.31
CA ARG N 43 2.77 -27.97 27.39
C ARG N 43 2.22 -27.92 28.81
N ILE N 44 3.06 -28.23 29.80
CA ILE N 44 2.58 -28.25 31.18
C ILE N 44 2.30 -26.84 31.68
N GLU N 45 3.06 -25.84 31.21
CA GLU N 45 2.73 -24.45 31.53
C GLU N 45 1.37 -24.07 30.96
N HIS N 46 1.09 -24.47 29.72
CA HIS N 46 -0.24 -24.23 29.16
C HIS N 46 -1.31 -24.91 29.99
N GLU N 47 -1.05 -26.14 30.43
CA GLU N 47 -2.02 -26.88 31.23
C GLU N 47 -2.25 -26.19 32.58
N ARG N 48 -1.20 -25.64 33.19
CA ARG N 48 -1.38 -24.95 34.46
C ARG N 48 -2.12 -23.64 34.28
N HIS N 49 -1.95 -22.97 33.14
CA HIS N 49 -2.77 -21.79 32.86
C HIS N 49 -4.24 -22.17 32.70
N ASP N 50 -4.50 -23.30 32.02
CA ASP N 50 -5.87 -23.79 31.93
C ASP N 50 -6.43 -24.12 33.32
N GLU N 51 -5.58 -24.67 34.19
CA GLU N 51 -6.01 -24.94 35.56
C GLU N 51 -6.36 -23.66 36.30
N LEU N 52 -5.58 -22.60 36.07
CA LEU N 52 -5.91 -21.30 36.66
C LEU N 52 -7.26 -20.79 36.16
N ASP N 53 -7.53 -20.96 34.86
CA ASP N 53 -8.83 -20.57 34.32
C ASP N 53 -9.95 -21.39 34.95
N HIS N 54 -9.72 -22.69 35.17
CA HIS N 54 -10.71 -23.54 35.82
C HIS N 54 -11.00 -23.07 37.24
N ALA N 55 -9.95 -22.75 37.99
CA ALA N 55 -10.13 -22.25 39.35
C ALA N 55 -10.88 -20.92 39.34
N GLY N 56 -10.59 -20.05 38.37
CA GLY N 56 -11.31 -18.81 38.27
C GLY N 56 -12.79 -19.01 37.99
N LEU N 57 -13.11 -19.93 37.09
CA LEU N 57 -14.51 -20.24 36.81
C LEU N 57 -15.21 -20.77 38.05
N LEU N 58 -14.56 -21.67 38.78
CA LEU N 58 -15.16 -22.22 39.99
C LEU N 58 -15.39 -21.14 41.04
N ILE N 59 -14.42 -20.24 41.22
CA ILE N 59 -14.58 -19.17 42.20
C ILE N 59 -15.69 -18.22 41.79
N ASN N 60 -15.80 -17.90 40.50
CA ASN N 60 -16.89 -17.07 40.04
C ASN N 60 -18.24 -17.72 40.34
N ARG N 61 -18.35 -19.02 40.08
CA ARG N 61 -19.59 -19.72 40.37
C ARG N 61 -19.91 -19.70 41.86
N ILE N 62 -18.90 -19.93 42.70
CA ILE N 62 -19.13 -19.93 44.15
C ILE N 62 -19.57 -18.54 44.63
N LEU N 63 -18.92 -17.50 44.13
CA LEU N 63 -19.27 -16.14 44.54
C LEU N 63 -20.67 -15.78 44.08
N PHE N 64 -21.06 -16.19 42.87
CA PHE N 64 -22.40 -15.88 42.38
C PHE N 64 -23.47 -16.52 43.26
N LEU N 65 -23.22 -17.74 43.72
CA LEU N 65 -24.16 -18.43 44.62
C LEU N 65 -24.03 -17.97 46.06
N GLU N 66 -23.38 -16.83 46.29
CA GLU N 66 -23.20 -16.25 47.64
C GLU N 66 -22.54 -17.25 48.59
N GLY N 67 -21.49 -17.91 48.10
CA GLY N 67 -20.69 -18.80 48.90
C GLY N 67 -19.30 -18.23 49.14
N VAL N 68 -18.60 -18.83 50.11
CA VAL N 68 -17.27 -18.39 50.49
C VAL N 68 -16.28 -19.40 49.90
N PRO N 69 -15.47 -19.02 48.92
CA PRO N 69 -14.50 -19.97 48.33
C PRO N 69 -13.37 -20.28 49.30
N ASP N 70 -13.28 -21.55 49.69
CA ASP N 70 -12.18 -22.01 50.54
C ASP N 70 -10.94 -22.18 49.65
N VAL N 71 -10.24 -21.07 49.43
CA VAL N 71 -9.07 -21.05 48.58
C VAL N 71 -7.78 -21.29 49.36
N ALA N 72 -7.81 -21.22 50.69
CA ALA N 72 -6.61 -21.45 51.47
C ALA N 72 -6.26 -22.94 51.54
N SER N 73 -7.25 -23.82 51.40
CA SER N 73 -7.00 -25.24 51.50
C SER N 73 -6.34 -25.78 50.25
N ARG N 74 -5.35 -26.66 50.44
CA ARG N 74 -4.64 -27.30 49.34
C ARG N 74 -4.50 -28.78 49.66
N ALA N 75 -4.84 -29.62 48.69
CA ALA N 75 -4.76 -31.07 48.90
C ALA N 75 -3.30 -31.52 48.89
N ALA N 76 -3.10 -32.82 49.10
CA ALA N 76 -1.76 -33.39 49.08
C ALA N 76 -1.19 -33.35 47.67
N LEU N 77 0.10 -33.09 47.57
CA LEU N 77 0.80 -33.02 46.30
C LEU N 77 1.66 -34.26 46.10
N ASN N 78 1.68 -34.76 44.87
CA ASN N 78 2.54 -35.86 44.47
C ASN N 78 3.51 -35.34 43.42
N ILE N 79 4.76 -35.16 43.81
CA ILE N 79 5.80 -34.57 42.97
C ILE N 79 6.73 -35.67 42.50
N GLY N 80 6.86 -35.81 41.19
CA GLY N 80 7.70 -36.86 40.64
C GLY N 80 9.17 -36.51 40.64
N SER N 81 10.00 -37.55 40.53
CA SER N 81 11.45 -37.39 40.45
C SER N 81 11.98 -37.49 39.03
N ASP N 82 11.18 -37.98 38.09
CA ASP N 82 11.57 -38.08 36.69
C ASP N 82 10.30 -37.96 35.84
N VAL N 83 10.51 -37.80 34.53
CA VAL N 83 9.38 -37.54 33.63
C VAL N 83 8.29 -38.61 33.72
N PRO N 84 8.61 -39.92 33.68
CA PRO N 84 7.51 -40.90 33.83
C PRO N 84 6.76 -40.76 35.14
N LYS N 85 7.46 -40.41 36.22
CA LYS N 85 6.79 -40.24 37.51
C LYS N 85 5.85 -39.04 37.49
N MET N 86 6.27 -37.92 36.88
CA MET N 86 5.34 -36.80 36.73
C MET N 86 4.13 -37.19 35.88
N MET N 87 4.35 -37.92 34.79
CA MET N 87 3.22 -38.31 33.96
C MET N 87 2.24 -39.18 34.74
N ALA N 88 2.76 -40.15 35.49
CA ALA N 88 1.90 -41.03 36.27
C ALA N 88 1.15 -40.26 37.36
N ASN N 89 1.85 -39.35 38.05
CA ASN N 89 1.22 -38.58 39.13
C ASN N 89 0.13 -37.66 38.58
N ASP N 90 0.42 -36.99 37.47
CA ASP N 90 -0.60 -36.13 36.85
C ASP N 90 -1.78 -36.94 36.37
N LEU N 91 -1.53 -38.14 35.81
CA LEU N 91 -2.63 -38.98 35.37
C LEU N 91 -3.51 -39.39 36.53
N ALA N 92 -2.90 -39.83 37.64
CA ALA N 92 -3.69 -40.24 38.80
C ALA N 92 -4.50 -39.08 39.36
N TYR N 93 -3.88 -37.90 39.46
CA TYR N 93 -4.61 -36.74 39.94
C TYR N 93 -5.77 -36.39 39.01
N GLU N 94 -5.57 -36.56 37.70
CA GLU N 94 -6.63 -36.23 36.76
C GLU N 94 -7.78 -37.23 36.84
N LEU N 95 -7.49 -38.51 37.09
CA LEU N 95 -8.59 -39.45 37.30
C LEU N 95 -9.36 -39.13 38.57
N GLN N 96 -8.66 -38.74 39.64
CA GLN N 96 -9.36 -38.29 40.84
C GLN N 96 -10.25 -37.08 40.54
N VAL N 97 -9.72 -36.13 39.76
CA VAL N 97 -10.47 -34.93 39.41
C VAL N 97 -11.71 -35.31 38.60
N VAL N 98 -11.56 -36.26 37.67
CA VAL N 98 -12.69 -36.69 36.84
C VAL N 98 -13.77 -37.32 37.71
N ASP N 99 -13.38 -38.18 38.66
CA ASP N 99 -14.36 -38.79 39.54
C ASP N 99 -15.10 -37.75 40.36
N GLU N 100 -14.36 -36.79 40.94
CA GLU N 100 -15.00 -35.75 41.74
C GLU N 100 -15.91 -34.87 40.90
N LEU N 101 -15.47 -34.53 39.68
CA LEU N 101 -16.30 -33.73 38.78
C LEU N 101 -17.57 -34.46 38.39
N LYS N 102 -17.47 -35.77 38.16
CA LYS N 102 -18.65 -36.55 37.81
C LYS N 102 -19.64 -36.57 38.97
N ALA N 103 -19.15 -36.76 40.19
CA ALA N 103 -20.04 -36.72 41.35
C ALA N 103 -20.68 -35.35 41.51
N ALA N 104 -19.90 -34.29 41.29
CA ALA N 104 -20.44 -32.93 41.42
C ALA N 104 -21.50 -32.64 40.36
N ILE N 105 -21.28 -33.13 39.13
CA ILE N 105 -22.27 -32.96 38.08
C ILE N 105 -23.55 -33.70 38.43
N ALA N 106 -23.41 -34.91 38.98
CA ALA N 106 -24.58 -35.66 39.41
C ALA N 106 -25.36 -34.90 40.48
N LEU N 107 -24.64 -34.34 41.46
CA LEU N 107 -25.32 -33.57 42.50
C LEU N 107 -26.00 -32.33 41.94
N CYS N 108 -25.34 -31.63 41.01
CA CYS N 108 -25.92 -30.42 40.43
C CYS N 108 -27.19 -30.74 39.67
N GLU N 109 -27.19 -31.85 38.91
CA GLU N 109 -28.42 -32.26 38.24
C GLU N 109 -29.49 -32.66 39.24
N SER N 110 -29.11 -33.37 40.30
CA SER N 110 -30.09 -33.78 41.31
C SER N 110 -30.68 -32.59 42.04
N GLU N 111 -29.93 -31.50 42.15
CA GLU N 111 -30.31 -30.36 42.98
C GLU N 111 -30.79 -29.17 42.15
N ARG N 112 -31.31 -29.41 40.95
CA ARG N 112 -31.99 -28.42 40.10
C ARG N 112 -31.05 -27.34 39.59
N ASP N 113 -29.77 -27.37 39.93
CA ASP N 113 -28.86 -26.25 39.72
C ASP N 113 -28.08 -26.50 38.44
N TYR N 114 -28.59 -25.97 37.33
CA TYR N 114 -28.18 -26.38 36.00
C TYR N 114 -27.03 -25.57 35.41
N ASP N 115 -26.92 -24.28 35.76
CA ASP N 115 -25.81 -23.50 35.24
C ASP N 115 -24.47 -24.00 35.77
N THR N 116 -24.42 -24.32 37.06
CA THR N 116 -23.22 -24.93 37.61
C THR N 116 -22.96 -26.30 36.99
N ARG N 117 -24.03 -27.04 36.67
CA ARG N 117 -23.84 -28.32 36.00
C ARG N 117 -23.19 -28.12 34.63
N ARG N 118 -23.62 -27.10 33.90
CA ARG N 118 -23.01 -26.82 32.60
C ARG N 118 -21.54 -26.42 32.76
N ILE N 119 -21.24 -25.58 33.76
CA ILE N 119 -19.86 -25.17 34.00
C ILE N 119 -19.00 -26.39 34.33
N LEU N 120 -19.51 -27.29 35.18
CA LEU N 120 -18.76 -28.48 35.56
C LEU N 120 -18.63 -29.45 34.41
N VAL N 121 -19.63 -29.54 33.54
CA VAL N 121 -19.53 -30.40 32.37
C VAL N 121 -18.48 -29.86 31.41
N HIS N 122 -18.39 -28.54 31.27
CA HIS N 122 -17.31 -27.95 30.49
C HIS N 122 -15.95 -28.26 31.10
N LEU N 123 -15.84 -28.15 32.42
CA LEU N 123 -14.59 -28.48 33.10
C LEU N 123 -14.23 -29.94 32.88
N LEU N 124 -15.21 -30.85 32.95
CA LEU N 124 -14.95 -32.26 32.74
C LEU N 124 -14.51 -32.53 31.30
N GLU N 125 -15.14 -31.86 30.34
CA GLU N 125 -14.73 -31.99 28.94
C GLU N 125 -13.28 -31.59 28.77
N GLU N 126 -12.91 -30.41 29.26
CA GLU N 126 -11.53 -29.96 29.12
C GLU N 126 -10.57 -30.87 29.90
N THR N 127 -10.99 -31.38 31.05
CA THR N 127 -10.11 -32.21 31.85
C THR N 127 -9.82 -33.53 31.17
N GLU N 128 -10.85 -34.19 30.64
CA GLU N 128 -10.62 -35.48 30.00
C GLU N 128 -10.01 -35.35 28.61
N GLN N 129 -10.22 -34.24 27.91
CA GLN N 129 -9.67 -34.17 26.56
C GLN N 129 -8.32 -33.48 26.53
N ASP N 130 -8.17 -32.34 27.19
CA ASP N 130 -6.90 -31.63 27.18
C ASP N 130 -5.87 -32.27 28.10
N HIS N 131 -6.30 -32.79 29.26
CA HIS N 131 -5.36 -33.27 30.27
C HIS N 131 -5.24 -34.78 30.32
N VAL N 132 -6.35 -35.48 30.52
CA VAL N 132 -6.28 -36.93 30.72
C VAL N 132 -5.86 -37.63 29.44
N ARG N 133 -6.39 -37.18 28.30
CA ARG N 133 -5.99 -37.76 27.02
C ARG N 133 -4.49 -37.56 26.78
N TRP N 134 -4.00 -36.35 27.03
CA TRP N 134 -2.58 -36.07 26.81
C TRP N 134 -1.70 -36.92 27.71
N LEU N 135 -2.10 -37.10 28.98
CA LEU N 135 -1.27 -37.86 29.90
C LEU N 135 -1.30 -39.37 29.59
N GLU N 136 -2.46 -39.89 29.20
CA GLU N 136 -2.52 -41.30 28.79
C GLU N 136 -1.69 -41.53 27.54
N VAL N 137 -1.80 -40.63 26.56
CA VAL N 137 -0.97 -40.69 25.37
C VAL N 137 0.50 -40.62 25.76
N GLN N 138 0.81 -39.81 26.77
CA GLN N 138 2.19 -39.60 27.19
C GLN N 138 2.77 -40.85 27.81
N VAL N 139 2.01 -41.51 28.68
CA VAL N 139 2.46 -42.77 29.26
C VAL N 139 2.66 -43.81 28.17
N GLY N 140 1.70 -43.90 27.24
CA GLY N 140 1.85 -44.84 26.14
C GLY N 140 3.06 -44.55 25.28
N LEU N 141 3.35 -43.27 25.04
CA LEU N 141 4.49 -42.89 24.21
C LEU N 141 5.81 -43.15 24.92
N ILE N 142 5.85 -42.97 26.25
CA ILE N 142 7.03 -43.37 27.00
C ILE N 142 7.25 -44.86 26.89
N ASP N 143 6.16 -45.64 26.94
CA ASP N 143 6.28 -47.09 26.78
C ASP N 143 6.78 -47.47 25.40
N LYS N 144 6.25 -46.83 24.36
CA LYS N 144 6.48 -47.24 22.98
C LYS N 144 7.78 -46.70 22.40
N LEU N 145 8.01 -45.39 22.51
CA LEU N 145 9.26 -44.81 22.05
C LEU N 145 10.45 -45.31 22.87
N GLY N 146 10.22 -45.68 24.12
CA GLY N 146 11.28 -45.88 25.07
C GLY N 146 11.62 -44.60 25.81
N LEU N 147 12.28 -44.75 26.96
CA LEU N 147 12.60 -43.60 27.78
C LEU N 147 13.55 -42.63 27.07
N LYS N 148 14.58 -43.15 26.42
CA LYS N 148 15.58 -42.28 25.80
C LYS N 148 14.98 -41.51 24.62
N ASN N 149 14.25 -42.20 23.74
CA ASN N 149 13.66 -41.52 22.59
C ASN N 149 12.60 -40.52 23.03
N TYR N 150 11.79 -40.89 24.03
CA TYR N 150 10.80 -39.95 24.54
C TYR N 150 11.46 -38.72 25.16
N LEU N 151 12.55 -38.91 25.91
CA LEU N 151 13.21 -37.77 26.51
C LEU N 151 13.87 -36.90 25.46
N GLN N 152 14.37 -37.49 24.38
CA GLN N 152 14.86 -36.70 23.26
C GLN N 152 13.74 -35.88 22.64
N SER N 153 12.56 -36.49 22.46
CA SER N 153 11.42 -35.77 21.91
C SER N 153 11.01 -34.61 22.82
N ALA N 154 11.01 -34.86 24.14
CA ALA N 154 10.66 -33.82 25.10
C ALA N 154 11.68 -32.68 25.10
N ALA N 155 12.97 -33.01 24.97
CA ALA N 155 14.00 -31.99 25.00
C ALA N 155 13.86 -31.02 23.84
N GLY N 156 13.56 -31.52 22.65
CA GLY N 156 13.43 -30.64 21.50
C GLY N 156 14.78 -30.06 21.08
N GLU N 157 14.79 -28.76 20.82
CA GLU N 157 16.03 -28.09 20.45
C GLU N 157 16.99 -28.06 21.64
N ILE N 158 18.26 -28.33 21.36
CA ILE N 158 19.29 -28.28 22.38
C ILE N 158 20.34 -27.23 22.04
N PRO O 1 29.22 14.27 -43.64
CA PRO O 1 29.43 15.60 -44.22
C PRO O 1 30.88 16.05 -44.08
N ARG O 2 31.50 16.37 -45.22
CA ARG O 2 32.90 16.76 -45.21
C ARG O 2 33.10 18.04 -44.40
N GLY O 3 34.23 18.10 -43.69
CA GLY O 3 34.55 19.26 -42.90
C GLY O 3 35.84 19.92 -43.33
N SER O 4 36.04 21.17 -42.90
CA SER O 4 37.26 21.88 -43.26
C SER O 4 38.46 21.19 -42.61
N PRO O 5 39.61 21.14 -43.30
CA PRO O 5 40.81 20.54 -42.68
C PRO O 5 41.25 21.27 -41.42
N LYS O 6 41.11 22.60 -41.38
CA LYS O 6 41.49 23.35 -40.19
C LYS O 6 40.64 22.97 -38.99
N VAL O 7 39.33 22.79 -39.21
CA VAL O 7 38.45 22.40 -38.13
C VAL O 7 38.84 21.02 -37.60
N ILE O 8 39.13 20.09 -38.49
CA ILE O 8 39.50 18.75 -38.05
C ILE O 8 40.85 18.78 -37.33
N SER O 9 41.78 19.60 -37.78
CA SER O 9 43.08 19.70 -37.12
C SER O 9 42.95 20.26 -35.71
N VAL O 10 42.17 21.33 -35.55
CA VAL O 10 42.00 21.89 -34.21
C VAL O 10 41.19 20.95 -33.33
N LEU O 11 40.24 20.22 -33.90
CA LEU O 11 39.51 19.22 -33.13
C LEU O 11 40.42 18.09 -32.67
N ASN O 12 41.39 17.70 -33.50
CA ASN O 12 42.34 16.67 -33.10
C ASN O 12 43.28 17.17 -32.01
N GLY O 13 43.68 18.44 -32.10
CA GLY O 13 44.44 19.03 -31.01
C GLY O 13 43.67 19.06 -29.70
N LEU O 14 42.39 19.44 -29.78
CA LEU O 14 41.54 19.40 -28.59
C LEU O 14 41.37 17.97 -28.09
N LEU O 15 41.31 17.00 -29.00
CA LEU O 15 41.16 15.61 -28.61
C LEU O 15 42.37 15.11 -27.84
N THR O 16 43.58 15.40 -28.34
CA THR O 16 44.76 14.97 -27.59
C THR O 16 44.87 15.72 -26.27
N GLY O 17 44.43 16.98 -26.24
CA GLY O 17 44.35 17.68 -24.97
C GLY O 17 43.45 16.99 -23.97
N GLU O 18 42.25 16.60 -24.43
CA GLU O 18 41.30 15.93 -23.54
C GLU O 18 41.82 14.57 -23.09
N LEU O 19 42.47 13.82 -23.98
CA LEU O 19 42.99 12.52 -23.59
C LEU O 19 44.12 12.66 -22.59
N THR O 20 45.01 13.64 -22.79
CA THR O 20 46.05 13.89 -21.80
C THR O 20 45.46 14.31 -20.47
N ALA O 21 44.41 15.14 -20.49
CA ALA O 21 43.73 15.51 -19.26
C ALA O 21 43.13 14.30 -18.57
N ALA O 22 42.53 13.40 -19.33
CA ALA O 22 41.95 12.20 -18.74
C ALA O 22 43.03 11.34 -18.09
N ASP O 23 44.18 11.19 -18.75
CA ASP O 23 45.25 10.38 -18.16
C ASP O 23 45.81 11.04 -16.91
N GLN O 24 45.99 12.36 -16.94
CA GLN O 24 46.50 13.07 -15.76
C GLN O 24 45.53 12.97 -14.60
N TYR O 25 44.24 13.13 -14.85
CA TYR O 25 43.25 12.99 -13.80
C TYR O 25 43.18 11.54 -13.29
N PHE O 26 43.37 10.56 -14.18
CA PHE O 26 43.46 9.17 -13.75
C PHE O 26 44.57 8.99 -12.74
N VAL O 27 45.78 9.42 -13.09
CA VAL O 27 46.91 9.18 -12.20
C VAL O 27 46.77 9.99 -10.92
N HIS O 28 46.22 11.21 -11.01
CA HIS O 28 46.08 12.04 -9.82
C HIS O 28 45.01 11.49 -8.88
N ALA O 29 43.89 11.04 -9.42
CA ALA O 29 42.87 10.41 -8.59
C ALA O 29 43.42 9.16 -7.92
N ARG O 30 44.21 8.36 -8.65
CA ARG O 30 44.73 7.15 -8.04
C ARG O 30 45.78 7.46 -6.97
N MET O 31 46.60 8.49 -7.14
CA MET O 31 47.50 8.88 -6.06
C MET O 31 46.73 9.40 -4.86
N LEU O 32 45.67 10.16 -5.09
CA LEU O 32 44.88 10.66 -3.96
C LEU O 32 44.19 9.52 -3.21
N GLU O 33 43.74 8.50 -3.93
CA GLU O 33 43.22 7.31 -3.28
C GLU O 33 44.32 6.57 -2.52
N ASN O 34 45.54 6.55 -3.08
CA ASN O 34 46.66 5.92 -2.41
C ASN O 34 46.98 6.62 -1.09
N TRP O 35 46.93 7.94 -1.08
CA TRP O 35 47.27 8.71 0.11
C TRP O 35 46.14 8.75 1.14
N GLY O 36 44.92 8.43 0.75
CA GLY O 36 43.80 8.46 1.65
C GLY O 36 42.94 9.70 1.60
N PHE O 37 43.15 10.57 0.61
CA PHE O 37 42.35 11.78 0.43
C PHE O 37 41.09 11.40 -0.35
N LYS O 38 40.09 10.92 0.39
CA LYS O 38 38.93 10.29 -0.24
C LYS O 38 38.13 11.27 -1.09
N VAL O 39 37.75 12.41 -0.53
CA VAL O 39 36.83 13.30 -1.23
C VAL O 39 37.50 13.94 -2.44
N LEU O 40 38.78 14.28 -2.32
CA LEU O 40 39.54 14.74 -3.48
C LEU O 40 39.58 13.66 -4.55
N TYR O 41 39.74 12.40 -4.13
CA TYR O 41 39.77 11.29 -5.07
C TYR O 41 38.45 11.18 -5.81
N GLU O 42 37.32 11.25 -5.09
CA GLU O 42 36.02 11.18 -5.75
C GLU O 42 35.84 12.32 -6.74
N ARG O 43 36.18 13.54 -6.34
CA ARG O 43 35.99 14.67 -7.24
C ARG O 43 36.85 14.54 -8.49
N ILE O 44 38.13 14.17 -8.33
CA ILE O 44 39.01 14.14 -9.49
C ILE O 44 38.66 12.95 -10.39
N GLU O 45 38.22 11.83 -9.81
CA GLU O 45 37.74 10.72 -10.62
C GLU O 45 36.51 11.13 -11.43
N HIS O 46 35.57 11.83 -10.80
CA HIS O 46 34.42 12.31 -11.55
C HIS O 46 34.85 13.25 -12.67
N GLU O 47 35.81 14.14 -12.38
CA GLU O 47 36.30 15.06 -13.40
C GLU O 47 36.93 14.32 -14.57
N ARG O 48 37.65 13.23 -14.28
CA ARG O 48 38.18 12.40 -15.36
C ARG O 48 37.05 11.79 -16.16
N HIS O 49 35.94 11.45 -15.51
CA HIS O 49 34.80 10.92 -16.25
C HIS O 49 34.22 11.97 -17.20
N ASP O 50 34.08 13.23 -16.74
CA ASP O 50 33.64 14.28 -17.67
C ASP O 50 34.66 14.49 -18.79
N GLU O 51 35.95 14.33 -18.47
CA GLU O 51 36.97 14.45 -19.50
C GLU O 51 36.80 13.37 -20.57
N LEU O 52 36.51 12.15 -20.15
CA LEU O 52 36.27 11.08 -21.12
C LEU O 52 35.02 11.34 -21.93
N ASP O 53 33.97 11.89 -21.30
CA ASP O 53 32.77 12.27 -22.04
C ASP O 53 33.08 13.34 -23.09
N HIS O 54 33.91 14.32 -22.73
CA HIS O 54 34.30 15.35 -23.68
C HIS O 54 35.10 14.77 -24.84
N ALA O 55 36.00 13.83 -24.54
CA ALA O 55 36.75 13.17 -25.60
C ALA O 55 35.82 12.38 -26.51
N GLY O 56 34.80 11.74 -25.94
CA GLY O 56 33.82 11.06 -26.76
C GLY O 56 33.07 12.00 -27.68
N LEU O 57 32.67 13.15 -27.16
CA LEU O 57 32.01 14.16 -27.99
C LEU O 57 32.93 14.63 -29.11
N LEU O 58 34.21 14.87 -28.79
CA LEU O 58 35.16 15.35 -29.79
C LEU O 58 35.38 14.31 -30.88
N ILE O 59 35.49 13.03 -30.51
CA ILE O 59 35.70 12.00 -31.52
C ILE O 59 34.43 11.82 -32.35
N ASN O 60 33.27 11.92 -31.72
CA ASN O 60 32.02 11.90 -32.49
C ASN O 60 32.00 13.01 -33.54
N ARG O 61 32.40 14.21 -33.15
CA ARG O 61 32.43 15.32 -34.09
C ARG O 61 33.46 15.09 -35.20
N ILE O 62 34.63 14.56 -34.84
CA ILE O 62 35.67 14.30 -35.84
C ILE O 62 35.20 13.27 -36.84
N LEU O 63 34.56 12.20 -36.38
CA LEU O 63 34.06 11.17 -37.26
C LEU O 63 32.91 11.69 -38.13
N PHE O 64 32.07 12.57 -37.58
CA PHE O 64 31.00 13.15 -38.37
C PHE O 64 31.55 13.93 -39.55
N LEU O 65 32.62 14.70 -39.33
CA LEU O 65 33.27 15.45 -40.39
C LEU O 65 34.14 14.58 -41.28
N GLU O 66 34.09 13.26 -41.11
CA GLU O 66 34.88 12.32 -41.91
C GLU O 66 36.38 12.61 -41.79
N GLY O 67 36.85 12.68 -40.55
CA GLY O 67 38.26 12.74 -40.25
C GLY O 67 38.67 11.56 -39.39
N VAL O 68 39.97 11.39 -39.24
CA VAL O 68 40.54 10.29 -38.46
C VAL O 68 40.95 10.85 -37.10
N PRO O 69 40.30 10.46 -36.01
CA PRO O 69 40.70 10.95 -34.69
C PRO O 69 42.13 10.52 -34.36
N ASP O 70 42.88 11.44 -33.75
CA ASP O 70 44.25 11.17 -33.33
C ASP O 70 44.23 10.82 -31.85
N VAL O 71 43.88 9.57 -31.58
CA VAL O 71 43.82 9.08 -30.21
C VAL O 71 45.16 8.53 -29.75
N ALA O 72 45.97 7.98 -30.66
CA ALA O 72 47.25 7.42 -30.29
C ALA O 72 48.22 8.47 -29.77
N SER O 73 48.05 9.74 -30.15
CA SER O 73 48.92 10.80 -29.68
C SER O 73 48.59 11.14 -28.22
N ARG O 74 49.59 11.72 -27.54
CA ARG O 74 49.44 12.05 -26.12
C ARG O 74 50.46 13.13 -25.78
N ALA O 75 50.00 14.25 -25.26
CA ALA O 75 50.92 15.31 -24.85
C ALA O 75 51.53 14.99 -23.50
N ALA O 76 52.64 15.64 -23.19
CA ALA O 76 53.31 15.44 -21.91
C ALA O 76 52.40 15.87 -20.78
N LEU O 77 52.30 15.04 -19.76
CA LEU O 77 51.39 15.28 -18.64
C LEU O 77 52.19 15.50 -17.36
N ASN O 78 51.92 16.61 -16.69
CA ASN O 78 52.66 16.97 -15.49
C ASN O 78 52.05 16.28 -14.27
N ILE O 79 52.91 15.70 -13.44
CA ILE O 79 52.50 14.92 -12.27
C ILE O 79 53.08 15.58 -11.04
N GLY O 80 52.23 15.86 -10.05
CA GLY O 80 52.64 16.54 -8.83
C GLY O 80 52.91 15.56 -7.71
N SER O 81 53.99 15.82 -6.97
CA SER O 81 54.38 14.93 -5.88
C SER O 81 53.51 15.08 -4.65
N ASP O 82 52.81 16.19 -4.50
CA ASP O 82 51.98 16.45 -3.33
C ASP O 82 50.70 17.15 -3.79
N VAL O 83 49.72 17.20 -2.88
CA VAL O 83 48.39 17.69 -3.25
C VAL O 83 48.42 19.10 -3.84
N PRO O 84 49.07 20.10 -3.21
CA PRO O 84 49.10 21.42 -3.86
C PRO O 84 49.74 21.43 -5.23
N LYS O 85 50.78 20.62 -5.44
CA LYS O 85 51.42 20.57 -6.75
C LYS O 85 50.48 19.98 -7.79
N MET O 86 49.76 18.91 -7.43
CA MET O 86 48.75 18.37 -8.34
C MET O 86 47.66 19.39 -8.62
N MET O 87 47.23 20.13 -7.60
CA MET O 87 46.22 21.17 -7.77
C MET O 87 46.68 22.18 -8.81
N ALA O 88 47.90 22.70 -8.66
CA ALA O 88 48.43 23.70 -9.57
C ALA O 88 48.62 23.14 -10.98
N ASN O 89 49.09 21.88 -11.09
CA ASN O 89 49.29 21.29 -12.40
C ASN O 89 47.97 21.14 -13.15
N ASP O 90 46.94 20.65 -12.46
CA ASP O 90 45.63 20.56 -13.10
C ASP O 90 45.12 21.93 -13.50
N LEU O 91 45.27 22.93 -12.63
CA LEU O 91 44.78 24.26 -12.98
C LEU O 91 45.49 24.81 -14.21
N ALA O 92 46.81 24.66 -14.28
CA ALA O 92 47.56 25.17 -15.43
C ALA O 92 47.17 24.44 -16.71
N TYR O 93 47.04 23.11 -16.65
CA TYR O 93 46.66 22.37 -17.84
C TYR O 93 45.27 22.77 -18.31
N GLU O 94 44.33 22.95 -17.37
CA GLU O 94 42.98 23.35 -17.77
C GLU O 94 42.96 24.77 -18.32
N LEU O 95 43.80 25.66 -17.81
CA LEU O 95 43.89 26.99 -18.40
C LEU O 95 44.39 26.93 -19.84
N GLN O 96 45.41 26.11 -20.10
CA GLN O 96 45.88 25.93 -21.47
C GLN O 96 44.79 25.35 -22.36
N VAL O 97 44.04 24.37 -21.84
CA VAL O 97 42.94 23.78 -22.58
C VAL O 97 41.89 24.83 -22.89
N VAL O 98 41.62 25.73 -21.95
CA VAL O 98 40.64 26.79 -22.16
C VAL O 98 41.09 27.71 -23.28
N ASP O 99 42.37 28.11 -23.26
CA ASP O 99 42.88 28.99 -24.31
C ASP O 99 42.78 28.33 -25.68
N GLU O 100 43.14 27.05 -25.76
CA GLU O 100 43.02 26.34 -27.03
C GLU O 100 41.56 26.22 -27.46
N LEU O 101 40.65 26.03 -26.50
CA LEU O 101 39.23 25.94 -26.82
C LEU O 101 38.72 27.27 -27.39
N LYS O 102 39.14 28.39 -26.81
CA LYS O 102 38.72 29.69 -27.34
C LYS O 102 39.26 29.89 -28.75
N ALA O 103 40.52 29.52 -28.99
CA ALA O 103 41.06 29.63 -30.34
C ALA O 103 40.28 28.76 -31.32
N ALA O 104 39.93 27.54 -30.92
CA ALA O 104 39.18 26.65 -31.78
C ALA O 104 37.77 27.17 -32.05
N ILE O 105 37.13 27.75 -31.03
CA ILE O 105 35.79 28.31 -31.22
C ILE O 105 35.85 29.48 -32.18
N ALA O 106 36.89 30.33 -32.06
CA ALA O 106 37.05 31.42 -33.01
C ALA O 106 37.22 30.89 -34.43
N LEU O 107 38.03 29.85 -34.61
CA LEU O 107 38.20 29.27 -35.93
C LEU O 107 36.90 28.71 -36.47
N CYS O 108 36.15 28.00 -35.62
CA CYS O 108 34.89 27.40 -36.06
C CYS O 108 33.87 28.46 -36.45
N GLU O 109 33.86 29.59 -35.74
CA GLU O 109 33.03 30.71 -36.16
C GLU O 109 33.50 31.25 -37.50
N SER O 110 34.82 31.33 -37.71
CA SER O 110 35.35 31.81 -38.97
C SER O 110 34.95 30.90 -40.14
N GLU O 111 35.00 29.59 -39.92
CA GLU O 111 34.68 28.62 -40.98
C GLU O 111 33.20 28.48 -41.23
N ARG O 112 32.35 29.26 -40.57
CA ARG O 112 30.89 29.15 -40.69
C ARG O 112 30.41 27.74 -40.38
N ASP O 113 31.11 27.07 -39.47
CA ASP O 113 30.81 25.69 -39.09
C ASP O 113 30.33 25.73 -37.64
N TYR O 114 29.01 25.78 -37.47
CA TYR O 114 28.42 26.19 -36.21
C TYR O 114 28.10 25.04 -35.27
N ASP O 115 27.96 23.82 -35.77
CA ASP O 115 27.70 22.69 -34.87
C ASP O 115 28.92 22.38 -34.03
N THR O 116 30.10 22.31 -34.66
CA THR O 116 31.33 22.10 -33.89
C THR O 116 31.56 23.25 -32.93
N ARG O 117 31.25 24.48 -33.35
CA ARG O 117 31.35 25.62 -32.46
C ARG O 117 30.43 25.46 -31.26
N ARG O 118 29.24 24.90 -31.47
CA ARG O 118 28.33 24.66 -30.36
C ARG O 118 28.90 23.63 -29.37
N ILE O 119 29.41 22.51 -29.89
CA ILE O 119 30.00 21.51 -29.01
C ILE O 119 31.21 22.08 -28.27
N LEU O 120 32.00 22.89 -28.96
CA LEU O 120 33.18 23.47 -28.32
C LEU O 120 32.80 24.51 -27.28
N VAL O 121 31.71 25.26 -27.50
CA VAL O 121 31.21 26.17 -26.49
C VAL O 121 30.76 25.39 -25.25
N HIS O 122 30.06 24.28 -25.47
CA HIS O 122 29.65 23.44 -24.34
C HIS O 122 30.85 22.90 -23.59
N LEU O 123 31.87 22.44 -24.32
CA LEU O 123 33.09 21.93 -23.69
C LEU O 123 33.81 23.03 -22.92
N LEU O 124 33.87 24.24 -23.48
CA LEU O 124 34.54 25.34 -22.80
C LEU O 124 33.78 25.76 -21.55
N GLU O 125 32.44 25.72 -21.61
CA GLU O 125 31.65 26.00 -20.42
C GLU O 125 31.93 24.98 -19.33
N GLU O 126 31.95 23.69 -19.69
CA GLU O 126 32.26 22.66 -18.71
C GLU O 126 33.67 22.84 -18.15
N THR O 127 34.64 23.18 -19.00
CA THR O 127 36.02 23.31 -18.55
C THR O 127 36.19 24.51 -17.63
N GLU O 128 35.55 25.64 -17.94
CA GLU O 128 35.70 26.83 -17.12
C GLU O 128 34.94 26.73 -15.81
N GLN O 129 33.74 26.13 -15.82
CA GLN O 129 32.94 26.08 -14.60
C GLN O 129 33.26 24.83 -13.76
N ASP O 130 33.09 23.65 -14.35
CA ASP O 130 33.27 22.43 -13.58
C ASP O 130 34.73 22.20 -13.19
N HIS O 131 35.66 22.59 -14.06
CA HIS O 131 37.07 22.26 -13.85
C HIS O 131 37.90 23.44 -13.41
N VAL O 132 37.95 24.52 -14.19
CA VAL O 132 38.86 25.63 -13.86
C VAL O 132 38.41 26.33 -12.59
N ARG O 133 37.11 26.59 -12.47
CA ARG O 133 36.59 27.26 -11.27
C ARG O 133 36.89 26.44 -10.02
N TRP O 134 36.65 25.13 -10.08
CA TRP O 134 36.89 24.28 -8.92
C TRP O 134 38.37 24.25 -8.55
N LEU O 135 39.25 24.15 -9.54
CA LEU O 135 40.68 24.07 -9.24
C LEU O 135 41.21 25.38 -8.66
N GLU O 136 40.73 26.52 -9.18
CA GLU O 136 41.14 27.80 -8.59
C GLU O 136 40.59 27.95 -7.18
N VAL O 137 39.35 27.50 -6.96
CA VAL O 137 38.79 27.51 -5.62
C VAL O 137 39.62 26.65 -4.68
N GLN O 138 40.09 25.49 -5.16
CA GLN O 138 40.91 24.62 -4.34
C GLN O 138 42.25 25.26 -4.00
N VAL O 139 42.86 25.96 -4.96
CA VAL O 139 44.11 26.67 -4.68
C VAL O 139 43.89 27.74 -3.61
N GLY O 140 42.81 28.51 -3.76
CA GLY O 140 42.49 29.51 -2.75
C GLY O 140 42.21 28.91 -1.40
N LEU O 141 41.55 27.75 -1.37
CA LEU O 141 41.22 27.09 -0.11
C LEU O 141 42.47 26.50 0.55
N ILE O 142 43.44 26.05 -0.25
CA ILE O 142 44.73 25.68 0.32
C ILE O 142 45.39 26.90 0.95
N ASP O 143 45.34 28.03 0.25
CA ASP O 143 45.97 29.25 0.78
C ASP O 143 45.33 29.70 2.08
N LYS O 144 44.00 29.68 2.15
CA LYS O 144 43.29 30.24 3.30
C LYS O 144 43.11 29.24 4.43
N LEU O 145 42.61 28.04 4.12
CA LEU O 145 42.48 26.99 5.13
C LEU O 145 43.83 26.60 5.72
N GLY O 146 44.90 26.73 4.94
CA GLY O 146 46.17 26.16 5.35
C GLY O 146 46.32 24.75 4.84
N LEU O 147 47.58 24.33 4.66
CA LEU O 147 47.85 23.03 4.08
C LEU O 147 47.29 21.90 4.95
N LYS O 148 47.50 21.97 6.26
CA LYS O 148 47.07 20.89 7.14
C LYS O 148 45.54 20.81 7.20
N ASN O 149 44.86 21.94 7.35
CA ASN O 149 43.40 21.93 7.40
C ASN O 149 42.81 21.48 6.06
N TYR O 150 43.36 21.97 4.96
CA TYR O 150 42.86 21.54 3.65
C TYR O 150 43.07 20.05 3.45
N LEU O 151 44.22 19.53 3.88
CA LEU O 151 44.46 18.09 3.76
C LEU O 151 43.53 17.29 4.65
N GLN O 152 43.19 17.82 5.82
CA GLN O 152 42.20 17.15 6.67
C GLN O 152 40.84 17.11 6.00
N SER O 153 40.46 18.20 5.35
CA SER O 153 39.20 18.21 4.61
C SER O 153 39.24 17.23 3.44
N ALA O 154 40.38 17.15 2.75
CA ALA O 154 40.53 16.24 1.63
C ALA O 154 40.45 14.79 2.07
N ALA O 155 41.05 14.46 3.22
CA ALA O 155 41.00 13.10 3.71
C ALA O 155 39.57 12.66 4.01
N GLY O 156 38.78 13.56 4.57
CA GLY O 156 37.39 13.23 4.84
C GLY O 156 37.26 12.42 6.10
N GLU O 157 36.50 11.34 6.04
CA GLU O 157 36.28 10.46 7.18
C GLU O 157 37.34 9.37 7.16
N ILE O 158 38.21 9.37 8.16
CA ILE O 158 39.28 8.39 8.25
C ILE O 158 38.76 7.09 8.85
N PRO P 1 55.16 -1.19 1.44
CA PRO P 1 54.93 -2.41 0.68
C PRO P 1 55.79 -2.48 -0.57
N ARG P 2 57.11 -2.40 -0.40
CA ARG P 2 58.02 -2.34 -1.54
C ARG P 2 57.90 -3.62 -2.37
N GLY P 3 57.81 -3.44 -3.69
CA GLY P 3 57.75 -4.56 -4.60
C GLY P 3 59.04 -4.68 -5.40
N SER P 4 59.25 -5.83 -6.02
CA SER P 4 60.45 -6.01 -6.83
C SER P 4 60.41 -5.05 -8.02
N PRO P 5 61.56 -4.49 -8.41
CA PRO P 5 61.57 -3.63 -9.62
C PRO P 5 61.08 -4.34 -10.85
N LYS P 6 61.36 -5.65 -10.98
CA LYS P 6 60.85 -6.40 -12.12
C LYS P 6 59.33 -6.49 -12.10
N VAL P 7 58.74 -6.68 -10.91
CA VAL P 7 57.29 -6.75 -10.80
C VAL P 7 56.67 -5.42 -11.18
N ILE P 8 57.25 -4.32 -10.72
CA ILE P 8 56.72 -3.01 -11.07
C ILE P 8 56.89 -2.74 -12.56
N SER P 9 58.00 -3.20 -13.15
CA SER P 9 58.19 -3.02 -14.59
C SER P 9 57.16 -3.77 -15.40
N VAL P 10 56.89 -5.03 -15.03
CA VAL P 10 55.91 -5.80 -15.80
C VAL P 10 54.50 -5.26 -15.53
N LEU P 11 54.25 -4.74 -14.34
CA LEU P 11 52.97 -4.08 -14.09
C LEU P 11 52.81 -2.83 -14.96
N ASN P 12 53.90 -2.07 -15.13
CA ASN P 12 53.84 -0.91 -16.02
C ASN P 12 53.61 -1.33 -17.46
N GLY P 13 54.25 -2.41 -17.89
CA GLY P 13 54.00 -2.91 -19.24
C GLY P 13 52.56 -3.34 -19.43
N LEU P 14 51.99 -4.04 -18.45
CA LEU P 14 50.58 -4.42 -18.52
C LEU P 14 49.68 -3.19 -18.52
N LEU P 15 50.04 -2.18 -17.73
CA LEU P 15 49.25 -0.94 -17.71
C LEU P 15 49.29 -0.25 -19.06
N THR P 16 50.47 -0.22 -19.70
CA THR P 16 50.55 0.34 -21.04
C THR P 16 49.68 -0.45 -22.00
N GLY P 17 49.70 -1.77 -21.90
CA GLY P 17 48.86 -2.59 -22.76
C GLY P 17 47.38 -2.30 -22.58
N GLU P 18 46.93 -2.22 -21.32
CA GLU P 18 45.52 -1.94 -21.06
C GLU P 18 45.13 -0.54 -21.47
N LEU P 19 46.04 0.44 -21.32
CA LEU P 19 45.72 1.79 -21.76
C LEU P 19 45.60 1.86 -23.28
N THR P 20 46.51 1.21 -24.00
CA THR P 20 46.40 1.15 -25.45
C THR P 20 45.11 0.43 -25.86
N ALA P 21 44.76 -0.63 -25.14
CA ALA P 21 43.51 -1.33 -25.41
C ALA P 21 42.32 -0.42 -25.20
N ALA P 22 42.36 0.40 -24.15
CA ALA P 22 41.28 1.34 -23.90
C ALA P 22 41.16 2.36 -25.03
N ASP P 23 42.29 2.89 -25.48
CA ASP P 23 42.26 3.82 -26.61
C ASP P 23 41.68 3.17 -27.86
N GLN P 24 42.14 1.96 -28.18
CA GLN P 24 41.67 1.28 -29.38
C GLN P 24 40.18 0.96 -29.29
N TYR P 25 39.72 0.49 -28.13
CA TYR P 25 38.31 0.19 -27.95
C TYR P 25 37.48 1.47 -28.01
N PHE P 26 38.00 2.57 -27.49
CA PHE P 26 37.32 3.87 -27.62
C PHE P 26 37.11 4.24 -29.08
N VAL P 27 38.20 4.21 -29.86
CA VAL P 27 38.08 4.58 -31.27
C VAL P 27 37.15 3.63 -32.01
N HIS P 28 37.25 2.34 -31.71
CA HIS P 28 36.41 1.36 -32.40
C HIS P 28 34.94 1.53 -32.04
N ALA P 29 34.64 1.82 -30.77
CA ALA P 29 33.26 2.08 -30.37
C ALA P 29 32.70 3.30 -31.10
N ARG P 30 33.48 4.37 -31.17
CA ARG P 30 33.01 5.56 -31.88
C ARG P 30 32.80 5.27 -33.36
N MET P 31 33.71 4.51 -33.98
CA MET P 31 33.54 4.20 -35.40
C MET P 31 32.33 3.31 -35.65
N LEU P 32 32.09 2.34 -34.75
CA LEU P 32 30.92 1.49 -34.89
C LEU P 32 29.63 2.30 -34.73
N GLU P 33 29.62 3.23 -33.78
CA GLU P 33 28.47 4.10 -33.61
C GLU P 33 28.25 4.97 -34.85
N ASN P 34 29.33 5.49 -35.43
CA ASN P 34 29.22 6.28 -36.64
C ASN P 34 28.67 5.47 -37.80
N TRP P 35 29.13 4.23 -37.95
CA TRP P 35 28.67 3.36 -39.03
C TRP P 35 27.25 2.85 -38.81
N GLY P 36 26.70 2.97 -37.61
CA GLY P 36 25.36 2.53 -37.33
C GLY P 36 25.23 1.16 -36.71
N PHE P 37 26.32 0.57 -36.23
CA PHE P 37 26.28 -0.75 -35.60
C PHE P 37 26.10 -0.56 -34.10
N LYS P 38 24.84 -0.30 -33.72
CA LYS P 38 24.53 0.06 -32.34
C LYS P 38 24.83 -1.08 -31.37
N VAL P 39 24.51 -2.32 -31.74
CA VAL P 39 24.76 -3.46 -30.87
C VAL P 39 26.26 -3.62 -30.64
N LEU P 40 27.03 -3.63 -31.72
CA LEU P 40 28.47 -3.77 -31.62
C LEU P 40 29.09 -2.59 -30.89
N TYR P 41 28.55 -1.39 -31.14
CA TYR P 41 29.06 -0.21 -30.44
C TYR P 41 28.84 -0.31 -28.94
N GLU P 42 27.65 -0.76 -28.53
CA GLU P 42 27.37 -0.91 -27.11
C GLU P 42 28.29 -1.94 -26.47
N ARG P 43 28.48 -3.07 -27.13
CA ARG P 43 29.38 -4.08 -26.58
C ARG P 43 30.81 -3.56 -26.48
N ILE P 44 31.28 -2.86 -27.52
CA ILE P 44 32.66 -2.40 -27.53
C ILE P 44 32.85 -1.30 -26.48
N GLU P 45 31.84 -0.46 -26.28
CA GLU P 45 31.91 0.55 -25.22
C GLU P 45 31.95 -0.10 -23.84
N HIS P 46 31.16 -1.16 -23.63
CA HIS P 46 31.24 -1.90 -22.37
C HIS P 46 32.63 -2.48 -22.18
N GLU P 47 33.22 -3.02 -23.25
CA GLU P 47 34.57 -3.56 -23.17
C GLU P 47 35.58 -2.48 -22.82
N ARG P 48 35.41 -1.28 -23.40
CA ARG P 48 36.31 -0.18 -23.09
C ARG P 48 36.20 0.25 -21.62
N HIS P 49 34.97 0.30 -21.10
CA HIS P 49 34.80 0.66 -19.69
C HIS P 49 35.41 -0.41 -18.78
N ASP P 50 35.24 -1.68 -19.13
CA ASP P 50 35.86 -2.74 -18.35
C ASP P 50 37.38 -2.65 -18.39
N GLU P 51 37.94 -2.30 -19.56
CA GLU P 51 39.38 -2.14 -19.66
C GLU P 51 39.87 -0.93 -18.86
N LEU P 52 39.06 0.13 -18.79
CA LEU P 52 39.39 1.25 -17.92
C LEU P 52 39.41 0.85 -16.46
N ASP P 53 38.44 0.02 -16.04
CA ASP P 53 38.48 -0.52 -14.69
C ASP P 53 39.73 -1.36 -14.46
N HIS P 54 40.12 -2.15 -15.46
CA HIS P 54 41.32 -2.96 -15.36
C HIS P 54 42.55 -2.08 -15.17
N ALA P 55 42.65 -1.00 -15.95
CA ALA P 55 43.76 -0.07 -15.80
C ALA P 55 43.75 0.57 -14.42
N GLY P 56 42.55 0.87 -13.91
CA GLY P 56 42.46 1.42 -12.56
C GLY P 56 43.03 0.48 -11.51
N LEU P 57 42.65 -0.81 -11.58
CA LEU P 57 43.20 -1.79 -10.65
C LEU P 57 44.71 -1.89 -10.80
N LEU P 58 45.21 -1.88 -12.03
CA LEU P 58 46.65 -1.95 -12.24
C LEU P 58 47.38 -0.75 -11.63
N ILE P 59 46.81 0.44 -11.80
CA ILE P 59 47.45 1.65 -11.26
C ILE P 59 47.43 1.62 -9.74
N ASN P 60 46.32 1.17 -9.14
CA ASN P 60 46.28 1.04 -7.69
C ASN P 60 47.33 0.05 -7.19
N ARG P 61 47.48 -1.08 -7.89
CA ARG P 61 48.49 -2.06 -7.49
C ARG P 61 49.89 -1.48 -7.61
N ILE P 62 50.17 -0.73 -8.68
CA ILE P 62 51.49 -0.16 -8.85
C ILE P 62 51.78 0.87 -7.76
N LEU P 63 50.80 1.74 -7.46
CA LEU P 63 51.01 2.76 -6.44
C LEU P 63 51.17 2.13 -5.06
N PHE P 64 50.39 1.10 -4.76
CA PHE P 64 50.52 0.41 -3.48
C PHE P 64 51.91 -0.17 -3.31
N LEU P 65 52.50 -0.67 -4.38
CA LEU P 65 53.84 -1.23 -4.35
C LEU P 65 54.93 -0.18 -4.28
N GLU P 66 54.57 1.08 -4.01
CA GLU P 66 55.52 2.19 -4.00
C GLU P 66 56.27 2.27 -5.32
N GLY P 67 55.52 2.22 -6.41
CA GLY P 67 56.09 2.35 -7.74
C GLY P 67 55.35 3.41 -8.53
N VAL P 68 56.07 4.00 -9.49
CA VAL P 68 55.55 5.10 -10.28
C VAL P 68 54.78 4.51 -11.46
N PRO P 69 53.47 4.78 -11.59
CA PRO P 69 52.73 4.29 -12.76
C PRO P 69 53.18 5.03 -14.02
N ASP P 70 53.40 4.26 -15.09
CA ASP P 70 53.82 4.81 -16.37
C ASP P 70 52.57 4.96 -17.24
N VAL P 71 51.83 6.05 -17.00
CA VAL P 71 50.58 6.31 -17.70
C VAL P 71 50.78 7.16 -18.95
N ALA P 72 52.00 7.66 -19.18
CA ALA P 72 52.26 8.48 -20.35
C ALA P 72 52.34 7.65 -21.63
N SER P 73 53.02 6.50 -21.57
CA SER P 73 53.29 5.72 -22.76
C SER P 73 52.01 5.09 -23.31
N ARG P 74 51.99 4.92 -24.64
CA ARG P 74 50.89 4.25 -25.32
C ARG P 74 51.47 3.49 -26.50
N ALA P 75 51.10 2.22 -26.62
CA ALA P 75 51.55 1.42 -27.74
C ALA P 75 50.82 1.85 -29.02
N ALA P 76 51.20 1.24 -30.13
CA ALA P 76 50.60 1.59 -31.41
C ALA P 76 49.15 1.10 -31.48
N LEU P 77 48.29 1.95 -32.03
CA LEU P 77 46.88 1.60 -32.22
C LEU P 77 46.69 1.01 -33.60
N ASN P 78 46.03 -0.15 -33.66
CA ASN P 78 45.70 -0.79 -34.92
C ASN P 78 44.22 -0.55 -35.19
N ILE P 79 43.93 0.33 -36.15
CA ILE P 79 42.57 0.77 -36.46
C ILE P 79 42.16 0.14 -37.78
N GLY P 80 41.01 -0.54 -37.79
CA GLY P 80 40.50 -1.14 -38.99
C GLY P 80 39.55 -0.23 -39.75
N SER P 81 39.29 -0.59 -41.00
CA SER P 81 38.39 0.17 -41.86
C SER P 81 37.02 -0.48 -42.02
N ASP P 82 36.83 -1.66 -41.46
CA ASP P 82 35.57 -2.38 -41.57
C ASP P 82 35.45 -3.30 -40.36
N VAL P 83 34.22 -3.77 -40.12
CA VAL P 83 33.96 -4.55 -38.92
C VAL P 83 34.86 -5.77 -38.79
N PRO P 84 35.02 -6.62 -39.82
CA PRO P 84 35.93 -7.77 -39.65
C PRO P 84 37.36 -7.39 -39.30
N LYS P 85 37.87 -6.31 -39.89
CA LYS P 85 39.24 -5.89 -39.58
C LYS P 85 39.37 -5.44 -38.14
N MET P 86 38.38 -4.70 -37.64
CA MET P 86 38.43 -4.28 -36.24
C MET P 86 38.31 -5.47 -35.30
N MET P 87 37.46 -6.43 -35.62
CA MET P 87 37.38 -7.64 -34.79
C MET P 87 38.71 -8.38 -34.77
N ALA P 88 39.34 -8.53 -35.94
CA ALA P 88 40.61 -9.23 -36.00
C ALA P 88 41.70 -8.49 -35.24
N ASN P 89 41.74 -7.15 -35.36
CA ASN P 89 42.74 -6.36 -34.65
C ASN P 89 42.53 -6.46 -33.14
N ASP P 90 41.28 -6.37 -32.68
CA ASP P 90 41.01 -6.50 -31.26
C ASP P 90 41.40 -7.88 -30.74
N LEU P 91 41.09 -8.93 -31.51
CA LEU P 91 41.44 -10.28 -31.09
C LEU P 91 42.96 -10.44 -31.01
N ALA P 92 43.69 -9.93 -32.01
CA ALA P 92 45.14 -10.03 -31.98
C ALA P 92 45.73 -9.30 -30.78
N TYR P 93 45.24 -8.09 -30.50
CA TYR P 93 45.76 -7.35 -29.37
C TYR P 93 45.43 -8.05 -28.05
N GLU P 94 44.23 -8.61 -27.93
CA GLU P 94 43.89 -9.30 -26.69
C GLU P 94 44.71 -10.56 -26.50
N LEU P 95 45.02 -11.27 -27.59
CA LEU P 95 45.91 -12.43 -27.47
C LEU P 95 47.31 -12.00 -27.04
N GLN P 96 47.81 -10.89 -27.58
CA GLN P 96 49.09 -10.35 -27.12
C GLN P 96 49.04 -10.03 -25.63
N VAL P 97 47.94 -9.40 -25.19
CA VAL P 97 47.77 -9.07 -23.77
C VAL P 97 47.76 -10.35 -22.93
N VAL P 98 47.16 -11.42 -23.47
CA VAL P 98 47.15 -12.69 -22.75
C VAL P 98 48.57 -13.23 -22.58
N ASP P 99 49.39 -13.13 -23.63
CA ASP P 99 50.79 -13.53 -23.50
C ASP P 99 51.50 -12.73 -22.43
N GLU P 100 51.33 -11.40 -22.44
CA GLU P 100 51.99 -10.57 -21.43
C GLU P 100 51.50 -10.92 -20.03
N LEU P 101 50.20 -11.16 -19.88
CA LEU P 101 49.65 -11.49 -18.57
C LEU P 101 50.19 -12.82 -18.06
N LYS P 102 50.30 -13.81 -18.94
CA LYS P 102 50.87 -15.09 -18.51
C LYS P 102 52.33 -14.94 -18.09
N ALA P 103 53.10 -14.17 -18.85
CA ALA P 103 54.49 -13.94 -18.45
C ALA P 103 54.56 -13.22 -17.10
N ALA P 104 53.69 -12.24 -16.89
CA ALA P 104 53.69 -11.50 -15.63
C ALA P 104 53.25 -12.37 -14.46
N ILE P 105 52.28 -13.27 -14.69
CA ILE P 105 51.85 -14.19 -13.64
C ILE P 105 52.98 -15.13 -13.27
N ALA P 106 53.70 -15.65 -14.27
CA ALA P 106 54.86 -16.49 -14.00
C ALA P 106 55.90 -15.73 -13.19
N LEU P 107 56.17 -14.48 -13.56
CA LEU P 107 57.14 -13.69 -12.81
C LEU P 107 56.68 -13.47 -11.37
N CYS P 108 55.41 -13.11 -11.18
CA CYS P 108 54.89 -12.84 -9.85
C CYS P 108 54.95 -14.08 -8.97
N GLU P 109 54.65 -15.25 -9.54
CA GLU P 109 54.82 -16.49 -8.78
C GLU P 109 56.29 -16.73 -8.45
N SER P 110 57.19 -16.39 -9.37
CA SER P 110 58.61 -16.51 -9.09
C SER P 110 59.05 -15.54 -7.99
N GLU P 111 58.53 -14.32 -7.99
CA GLU P 111 58.95 -13.28 -7.06
C GLU P 111 58.18 -13.32 -5.74
N ARG P 112 57.28 -14.27 -5.56
CA ARG P 112 56.46 -14.38 -4.35
C ARG P 112 55.59 -13.14 -4.14
N ASP P 113 55.13 -12.53 -5.23
CA ASP P 113 54.18 -11.42 -5.17
C ASP P 113 52.79 -11.99 -5.44
N TYR P 114 52.21 -12.60 -4.40
CA TYR P 114 51.02 -13.41 -4.59
C TYR P 114 49.75 -12.58 -4.74
N ASP P 115 49.67 -11.41 -4.11
CA ASP P 115 48.51 -10.55 -4.33
C ASP P 115 48.52 -9.96 -5.73
N THR P 116 49.71 -9.57 -6.21
CA THR P 116 49.83 -9.19 -7.61
C THR P 116 49.48 -10.35 -8.52
N ARG P 117 49.88 -11.57 -8.15
CA ARG P 117 49.49 -12.74 -8.92
C ARG P 117 47.98 -12.91 -8.97
N ARG P 118 47.31 -12.63 -7.84
CA ARG P 118 45.85 -12.77 -7.81
C ARG P 118 45.17 -11.75 -8.70
N ILE P 119 45.61 -10.48 -8.63
CA ILE P 119 44.96 -9.47 -9.47
C ILE P 119 45.26 -9.74 -10.94
N LEU P 120 46.46 -10.22 -11.26
CA LEU P 120 46.78 -10.54 -12.65
C LEU P 120 46.02 -11.76 -13.13
N VAL P 121 45.76 -12.73 -12.25
CA VAL P 121 44.96 -13.88 -12.64
C VAL P 121 43.51 -13.47 -12.89
N HIS P 122 43.00 -12.55 -12.07
CA HIS P 122 41.67 -12.00 -12.33
C HIS P 122 41.64 -11.25 -13.66
N LEU P 123 42.71 -10.49 -13.95
CA LEU P 123 42.82 -9.79 -15.23
C LEU P 123 42.81 -10.78 -16.39
N LEU P 124 43.58 -11.85 -16.27
CA LEU P 124 43.65 -12.86 -17.32
C LEU P 124 42.32 -13.56 -17.51
N GLU P 125 41.62 -13.84 -16.40
CA GLU P 125 40.29 -14.43 -16.49
C GLU P 125 39.34 -13.52 -17.26
N GLU P 126 39.36 -12.22 -16.92
CA GLU P 126 38.51 -11.26 -17.62
C GLU P 126 38.86 -11.21 -19.10
N THR P 127 40.16 -11.18 -19.41
CA THR P 127 40.59 -11.04 -20.80
C THR P 127 40.23 -12.28 -21.63
N GLU P 128 40.40 -13.46 -21.06
CA GLU P 128 40.13 -14.69 -21.80
C GLU P 128 38.63 -14.99 -21.90
N GLN P 129 37.83 -14.59 -20.92
CA GLN P 129 36.41 -14.91 -20.97
C GLN P 129 35.59 -13.80 -21.61
N ASP P 130 35.71 -12.56 -21.12
CA ASP P 130 34.89 -11.49 -21.66
C ASP P 130 35.36 -11.01 -23.02
N HIS P 131 36.68 -10.90 -23.23
CA HIS P 131 37.22 -10.23 -24.41
C HIS P 131 37.64 -11.21 -25.50
N VAL P 132 38.56 -12.12 -25.21
CA VAL P 132 39.07 -13.03 -26.24
C VAL P 132 37.97 -13.94 -26.74
N ARG P 133 37.18 -14.49 -25.81
CA ARG P 133 36.10 -15.39 -26.20
C ARG P 133 35.07 -14.68 -27.09
N TRP P 134 34.68 -13.46 -26.71
CA TRP P 134 33.70 -12.74 -27.51
C TRP P 134 34.22 -12.41 -28.89
N LEU P 135 35.47 -11.96 -29.00
CA LEU P 135 36.03 -11.60 -30.30
C LEU P 135 36.20 -12.83 -31.19
N GLU P 136 36.63 -13.95 -30.62
CA GLU P 136 36.72 -15.19 -31.40
C GLU P 136 35.34 -15.65 -31.86
N VAL P 137 34.34 -15.55 -30.98
CA VAL P 137 32.98 -15.90 -31.36
C VAL P 137 32.49 -14.99 -32.48
N GLN P 138 32.84 -13.71 -32.42
CA GLN P 138 32.43 -12.78 -33.47
C GLN P 138 33.07 -13.12 -34.80
N VAL P 139 34.35 -13.49 -34.79
CA VAL P 139 35.00 -13.91 -36.04
C VAL P 139 34.32 -15.16 -36.60
N GLY P 140 34.03 -16.13 -35.73
CA GLY P 140 33.31 -17.30 -36.18
C GLY P 140 31.94 -16.97 -36.74
N LEU P 141 31.25 -16.02 -36.12
CA LEU P 141 29.92 -15.63 -36.60
C LEU P 141 30.00 -14.88 -37.92
N ILE P 142 31.05 -14.10 -38.14
CA ILE P 142 31.25 -13.48 -39.45
C ILE P 142 31.46 -14.56 -40.50
N ASP P 143 32.24 -15.60 -40.17
CA ASP P 143 32.42 -16.70 -41.11
C ASP P 143 31.13 -17.45 -41.38
N LYS P 144 30.33 -17.72 -40.34
CA LYS P 144 29.17 -18.59 -40.47
C LYS P 144 27.96 -17.85 -41.02
N LEU P 145 27.55 -16.77 -40.36
CA LEU P 145 26.40 -15.98 -40.79
C LEU P 145 26.62 -15.29 -42.11
N GLY P 146 27.88 -15.13 -42.54
CA GLY P 146 28.21 -14.26 -43.63
C GLY P 146 28.41 -12.83 -43.15
N LEU P 147 28.95 -12.01 -44.06
CA LEU P 147 29.22 -10.62 -43.69
C LEU P 147 27.93 -9.81 -43.59
N LYS P 148 27.05 -9.97 -44.58
CA LYS P 148 25.83 -9.16 -44.60
C LYS P 148 24.93 -9.44 -43.42
N ASN P 149 24.74 -10.72 -43.07
CA ASN P 149 23.91 -11.06 -41.93
C ASN P 149 24.54 -10.60 -40.62
N TYR P 150 25.86 -10.72 -40.50
CA TYR P 150 26.52 -10.26 -39.30
C TYR P 150 26.38 -8.74 -39.14
N LEU P 151 26.51 -8.00 -40.24
CA LEU P 151 26.34 -6.56 -40.17
C LEU P 151 24.89 -6.18 -39.87
N GLN P 152 23.93 -6.94 -40.38
CA GLN P 152 22.54 -6.71 -40.03
C GLN P 152 22.30 -6.95 -38.54
N SER P 153 22.91 -8.00 -37.98
CA SER P 153 22.81 -8.26 -36.55
C SER P 153 23.46 -7.15 -35.74
N ALA P 154 24.62 -6.67 -36.19
CA ALA P 154 25.33 -5.62 -35.44
C ALA P 154 24.60 -4.29 -35.52
N ALA P 155 23.86 -4.04 -36.60
CA ALA P 155 23.10 -2.80 -36.69
C ALA P 155 22.02 -2.73 -35.62
N GLY P 156 21.32 -3.83 -35.36
CA GLY P 156 20.21 -3.81 -34.44
C GLY P 156 18.96 -3.21 -35.07
N GLU P 157 18.07 -2.72 -34.21
CA GLU P 157 16.88 -2.04 -34.69
C GLU P 157 17.25 -0.71 -35.33
N ILE P 158 16.53 -0.36 -36.39
CA ILE P 158 16.78 0.89 -37.10
C ILE P 158 15.54 1.78 -37.06
N PRO Q 1 -53.64 2.19 -1.73
CA PRO Q 1 -54.96 2.51 -1.17
C PRO Q 1 -55.72 3.51 -2.03
N ARG Q 2 -57.04 3.37 -2.11
CA ARG Q 2 -57.85 4.26 -2.93
C ARG Q 2 -57.70 5.70 -2.47
N GLY Q 3 -57.58 6.61 -3.43
CA GLY Q 3 -57.43 8.02 -3.17
C GLY Q 3 -58.67 8.79 -3.59
N SER Q 4 -58.71 10.05 -3.15
CA SER Q 4 -59.83 10.91 -3.48
C SER Q 4 -59.77 11.30 -4.97
N PRO Q 5 -60.92 11.45 -5.62
CA PRO Q 5 -60.91 11.96 -7.00
C PRO Q 5 -60.33 13.35 -7.10
N LYS Q 6 -60.57 14.22 -6.12
CA LYS Q 6 -59.99 15.56 -6.14
C LYS Q 6 -58.47 15.50 -6.00
N VAL Q 7 -57.97 14.63 -5.12
CA VAL Q 7 -56.52 14.47 -4.98
C VAL Q 7 -55.92 13.97 -6.28
N ILE Q 8 -56.58 13.00 -6.92
CA ILE Q 8 -56.07 12.47 -8.18
C ILE Q 8 -56.06 13.55 -9.26
N SER Q 9 -57.11 14.37 -9.30
CA SER Q 9 -57.19 15.42 -10.32
C SER Q 9 -56.09 16.48 -10.10
N VAL Q 10 -55.88 16.91 -8.86
CA VAL Q 10 -54.84 17.90 -8.64
C VAL Q 10 -53.45 17.30 -8.86
N LEU Q 11 -53.28 16.02 -8.56
CA LEU Q 11 -52.00 15.37 -8.84
C LEU Q 11 -51.75 15.26 -10.34
N ASN Q 12 -52.80 14.98 -11.11
CA ASN Q 12 -52.67 14.94 -12.56
C ASN Q 12 -52.36 16.32 -13.13
N GLY Q 13 -52.99 17.36 -12.58
CA GLY Q 13 -52.65 18.71 -13.00
C GLY Q 13 -51.20 19.06 -12.70
N LEU Q 14 -50.73 18.68 -11.51
CA LEU Q 14 -49.33 18.91 -11.16
C LEU Q 14 -48.41 18.13 -12.09
N LEU Q 15 -48.78 16.90 -12.43
CA LEU Q 15 -47.97 16.10 -13.35
C LEU Q 15 -47.91 16.73 -14.73
N THR Q 16 -49.04 17.24 -15.22
CA THR Q 16 -49.04 17.93 -16.51
C THR Q 16 -48.13 19.14 -16.46
N GLY Q 17 -48.21 19.92 -15.38
CA GLY Q 17 -47.32 21.06 -15.23
C GLY Q 17 -45.87 20.67 -15.21
N GLU Q 18 -45.55 19.58 -14.49
CA GLU Q 18 -44.16 19.16 -14.36
C GLU Q 18 -43.61 18.63 -15.67
N LEU Q 19 -44.42 17.87 -16.41
CA LEU Q 19 -43.98 17.38 -17.72
C LEU Q 19 -43.76 18.54 -18.69
N THR Q 20 -44.68 19.52 -18.69
CA THR Q 20 -44.50 20.69 -19.54
C THR Q 20 -43.26 21.47 -19.15
N ALA Q 21 -43.01 21.62 -17.84
CA ALA Q 21 -41.81 22.30 -17.38
C ALA Q 21 -40.55 21.55 -17.80
N ALA Q 22 -40.57 20.22 -17.71
CA ALA Q 22 -39.41 19.43 -18.11
C ALA Q 22 -39.13 19.59 -19.59
N ASP Q 23 -40.18 19.57 -20.42
CA ASP Q 23 -39.99 19.78 -21.85
C ASP Q 23 -39.47 21.17 -22.15
N GLN Q 24 -40.03 22.19 -21.50
CA GLN Q 24 -39.57 23.56 -21.72
C GLN Q 24 -38.12 23.72 -21.32
N TYR Q 25 -37.73 23.17 -20.17
CA TYR Q 25 -36.35 23.24 -19.73
C TYR Q 25 -35.43 22.46 -20.65
N PHE Q 26 -35.93 21.38 -21.24
CA PHE Q 26 -35.15 20.62 -22.21
C PHE Q 26 -34.83 21.47 -23.42
N VAL Q 27 -35.85 22.08 -24.02
CA VAL Q 27 -35.62 22.94 -25.18
C VAL Q 27 -34.73 24.11 -24.83
N HIS Q 28 -34.96 24.72 -23.66
CA HIS Q 28 -34.15 25.86 -23.25
C HIS Q 28 -32.70 25.49 -23.06
N ALA Q 29 -32.43 24.35 -22.41
CA ALA Q 29 -31.06 23.89 -22.25
C ALA Q 29 -30.40 23.62 -23.58
N ARG Q 30 -31.14 23.03 -24.52
CA ARG Q 30 -30.53 22.71 -25.81
C ARG Q 30 -30.27 23.96 -26.63
N MET Q 31 -31.16 24.94 -26.59
CA MET Q 31 -30.90 26.20 -27.27
C MET Q 31 -29.81 27.02 -26.58
N LEU Q 32 -29.59 26.81 -25.29
CA LEU Q 32 -28.46 27.45 -24.63
C LEU Q 32 -27.15 26.79 -25.03
N GLU Q 33 -27.13 25.46 -25.11
CA GLU Q 33 -25.95 24.76 -25.60
C GLU Q 33 -25.65 25.15 -27.04
N ASN Q 34 -26.69 25.28 -27.86
CA ASN Q 34 -26.50 25.70 -29.25
C ASN Q 34 -25.86 27.07 -29.33
N TRP Q 35 -26.22 27.97 -28.41
CA TRP Q 35 -25.70 29.32 -28.40
C TRP Q 35 -24.35 29.44 -27.70
N GLY Q 36 -23.82 28.35 -27.16
CA GLY Q 36 -22.51 28.37 -26.53
C GLY Q 36 -22.51 28.76 -25.07
N PHE Q 37 -23.67 28.92 -24.45
CA PHE Q 37 -23.75 29.25 -23.02
C PHE Q 37 -23.68 27.94 -22.23
N LYS Q 38 -22.43 27.49 -22.03
CA LYS Q 38 -22.20 26.15 -21.50
C LYS Q 38 -22.67 26.01 -20.05
N VAL Q 39 -22.36 26.99 -19.20
CA VAL Q 39 -22.73 26.86 -17.78
C VAL Q 39 -24.24 26.96 -17.61
N LEU Q 40 -24.89 27.85 -18.36
CA LEU Q 40 -26.35 27.90 -18.35
C LEU Q 40 -26.95 26.61 -18.87
N TYR Q 41 -26.36 26.04 -19.93
CA TYR Q 41 -26.86 24.78 -20.46
C TYR Q 41 -26.74 23.67 -19.41
N GLU Q 42 -25.62 23.60 -18.70
CA GLU Q 42 -25.45 22.57 -17.68
C GLU Q 42 -26.46 22.75 -16.55
N ARG Q 43 -26.65 23.99 -16.09
CA ARG Q 43 -27.62 24.22 -15.01
C ARG Q 43 -29.03 23.86 -15.44
N ILE Q 44 -29.43 24.26 -16.65
CA ILE Q 44 -30.78 23.98 -17.10
C ILE Q 44 -30.95 22.48 -17.37
N GLU Q 45 -29.90 21.79 -17.79
CA GLU Q 45 -29.98 20.34 -17.91
C GLU Q 45 -30.21 19.68 -16.57
N HIS Q 46 -29.49 20.13 -15.53
CA HIS Q 46 -29.71 19.59 -14.21
C HIS Q 46 -31.12 19.90 -13.70
N GLU Q 47 -31.62 21.09 -13.99
CA GLU Q 47 -32.98 21.45 -13.60
C GLU Q 47 -34.00 20.59 -14.33
N ARG Q 48 -33.76 20.30 -15.61
CA ARG Q 48 -34.64 19.41 -16.36
C ARG Q 48 -34.64 18.00 -15.75
N HIS Q 49 -33.46 17.51 -15.36
CA HIS Q 49 -33.40 16.21 -14.69
C HIS Q 49 -34.18 16.21 -13.39
N ASP Q 50 -34.08 17.30 -12.62
CA ASP Q 50 -34.86 17.42 -11.39
C ASP Q 50 -36.36 17.42 -11.70
N GLU Q 51 -36.76 18.08 -12.79
CA GLU Q 51 -38.16 18.09 -13.17
C GLU Q 51 -38.64 16.69 -13.53
N LEU Q 52 -37.81 15.92 -14.23
CA LEU Q 52 -38.19 14.53 -14.52
C LEU Q 52 -38.29 13.71 -13.24
N ASP Q 53 -37.40 13.96 -12.28
CA ASP Q 53 -37.49 13.28 -10.99
C ASP Q 53 -38.80 13.60 -10.29
N HIS Q 54 -39.19 14.88 -10.29
CA HIS Q 54 -40.43 15.28 -9.65
C HIS Q 54 -41.64 14.69 -10.35
N ALA Q 55 -41.62 14.65 -11.68
CA ALA Q 55 -42.70 14.01 -12.42
C ALA Q 55 -42.78 12.53 -12.08
N GLY Q 56 -41.63 11.86 -11.94
CA GLY Q 56 -41.64 10.46 -11.54
C GLY Q 56 -42.23 10.25 -10.16
N LEU Q 57 -41.89 11.13 -9.22
CA LEU Q 57 -42.48 11.06 -7.89
C LEU Q 57 -43.99 11.23 -7.95
N LEU Q 58 -44.46 12.19 -8.75
CA LEU Q 58 -45.90 12.40 -8.89
C LEU Q 58 -46.58 11.20 -9.50
N ILE Q 59 -45.98 10.58 -10.51
CA ILE Q 59 -46.58 9.40 -11.14
C ILE Q 59 -46.62 8.24 -10.15
N ASN Q 60 -45.56 8.07 -9.35
CA ASN Q 60 -45.57 7.03 -8.33
C ASN Q 60 -46.70 7.26 -7.32
N ARG Q 61 -46.88 8.51 -6.89
CA ARG Q 61 -47.98 8.81 -5.98
C ARG Q 61 -49.34 8.54 -6.62
N ILE Q 62 -49.49 8.91 -7.89
CA ILE Q 62 -50.76 8.72 -8.57
C ILE Q 62 -51.10 7.24 -8.70
N LEU Q 63 -50.12 6.42 -9.08
CA LEU Q 63 -50.35 4.99 -9.18
C LEU Q 63 -50.60 4.36 -7.82
N PHE Q 64 -49.87 4.83 -6.79
CA PHE Q 64 -50.09 4.35 -5.44
C PHE Q 64 -51.52 4.64 -4.98
N LEU Q 65 -52.04 5.81 -5.35
CA LEU Q 65 -53.42 6.18 -5.04
C LEU Q 65 -54.43 5.53 -5.97
N GLU Q 66 -54.02 4.52 -6.73
CA GLU Q 66 -54.91 3.77 -7.63
C GLU Q 66 -55.60 4.68 -8.63
N GLY Q 67 -54.88 5.69 -9.12
CA GLY Q 67 -55.33 6.54 -10.19
C GLY Q 67 -54.58 6.25 -11.48
N VAL Q 68 -55.01 6.90 -12.54
CA VAL Q 68 -54.41 6.76 -13.86
C VAL Q 68 -53.74 8.09 -14.21
N PRO Q 69 -52.41 8.13 -14.34
CA PRO Q 69 -51.74 9.39 -14.69
C PRO Q 69 -52.13 9.85 -16.09
N ASP Q 70 -52.11 11.16 -16.27
CA ASP Q 70 -52.36 11.79 -17.57
C ASP Q 70 -51.02 12.34 -18.05
N VAL Q 71 -50.25 11.49 -18.72
CA VAL Q 71 -48.96 11.90 -19.27
C VAL Q 71 -49.08 12.42 -20.69
N ALA Q 72 -50.15 12.06 -21.40
CA ALA Q 72 -50.35 12.60 -22.75
C ALA Q 72 -50.59 14.10 -22.73
N SER Q 73 -51.27 14.59 -21.68
CA SER Q 73 -51.57 16.02 -21.60
C SER Q 73 -50.30 16.84 -21.48
N ARG Q 74 -50.24 17.93 -22.24
CA ARG Q 74 -49.13 18.86 -22.20
C ARG Q 74 -49.66 20.28 -22.26
N ALA Q 75 -49.11 21.15 -21.42
CA ALA Q 75 -49.52 22.55 -21.43
C ALA Q 75 -48.81 23.31 -22.55
N ALA Q 76 -49.21 24.56 -22.73
CA ALA Q 76 -48.57 25.41 -23.72
C ALA Q 76 -47.12 25.68 -23.33
N LEU Q 77 -46.26 25.74 -24.33
CA LEU Q 77 -44.83 25.97 -24.12
C LEU Q 77 -44.50 27.42 -24.46
N ASN Q 78 -43.78 28.07 -23.56
CA ASN Q 78 -43.34 29.46 -23.75
C ASN Q 78 -41.82 29.42 -23.92
N ILE Q 79 -41.37 29.45 -25.17
CA ILE Q 79 -39.97 29.35 -25.51
C ILE Q 79 -39.44 30.75 -25.80
N GLY Q 80 -38.29 31.08 -25.21
CA GLY Q 80 -37.73 32.42 -25.34
C GLY Q 80 -36.74 32.50 -26.50
N SER Q 81 -36.75 33.64 -27.18
CA SER Q 81 -35.88 33.87 -28.32
C SER Q 81 -34.47 34.31 -27.92
N ASP Q 82 -34.27 34.71 -26.67
CA ASP Q 82 -32.94 35.05 -26.16
C ASP Q 82 -32.91 34.79 -24.66
N VAL Q 83 -31.70 34.81 -24.11
CA VAL Q 83 -31.51 34.35 -22.73
C VAL Q 83 -32.39 35.09 -21.73
N PRO Q 84 -32.49 36.43 -21.74
CA PRO Q 84 -33.40 37.08 -20.78
C PRO Q 84 -34.84 36.61 -20.89
N LYS Q 85 -35.34 36.45 -22.12
CA LYS Q 85 -36.71 35.98 -22.29
C LYS Q 85 -36.86 34.53 -21.82
N MET Q 86 -35.83 33.71 -22.05
CA MET Q 86 -35.86 32.33 -21.58
C MET Q 86 -35.94 32.28 -20.05
N MET Q 87 -35.11 33.08 -19.38
CA MET Q 87 -35.15 33.12 -17.92
C MET Q 87 -36.49 33.64 -17.42
N ALA Q 88 -37.03 34.68 -18.05
CA ALA Q 88 -38.33 35.21 -17.63
C ALA Q 88 -39.44 34.19 -17.80
N ASN Q 89 -39.46 33.48 -18.93
CA ASN Q 89 -40.48 32.48 -19.16
C ASN Q 89 -40.37 31.31 -18.19
N ASP Q 90 -39.15 30.85 -17.94
CA ASP Q 90 -38.98 29.78 -16.96
C ASP Q 90 -39.43 30.22 -15.58
N LEU Q 91 -39.11 31.46 -15.19
CA LEU Q 91 -39.53 31.96 -13.90
C LEU Q 91 -41.04 32.06 -13.80
N ALA Q 92 -41.70 32.56 -14.84
CA ALA Q 92 -43.16 32.67 -14.82
C ALA Q 92 -43.82 31.30 -14.73
N TYR Q 93 -43.30 30.32 -15.49
CA TYR Q 93 -43.86 28.98 -15.41
C TYR Q 93 -43.65 28.37 -14.03
N GLU Q 94 -42.48 28.56 -13.44
CA GLU Q 94 -42.24 28.03 -12.11
C GLU Q 94 -43.12 28.71 -11.07
N LEU Q 95 -43.43 30.00 -11.26
CA LEU Q 95 -44.34 30.68 -10.34
C LEU Q 95 -45.75 30.13 -10.45
N GLN Q 96 -46.22 29.88 -11.67
CA GLN Q 96 -47.54 29.26 -11.81
C GLN Q 96 -47.55 27.86 -11.20
N VAL Q 97 -46.46 27.11 -11.36
CA VAL Q 97 -46.36 25.80 -10.73
C VAL Q 97 -46.39 25.94 -9.21
N VAL Q 98 -45.76 26.98 -8.68
CA VAL Q 98 -45.78 27.21 -7.23
C VAL Q 98 -47.20 27.46 -6.74
N ASP Q 99 -47.95 28.29 -7.45
CA ASP Q 99 -49.32 28.57 -7.05
C ASP Q 99 -50.18 27.31 -7.12
N GLU Q 100 -50.04 26.53 -8.19
CA GLU Q 100 -50.80 25.29 -8.31
C GLU Q 100 -50.42 24.30 -7.23
N LEU Q 101 -49.12 24.22 -6.90
CA LEU Q 101 -48.67 23.35 -5.82
C LEU Q 101 -49.25 23.75 -4.49
N LYS Q 102 -49.31 25.06 -4.21
CA LYS Q 102 -49.88 25.53 -2.95
C LYS Q 102 -51.36 25.17 -2.86
N ALA Q 103 -52.10 25.36 -3.96
CA ALA Q 103 -53.50 24.98 -3.97
C ALA Q 103 -53.67 23.48 -3.75
N ALA Q 104 -52.81 22.67 -4.38
CA ALA Q 104 -52.92 21.22 -4.22
C ALA Q 104 -52.56 20.79 -2.80
N ILE Q 105 -51.58 21.44 -2.19
CA ILE Q 105 -51.22 21.14 -0.80
C ILE Q 105 -52.39 21.46 0.13
N ALA Q 106 -53.05 22.60 -0.10
CA ALA Q 106 -54.23 22.93 0.70
C ALA Q 106 -55.32 21.88 0.52
N LEU Q 107 -55.54 21.44 -0.72
CA LEU Q 107 -56.57 20.42 -0.96
C LEU Q 107 -56.22 19.12 -0.26
N CYS Q 108 -54.95 18.70 -0.35
CA CYS Q 108 -54.53 17.46 0.30
C CYS Q 108 -54.69 17.54 1.81
N GLU Q 109 -54.36 18.68 2.39
CA GLU Q 109 -54.57 18.87 3.83
C GLU Q 109 -56.06 18.77 4.17
N SER Q 110 -56.91 19.40 3.37
CA SER Q 110 -58.34 19.32 3.62
C SER Q 110 -58.89 17.90 3.46
N GLU Q 111 -58.30 17.12 2.55
CA GLU Q 111 -58.78 15.78 2.26
C GLU Q 111 -58.08 14.71 3.10
N ARG Q 112 -57.24 15.11 4.05
CA ARG Q 112 -56.57 14.20 4.97
C ARG Q 112 -55.61 13.25 4.25
N ASP Q 113 -55.00 13.71 3.16
CA ASP Q 113 -53.97 12.94 2.46
C ASP Q 113 -52.62 13.52 2.83
N TYR Q 114 -52.11 13.09 3.98
CA TYR Q 114 -50.91 13.70 4.55
C TYR Q 114 -49.63 13.22 3.88
N ASP Q 115 -49.61 11.98 3.36
CA ASP Q 115 -48.44 11.52 2.61
C ASP Q 115 -48.30 12.27 1.30
N THR Q 116 -49.40 12.43 0.58
CA THR Q 116 -49.39 13.26 -0.62
C THR Q 116 -49.02 14.69 -0.29
N ARG Q 117 -49.48 15.19 0.86
CA ARG Q 117 -49.11 16.54 1.27
C ARG Q 117 -47.62 16.65 1.54
N ARG Q 118 -47.02 15.62 2.13
CA ARG Q 118 -45.58 15.64 2.35
C ARG Q 118 -44.83 15.64 1.02
N ILE Q 119 -45.28 14.84 0.07
CA ILE Q 119 -44.63 14.80 -1.24
C ILE Q 119 -44.74 16.16 -1.93
N LEU Q 120 -45.93 16.76 -1.90
CA LEU Q 120 -46.13 18.05 -2.54
C LEU Q 120 -45.38 19.16 -1.82
N VAL Q 121 -45.20 19.05 -0.51
CA VAL Q 121 -44.41 20.03 0.22
C VAL Q 121 -42.95 19.93 -0.16
N HIS Q 122 -42.45 18.70 -0.32
CA HIS Q 122 -41.08 18.53 -0.81
C HIS Q 122 -40.92 19.10 -2.21
N LEU Q 123 -41.90 18.86 -3.08
CA LEU Q 123 -41.86 19.41 -4.43
C LEU Q 123 -41.89 20.94 -4.40
N LEU Q 124 -42.72 21.52 -3.53
CA LEU Q 124 -42.79 22.97 -3.41
C LEU Q 124 -41.49 23.55 -2.89
N GLU Q 125 -40.85 22.87 -1.93
CA GLU Q 125 -39.55 23.30 -1.46
C GLU Q 125 -38.53 23.28 -2.59
N GLU Q 126 -38.53 22.21 -3.38
CA GLU Q 126 -37.59 22.14 -4.51
C GLU Q 126 -37.85 23.24 -5.52
N THR Q 127 -39.13 23.53 -5.80
CA THR Q 127 -39.47 24.54 -6.79
C THR Q 127 -39.15 25.95 -6.29
N GLU Q 128 -39.27 26.19 -4.99
CA GLU Q 128 -39.09 27.53 -4.46
C GLU Q 128 -37.63 27.83 -4.16
N GLN Q 129 -36.89 26.88 -3.58
CA GLN Q 129 -35.52 27.13 -3.18
C GLN Q 129 -34.51 26.81 -4.28
N ASP Q 130 -34.84 25.91 -5.20
CA ASP Q 130 -33.90 25.56 -6.25
C ASP Q 130 -34.21 26.22 -7.58
N HIS Q 131 -35.48 26.22 -8.00
CA HIS Q 131 -35.84 26.67 -9.34
C HIS Q 131 -36.23 28.14 -9.38
N VAL Q 132 -37.25 28.54 -8.63
CA VAL Q 132 -37.67 29.94 -8.64
C VAL Q 132 -36.55 30.83 -8.13
N ARG Q 133 -35.87 30.42 -7.06
CA ARG Q 133 -34.81 31.23 -6.47
C ARG Q 133 -33.69 31.47 -7.47
N TRP Q 134 -33.25 30.41 -8.16
CA TRP Q 134 -32.17 30.56 -9.12
C TRP Q 134 -32.57 31.46 -10.28
N LEU Q 135 -33.81 31.32 -10.77
CA LEU Q 135 -34.24 32.13 -11.89
C LEU Q 135 -34.35 33.61 -11.51
N GLU Q 136 -34.87 33.90 -10.31
CA GLU Q 136 -34.91 35.29 -9.86
C GLU Q 136 -33.50 35.85 -9.68
N VAL Q 137 -32.58 35.03 -9.16
CA VAL Q 137 -31.19 35.44 -9.07
C VAL Q 137 -30.65 35.78 -10.46
N GLN Q 138 -30.99 34.96 -11.45
CA GLN Q 138 -30.50 35.17 -12.81
C GLN Q 138 -31.03 36.47 -13.40
N VAL Q 139 -32.32 36.75 -13.23
CA VAL Q 139 -32.86 38.00 -13.76
C VAL Q 139 -32.23 39.20 -13.05
N GLY Q 140 -32.07 39.11 -11.73
CA GLY Q 140 -31.38 40.17 -11.02
C GLY Q 140 -29.96 40.38 -11.51
N LEU Q 141 -29.24 39.29 -11.78
CA LEU Q 141 -27.87 39.40 -12.29
C LEU Q 141 -27.83 39.93 -13.71
N ILE Q 142 -28.84 39.60 -14.52
CA ILE Q 142 -28.93 40.18 -15.85
C ILE Q 142 -29.07 41.70 -15.76
N ASP Q 143 -29.88 42.17 -14.81
CA ASP Q 143 -30.07 43.60 -14.67
C ASP Q 143 -28.89 44.29 -13.99
N LYS Q 144 -28.16 43.58 -13.12
CA LYS Q 144 -27.05 44.17 -12.38
C LYS Q 144 -25.75 44.14 -13.19
N LEU Q 145 -25.34 42.94 -13.61
CA LEU Q 145 -24.12 42.79 -14.41
C LEU Q 145 -24.26 43.43 -15.78
N GLY Q 146 -25.47 43.45 -16.33
CA GLY Q 146 -25.67 43.80 -17.72
C GLY Q 146 -25.77 42.57 -18.60
N LEU Q 147 -26.41 42.73 -19.75
CA LEU Q 147 -26.60 41.59 -20.64
C LEU Q 147 -25.28 41.04 -21.14
N LYS Q 148 -24.35 41.93 -21.51
CA LYS Q 148 -23.08 41.48 -22.06
C LYS Q 148 -22.28 40.69 -21.02
N ASN Q 149 -22.16 41.23 -19.81
CA ASN Q 149 -21.41 40.54 -18.76
C ASN Q 149 -22.09 39.25 -18.36
N TYR Q 150 -23.42 39.26 -18.26
CA TYR Q 150 -24.14 38.04 -17.90
C TYR Q 150 -23.96 36.96 -18.96
N LEU Q 151 -24.00 37.34 -20.24
CA LEU Q 151 -23.80 36.36 -21.30
C LEU Q 151 -22.36 35.85 -21.33
N GLN Q 152 -21.40 36.71 -20.98
CA GLN Q 152 -20.02 36.25 -20.85
C GLN Q 152 -19.88 35.23 -19.73
N SER Q 153 -20.56 35.46 -18.61
CA SER Q 153 -20.56 34.49 -17.52
C SER Q 153 -21.26 33.20 -17.93
N ALA Q 154 -22.35 33.33 -18.69
CA ALA Q 154 -23.11 32.16 -19.12
C ALA Q 154 -22.32 31.29 -20.09
N ALA Q 155 -21.52 31.93 -20.95
CA ALA Q 155 -20.72 31.17 -21.92
C ALA Q 155 -19.69 30.31 -21.20
N GLY Q 156 -19.05 30.83 -20.17
CA GLY Q 156 -18.01 30.10 -19.49
C GLY Q 156 -16.71 30.11 -20.28
N GLU Q 157 -15.84 29.15 -19.95
CA GLU Q 157 -14.59 29.00 -20.68
C GLU Q 157 -14.86 28.50 -22.09
N ILE Q 158 -14.10 29.02 -23.05
CA ILE Q 158 -14.25 28.62 -24.44
C ILE Q 158 -12.95 28.03 -24.99
N PRO R 1 -25.42 25.96 -39.68
CA PRO R 1 -25.56 25.85 -41.13
C PRO R 1 -26.97 25.46 -41.56
N ARG R 2 -27.47 26.10 -42.61
CA ARG R 2 -28.85 25.93 -43.02
C ARG R 2 -29.11 24.49 -43.46
N GLY R 3 -30.32 24.00 -43.18
CA GLY R 3 -30.72 22.66 -43.55
C GLY R 3 -31.99 22.64 -44.37
N SER R 4 -32.25 21.52 -45.03
CA SER R 4 -33.42 21.41 -45.89
C SER R 4 -34.70 21.46 -45.06
N PRO R 5 -35.71 22.20 -45.50
CA PRO R 5 -36.99 22.20 -44.76
C PRO R 5 -37.63 20.82 -44.66
N LYS R 6 -37.50 19.99 -45.71
CA LYS R 6 -38.00 18.63 -45.63
C LYS R 6 -37.24 17.83 -44.58
N VAL R 7 -35.91 18.01 -44.52
CA VAL R 7 -35.13 17.33 -43.49
C VAL R 7 -35.55 17.81 -42.10
N ILE R 8 -35.84 19.10 -41.97
CA ILE R 8 -36.29 19.63 -40.68
C ILE R 8 -37.63 19.03 -40.29
N SER R 9 -38.56 18.91 -41.25
CA SER R 9 -39.86 18.32 -40.95
C SER R 9 -39.73 16.86 -40.57
N VAL R 10 -38.88 16.12 -41.27
CA VAL R 10 -38.67 14.71 -40.94
C VAL R 10 -38.04 14.57 -39.56
N LEU R 11 -37.08 15.45 -39.23
CA LEU R 11 -36.47 15.42 -37.92
C LEU R 11 -37.47 15.77 -36.83
N ASN R 12 -38.38 16.70 -37.10
CA ASN R 12 -39.42 17.05 -36.14
C ASN R 12 -40.38 15.89 -35.93
N GLY R 13 -40.73 15.19 -37.00
CA GLY R 13 -41.55 13.99 -36.84
C GLY R 13 -40.86 12.92 -36.01
N LEU R 14 -39.57 12.71 -36.28
CA LEU R 14 -38.81 11.75 -35.49
C LEU R 14 -38.72 12.17 -34.03
N LEU R 15 -38.56 13.47 -33.78
CA LEU R 15 -38.50 13.97 -32.42
C LEU R 15 -39.82 13.79 -31.69
N THR R 16 -40.93 14.05 -32.36
CA THR R 16 -42.24 13.77 -31.78
C THR R 16 -42.37 12.29 -31.45
N GLY R 17 -41.91 11.42 -32.35
CA GLY R 17 -41.95 10.00 -32.07
C GLY R 17 -41.13 9.63 -30.84
N GLU R 18 -39.92 10.18 -30.74
CA GLU R 18 -39.05 9.87 -29.61
C GLU R 18 -39.63 10.37 -28.30
N LEU R 19 -40.21 11.57 -28.30
CA LEU R 19 -40.80 12.11 -27.07
C LEU R 19 -42.02 11.30 -26.65
N THR R 20 -42.87 10.92 -27.60
CA THR R 20 -44.00 10.07 -27.27
C THR R 20 -43.53 8.71 -26.74
N ALA R 21 -42.47 8.16 -27.34
CA ALA R 21 -41.92 6.91 -26.84
C ALA R 21 -41.40 7.06 -25.42
N ALA R 22 -40.72 8.17 -25.13
CA ALA R 22 -40.19 8.40 -23.80
C ALA R 22 -41.30 8.48 -22.77
N ASP R 23 -42.38 9.20 -23.09
CA ASP R 23 -43.50 9.30 -22.16
C ASP R 23 -44.18 7.94 -21.95
N GLN R 24 -44.39 7.20 -23.05
CA GLN R 24 -45.01 5.87 -22.91
C GLN R 24 -44.13 4.94 -22.07
N TYR R 25 -42.82 5.00 -22.29
CA TYR R 25 -41.91 4.19 -21.49
C TYR R 25 -41.94 4.63 -20.03
N PHE R 26 -42.09 5.93 -19.77
CA PHE R 26 -42.23 6.41 -18.41
C PHE R 26 -43.44 5.79 -17.72
N VAL R 27 -44.60 5.87 -18.37
CA VAL R 27 -45.81 5.34 -17.77
C VAL R 27 -45.69 3.84 -17.56
N HIS R 28 -45.16 3.13 -18.56
CA HIS R 28 -45.03 1.68 -18.47
C HIS R 28 -44.07 1.26 -17.36
N ALA R 29 -42.93 1.95 -17.25
CA ALA R 29 -41.97 1.62 -16.20
C ALA R 29 -42.56 1.89 -14.82
N ARG R 30 -43.29 3.00 -14.68
CA ARG R 30 -43.90 3.31 -13.39
C ARG R 30 -44.94 2.27 -13.01
N MET R 31 -45.76 1.84 -13.97
CA MET R 31 -46.70 0.75 -13.68
C MET R 31 -45.98 -0.55 -13.32
N LEU R 32 -44.89 -0.87 -14.02
CA LEU R 32 -44.17 -2.10 -13.71
C LEU R 32 -43.59 -2.06 -12.30
N GLU R 33 -43.05 -0.91 -11.90
CA GLU R 33 -42.59 -0.76 -10.53
C GLU R 33 -43.75 -0.87 -9.54
N ASN R 34 -44.87 -0.23 -9.85
CA ASN R 34 -46.03 -0.29 -8.97
C ASN R 34 -46.56 -1.71 -8.82
N TRP R 35 -46.36 -2.55 -9.82
CA TRP R 35 -46.79 -3.94 -9.76
C TRP R 35 -45.76 -4.87 -9.12
N GLY R 36 -44.54 -4.39 -8.89
CA GLY R 36 -43.52 -5.21 -8.26
C GLY R 36 -42.55 -5.88 -9.20
N PHE R 37 -42.61 -5.60 -10.50
CA PHE R 37 -41.70 -6.20 -11.48
C PHE R 37 -40.46 -5.31 -11.56
N LYS R 38 -39.48 -5.61 -10.71
CA LYS R 38 -38.34 -4.72 -10.54
C LYS R 38 -37.37 -4.76 -11.71
N VAL R 39 -37.03 -5.95 -12.20
CA VAL R 39 -36.04 -6.03 -13.27
C VAL R 39 -36.62 -5.49 -14.58
N LEU R 40 -37.89 -5.77 -14.84
CA LEU R 40 -38.54 -5.18 -16.02
C LEU R 40 -38.60 -3.67 -15.91
N TYR R 41 -38.96 -3.15 -14.73
CA TYR R 41 -39.05 -1.71 -14.55
C TYR R 41 -37.69 -1.06 -14.72
N GLU R 42 -36.63 -1.69 -14.21
CA GLU R 42 -35.28 -1.16 -14.42
C GLU R 42 -34.93 -1.12 -15.90
N ARG R 43 -35.28 -2.18 -16.64
CA ARG R 43 -34.99 -2.20 -18.07
C ARG R 43 -35.74 -1.08 -18.80
N ILE R 44 -37.02 -0.88 -18.49
CA ILE R 44 -37.77 0.17 -19.16
C ILE R 44 -37.27 1.56 -18.74
N GLU R 45 -36.78 1.70 -17.51
CA GLU R 45 -36.20 2.99 -17.12
C GLU R 45 -34.93 3.28 -17.90
N HIS R 46 -34.09 2.26 -18.10
CA HIS R 46 -32.92 2.42 -18.96
C HIS R 46 -33.33 2.79 -20.38
N GLU R 47 -34.38 2.13 -20.90
CA GLU R 47 -34.85 2.43 -22.25
C GLU R 47 -35.41 3.85 -22.33
N ARG R 48 -36.05 4.32 -21.26
CA ARG R 48 -36.54 5.69 -21.21
C ARG R 48 -35.39 6.69 -21.26
N HIS R 49 -34.31 6.41 -20.52
CA HIS R 49 -33.13 7.27 -20.60
C HIS R 49 -32.55 7.24 -22.01
N ASP R 50 -32.56 6.07 -22.65
CA ASP R 50 -32.10 5.96 -24.03
C ASP R 50 -32.94 6.82 -24.96
N GLU R 51 -34.26 6.77 -24.80
CA GLU R 51 -35.16 7.56 -25.65
C GLU R 51 -34.96 9.05 -25.42
N LEU R 52 -34.72 9.46 -24.18
CA LEU R 52 -34.43 10.85 -23.90
C LEU R 52 -33.12 11.29 -24.56
N ASP R 53 -32.11 10.43 -24.53
CA ASP R 53 -30.86 10.73 -25.22
C ASP R 53 -31.09 10.87 -26.73
N HIS R 54 -31.90 9.99 -27.31
CA HIS R 54 -32.21 10.07 -28.73
C HIS R 54 -32.91 11.38 -29.07
N ALA R 55 -33.89 11.76 -28.26
CA ALA R 55 -34.59 13.02 -28.50
C ALA R 55 -33.65 14.20 -28.35
N GLY R 56 -32.71 14.12 -27.41
CA GLY R 56 -31.73 15.18 -27.28
C GLY R 56 -30.85 15.32 -28.50
N LEU R 57 -30.39 14.19 -29.05
CA LEU R 57 -29.61 14.22 -30.28
C LEU R 57 -30.41 14.82 -31.42
N LEU R 58 -31.69 14.43 -31.53
CA LEU R 58 -32.53 14.97 -32.60
C LEU R 58 -32.72 16.48 -32.45
N ILE R 59 -32.94 16.95 -31.22
CA ILE R 59 -33.13 18.39 -31.00
C ILE R 59 -31.85 19.15 -31.31
N ASN R 60 -30.69 18.59 -30.91
CA ASN R 60 -29.44 19.25 -31.24
C ASN R 60 -29.24 19.33 -32.75
N ARG R 61 -29.58 18.26 -33.47
CA ARG R 61 -29.49 18.29 -34.93
C ARG R 61 -30.44 19.31 -35.54
N ILE R 62 -31.66 19.41 -35.00
CA ILE R 62 -32.61 20.39 -35.52
C ILE R 62 -32.12 21.80 -35.29
N LEU R 63 -31.60 22.08 -34.09
CA LEU R 63 -31.10 23.42 -33.79
C LEU R 63 -29.86 23.75 -34.60
N PHE R 64 -29.03 22.75 -34.90
CA PHE R 64 -27.86 22.99 -35.74
C PHE R 64 -28.28 23.41 -37.15
N LEU R 65 -29.36 22.83 -37.67
CA LEU R 65 -29.81 23.07 -39.03
C LEU R 65 -30.64 24.34 -39.15
N GLU R 66 -30.51 25.26 -38.19
CA GLU R 66 -31.21 26.55 -38.21
C GLU R 66 -32.72 26.37 -38.22
N GLY R 67 -33.21 25.31 -37.57
CA GLY R 67 -34.62 25.05 -37.43
C GLY R 67 -35.07 25.18 -35.99
N VAL R 68 -36.37 24.94 -35.78
CA VAL R 68 -36.99 25.00 -34.47
C VAL R 68 -37.60 23.64 -34.17
N PRO R 69 -37.36 23.08 -32.99
CA PRO R 69 -37.98 21.78 -32.66
C PRO R 69 -39.48 21.94 -32.38
N ASP R 70 -40.26 20.96 -32.85
CA ASP R 70 -41.68 20.90 -32.56
C ASP R 70 -41.86 20.00 -31.34
N VAL R 71 -41.32 20.48 -30.23
CA VAL R 71 -41.29 19.71 -28.99
C VAL R 71 -42.68 19.53 -28.40
N ALA R 72 -43.54 20.53 -28.53
CA ALA R 72 -44.85 20.48 -27.89
C ALA R 72 -45.75 19.40 -28.48
N SER R 73 -45.56 19.06 -29.75
CA SER R 73 -46.41 18.06 -30.39
C SER R 73 -46.17 16.69 -29.78
N ARG R 74 -47.23 15.87 -29.79
CA ARG R 74 -47.13 14.52 -29.24
C ARG R 74 -48.20 13.64 -29.87
N ALA R 75 -47.83 12.43 -30.26
CA ALA R 75 -48.77 11.47 -30.77
C ALA R 75 -49.51 10.78 -29.63
N ALA R 76 -50.60 10.11 -29.96
CA ALA R 76 -51.42 9.45 -28.94
C ALA R 76 -50.64 8.33 -28.27
N LEU R 77 -50.90 8.12 -26.98
CA LEU R 77 -50.20 7.14 -26.17
C LEU R 77 -51.00 5.83 -26.15
N ASN R 78 -50.31 4.72 -26.42
CA ASN R 78 -50.89 3.39 -26.39
C ASN R 78 -50.40 2.73 -25.11
N ILE R 79 -51.25 2.68 -24.10
CA ILE R 79 -50.90 2.17 -22.78
C ILE R 79 -51.52 0.80 -22.59
N GLY R 80 -50.69 -0.17 -22.19
CA GLY R 80 -51.15 -1.52 -21.99
C GLY R 80 -51.68 -1.73 -20.58
N SER R 81 -52.81 -2.44 -20.49
CA SER R 81 -53.40 -2.70 -19.19
C SER R 81 -52.54 -3.63 -18.34
N ASP R 82 -51.93 -4.65 -18.97
CA ASP R 82 -51.10 -5.62 -18.27
C ASP R 82 -49.77 -5.75 -19.01
N VAL R 83 -48.86 -6.53 -18.41
CA VAL R 83 -47.50 -6.61 -18.92
C VAL R 83 -47.43 -7.10 -20.37
N PRO R 84 -48.12 -8.18 -20.76
CA PRO R 84 -48.08 -8.55 -22.19
C PRO R 84 -48.60 -7.45 -23.10
N LYS R 85 -49.64 -6.73 -22.69
CA LYS R 85 -50.18 -5.67 -23.52
C LYS R 85 -49.19 -4.51 -23.66
N MET R 86 -48.51 -4.16 -22.56
CA MET R 86 -47.50 -3.11 -22.64
C MET R 86 -46.33 -3.54 -23.51
N MET R 87 -45.92 -4.81 -23.42
CA MET R 87 -44.84 -5.31 -24.28
C MET R 87 -45.24 -5.21 -25.75
N ALA R 88 -46.48 -5.64 -26.06
CA ALA R 88 -46.94 -5.59 -27.45
C ALA R 88 -47.03 -4.15 -27.95
N ASN R 89 -47.55 -3.25 -27.12
CA ASN R 89 -47.67 -1.85 -27.53
C ASN R 89 -46.31 -1.21 -27.74
N ASP R 90 -45.37 -1.51 -26.85
CA ASP R 90 -44.01 -0.99 -27.01
C ASP R 90 -43.38 -1.51 -28.28
N LEU R 91 -43.56 -2.80 -28.57
CA LEU R 91 -43.02 -3.36 -29.81
C LEU R 91 -43.64 -2.70 -31.03
N ALA R 92 -44.96 -2.51 -31.03
CA ALA R 92 -45.62 -1.89 -32.16
C ALA R 92 -45.13 -0.46 -32.38
N TYR R 93 -44.99 0.30 -31.29
CA TYR R 93 -44.51 1.67 -31.41
C TYR R 93 -43.07 1.70 -31.92
N GLU R 94 -42.24 0.77 -31.45
CA GLU R 94 -40.86 0.71 -31.90
C GLU R 94 -40.78 0.35 -33.39
N LEU R 95 -41.65 -0.55 -33.84
CA LEU R 95 -41.69 -0.88 -35.26
C LEU R 95 -42.11 0.32 -36.10
N GLN R 96 -43.11 1.08 -35.62
CA GLN R 96 -43.51 2.28 -36.34
C GLN R 96 -42.38 3.31 -36.39
N VAL R 97 -41.67 3.47 -35.28
CA VAL R 97 -40.52 4.36 -35.26
C VAL R 97 -39.45 3.88 -36.23
N VAL R 98 -39.26 2.55 -36.32
CA VAL R 98 -38.27 2.00 -37.25
C VAL R 98 -38.65 2.34 -38.68
N ASP R 99 -39.92 2.18 -39.05
CA ASP R 99 -40.35 2.49 -40.40
C ASP R 99 -40.16 3.97 -40.72
N GLU R 100 -40.55 4.85 -39.78
CA GLU R 100 -40.36 6.27 -40.00
C GLU R 100 -38.88 6.62 -40.10
N LEU R 101 -38.05 5.97 -39.30
CA LEU R 101 -36.60 6.20 -39.37
C LEU R 101 -36.04 5.77 -40.72
N LYS R 102 -36.50 4.63 -41.24
CA LYS R 102 -36.02 4.19 -42.55
C LYS R 102 -36.38 5.19 -43.63
N ALA R 103 -37.62 5.69 -43.60
CA ALA R 103 -38.01 6.73 -44.55
C ALA R 103 -37.16 7.98 -44.39
N ALA R 104 -36.86 8.34 -43.15
CA ALA R 104 -36.03 9.52 -42.87
C ALA R 104 -34.62 9.35 -43.42
N ILE R 105 -34.01 8.19 -43.23
CA ILE R 105 -32.67 7.95 -43.74
C ILE R 105 -32.66 7.94 -45.26
N ALA R 106 -33.71 7.40 -45.88
CA ALA R 106 -33.80 7.47 -47.33
C ALA R 106 -33.89 8.92 -47.80
N LEU R 107 -34.70 9.74 -47.13
CA LEU R 107 -34.78 11.15 -47.48
C LEU R 107 -33.44 11.86 -47.29
N CYS R 108 -32.72 11.52 -46.20
CA CYS R 108 -31.43 12.14 -45.95
C CYS R 108 -30.41 11.77 -47.03
N GLU R 109 -30.45 10.52 -47.49
CA GLU R 109 -29.63 10.13 -48.63
C GLU R 109 -30.00 10.94 -49.86
N SER R 110 -31.29 11.12 -50.11
CA SER R 110 -31.74 11.86 -51.29
C SER R 110 -31.33 13.33 -51.23
N GLU R 111 -31.35 13.92 -50.03
CA GLU R 111 -31.11 15.35 -49.86
C GLU R 111 -29.65 15.70 -49.60
N ARG R 112 -28.75 14.71 -49.62
CA ARG R 112 -27.32 14.94 -49.41
C ARG R 112 -27.03 15.44 -47.99
N ASP R 113 -27.88 15.07 -47.03
CA ASP R 113 -27.69 15.44 -45.62
C ASP R 113 -27.06 14.26 -44.91
N TYR R 114 -25.76 14.09 -45.12
CA TYR R 114 -25.06 12.88 -44.69
C TYR R 114 -24.80 12.84 -43.19
N ASP R 115 -24.63 14.00 -42.53
CA ASP R 115 -24.44 13.98 -41.09
C ASP R 115 -25.74 13.67 -40.37
N THR R 116 -26.84 14.29 -40.80
CA THR R 116 -28.16 13.88 -40.31
C THR R 116 -28.39 12.40 -40.57
N ARG R 117 -27.94 11.91 -41.73
CA ARG R 117 -28.08 10.49 -42.03
C ARG R 117 -27.29 9.63 -41.06
N ARG R 118 -26.08 10.06 -40.70
CA ARG R 118 -25.30 9.30 -39.73
C ARG R 118 -25.98 9.26 -38.38
N ILE R 119 -26.52 10.39 -37.93
CA ILE R 119 -27.24 10.41 -36.66
C ILE R 119 -28.46 9.51 -36.72
N LEU R 120 -29.20 9.56 -37.83
CA LEU R 120 -30.40 8.73 -37.95
C LEU R 120 -30.06 7.25 -38.04
N VAL R 121 -28.93 6.90 -38.66
CA VAL R 121 -28.52 5.50 -38.72
C VAL R 121 -28.12 5.01 -37.34
N HIS R 122 -27.45 5.86 -36.57
CA HIS R 122 -27.13 5.51 -35.18
C HIS R 122 -28.38 5.28 -34.36
N LEU R 123 -29.37 6.18 -34.51
CA LEU R 123 -30.64 6.01 -33.80
C LEU R 123 -31.36 4.74 -34.24
N LEU R 124 -31.37 4.45 -35.54
CA LEU R 124 -32.02 3.24 -36.04
C LEU R 124 -31.33 1.99 -35.53
N GLU R 125 -30.00 2.00 -35.46
CA GLU R 125 -29.27 0.86 -34.92
C GLU R 125 -29.65 0.61 -33.47
N GLU R 126 -29.70 1.67 -32.65
CA GLU R 126 -30.12 1.46 -31.27
C GLU R 126 -31.58 1.05 -31.17
N THR R 127 -32.44 1.59 -32.02
CA THR R 127 -33.86 1.22 -31.97
C THR R 127 -34.06 -0.25 -32.32
N GLU R 128 -33.31 -0.76 -33.29
CA GLU R 128 -33.51 -2.12 -33.75
C GLU R 128 -32.76 -3.16 -32.92
N GLN R 129 -31.53 -2.88 -32.51
CA GLN R 129 -30.72 -3.86 -31.79
C GLN R 129 -30.75 -3.69 -30.27
N ASP R 130 -31.51 -2.74 -29.75
CA ASP R 130 -31.58 -2.56 -28.30
C ASP R 130 -33.02 -2.59 -27.81
N HIS R 131 -33.95 -2.07 -28.61
CA HIS R 131 -35.34 -1.98 -28.20
C HIS R 131 -36.25 -2.96 -28.94
N VAL R 132 -36.23 -2.93 -30.28
CA VAL R 132 -37.11 -3.83 -31.03
C VAL R 132 -36.78 -5.28 -30.75
N ARG R 133 -35.49 -5.63 -30.76
CA ARG R 133 -35.11 -7.02 -30.53
C ARG R 133 -35.42 -7.46 -29.11
N TRP R 134 -35.19 -6.58 -28.12
CA TRP R 134 -35.50 -6.94 -26.75
C TRP R 134 -36.99 -7.13 -26.54
N LEU R 135 -37.82 -6.27 -27.13
CA LEU R 135 -39.27 -6.42 -26.97
C LEU R 135 -39.78 -7.65 -27.71
N GLU R 136 -39.20 -7.96 -28.87
CA GLU R 136 -39.57 -9.21 -29.55
C GLU R 136 -39.18 -10.42 -28.72
N VAL R 137 -37.99 -10.38 -28.09
CA VAL R 137 -37.58 -11.45 -27.19
C VAL R 137 -38.55 -11.56 -26.02
N GLN R 138 -38.99 -10.42 -25.49
CA GLN R 138 -39.93 -10.43 -24.38
C GLN R 138 -41.25 -11.07 -24.76
N VAL R 139 -41.77 -10.74 -25.94
CA VAL R 139 -43.02 -11.34 -26.39
C VAL R 139 -42.84 -12.84 -26.60
N GLY R 140 -41.74 -13.24 -27.24
CA GLY R 140 -41.47 -14.65 -27.42
C GLY R 140 -41.34 -15.41 -26.11
N LEU R 141 -40.70 -14.78 -25.11
CA LEU R 141 -40.56 -15.42 -23.81
C LEU R 141 -41.89 -15.49 -23.06
N ILE R 142 -42.75 -14.48 -23.24
CA ILE R 142 -44.10 -14.59 -22.70
C ILE R 142 -44.79 -15.80 -23.28
N ASP R 143 -44.62 -16.02 -24.59
CA ASP R 143 -45.22 -17.21 -25.21
C ASP R 143 -44.61 -18.50 -24.68
N LYS R 144 -43.28 -18.56 -24.60
CA LYS R 144 -42.59 -19.82 -24.32
C LYS R 144 -42.62 -20.16 -22.83
N LEU R 145 -42.07 -19.27 -21.99
CA LEU R 145 -42.07 -19.49 -20.55
C LEU R 145 -43.48 -19.60 -19.99
N GLY R 146 -44.46 -19.00 -20.67
CA GLY R 146 -45.77 -18.80 -20.10
C GLY R 146 -45.86 -17.47 -19.38
N LEU R 147 -47.09 -17.03 -19.14
CA LEU R 147 -47.29 -15.75 -18.49
C LEU R 147 -46.80 -15.77 -17.04
N LYS R 148 -47.11 -16.85 -16.31
CA LYS R 148 -46.77 -16.90 -14.89
C LYS R 148 -45.26 -16.93 -14.67
N ASN R 149 -44.55 -17.78 -15.40
CA ASN R 149 -43.10 -17.86 -15.25
C ASN R 149 -42.43 -16.57 -15.67
N TYR R 150 -42.89 -15.96 -16.77
CA TYR R 150 -42.31 -14.71 -17.21
C TYR R 150 -42.54 -13.61 -16.19
N LEU R 151 -43.74 -13.54 -15.62
CA LEU R 151 -44.01 -12.55 -14.60
C LEU R 151 -43.19 -12.79 -13.34
N GLN R 152 -42.95 -14.06 -12.99
CA GLN R 152 -42.09 -14.35 -11.86
C GLN R 152 -40.65 -13.90 -12.12
N SER R 153 -40.16 -14.11 -13.34
CA SER R 153 -38.83 -13.64 -13.70
C SER R 153 -38.76 -12.12 -13.67
N ALA R 154 -39.81 -11.45 -14.15
CA ALA R 154 -39.84 -9.99 -14.14
C ALA R 154 -39.87 -9.45 -12.71
N ALA R 155 -40.61 -10.11 -11.82
CA ALA R 155 -40.69 -9.67 -10.43
C ALA R 155 -39.33 -9.69 -9.75
N GLY R 156 -38.45 -10.60 -10.16
CA GLY R 156 -37.13 -10.66 -9.55
C GLY R 156 -37.20 -11.12 -8.11
N GLU R 157 -36.61 -10.34 -7.23
CA GLU R 157 -36.53 -10.68 -5.82
C GLU R 157 -37.68 -10.03 -5.05
N ILE R 158 -38.46 -10.84 -4.35
CA ILE R 158 -39.57 -10.34 -3.55
C ILE R 158 -39.18 -10.25 -2.09
N PRO S 1 42.25 -19.92 -28.96
CA PRO S 1 43.51 -20.09 -28.22
C PRO S 1 43.81 -21.54 -27.89
N ARG S 2 44.69 -22.16 -28.67
CA ARG S 2 45.04 -23.56 -28.45
C ARG S 2 45.67 -23.75 -27.07
N GLY S 3 45.18 -24.75 -26.35
CA GLY S 3 45.79 -25.14 -25.10
C GLY S 3 46.78 -26.28 -25.28
N SER S 4 47.49 -26.59 -24.20
CA SER S 4 48.43 -27.69 -24.25
C SER S 4 47.67 -29.00 -24.50
N PRO S 5 48.20 -29.88 -25.36
CA PRO S 5 47.55 -31.20 -25.52
C PRO S 5 47.48 -31.98 -24.23
N LYS S 6 48.50 -31.89 -23.37
CA LYS S 6 48.44 -32.55 -22.07
C LYS S 6 47.38 -31.92 -21.19
N VAL S 7 47.23 -30.59 -21.25
CA VAL S 7 46.20 -29.93 -20.46
C VAL S 7 44.82 -30.40 -20.91
N ILE S 8 44.60 -30.50 -22.23
CA ILE S 8 43.31 -30.98 -22.72
C ILE S 8 43.09 -32.43 -22.31
N SER S 9 44.16 -33.24 -22.33
CA SER S 9 44.02 -34.64 -21.94
C SER S 9 43.60 -34.78 -20.47
N VAL S 10 44.27 -34.03 -19.58
CA VAL S 10 43.91 -34.13 -18.18
C VAL S 10 42.56 -33.49 -17.91
N LEU S 11 42.18 -32.46 -18.68
CA LEU S 11 40.84 -31.91 -18.56
C LEU S 11 39.80 -32.93 -18.97
N ASN S 12 40.08 -33.72 -20.01
CA ASN S 12 39.15 -34.76 -20.42
C ASN S 12 39.05 -35.86 -19.37
N GLY S 13 40.16 -36.21 -18.74
CA GLY S 13 40.11 -37.15 -17.62
C GLY S 13 39.28 -36.61 -16.47
N LEU S 14 39.45 -35.31 -16.16
CA LEU S 14 38.65 -34.68 -15.12
C LEU S 14 37.17 -34.70 -15.48
N LEU S 15 36.86 -34.44 -16.74
CA LEU S 15 35.46 -34.47 -17.18
C LEU S 15 34.88 -35.86 -17.07
N THR S 16 35.65 -36.89 -17.43
CA THR S 16 35.18 -38.26 -17.29
C THR S 16 34.89 -38.57 -15.83
N GLY S 17 35.80 -38.17 -14.94
CA GLY S 17 35.57 -38.38 -13.51
C GLY S 17 34.33 -37.65 -13.02
N GLU S 18 34.14 -36.40 -13.46
CA GLU S 18 33.00 -35.62 -13.00
C GLU S 18 31.68 -36.19 -13.50
N LEU S 19 31.63 -36.64 -14.76
CA LEU S 19 30.42 -37.24 -15.28
C LEU S 19 30.11 -38.56 -14.59
N THR S 20 31.15 -39.36 -14.32
CA THR S 20 30.93 -40.61 -13.59
C THR S 20 30.41 -40.34 -12.18
N ALA S 21 30.96 -39.32 -11.51
CA ALA S 21 30.47 -38.96 -10.18
C ALA S 21 29.04 -38.44 -10.24
N ALA S 22 28.70 -37.69 -11.28
CA ALA S 22 27.33 -37.22 -11.44
C ALA S 22 26.37 -38.37 -11.61
N ASP S 23 26.75 -39.37 -12.42
CA ASP S 23 25.87 -40.53 -12.59
C ASP S 23 25.76 -41.34 -11.31
N GLN S 24 26.87 -41.50 -10.58
CA GLN S 24 26.81 -42.25 -9.32
C GLN S 24 25.93 -41.54 -8.31
N TYR S 25 26.04 -40.21 -8.22
CA TYR S 25 25.17 -39.45 -7.34
C TYR S 25 23.71 -39.54 -7.78
N PHE S 26 23.48 -39.57 -9.10
CA PHE S 26 22.14 -39.79 -9.62
C PHE S 26 21.55 -41.10 -9.08
N VAL S 27 22.29 -42.20 -9.26
CA VAL S 27 21.79 -43.49 -8.79
C VAL S 27 21.58 -43.48 -7.28
N HIS S 28 22.56 -42.94 -6.54
CA HIS S 28 22.48 -42.97 -5.09
C HIS S 28 21.32 -42.13 -4.58
N ALA S 29 21.09 -40.96 -5.17
CA ALA S 29 19.95 -40.13 -4.77
C ALA S 29 18.64 -40.85 -5.04
N ARG S 30 18.54 -41.51 -6.20
CA ARG S 30 17.29 -42.20 -6.51
C ARG S 30 17.04 -43.39 -5.60
N MET S 31 18.09 -44.15 -5.26
CA MET S 31 17.88 -45.24 -4.30
C MET S 31 17.59 -44.72 -2.90
N LEU S 32 18.16 -43.58 -2.53
CA LEU S 32 17.82 -42.97 -1.25
C LEU S 32 16.35 -42.57 -1.21
N GLU S 33 15.87 -41.95 -2.28
CA GLU S 33 14.44 -41.60 -2.35
C GLU S 33 13.56 -42.85 -2.32
N ASN S 34 13.98 -43.91 -3.00
CA ASN S 34 13.22 -45.15 -2.99
C ASN S 34 13.16 -45.75 -1.59
N TRP S 35 14.26 -45.67 -0.84
CA TRP S 35 14.29 -46.21 0.51
C TRP S 35 13.53 -45.34 1.50
N GLY S 36 13.31 -44.07 1.19
CA GLY S 36 12.62 -43.16 2.08
C GLY S 36 13.50 -42.20 2.84
N PHE S 37 14.82 -42.21 2.61
CA PHE S 37 15.74 -41.28 3.26
C PHE S 37 15.71 -39.96 2.47
N LYS S 38 14.74 -39.12 2.80
CA LYS S 38 14.47 -37.95 1.97
C LYS S 38 15.54 -36.88 2.12
N VAL S 39 16.03 -36.63 3.33
CA VAL S 39 17.02 -35.58 3.54
C VAL S 39 18.31 -35.91 2.77
N LEU S 40 18.77 -37.15 2.89
CA LEU S 40 19.91 -37.60 2.10
C LEU S 40 19.61 -37.51 0.62
N TYR S 41 18.36 -37.77 0.23
CA TYR S 41 17.99 -37.65 -1.19
C TYR S 41 18.19 -36.23 -1.69
N GLU S 42 17.69 -35.23 -0.95
CA GLU S 42 17.85 -33.85 -1.39
C GLU S 42 19.31 -33.44 -1.40
N ARG S 43 20.07 -33.85 -0.39
CA ARG S 43 21.48 -33.48 -0.35
C ARG S 43 22.25 -34.06 -1.53
N ILE S 44 22.00 -35.34 -1.82
CA ILE S 44 22.70 -35.97 -2.95
C ILE S 44 22.19 -35.41 -4.27
N GLU S 45 20.94 -34.97 -4.33
CA GLU S 45 20.45 -34.31 -5.53
C GLU S 45 21.19 -33.01 -5.79
N HIS S 46 21.38 -32.21 -4.74
CA HIS S 46 22.15 -30.98 -4.89
C HIS S 46 23.60 -31.27 -5.24
N GLU S 47 24.18 -32.34 -4.66
CA GLU S 47 25.53 -32.73 -5.01
C GLU S 47 25.64 -33.15 -6.48
N ARG S 48 24.63 -33.87 -6.98
CA ARG S 48 24.61 -34.26 -8.38
C ARG S 48 24.49 -33.05 -9.30
N HIS S 49 23.67 -32.07 -8.92
CA HIS S 49 23.59 -30.86 -9.72
C HIS S 49 24.91 -30.10 -9.71
N ASP S 50 25.59 -30.07 -8.56
CA ASP S 50 26.91 -29.45 -8.49
C ASP S 50 27.90 -30.17 -9.39
N GLU S 51 27.84 -31.50 -9.42
CA GLU S 51 28.72 -32.26 -10.32
C GLU S 51 28.41 -31.96 -11.78
N LEU S 52 27.12 -31.79 -12.10
CA LEU S 52 26.74 -31.44 -13.47
C LEU S 52 27.30 -30.07 -13.85
N ASP S 53 27.21 -29.09 -12.94
CA ASP S 53 27.81 -27.79 -13.21
C ASP S 53 29.33 -27.87 -13.36
N HIS S 54 29.99 -28.69 -12.53
CA HIS S 54 31.42 -28.86 -12.67
C HIS S 54 31.78 -29.45 -14.03
N ALA S 55 31.03 -30.46 -14.46
CA ALA S 55 31.26 -31.05 -15.77
C ALA S 55 31.02 -30.05 -16.89
N GLY S 56 29.99 -29.22 -16.75
CA GLY S 56 29.75 -28.18 -17.73
C GLY S 56 30.88 -27.18 -17.83
N LEU S 57 31.42 -26.76 -16.68
CA LEU S 57 32.56 -25.85 -16.68
C LEU S 57 33.77 -26.49 -17.33
N LEU S 58 34.01 -27.77 -17.05
CA LEU S 58 35.12 -28.47 -17.68
C LEU S 58 34.93 -28.55 -19.19
N ILE S 59 33.71 -28.83 -19.64
CA ILE S 59 33.44 -28.91 -21.07
C ILE S 59 33.64 -27.57 -21.74
N ASN S 60 33.18 -26.50 -21.10
CA ASN S 60 33.38 -25.16 -21.66
C ASN S 60 34.85 -24.82 -21.76
N ARG S 61 35.64 -25.17 -20.74
CA ARG S 61 37.07 -24.92 -20.80
C ARG S 61 37.73 -25.73 -21.92
N ILE S 62 37.34 -27.00 -22.07
CA ILE S 62 37.93 -27.84 -23.11
C ILE S 62 37.58 -27.29 -24.49
N LEU S 63 36.33 -26.89 -24.70
CA LEU S 63 35.93 -26.36 -25.99
C LEU S 63 36.63 -25.03 -26.28
N PHE S 64 36.86 -24.22 -25.25
CA PHE S 64 37.61 -22.98 -25.43
C PHE S 64 39.02 -23.26 -25.91
N LEU S 65 39.68 -24.27 -25.33
CA LEU S 65 41.04 -24.64 -25.71
C LEU S 65 41.10 -25.42 -27.01
N GLU S 66 39.99 -25.46 -27.76
CA GLU S 66 39.92 -26.14 -29.05
C GLU S 66 40.17 -27.65 -28.92
N GLY S 67 39.78 -28.22 -27.79
CA GLY S 67 39.81 -29.66 -27.62
C GLY S 67 38.47 -30.29 -27.97
N VAL S 68 38.43 -31.61 -27.84
CA VAL S 68 37.19 -32.36 -28.07
C VAL S 68 36.84 -33.10 -26.79
N PRO S 69 35.76 -32.72 -26.10
CA PRO S 69 35.43 -33.39 -24.84
C PRO S 69 35.15 -34.87 -25.03
N ASP S 70 35.63 -35.67 -24.09
CA ASP S 70 35.38 -37.11 -24.08
C ASP S 70 34.21 -37.41 -23.14
N VAL S 71 33.01 -37.08 -23.63
CA VAL S 71 31.80 -37.29 -22.85
C VAL S 71 31.23 -38.69 -23.00
N ALA S 72 31.71 -39.45 -23.98
CA ALA S 72 31.25 -40.83 -24.14
C ALA S 72 31.86 -41.76 -23.09
N SER S 73 33.14 -41.57 -22.77
CA SER S 73 33.83 -42.46 -21.85
C SER S 73 33.43 -42.19 -20.41
N ARG S 74 33.16 -43.26 -19.67
CA ARG S 74 32.78 -43.19 -18.27
C ARG S 74 33.56 -44.21 -17.47
N ALA S 75 33.69 -43.96 -16.17
CA ALA S 75 34.38 -44.87 -15.28
C ALA S 75 33.40 -45.84 -14.63
N ALA S 76 33.95 -46.82 -13.91
CA ALA S 76 33.12 -47.83 -13.26
C ALA S 76 32.31 -47.21 -12.13
N LEU S 77 31.01 -47.45 -12.14
CA LEU S 77 30.13 -46.94 -11.10
C LEU S 77 30.19 -47.85 -9.87
N ASN S 78 30.42 -47.25 -8.71
CA ASN S 78 30.47 -47.97 -7.44
C ASN S 78 29.17 -47.66 -6.69
N ILE S 79 28.20 -48.56 -6.83
CA ILE S 79 26.87 -48.38 -6.27
C ILE S 79 26.76 -49.20 -4.99
N GLY S 80 26.61 -48.53 -3.86
CA GLY S 80 26.54 -49.22 -2.58
C GLY S 80 25.19 -49.85 -2.32
N SER S 81 25.22 -50.94 -1.55
CA SER S 81 23.98 -51.67 -1.24
C SER S 81 23.15 -50.97 -0.18
N ASP S 82 23.78 -50.32 0.79
CA ASP S 82 23.07 -49.64 1.88
C ASP S 82 23.72 -48.29 2.13
N VAL S 83 23.05 -47.48 2.96
CA VAL S 83 23.47 -46.08 3.14
C VAL S 83 24.93 -45.93 3.54
N PRO S 84 25.45 -46.66 4.55
CA PRO S 84 26.89 -46.52 4.85
C PRO S 84 27.78 -46.87 3.69
N LYS S 85 27.40 -47.88 2.91
CA LYS S 85 28.21 -48.28 1.77
C LYS S 85 28.24 -47.19 0.70
N MET S 86 27.10 -46.59 0.39
CA MET S 86 27.10 -45.52 -0.61
C MET S 86 27.85 -44.29 -0.10
N MET S 87 27.76 -44.00 1.20
CA MET S 87 28.53 -42.88 1.74
C MET S 87 30.03 -43.13 1.62
N ALA S 88 30.46 -44.36 1.94
CA ALA S 88 31.88 -44.68 1.81
C ALA S 88 32.33 -44.65 0.36
N ASN S 89 31.50 -45.14 -0.57
CA ASN S 89 31.85 -45.11 -1.99
C ASN S 89 31.95 -43.67 -2.49
N ASP S 90 31.01 -42.82 -2.10
CA ASP S 90 31.07 -41.41 -2.49
C ASP S 90 32.32 -40.75 -1.96
N LEU S 91 32.67 -41.03 -0.69
CA LEU S 91 33.89 -40.46 -0.13
C LEU S 91 35.13 -40.95 -0.87
N ALA S 92 35.18 -42.23 -1.21
CA ALA S 92 36.33 -42.77 -1.92
C ALA S 92 36.48 -42.13 -3.30
N TYR S 93 35.36 -42.01 -4.03
CA TYR S 93 35.43 -41.38 -5.35
C TYR S 93 35.83 -39.92 -5.22
N GLU S 94 35.33 -39.23 -4.19
CA GLU S 94 35.70 -37.83 -4.00
C GLU S 94 37.18 -37.68 -3.70
N LEU S 95 37.74 -38.59 -2.91
CA LEU S 95 39.18 -38.53 -2.62
C LEU S 95 40.01 -38.79 -3.86
N GLN S 96 39.60 -39.75 -4.69
CA GLN S 96 40.30 -39.96 -5.95
C GLN S 96 40.19 -38.74 -6.87
N VAL S 97 39.02 -38.11 -6.88
CA VAL S 97 38.83 -36.88 -7.64
C VAL S 97 39.76 -35.80 -7.11
N VAL S 98 39.94 -35.73 -5.80
CA VAL S 98 40.86 -34.76 -5.21
C VAL S 98 42.28 -35.00 -5.70
N ASP S 99 42.71 -36.26 -5.69
CA ASP S 99 44.08 -36.58 -6.12
C ASP S 99 44.30 -36.20 -7.58
N GLU S 100 43.38 -36.62 -8.46
CA GLU S 100 43.51 -36.29 -9.88
C GLU S 100 43.40 -34.79 -10.12
N LEU S 101 42.58 -34.09 -9.33
CA LEU S 101 42.46 -32.64 -9.48
C LEU S 101 43.74 -31.94 -9.08
N LYS S 102 44.39 -32.39 -7.99
CA LYS S 102 45.67 -31.80 -7.61
C LYS S 102 46.72 -32.03 -8.70
N ALA S 103 46.75 -33.24 -9.26
CA ALA S 103 47.70 -33.50 -10.34
C ALA S 103 47.42 -32.59 -11.55
N ALA S 104 46.15 -32.42 -11.90
CA ALA S 104 45.81 -31.57 -13.04
C ALA S 104 46.14 -30.11 -12.77
N ILE S 105 45.93 -29.64 -11.54
CA ILE S 105 46.26 -28.26 -11.19
C ILE S 105 47.76 -28.04 -11.29
N ALA S 106 48.55 -29.00 -10.80
CA ALA S 106 50.00 -28.88 -10.91
C ALA S 106 50.43 -28.84 -12.38
N LEU S 107 49.82 -29.69 -13.21
CA LEU S 107 50.16 -29.69 -14.63
C LEU S 107 49.79 -28.36 -15.28
N CYS S 108 48.61 -27.82 -14.96
CA CYS S 108 48.21 -26.53 -15.53
C CYS S 108 49.14 -25.43 -15.10
N GLU S 109 49.60 -25.46 -13.85
CA GLU S 109 50.56 -24.46 -13.39
C GLU S 109 51.89 -24.58 -14.13
N SER S 110 52.35 -25.82 -14.36
CA SER S 110 53.62 -25.99 -15.06
C SER S 110 53.52 -25.55 -16.53
N GLU S 111 52.32 -25.55 -17.09
CA GLU S 111 52.11 -25.20 -18.49
C GLU S 111 51.78 -23.72 -18.70
N ARG S 112 51.86 -22.90 -17.65
CA ARG S 112 51.52 -21.48 -17.72
C ARG S 112 50.09 -21.28 -18.17
N ASP S 113 49.21 -22.22 -17.83
CA ASP S 113 47.81 -22.19 -18.23
C ASP S 113 47.02 -21.87 -16.97
N TYR S 114 46.85 -20.57 -16.71
CA TYR S 114 46.41 -20.09 -15.41
C TYR S 114 44.91 -19.94 -15.28
N ASP S 115 44.20 -19.65 -16.39
CA ASP S 115 42.75 -19.58 -16.32
C ASP S 115 42.17 -20.95 -15.99
N THR S 116 42.65 -21.99 -16.68
CA THR S 116 42.24 -23.35 -16.36
C THR S 116 42.67 -23.72 -14.95
N ARG S 117 43.82 -23.21 -14.49
CA ARG S 117 44.21 -23.44 -13.11
C ARG S 117 43.20 -22.83 -12.15
N ARG S 118 42.67 -21.65 -12.47
CA ARG S 118 41.65 -21.03 -11.63
C ARG S 118 40.38 -21.85 -11.59
N ILE S 119 39.92 -22.33 -12.76
CA ILE S 119 38.72 -23.16 -12.78
C ILE S 119 38.94 -24.46 -12.01
N LEU S 120 40.10 -25.09 -12.18
CA LEU S 120 40.38 -26.33 -11.47
C LEU S 120 40.52 -26.10 -9.97
N VAL S 121 41.06 -24.95 -9.56
CA VAL S 121 41.15 -24.63 -8.15
C VAL S 121 39.76 -24.43 -7.55
N HIS S 122 38.88 -23.76 -8.29
CA HIS S 122 37.50 -23.62 -7.84
C HIS S 122 36.82 -24.98 -7.73
N LEU S 123 37.05 -25.86 -8.70
CA LEU S 123 36.51 -27.21 -8.63
C LEU S 123 37.04 -27.98 -7.43
N LEU S 124 38.34 -27.82 -7.14
CA LEU S 124 38.94 -28.52 -6.00
C LEU S 124 38.39 -28.00 -4.68
N GLU S 125 38.20 -26.69 -4.58
CA GLU S 125 37.58 -26.14 -3.38
C GLU S 125 36.15 -26.66 -3.20
N GLU S 126 35.38 -26.68 -4.29
CA GLU S 126 34.02 -27.22 -4.20
C GLU S 126 34.05 -28.69 -3.79
N THR S 127 34.99 -29.46 -4.32
CA THR S 127 35.04 -30.88 -4.01
C THR S 127 35.46 -31.13 -2.56
N GLU S 128 36.48 -30.41 -2.09
CA GLU S 128 36.92 -30.58 -0.71
C GLU S 128 35.87 -30.14 0.29
N GLN S 129 35.21 -29.01 0.03
CA GLN S 129 34.25 -28.47 0.99
C GLN S 129 32.88 -29.15 0.87
N ASP S 130 32.25 -29.04 -0.29
CA ASP S 130 30.86 -29.49 -0.42
C ASP S 130 30.75 -31.00 -0.42
N HIS S 131 31.79 -31.72 -0.84
CA HIS S 131 31.69 -33.15 -1.05
C HIS S 131 32.53 -33.96 -0.06
N VAL S 132 33.84 -33.72 -0.01
CA VAL S 132 34.69 -34.53 0.85
C VAL S 132 34.39 -34.25 2.32
N ARG S 133 34.28 -32.96 2.68
CA ARG S 133 34.00 -32.60 4.06
C ARG S 133 32.64 -33.14 4.51
N TRP S 134 31.61 -32.96 3.67
CA TRP S 134 30.28 -33.42 4.05
C TRP S 134 30.24 -34.93 4.18
N LEU S 135 30.88 -35.66 3.26
CA LEU S 135 30.81 -37.11 3.30
C LEU S 135 31.61 -37.69 4.46
N GLU S 136 32.77 -37.10 4.77
CA GLU S 136 33.50 -37.55 5.95
C GLU S 136 32.74 -37.23 7.22
N VAL S 137 32.06 -36.08 7.25
CA VAL S 137 31.19 -35.75 8.38
C VAL S 137 30.07 -36.78 8.51
N GLN S 138 29.48 -37.19 7.38
CA GLN S 138 28.41 -38.18 7.42
C GLN S 138 28.92 -39.52 7.94
N VAL S 139 30.11 -39.92 7.53
CA VAL S 139 30.69 -41.16 8.04
C VAL S 139 30.90 -41.07 9.55
N GLY S 140 31.45 -39.94 10.01
CA GLY S 140 31.61 -39.74 11.44
C GLY S 140 30.30 -39.75 12.19
N LEU S 141 29.25 -39.18 11.59
CA LEU S 141 27.95 -39.15 12.22
C LEU S 141 27.34 -40.55 12.29
N ILE S 142 27.56 -41.37 11.26
CA ILE S 142 27.10 -42.76 11.34
C ILE S 142 27.84 -43.48 12.46
N ASP S 143 29.14 -43.20 12.62
CA ASP S 143 29.89 -43.82 13.70
C ASP S 143 29.40 -43.37 15.07
N LYS S 144 29.08 -42.08 15.23
CA LYS S 144 28.73 -41.54 16.54
C LYS S 144 27.27 -41.78 16.88
N LEU S 145 26.36 -41.24 16.07
CA LEU S 145 24.92 -41.39 16.30
C LEU S 145 24.50 -42.84 16.34
N GLY S 146 25.24 -43.71 15.67
CA GLY S 146 24.77 -45.06 15.43
C GLY S 146 24.03 -45.17 14.11
N LEU S 147 23.81 -46.41 13.70
CA LEU S 147 23.16 -46.66 12.41
C LEU S 147 21.72 -46.18 12.43
N LYS S 148 20.96 -46.58 13.45
CA LYS S 148 19.52 -46.30 13.48
C LYS S 148 19.24 -44.81 13.63
N ASN S 149 20.00 -44.13 14.50
CA ASN S 149 19.79 -42.70 14.68
C ASN S 149 20.12 -41.94 13.41
N TYR S 150 21.21 -42.32 12.74
CA TYR S 150 21.55 -41.65 11.48
C TYR S 150 20.48 -41.89 10.42
N LEU S 151 19.97 -43.13 10.32
CA LEU S 151 18.92 -43.40 9.36
C LEU S 151 17.65 -42.63 9.68
N GLN S 152 17.34 -42.45 10.97
CA GLN S 152 16.18 -41.65 11.35
C GLN S 152 16.37 -40.19 10.98
N SER S 153 17.57 -39.65 11.22
CA SER S 153 17.85 -38.28 10.82
C SER S 153 17.82 -38.12 9.30
N ALA S 154 18.19 -39.16 8.57
CA ALA S 154 18.19 -39.12 7.11
C ALA S 154 16.79 -39.25 6.53
N ALA S 155 15.89 -39.96 7.21
CA ALA S 155 14.55 -40.15 6.67
C ALA S 155 13.73 -38.88 6.74
N GLY S 156 14.07 -37.96 7.65
CA GLY S 156 13.30 -36.73 7.76
C GLY S 156 11.94 -36.96 8.39
N GLU S 157 10.98 -36.14 8.00
CA GLU S 157 9.62 -36.23 8.51
C GLU S 157 8.84 -37.28 7.71
N ILE S 158 8.32 -38.29 8.40
CA ILE S 158 7.61 -39.36 7.75
C ILE S 158 6.12 -39.04 7.66
N PRO T 1 6.07 -54.68 -4.77
CA PRO T 1 6.00 -54.09 -6.11
C PRO T 1 6.97 -54.70 -7.10
N ARG T 2 7.07 -56.03 -7.09
CA ARG T 2 7.97 -56.72 -8.01
C ARG T 2 7.57 -56.47 -9.45
N GLY T 3 8.55 -56.13 -10.28
CA GLY T 3 8.32 -55.90 -11.69
C GLY T 3 8.72 -57.10 -12.52
N SER T 4 8.21 -57.12 -13.75
CA SER T 4 8.55 -58.16 -14.70
C SER T 4 9.99 -58.00 -15.20
N PRO T 5 10.70 -59.10 -15.45
CA PRO T 5 12.09 -58.94 -15.91
C PRO T 5 12.22 -58.39 -17.31
N LYS T 6 11.32 -58.76 -18.22
CA LYS T 6 11.33 -58.17 -19.55
C LYS T 6 11.03 -56.68 -19.51
N VAL T 7 10.07 -56.28 -18.67
CA VAL T 7 9.76 -54.87 -18.50
C VAL T 7 10.96 -54.13 -17.92
N ILE T 8 11.63 -54.73 -16.94
CA ILE T 8 12.81 -54.11 -16.34
C ILE T 8 13.91 -53.94 -17.38
N SER T 9 14.13 -54.95 -18.22
CA SER T 9 15.17 -54.85 -19.24
C SER T 9 14.84 -53.77 -20.28
N VAL T 10 13.58 -53.69 -20.71
CA VAL T 10 13.21 -52.67 -21.68
C VAL T 10 13.32 -51.29 -21.05
N LEU T 11 13.01 -51.16 -19.76
CA LEU T 11 13.17 -49.88 -19.08
C LEU T 11 14.64 -49.50 -18.98
N ASN T 12 15.51 -50.48 -18.71
CA ASN T 12 16.94 -50.19 -18.67
C ASN T 12 17.45 -49.75 -20.02
N GLY T 13 16.98 -50.38 -21.10
CA GLY T 13 17.34 -49.92 -22.44
C GLY T 13 16.89 -48.50 -22.70
N LEU T 14 15.65 -48.18 -22.33
CA LEU T 14 15.14 -46.82 -22.50
C LEU T 14 15.94 -45.82 -21.67
N LEU T 15 16.31 -46.20 -20.45
CA LEU T 15 17.10 -45.32 -19.59
C LEU T 15 18.48 -45.09 -20.16
N THR T 16 19.12 -46.13 -20.71
CA THR T 16 20.41 -45.95 -21.35
C THR T 16 20.30 -45.02 -22.55
N GLY T 17 19.24 -45.18 -23.34
CA GLY T 17 19.00 -44.27 -24.44
C GLY T 17 18.86 -42.83 -23.99
N GLU T 18 18.14 -42.63 -22.88
CA GLU T 18 17.91 -41.27 -22.39
C GLU T 18 19.16 -40.67 -21.79
N LEU T 19 19.99 -41.48 -21.12
CA LEU T 19 21.25 -40.98 -20.59
C LEU T 19 22.20 -40.59 -21.72
N THR T 20 22.28 -41.40 -22.76
CA THR T 20 23.10 -41.05 -23.91
C THR T 20 22.56 -39.81 -24.61
N ALA T 21 21.24 -39.68 -24.70
CA ALA T 21 20.65 -38.48 -25.27
C ALA T 21 21.01 -37.25 -24.44
N ALA T 22 20.99 -37.39 -23.11
CA ALA T 22 21.36 -36.28 -22.25
C ALA T 22 22.82 -35.88 -22.47
N ASP T 23 23.71 -36.87 -22.58
CA ASP T 23 25.11 -36.56 -22.82
C ASP T 23 25.31 -35.85 -24.16
N GLN T 24 24.66 -36.37 -25.21
CA GLN T 24 24.79 -35.75 -26.53
C GLN T 24 24.22 -34.33 -26.53
N TYR T 25 23.10 -34.13 -25.85
CA TYR T 25 22.52 -32.79 -25.74
C TYR T 25 23.44 -31.85 -24.98
N PHE T 26 24.09 -32.36 -23.94
CA PHE T 26 25.04 -31.55 -23.20
C PHE T 26 26.18 -31.08 -24.09
N VAL T 27 26.77 -32.02 -24.84
CA VAL T 27 27.88 -31.65 -25.72
C VAL T 27 27.41 -30.67 -26.79
N HIS T 28 26.25 -30.94 -27.39
CA HIS T 28 25.77 -30.08 -28.46
C HIS T 28 25.47 -28.68 -27.96
N ALA T 29 24.84 -28.57 -26.79
CA ALA T 29 24.57 -27.25 -26.24
C ALA T 29 25.86 -26.51 -25.92
N ARG T 30 26.85 -27.21 -25.38
CA ARG T 30 28.09 -26.53 -25.04
C ARG T 30 28.85 -26.07 -26.28
N MET T 31 28.86 -26.88 -27.36
CA MET T 31 29.50 -26.39 -28.58
C MET T 31 28.69 -25.28 -29.24
N LEU T 32 27.36 -25.33 -29.14
CA LEU T 32 26.54 -24.25 -29.68
C LEU T 32 26.83 -22.94 -28.96
N GLU T 33 26.98 -22.98 -27.63
CA GLU T 33 27.31 -21.76 -26.92
C GLU T 33 28.76 -21.35 -27.14
N ASN T 34 29.65 -22.31 -27.41
CA ASN T 34 31.02 -21.98 -27.75
C ASN T 34 31.09 -21.23 -29.07
N TRP T 35 30.25 -21.61 -30.03
CA TRP T 35 30.21 -20.93 -31.32
C TRP T 35 29.42 -19.64 -31.29
N GLY T 36 28.74 -19.34 -30.18
CA GLY T 36 28.00 -18.09 -30.06
C GLY T 36 26.55 -18.16 -30.49
N PHE T 37 25.97 -19.36 -30.62
CA PHE T 37 24.56 -19.51 -30.95
C PHE T 37 23.78 -19.61 -29.64
N LYS T 38 23.46 -18.44 -29.09
CA LYS T 38 22.87 -18.38 -27.76
C LYS T 38 21.48 -18.99 -27.72
N VAL T 39 20.63 -18.67 -28.69
CA VAL T 39 19.26 -19.17 -28.70
C VAL T 39 19.24 -20.70 -28.75
N LEU T 40 20.02 -21.26 -29.67
CA LEU T 40 20.12 -22.71 -29.77
C LEU T 40 20.71 -23.31 -28.50
N TYR T 41 21.67 -22.62 -27.89
CA TYR T 41 22.28 -23.13 -26.67
C TYR T 41 21.25 -23.23 -25.55
N GLU T 42 20.43 -22.20 -25.38
CA GLU T 42 19.40 -22.25 -24.34
C GLU T 42 18.39 -23.34 -24.62
N ARG T 43 17.96 -23.48 -25.87
CA ARG T 43 16.99 -24.52 -26.19
C ARG T 43 17.56 -25.91 -25.92
N ILE T 44 18.79 -26.17 -26.38
CA ILE T 44 19.37 -27.49 -26.21
C ILE T 44 19.68 -27.76 -24.74
N GLU T 45 20.00 -26.72 -23.95
CA GLU T 45 20.22 -26.92 -22.53
C GLU T 45 18.92 -27.28 -21.82
N HIS T 46 17.82 -26.62 -22.18
CA HIS T 46 16.53 -27.02 -21.62
C HIS T 46 16.19 -28.45 -22.02
N GLU T 47 16.51 -28.83 -23.26
CA GLU T 47 16.29 -30.20 -23.68
C GLU T 47 17.12 -31.19 -22.86
N ARG T 48 18.37 -30.82 -22.56
CA ARG T 48 19.20 -31.68 -21.73
C ARG T 48 18.63 -31.83 -20.32
N HIS T 49 18.12 -30.75 -19.75
CA HIS T 49 17.48 -30.84 -18.44
C HIS T 49 16.25 -31.73 -18.50
N ASP T 50 15.46 -31.61 -19.56
CA ASP T 50 14.28 -32.46 -19.72
C ASP T 50 14.67 -33.92 -19.83
N GLU T 51 15.76 -34.21 -20.55
CA GLU T 51 16.23 -35.59 -20.65
C GLU T 51 16.74 -36.10 -19.31
N LEU T 52 17.37 -35.24 -18.50
CA LEU T 52 17.75 -35.63 -17.15
C LEU T 52 16.52 -35.99 -16.33
N ASP T 53 15.45 -35.20 -16.45
CA ASP T 53 14.22 -35.53 -15.75
C ASP T 53 13.63 -36.83 -16.25
N HIS T 54 13.70 -37.09 -17.56
CA HIS T 54 13.24 -38.35 -18.12
C HIS T 54 14.00 -39.52 -17.51
N ALA T 55 15.32 -39.41 -17.46
CA ALA T 55 16.14 -40.46 -16.86
C ALA T 55 15.80 -40.65 -15.39
N GLY T 56 15.51 -39.55 -14.69
CA GLY T 56 15.10 -39.67 -13.30
C GLY T 56 13.81 -40.45 -13.13
N LEU T 57 12.81 -40.12 -13.96
CA LEU T 57 11.55 -40.85 -13.92
C LEU T 57 11.76 -42.33 -14.21
N LEU T 58 12.59 -42.63 -15.21
CA LEU T 58 12.82 -44.02 -15.57
C LEU T 58 13.57 -44.77 -14.48
N ILE T 59 14.57 -44.13 -13.86
CA ILE T 59 15.31 -44.77 -12.77
C ILE T 59 14.38 -45.02 -11.58
N ASN T 60 13.51 -44.07 -11.28
CA ASN T 60 12.57 -44.27 -10.17
C ASN T 60 11.62 -45.41 -10.47
N ARG T 61 11.14 -45.51 -11.71
CA ARG T 61 10.27 -46.63 -12.06
C ARG T 61 11.01 -47.97 -11.97
N ILE T 62 12.27 -47.99 -12.39
CA ILE T 62 13.05 -49.23 -12.33
C ILE T 62 13.29 -49.64 -10.88
N LEU T 63 13.65 -48.68 -10.03
CA LEU T 63 13.89 -48.98 -8.62
C LEU T 63 12.61 -49.42 -7.92
N PHE T 64 11.49 -48.78 -8.24
CA PHE T 64 10.21 -49.17 -7.66
C PHE T 64 9.83 -50.59 -8.04
N LEU T 65 10.26 -51.04 -9.22
CA LEU T 65 10.02 -52.41 -9.65
C LEU T 65 11.04 -53.40 -9.10
N GLU T 66 11.81 -53.00 -8.09
CA GLU T 66 12.78 -53.86 -7.42
C GLU T 66 13.85 -54.36 -8.38
N GLY T 67 14.18 -53.57 -9.40
CA GLY T 67 15.23 -53.90 -10.34
C GLY T 67 16.34 -52.87 -10.29
N VAL T 68 17.57 -53.32 -10.51
CA VAL T 68 18.73 -52.44 -10.50
C VAL T 68 18.76 -51.63 -11.79
N PRO T 69 19.05 -50.35 -11.74
CA PRO T 69 19.15 -49.55 -12.96
C PRO T 69 20.48 -49.79 -13.67
N ASP T 70 20.57 -49.25 -14.87
CA ASP T 70 21.78 -49.36 -15.70
C ASP T 70 22.20 -47.95 -16.10
N VAL T 71 23.20 -47.42 -15.40
CA VAL T 71 23.70 -46.08 -15.68
C VAL T 71 25.17 -46.09 -16.13
N ALA T 72 25.92 -47.15 -15.84
CA ALA T 72 27.31 -47.21 -16.32
C ALA T 72 27.38 -47.40 -17.82
N SER T 73 26.43 -48.15 -18.39
CA SER T 73 26.43 -48.42 -19.82
C SER T 73 25.93 -47.20 -20.58
N ARG T 74 26.68 -46.81 -21.62
CA ARG T 74 26.36 -45.64 -22.42
C ARG T 74 26.46 -46.02 -23.90
N ALA T 75 25.49 -45.53 -24.68
CA ALA T 75 25.46 -45.81 -26.11
C ALA T 75 26.46 -44.91 -26.84
N ALA T 76 26.55 -45.09 -28.15
CA ALA T 76 27.48 -44.30 -28.96
C ALA T 76 26.97 -42.88 -29.13
N LEU T 77 27.87 -41.92 -29.02
CA LEU T 77 27.54 -40.51 -29.16
C LEU T 77 27.83 -40.07 -30.60
N ASN T 78 26.80 -39.55 -31.27
CA ASN T 78 26.94 -38.96 -32.59
C ASN T 78 27.01 -37.46 -32.42
N ILE T 79 28.17 -36.87 -32.66
CA ILE T 79 28.41 -35.44 -32.47
C ILE T 79 28.68 -34.81 -33.83
N GLY T 80 27.87 -33.83 -34.21
CA GLY T 80 28.07 -33.16 -35.47
C GLY T 80 29.15 -32.11 -35.42
N SER T 81 29.62 -31.72 -36.60
CA SER T 81 30.67 -30.72 -36.73
C SER T 81 30.11 -29.31 -36.94
N ASP T 82 28.80 -29.18 -37.08
CA ASP T 82 28.16 -27.87 -37.29
C ASP T 82 26.67 -28.03 -37.01
N VAL T 83 25.96 -26.90 -37.07
CA VAL T 83 24.58 -26.86 -36.59
C VAL T 83 23.66 -27.81 -37.34
N PRO T 84 23.63 -27.84 -38.68
CA PRO T 84 22.77 -28.83 -39.35
C PRO T 84 23.11 -30.27 -39.01
N LYS T 85 24.39 -30.60 -38.88
CA LYS T 85 24.74 -31.96 -38.46
C LYS T 85 24.26 -32.24 -37.05
N MET T 86 24.34 -31.24 -36.15
CA MET T 86 23.75 -31.38 -34.83
C MET T 86 22.27 -31.71 -34.93
N MET T 87 21.54 -30.95 -35.73
CA MET T 87 20.09 -31.15 -35.82
C MET T 87 19.77 -32.53 -36.39
N ALA T 88 20.51 -32.94 -37.42
CA ALA T 88 20.28 -34.25 -38.02
C ALA T 88 20.56 -35.37 -37.02
N ASN T 89 21.66 -35.28 -36.27
CA ASN T 89 22.00 -36.30 -35.30
C ASN T 89 20.96 -36.37 -34.18
N ASP T 90 20.56 -35.21 -33.65
CA ASP T 90 19.56 -35.20 -32.59
C ASP T 90 18.23 -35.73 -33.08
N LEU T 91 17.82 -35.37 -34.29
CA LEU T 91 16.55 -35.87 -34.81
C LEU T 91 16.59 -37.37 -35.02
N ALA T 92 17.70 -37.90 -35.54
CA ALA T 92 17.82 -39.34 -35.73
C ALA T 92 17.79 -40.07 -34.39
N TYR T 93 18.51 -39.55 -33.40
CA TYR T 93 18.50 -40.18 -32.08
C TYR T 93 17.11 -40.14 -31.47
N GLU T 94 16.40 -39.02 -31.62
CA GLU T 94 15.07 -38.91 -31.04
C GLU T 94 14.08 -39.85 -31.73
N LEU T 95 14.23 -40.02 -33.05
CA LEU T 95 13.38 -40.99 -33.75
C LEU T 95 13.65 -42.41 -33.28
N GLN T 96 14.92 -42.76 -33.09
CA GLN T 96 15.24 -44.08 -32.55
C GLN T 96 14.66 -44.26 -31.16
N VAL T 97 14.75 -43.21 -30.33
CA VAL T 97 14.16 -43.25 -28.99
C VAL T 97 12.66 -43.46 -29.07
N VAL T 98 12.01 -42.80 -30.02
CA VAL T 98 10.56 -42.93 -30.17
C VAL T 98 10.19 -44.36 -30.55
N ASP T 99 10.95 -44.95 -31.47
CA ASP T 99 10.66 -46.34 -31.87
C ASP T 99 10.83 -47.30 -30.70
N GLU T 100 11.92 -47.15 -29.94
CA GLU T 100 12.12 -48.00 -28.77
C GLU T 100 11.05 -47.77 -27.72
N LEU T 101 10.61 -46.51 -27.55
CA LEU T 101 9.55 -46.22 -26.60
C LEU T 101 8.24 -46.89 -27.00
N LYS T 102 7.92 -46.87 -28.30
CA LYS T 102 6.69 -47.52 -28.76
C LYS T 102 6.77 -49.02 -28.56
N ALA T 103 7.93 -49.63 -28.83
CA ALA T 103 8.09 -51.06 -28.54
C ALA T 103 7.91 -51.35 -27.06
N ALA T 104 8.49 -50.50 -26.21
CA ALA T 104 8.36 -50.70 -24.76
C ALA T 104 6.92 -50.53 -24.31
N ILE T 105 6.19 -49.57 -24.89
CA ILE T 105 4.80 -49.37 -24.53
C ILE T 105 3.96 -50.58 -24.93
N ALA T 106 4.25 -51.15 -26.11
CA ALA T 106 3.56 -52.37 -26.51
C ALA T 106 3.84 -53.50 -25.53
N LEU T 107 5.10 -53.63 -25.10
CA LEU T 107 5.43 -54.66 -24.13
C LEU T 107 4.72 -54.44 -22.79
N CYS T 108 4.69 -53.19 -22.33
CA CYS T 108 4.03 -52.89 -21.06
C CYS T 108 2.54 -53.17 -21.12
N GLU T 109 1.91 -52.85 -22.26
CA GLU T 109 0.51 -53.19 -22.44
C GLU T 109 0.29 -54.69 -22.47
N SER T 110 1.22 -55.43 -23.10
CA SER T 110 1.08 -56.88 -23.19
C SER T 110 1.17 -57.52 -21.81
N GLU T 111 2.01 -56.99 -20.93
CA GLU T 111 2.27 -57.60 -19.64
C GLU T 111 1.35 -57.10 -18.54
N ARG T 112 0.34 -56.31 -18.90
CA ARG T 112 -0.63 -55.77 -17.94
C ARG T 112 0.04 -54.93 -16.86
N ASP T 113 1.13 -54.25 -17.21
CA ASP T 113 1.81 -53.34 -16.30
C ASP T 113 1.46 -51.95 -16.82
N TYR T 114 0.50 -51.30 -16.14
CA TYR T 114 -0.10 -50.09 -16.67
C TYR T 114 0.54 -48.81 -16.17
N ASP T 115 1.15 -48.82 -14.98
CA ASP T 115 1.80 -47.61 -14.48
C ASP T 115 3.04 -47.28 -15.30
N THR T 116 3.86 -48.29 -15.61
CA THR T 116 5.00 -48.06 -16.49
C THR T 116 4.53 -47.64 -17.88
N ARG T 117 3.43 -48.22 -18.36
CA ARG T 117 2.89 -47.82 -19.65
C ARG T 117 2.47 -46.36 -19.62
N ARG T 118 1.90 -45.91 -18.50
CA ARG T 118 1.53 -44.50 -18.35
C ARG T 118 2.75 -43.60 -18.38
N ILE T 119 3.81 -43.99 -17.64
CA ILE T 119 5.03 -43.20 -17.62
C ILE T 119 5.65 -43.13 -19.01
N LEU T 120 5.65 -44.27 -19.71
CA LEU T 120 6.23 -44.32 -21.05
C LEU T 120 5.41 -43.56 -22.07
N VAL T 121 4.08 -43.52 -21.89
CA VAL T 121 3.26 -42.70 -22.77
C VAL T 121 3.52 -41.22 -22.53
N HIS T 122 3.70 -40.84 -21.27
CA HIS T 122 4.10 -39.47 -20.97
C HIS T 122 5.45 -39.14 -21.61
N LEU T 123 6.40 -40.06 -21.50
CA LEU T 123 7.73 -39.85 -22.08
C LEU T 123 7.67 -39.77 -23.59
N LEU T 124 6.84 -40.61 -24.22
CA LEU T 124 6.66 -40.55 -25.67
C LEU T 124 6.03 -39.25 -26.10
N GLU T 125 5.02 -38.78 -25.37
CA GLU T 125 4.41 -37.49 -25.66
C GLU T 125 5.46 -36.38 -25.59
N GLU T 126 6.26 -36.38 -24.53
CA GLU T 126 7.27 -35.34 -24.36
C GLU T 126 8.30 -35.41 -25.49
N THR T 127 8.78 -36.61 -25.81
CA THR T 127 9.78 -36.75 -26.86
C THR T 127 9.26 -36.34 -28.22
N GLU T 128 8.01 -36.71 -28.54
CA GLU T 128 7.49 -36.42 -29.87
C GLU T 128 7.12 -34.95 -30.02
N GLN T 129 6.49 -34.35 -29.01
CA GLN T 129 5.94 -33.01 -29.17
C GLN T 129 6.81 -31.90 -28.58
N ASP T 130 7.94 -32.24 -27.92
CA ASP T 130 8.87 -31.22 -27.48
C ASP T 130 10.28 -31.40 -28.01
N HIS T 131 10.65 -32.61 -28.42
CA HIS T 131 11.99 -32.87 -28.97
C HIS T 131 11.96 -33.21 -30.44
N VAL T 132 11.13 -34.18 -30.86
CA VAL T 132 11.13 -34.60 -32.25
C VAL T 132 10.60 -33.49 -33.15
N ARG T 133 9.47 -32.88 -32.78
CA ARG T 133 8.85 -31.90 -33.65
C ARG T 133 9.68 -30.62 -33.70
N TRP T 134 10.30 -30.24 -32.59
CA TRP T 134 11.16 -29.06 -32.61
C TRP T 134 12.36 -29.27 -33.53
N LEU T 135 12.99 -30.45 -33.47
CA LEU T 135 14.13 -30.72 -34.34
C LEU T 135 13.71 -30.79 -35.80
N GLU T 136 12.54 -31.38 -36.07
CA GLU T 136 12.04 -31.39 -37.45
C GLU T 136 11.79 -29.98 -37.95
N VAL T 137 11.21 -29.13 -37.10
CA VAL T 137 11.02 -27.72 -37.44
C VAL T 137 12.36 -27.06 -37.72
N GLN T 138 13.37 -27.38 -36.93
CA GLN T 138 14.69 -26.77 -37.12
C GLN T 138 15.30 -27.16 -38.45
N VAL T 139 15.21 -28.44 -38.82
CA VAL T 139 15.74 -28.85 -40.12
C VAL T 139 14.96 -28.21 -41.26
N GLY T 140 13.63 -28.15 -41.13
CA GLY T 140 12.84 -27.45 -42.13
C GLY T 140 13.21 -25.98 -42.25
N LEU T 141 13.49 -25.34 -41.13
CA LEU T 141 13.89 -23.94 -41.14
C LEU T 141 15.26 -23.76 -41.78
N ILE T 142 16.18 -24.69 -41.52
CA ILE T 142 17.48 -24.63 -42.20
C ILE T 142 17.29 -24.74 -43.70
N ASP T 143 16.39 -25.62 -44.13
CA ASP T 143 16.11 -25.75 -45.55
C ASP T 143 15.48 -24.49 -46.13
N LYS T 144 14.57 -23.86 -45.39
CA LYS T 144 13.77 -22.76 -45.93
C LYS T 144 14.50 -21.42 -45.84
N LEU T 145 14.88 -21.01 -44.63
CA LEU T 145 15.60 -19.75 -44.45
C LEU T 145 17.01 -19.80 -45.03
N GLY T 146 17.52 -20.98 -45.36
CA GLY T 146 18.91 -21.13 -45.72
C GLY T 146 19.78 -21.29 -44.49
N LEU T 147 21.06 -21.56 -44.75
CA LEU T 147 21.99 -21.80 -43.65
C LEU T 147 22.33 -20.51 -42.91
N LYS T 148 22.61 -19.43 -43.66
CA LYS T 148 23.10 -18.21 -43.04
C LYS T 148 22.00 -17.51 -42.24
N ASN T 149 20.78 -17.47 -42.77
CA ASN T 149 19.69 -16.84 -42.04
C ASN T 149 19.33 -17.62 -40.78
N TYR T 150 19.34 -18.95 -40.87
CA TYR T 150 19.08 -19.75 -39.67
C TYR T 150 20.16 -19.54 -38.63
N LEU T 151 21.42 -19.47 -39.06
CA LEU T 151 22.50 -19.21 -38.11
C LEU T 151 22.39 -17.81 -37.51
N GLN T 152 21.92 -16.84 -38.29
CA GLN T 152 21.70 -15.49 -37.75
C GLN T 152 20.61 -15.51 -36.69
N SER T 153 19.52 -16.23 -36.94
CA SER T 153 18.47 -16.34 -35.93
C SER T 153 18.94 -17.11 -34.71
N ALA T 154 19.82 -18.09 -34.89
CA ALA T 154 20.32 -18.88 -33.78
C ALA T 154 21.29 -18.07 -32.92
N ALA T 155 22.10 -17.21 -33.55
CA ALA T 155 23.01 -16.37 -32.78
C ALA T 155 22.27 -15.36 -31.94
N GLY T 156 21.06 -14.97 -32.35
CA GLY T 156 20.32 -13.98 -31.59
C GLY T 156 21.03 -12.65 -31.58
N GLU T 157 21.17 -12.07 -30.39
CA GLU T 157 21.86 -10.80 -30.22
C GLU T 157 23.36 -11.02 -30.06
N ILE T 158 24.14 -10.12 -30.64
CA ILE T 158 25.59 -10.24 -30.60
C ILE T 158 26.20 -9.06 -29.84
N PRO U 1 -42.06 -32.77 13.75
CA PRO U 1 -41.41 -33.19 15.00
C PRO U 1 -42.25 -32.84 16.22
N ARG U 2 -43.48 -33.33 16.24
CA ARG U 2 -44.40 -33.02 17.32
C ARG U 2 -43.84 -33.53 18.65
N GLY U 3 -43.81 -32.64 19.65
CA GLY U 3 -43.27 -32.96 20.95
C GLY U 3 -44.37 -33.19 21.98
N SER U 4 -43.94 -33.38 23.22
CA SER U 4 -44.87 -33.56 24.32
C SER U 4 -45.70 -32.29 24.49
N PRO U 5 -47.02 -32.40 24.64
CA PRO U 5 -47.84 -31.20 24.84
C PRO U 5 -47.45 -30.40 26.07
N LYS U 6 -46.98 -31.06 27.13
CA LYS U 6 -46.54 -30.33 28.31
C LYS U 6 -45.28 -29.52 28.01
N VAL U 7 -44.40 -30.04 27.17
CA VAL U 7 -43.22 -29.28 26.76
C VAL U 7 -43.65 -28.03 26.00
N ILE U 8 -44.63 -28.17 25.10
CA ILE U 8 -45.14 -27.02 24.37
C ILE U 8 -45.77 -26.01 25.32
N SER U 9 -46.51 -26.49 26.33
CA SER U 9 -47.16 -25.58 27.28
C SER U 9 -46.13 -24.79 28.09
N VAL U 10 -45.10 -25.47 28.59
CA VAL U 10 -44.09 -24.74 29.37
C VAL U 10 -43.27 -23.83 28.47
N LEU U 11 -43.05 -24.21 27.21
CA LEU U 11 -42.36 -23.32 26.27
C LEU U 11 -43.20 -22.09 26.00
N ASN U 12 -44.52 -22.24 25.91
CA ASN U 12 -45.40 -21.08 25.72
C ASN U 12 -45.38 -20.18 26.95
N GLY U 13 -45.39 -20.76 28.15
CA GLY U 13 -45.25 -19.96 29.35
C GLY U 13 -43.95 -19.18 29.38
N LEU U 14 -42.84 -19.83 29.02
CA LEU U 14 -41.56 -19.14 28.97
C LEU U 14 -41.57 -18.05 27.89
N LEU U 15 -42.19 -18.31 26.76
CA LEU U 15 -42.24 -17.30 25.69
C LEU U 15 -43.04 -16.09 26.14
N THR U 16 -44.15 -16.31 26.83
CA THR U 16 -44.92 -15.19 27.38
C THR U 16 -44.08 -14.42 28.40
N GLY U 17 -43.34 -15.15 29.24
CA GLY U 17 -42.48 -14.48 30.21
C GLY U 17 -41.41 -13.62 29.56
N GLU U 18 -40.75 -14.15 28.53
CA GLU U 18 -39.75 -13.36 27.81
C GLU U 18 -40.38 -12.17 27.10
N LEU U 19 -41.57 -12.33 26.52
CA LEU U 19 -42.21 -11.20 25.86
C LEU U 19 -42.55 -10.10 26.86
N THR U 20 -43.07 -10.48 28.03
CA THR U 20 -43.35 -9.50 29.07
C THR U 20 -42.06 -8.85 29.57
N ALA U 21 -40.99 -9.62 29.70
CA ALA U 21 -39.71 -9.05 30.08
C ALA U 21 -39.23 -8.04 29.04
N ALA U 22 -39.42 -8.35 27.76
CA ALA U 22 -39.03 -7.41 26.70
C ALA U 22 -39.85 -6.14 26.78
N ASP U 23 -41.15 -6.26 27.04
CA ASP U 23 -42.00 -5.07 27.18
C ASP U 23 -41.54 -4.21 28.35
N GLN U 24 -41.36 -4.83 29.52
CA GLN U 24 -40.95 -4.10 30.71
C GLN U 24 -39.58 -3.45 30.51
N TYR U 25 -38.65 -4.17 29.89
CA TYR U 25 -37.32 -3.64 29.63
C TYR U 25 -37.37 -2.50 28.62
N PHE U 26 -38.26 -2.59 27.63
CA PHE U 26 -38.44 -1.51 26.67
C PHE U 26 -38.93 -0.24 27.37
N VAL U 27 -39.94 -0.38 28.23
CA VAL U 27 -40.44 0.78 28.95
C VAL U 27 -39.37 1.36 29.85
N HIS U 28 -38.63 0.49 30.56
CA HIS U 28 -37.59 0.97 31.47
C HIS U 28 -36.45 1.65 30.71
N ALA U 29 -36.05 1.11 29.57
CA ALA U 29 -35.00 1.74 28.78
C ALA U 29 -35.43 3.11 28.28
N ARG U 30 -36.66 3.20 27.79
CA ARG U 30 -37.15 4.50 27.31
C ARG U 30 -37.27 5.50 28.45
N MET U 31 -37.69 5.04 29.63
CA MET U 31 -37.76 5.93 30.79
C MET U 31 -36.37 6.40 31.22
N LEU U 32 -35.39 5.49 31.20
CA LEU U 32 -34.03 5.88 31.55
C LEU U 32 -33.47 6.89 30.55
N GLU U 33 -33.76 6.69 29.27
CA GLU U 33 -33.37 7.70 28.28
C GLU U 33 -34.08 9.02 28.52
N ASN U 34 -35.34 8.97 28.94
CA ASN U 34 -36.10 10.19 29.21
C ASN U 34 -35.53 10.95 30.39
N TRP U 35 -35.11 10.26 31.44
CA TRP U 35 -34.56 10.92 32.62
C TRP U 35 -33.13 11.40 32.42
N GLY U 36 -32.48 11.01 31.33
CA GLY U 36 -31.12 11.41 31.06
C GLY U 36 -30.05 10.41 31.45
N PHE U 37 -30.43 9.19 31.83
CA PHE U 37 -29.47 8.16 32.25
C PHE U 37 -29.09 7.36 31.02
N LYS U 38 -28.05 7.82 30.32
CA LYS U 38 -27.71 7.25 29.02
C LYS U 38 -27.04 5.89 29.16
N VAL U 39 -26.16 5.71 30.15
CA VAL U 39 -25.44 4.45 30.30
C VAL U 39 -26.42 3.31 30.58
N LEU U 40 -27.29 3.53 31.57
CA LEU U 40 -28.34 2.55 31.86
C LEU U 40 -29.24 2.36 30.67
N TYR U 41 -29.53 3.43 29.93
CA TYR U 41 -30.38 3.32 28.75
C TYR U 41 -29.77 2.35 27.74
N GLU U 42 -28.49 2.51 27.45
CA GLU U 42 -27.84 1.62 26.48
C GLU U 42 -27.84 0.18 26.98
N ARG U 43 -27.49 -0.03 28.25
CA ARG U 43 -27.46 -1.40 28.76
C ARG U 43 -28.85 -2.04 28.72
N ILE U 44 -29.88 -1.30 29.11
CA ILE U 44 -31.23 -1.86 29.15
C ILE U 44 -31.78 -2.07 27.75
N GLU U 45 -31.41 -1.22 26.79
CA GLU U 45 -31.81 -1.45 25.41
C GLU U 45 -31.18 -2.73 24.86
N HIS U 46 -29.89 -2.94 25.15
CA HIS U 46 -29.27 -4.19 24.74
C HIS U 46 -29.93 -5.39 25.40
N GLU U 47 -30.31 -5.25 26.68
CA GLU U 47 -30.98 -6.35 27.37
C GLU U 47 -32.37 -6.62 26.77
N ARG U 48 -33.06 -5.57 26.34
CA ARG U 48 -34.34 -5.75 25.66
C ARG U 48 -34.16 -6.48 24.34
N HIS U 49 -33.11 -6.14 23.59
CA HIS U 49 -32.83 -6.86 22.35
C HIS U 49 -32.50 -8.33 22.63
N ASP U 50 -31.79 -8.59 23.72
CA ASP U 50 -31.49 -9.97 24.10
C ASP U 50 -32.76 -10.73 24.47
N GLU U 51 -33.70 -10.06 25.14
CA GLU U 51 -34.99 -10.70 25.43
C GLU U 51 -35.73 -11.03 24.14
N LEU U 52 -35.66 -10.13 23.17
CA LEU U 52 -36.27 -10.41 21.87
C LEU U 52 -35.61 -11.62 21.20
N ASP U 53 -34.28 -11.74 21.32
CA ASP U 53 -33.59 -12.90 20.77
C ASP U 53 -34.02 -14.19 21.46
N HIS U 54 -34.17 -14.16 22.79
CA HIS U 54 -34.63 -15.34 23.51
C HIS U 54 -36.05 -15.71 23.11
N ALA U 55 -36.91 -14.70 22.92
CA ALA U 55 -38.25 -14.97 22.42
C ALA U 55 -38.21 -15.61 21.04
N GLY U 56 -37.29 -15.15 20.19
CA GLY U 56 -37.12 -15.79 18.88
C GLY U 56 -36.72 -17.24 19.00
N LEU U 57 -35.78 -17.54 19.90
CA LEU U 57 -35.37 -18.92 20.12
C LEU U 57 -36.56 -19.77 20.56
N LEU U 58 -37.32 -19.28 21.53
CA LEU U 58 -38.45 -20.04 22.06
C LEU U 58 -39.52 -20.26 21.01
N ILE U 59 -39.83 -19.23 20.22
CA ILE U 59 -40.87 -19.35 19.21
C ILE U 59 -40.42 -20.30 18.10
N ASN U 60 -39.14 -20.26 17.72
CA ASN U 60 -38.64 -21.20 16.72
C ASN U 60 -38.75 -22.63 17.23
N ARG U 61 -38.40 -22.86 18.50
CA ARG U 61 -38.54 -24.20 19.06
C ARG U 61 -40.01 -24.63 19.12
N ILE U 62 -40.90 -23.71 19.48
CA ILE U 62 -42.32 -24.06 19.58
C ILE U 62 -42.88 -24.43 18.21
N LEU U 63 -42.54 -23.64 17.17
CA LEU U 63 -42.99 -23.96 15.84
C LEU U 63 -42.38 -25.26 15.33
N PHE U 64 -41.13 -25.54 15.71
CA PHE U 64 -40.50 -26.80 15.33
C PHE U 64 -41.25 -27.99 15.91
N LEU U 65 -41.70 -27.87 17.17
CA LEU U 65 -42.44 -28.94 17.84
C LEU U 65 -43.91 -28.96 17.47
N GLU U 66 -44.30 -28.28 16.38
CA GLU U 66 -45.70 -28.20 15.93
C GLU U 66 -46.61 -27.69 17.04
N GLY U 67 -46.29 -26.50 17.52
CA GLY U 67 -47.09 -25.84 18.54
C GLY U 67 -47.43 -24.43 18.14
N VAL U 68 -48.57 -23.96 18.64
CA VAL U 68 -49.08 -22.63 18.33
C VAL U 68 -48.52 -21.66 19.37
N PRO U 69 -47.66 -20.71 18.99
CA PRO U 69 -47.07 -19.81 19.98
C PRO U 69 -48.12 -18.94 20.65
N ASP U 70 -47.92 -18.71 21.95
CA ASP U 70 -48.82 -17.86 22.73
C ASP U 70 -48.21 -16.46 22.86
N VAL U 71 -48.22 -15.74 21.74
CA VAL U 71 -47.62 -14.41 21.69
C VAL U 71 -48.60 -13.31 22.09
N ALA U 72 -49.91 -13.54 21.92
CA ALA U 72 -50.89 -12.54 22.34
C ALA U 72 -50.86 -12.32 23.84
N SER U 73 -50.72 -13.39 24.61
CA SER U 73 -50.79 -13.30 26.07
C SER U 73 -49.56 -12.61 26.64
N ARG U 74 -49.78 -11.77 27.64
CA ARG U 74 -48.72 -11.01 28.30
C ARG U 74 -48.93 -11.04 29.81
N ALA U 75 -47.84 -10.96 30.55
CA ALA U 75 -47.90 -10.83 32.00
C ALA U 75 -47.94 -9.36 32.39
N ALA U 76 -48.31 -9.12 33.64
CA ALA U 76 -48.40 -7.74 34.13
C ALA U 76 -47.02 -7.12 34.22
N LEU U 77 -46.92 -5.85 33.82
CA LEU U 77 -45.67 -5.13 33.82
C LEU U 77 -45.43 -4.51 35.20
N ASN U 78 -44.29 -4.83 35.81
CA ASN U 78 -43.89 -4.23 37.08
C ASN U 78 -42.98 -3.05 36.76
N ILE U 79 -43.60 -1.92 36.46
CA ILE U 79 -42.89 -0.72 36.01
C ILE U 79 -42.47 0.10 37.23
N GLY U 80 -41.20 0.48 37.27
CA GLY U 80 -40.68 1.24 38.38
C GLY U 80 -41.00 2.72 38.28
N SER U 81 -40.73 3.42 39.37
CA SER U 81 -40.94 4.86 39.47
C SER U 81 -39.63 5.64 39.49
N ASP U 82 -38.64 5.17 40.23
CA ASP U 82 -37.28 5.69 40.18
C ASP U 82 -36.33 4.57 39.80
N VAL U 83 -35.05 4.94 39.64
CA VAL U 83 -34.06 3.97 39.15
C VAL U 83 -33.92 2.76 40.08
N PRO U 84 -33.77 2.92 41.41
CA PRO U 84 -33.69 1.73 42.26
C PRO U 84 -34.90 0.82 42.15
N LYS U 85 -36.10 1.38 42.07
CA LYS U 85 -37.30 0.55 41.95
C LYS U 85 -37.30 -0.19 40.61
N MET U 86 -36.89 0.48 39.54
CA MET U 86 -36.85 -0.16 38.23
C MET U 86 -35.85 -1.31 38.22
N MET U 87 -34.67 -1.11 38.81
CA MET U 87 -33.68 -2.18 38.86
C MET U 87 -34.17 -3.33 39.73
N ALA U 88 -34.78 -3.04 40.87
CA ALA U 88 -35.30 -4.11 41.73
C ALA U 88 -36.41 -4.89 41.02
N ASN U 89 -37.28 -4.19 40.30
CA ASN U 89 -38.35 -4.86 39.57
C ASN U 89 -37.79 -5.76 38.48
N ASP U 90 -36.80 -5.26 37.73
CA ASP U 90 -36.15 -6.08 36.71
C ASP U 90 -35.50 -7.31 37.33
N LEU U 91 -34.82 -7.14 38.46
CA LEU U 91 -34.17 -8.27 39.12
C LEU U 91 -35.19 -9.30 39.59
N ALA U 92 -36.31 -8.84 40.18
CA ALA U 92 -37.32 -9.78 40.66
C ALA U 92 -37.95 -10.55 39.50
N TYR U 93 -38.26 -9.86 38.40
CA TYR U 93 -38.81 -10.55 37.25
C TYR U 93 -37.82 -11.55 36.68
N GLU U 94 -36.54 -11.19 36.64
CA GLU U 94 -35.55 -12.11 36.10
C GLU U 94 -35.36 -13.32 37.00
N LEU U 95 -35.44 -13.13 38.33
CA LEU U 95 -35.37 -14.27 39.23
C LEU U 95 -36.55 -15.22 39.02
N GLN U 96 -37.75 -14.67 38.84
CA GLN U 96 -38.91 -15.51 38.58
C GLN U 96 -38.76 -16.24 37.25
N VAL U 97 -38.23 -15.56 36.23
CA VAL U 97 -37.95 -16.20 34.95
C VAL U 97 -36.96 -17.35 35.13
N VAL U 98 -35.95 -17.14 35.99
CA VAL U 98 -34.98 -18.20 36.25
C VAL U 98 -35.65 -19.42 36.88
N ASP U 99 -36.55 -19.18 37.83
CA ASP U 99 -37.27 -20.30 38.45
C ASP U 99 -38.12 -21.04 37.42
N GLU U 100 -38.84 -20.30 36.57
CA GLU U 100 -39.64 -20.94 35.52
C GLU U 100 -38.75 -21.73 34.57
N LEU U 101 -37.59 -21.18 34.22
CA LEU U 101 -36.66 -21.87 33.33
C LEU U 101 -36.15 -23.16 33.96
N LYS U 102 -35.84 -23.13 35.26
CA LYS U 102 -35.37 -24.34 35.92
C LYS U 102 -36.45 -25.42 35.93
N ALA U 103 -37.70 -25.01 36.20
CA ALA U 103 -38.79 -25.98 36.14
C ALA U 103 -38.94 -26.57 34.75
N ALA U 104 -38.84 -25.73 33.72
CA ALA U 104 -38.97 -26.21 32.35
C ALA U 104 -37.82 -27.12 31.96
N ILE U 105 -36.60 -26.81 32.41
CA ILE U 105 -35.46 -27.68 32.11
C ILE U 105 -35.65 -29.04 32.76
N ALA U 106 -36.16 -29.05 33.99
CA ALA U 106 -36.45 -30.33 34.66
C ALA U 106 -37.51 -31.11 33.89
N LEU U 107 -38.56 -30.44 33.43
CA LEU U 107 -39.60 -31.12 32.67
C LEU U 107 -39.04 -31.68 31.36
N CYS U 108 -38.19 -30.91 30.68
CA CYS U 108 -37.60 -31.36 29.43
C CYS U 108 -36.69 -32.57 29.64
N GLU U 109 -35.96 -32.58 30.75
CA GLU U 109 -35.19 -33.78 31.10
C GLU U 109 -36.12 -34.97 31.35
N SER U 110 -37.24 -34.73 32.03
CA SER U 110 -38.15 -35.83 32.35
C SER U 110 -38.83 -36.39 31.11
N GLU U 111 -38.96 -35.59 30.05
CA GLU U 111 -39.63 -36.02 28.83
C GLU U 111 -38.67 -36.47 27.74
N ARG U 112 -37.38 -36.59 28.06
CA ARG U 112 -36.36 -37.00 27.10
C ARG U 112 -36.39 -36.14 25.84
N ASP U 113 -36.50 -34.83 26.05
CA ASP U 113 -36.51 -33.84 24.97
C ASP U 113 -35.26 -32.98 25.20
N TYR U 114 -34.14 -33.43 24.65
CA TYR U 114 -32.83 -32.90 25.02
C TYR U 114 -32.42 -31.66 24.24
N ASP U 115 -32.95 -31.46 23.03
CA ASP U 115 -32.62 -30.25 22.28
C ASP U 115 -33.31 -29.02 22.89
N THR U 116 -34.57 -29.15 23.28
CA THR U 116 -35.22 -28.06 24.01
C THR U 116 -34.52 -27.81 25.32
N ARG U 117 -34.04 -28.87 25.97
CA ARG U 117 -33.25 -28.69 27.19
C ARG U 117 -31.98 -27.91 26.90
N ARG U 118 -31.36 -28.17 25.75
CA ARG U 118 -30.15 -27.42 25.38
C ARG U 118 -30.46 -25.94 25.21
N ILE U 119 -31.54 -25.62 24.49
CA ILE U 119 -31.87 -24.20 24.30
C ILE U 119 -32.30 -23.56 25.62
N LEU U 120 -32.97 -24.32 26.49
CA LEU U 120 -33.38 -23.78 27.78
C LEU U 120 -32.19 -23.53 28.68
N VAL U 121 -31.18 -24.40 28.63
CA VAL U 121 -29.97 -24.16 29.41
C VAL U 121 -29.22 -22.96 28.87
N HIS U 122 -29.21 -22.78 27.55
CA HIS U 122 -28.63 -21.56 26.97
C HIS U 122 -29.34 -20.32 27.49
N LEU U 123 -30.67 -20.34 27.46
CA LEU U 123 -31.46 -19.22 27.96
C LEU U 123 -31.21 -19.00 29.45
N LEU U 124 -31.11 -20.08 30.22
CA LEU U 124 -30.87 -19.95 31.66
C LEU U 124 -29.51 -19.34 31.94
N GLU U 125 -28.49 -19.73 31.18
CA GLU U 125 -27.18 -19.13 31.34
C GLU U 125 -27.20 -17.65 31.03
N GLU U 126 -27.85 -17.28 29.92
CA GLU U 126 -27.91 -15.86 29.56
C GLU U 126 -28.73 -15.06 30.56
N THR U 127 -29.75 -15.67 31.17
CA THR U 127 -30.56 -14.99 32.16
C THR U 127 -29.86 -14.86 33.50
N GLU U 128 -29.08 -15.87 33.89
CA GLU U 128 -28.40 -15.89 35.17
C GLU U 128 -27.05 -15.19 35.15
N GLN U 129 -26.50 -14.91 33.98
CA GLN U 129 -25.23 -14.20 33.88
C GLN U 129 -25.36 -12.83 33.24
N ASP U 130 -25.95 -12.74 32.05
CA ASP U 130 -26.02 -11.44 31.38
C ASP U 130 -27.10 -10.55 31.97
N HIS U 131 -28.08 -11.10 32.68
CA HIS U 131 -29.19 -10.31 33.21
C HIS U 131 -29.19 -10.27 34.74
N VAL U 132 -29.25 -11.42 35.40
CA VAL U 132 -29.40 -11.42 36.85
C VAL U 132 -28.13 -10.93 37.53
N ARG U 133 -26.97 -11.37 37.04
CA ARG U 133 -25.71 -10.94 37.63
C ARG U 133 -25.56 -9.42 37.54
N TRP U 134 -25.86 -8.84 36.38
CA TRP U 134 -25.77 -7.41 36.23
C TRP U 134 -26.75 -6.68 37.13
N LEU U 135 -27.98 -7.19 37.25
CA LEU U 135 -28.98 -6.51 38.07
C LEU U 135 -28.63 -6.55 39.55
N GLU U 136 -28.14 -7.68 40.05
CA GLU U 136 -27.72 -7.72 41.44
C GLU U 136 -26.48 -6.86 41.68
N VAL U 137 -25.58 -6.81 40.68
CA VAL U 137 -24.43 -5.89 40.77
C VAL U 137 -24.92 -4.45 40.87
N GLN U 138 -25.94 -4.10 40.07
CA GLN U 138 -26.46 -2.74 40.09
C GLN U 138 -27.11 -2.41 41.43
N VAL U 139 -27.84 -3.36 42.01
CA VAL U 139 -28.44 -3.13 43.32
C VAL U 139 -27.35 -2.92 44.38
N GLY U 140 -26.33 -3.78 44.35
CA GLY U 140 -25.24 -3.62 45.29
C GLY U 140 -24.48 -2.31 45.11
N LEU U 141 -24.34 -1.87 43.85
CA LEU U 141 -23.66 -0.61 43.57
C LEU U 141 -24.50 0.58 43.99
N ILE U 142 -25.83 0.47 43.90
CA ILE U 142 -26.69 1.50 44.48
C ILE U 142 -26.47 1.58 45.98
N ASP U 143 -26.38 0.43 46.64
CA ASP U 143 -26.17 0.43 48.09
C ASP U 143 -24.81 1.00 48.46
N LYS U 144 -23.76 0.65 47.72
CA LYS U 144 -22.40 1.03 48.11
C LYS U 144 -22.06 2.44 47.66
N LEU U 145 -22.23 2.74 46.37
CA LEU U 145 -21.94 4.07 45.85
C LEU U 145 -22.86 5.13 46.43
N GLY U 146 -24.03 4.75 46.91
CA GLY U 146 -25.07 5.71 47.23
C GLY U 146 -25.87 6.07 46.00
N LEU U 147 -27.08 6.57 46.22
CA LEU U 147 -27.96 6.89 45.11
C LEU U 147 -27.41 8.01 44.25
N LYS U 148 -26.86 9.07 44.86
CA LYS U 148 -26.41 10.21 44.08
C LYS U 148 -25.22 9.83 43.20
N ASN U 149 -24.23 9.13 43.74
CA ASN U 149 -23.08 8.73 42.95
C ASN U 149 -23.47 7.70 41.90
N TYR U 150 -24.36 6.77 42.24
CA TYR U 150 -24.81 5.80 41.26
C TYR U 150 -25.55 6.46 40.11
N LEU U 151 -26.39 7.46 40.41
CA LEU U 151 -27.09 8.17 39.36
C LEU U 151 -26.14 9.01 38.53
N GLN U 152 -25.09 9.56 39.14
CA GLN U 152 -24.06 10.25 38.37
C GLN U 152 -23.38 9.30 37.40
N SER U 153 -23.05 8.09 37.86
CA SER U 153 -22.46 7.10 36.96
C SER U 153 -23.43 6.70 35.86
N ALA U 154 -24.71 6.54 36.20
CA ALA U 154 -25.73 6.18 35.21
C ALA U 154 -25.88 7.26 34.15
N ALA U 155 -25.87 8.53 34.55
CA ALA U 155 -26.03 9.60 33.57
C ALA U 155 -24.86 9.67 32.61
N GLY U 156 -23.64 9.48 33.10
CA GLY U 156 -22.47 9.53 32.25
C GLY U 156 -22.11 10.95 31.84
N GLU U 157 -21.73 11.13 30.58
CA GLU U 157 -21.43 12.45 30.07
C GLU U 157 -22.70 13.30 30.02
N ILE U 158 -22.57 14.57 30.37
CA ILE U 158 -23.72 15.47 30.37
C ILE U 158 -23.45 16.64 29.44
N PRO V 1 -42.32 18.98 29.46
CA PRO V 1 -43.26 19.83 28.72
C PRO V 1 -44.60 19.13 28.51
N ARG V 2 -45.53 19.35 29.44
CA ARG V 2 -46.80 18.64 29.43
C ARG V 2 -47.57 18.89 28.14
N GLY V 3 -48.13 17.81 27.58
CA GLY V 3 -48.94 17.88 26.39
C GLY V 3 -50.40 17.58 26.68
N SER V 4 -51.21 17.73 25.64
CA SER V 4 -52.65 17.53 25.77
C SER V 4 -52.96 16.07 26.08
N PRO V 5 -53.85 15.81 27.04
CA PRO V 5 -54.22 14.42 27.35
C PRO V 5 -54.85 13.69 26.17
N LYS V 6 -55.57 14.39 25.31
CA LYS V 6 -56.13 13.75 24.12
C LYS V 6 -55.03 13.28 23.18
N VAL V 7 -53.98 14.08 23.02
CA VAL V 7 -52.85 13.68 22.19
C VAL V 7 -52.16 12.47 22.79
N ILE V 8 -51.97 12.45 24.11
CA ILE V 8 -51.36 11.29 24.74
C ILE V 8 -52.24 10.06 24.59
N SER V 9 -53.57 10.24 24.62
CA SER V 9 -54.48 9.11 24.44
C SER V 9 -54.36 8.52 23.04
N VAL V 10 -54.38 9.38 22.02
CA VAL V 10 -54.26 8.86 20.65
C VAL V 10 -52.88 8.24 20.44
N LEU V 11 -51.83 8.81 21.05
CA LEU V 11 -50.50 8.23 20.93
C LEU V 11 -50.42 6.88 21.62
N ASN V 12 -51.11 6.70 22.75
CA ASN V 12 -51.12 5.41 23.42
C ASN V 12 -51.88 4.37 22.60
N GLY V 13 -52.99 4.78 21.97
CA GLY V 13 -53.68 3.88 21.06
C GLY V 13 -52.80 3.46 19.89
N LEU V 14 -52.06 4.43 19.32
CA LEU V 14 -51.14 4.12 18.24
C LEU V 14 -50.01 3.22 18.70
N LEU V 15 -49.52 3.43 19.93
CA LEU V 15 -48.48 2.58 20.49
C LEU V 15 -48.97 1.15 20.64
N THR V 16 -50.19 0.98 21.13
CA THR V 16 -50.77 -0.36 21.21
C THR V 16 -50.86 -0.99 19.83
N GLY V 17 -51.31 -0.20 18.85
CA GLY V 17 -51.42 -0.72 17.49
C GLY V 17 -50.08 -1.19 16.94
N GLU V 18 -49.03 -0.39 17.12
CA GLU V 18 -47.74 -0.76 16.57
C GLU V 18 -47.09 -1.90 17.35
N LEU V 19 -47.32 -2.00 18.66
CA LEU V 19 -46.79 -3.14 19.39
C LEU V 19 -47.48 -4.43 18.97
N THR V 20 -48.81 -4.37 18.76
CA THR V 20 -49.51 -5.54 18.25
C THR V 20 -49.01 -5.91 16.86
N ALA V 21 -48.74 -4.90 16.02
CA ALA V 21 -48.19 -5.17 14.69
C ALA V 21 -46.82 -5.82 14.79
N ALA V 22 -46.00 -5.36 15.73
CA ALA V 22 -44.68 -5.96 15.93
C ALA V 22 -44.81 -7.42 16.33
N ASP V 23 -45.75 -7.73 17.22
CA ASP V 23 -45.96 -9.13 17.60
C ASP V 23 -46.44 -9.98 16.42
N GLN V 24 -47.39 -9.45 15.65
CA GLN V 24 -47.89 -10.18 14.48
C GLN V 24 -46.77 -10.42 13.48
N TYR V 25 -45.94 -9.42 13.24
CA TYR V 25 -44.82 -9.56 12.32
C TYR V 25 -43.81 -10.57 12.83
N PHE V 26 -43.56 -10.56 14.14
CA PHE V 26 -42.67 -11.55 14.74
C PHE V 26 -43.17 -12.96 14.49
N VAL V 27 -44.44 -13.22 14.80
CA VAL V 27 -45.00 -14.55 14.62
C VAL V 27 -44.99 -14.94 13.14
N HIS V 28 -45.36 -14.02 12.26
CA HIS V 28 -45.42 -14.34 10.84
C HIS V 28 -44.03 -14.63 10.28
N ALA V 29 -43.03 -13.84 10.68
CA ALA V 29 -41.67 -14.09 10.22
C ALA V 29 -41.17 -15.44 10.72
N ARG V 30 -41.47 -15.79 11.97
CA ARG V 30 -41.00 -17.06 12.48
C ARG V 30 -41.69 -18.24 11.79
N MET V 31 -42.99 -18.11 11.50
CA MET V 31 -43.66 -19.15 10.74
C MET V 31 -43.10 -19.27 9.33
N LEU V 32 -42.78 -18.13 8.70
CA LEU V 32 -42.17 -18.18 7.38
C LEU V 32 -40.82 -18.89 7.42
N GLU V 33 -40.02 -18.59 8.45
CA GLU V 33 -38.75 -19.28 8.59
C GLU V 33 -38.94 -20.78 8.82
N ASN V 34 -39.98 -21.14 9.57
CA ASN V 34 -40.29 -22.55 9.77
C ASN V 34 -40.68 -23.24 8.47
N TRP V 35 -41.45 -22.55 7.62
CA TRP V 35 -41.89 -23.11 6.35
C TRP V 35 -40.80 -23.13 5.30
N GLY V 36 -39.72 -22.37 5.49
CA GLY V 36 -38.64 -22.31 4.53
C GLY V 36 -38.66 -21.13 3.58
N PHE V 37 -39.66 -20.26 3.69
CA PHE V 37 -39.75 -19.06 2.85
C PHE V 37 -38.76 -18.04 3.40
N LYS V 38 -37.51 -18.16 2.96
CA LYS V 38 -36.41 -17.45 3.61
C LYS V 38 -36.42 -15.96 3.30
N VAL V 39 -36.62 -15.58 2.04
CA VAL V 39 -36.55 -14.16 1.70
C VAL V 39 -37.74 -13.40 2.28
N LEU V 40 -38.93 -14.01 2.25
CA LEU V 40 -40.06 -13.43 2.97
C LEU V 40 -39.76 -13.32 4.45
N TYR V 41 -39.04 -14.28 5.01
CA TYR V 41 -38.70 -14.21 6.42
C TYR V 41 -37.78 -13.03 6.72
N GLU V 42 -36.77 -12.81 5.88
CA GLU V 42 -35.90 -11.64 6.07
C GLU V 42 -36.69 -10.34 5.95
N ARG V 43 -37.57 -10.25 4.95
CA ARG V 43 -38.33 -9.01 4.77
C ARG V 43 -39.23 -8.75 5.96
N ILE V 44 -39.96 -9.77 6.41
CA ILE V 44 -40.88 -9.59 7.54
C ILE V 44 -40.11 -9.30 8.83
N GLU V 45 -38.92 -9.86 8.98
CA GLU V 45 -38.11 -9.53 10.16
C GLU V 45 -37.66 -8.07 10.12
N HIS V 46 -37.28 -7.57 8.93
CA HIS V 46 -36.97 -6.16 8.81
C HIS V 46 -38.18 -5.30 9.16
N GLU V 47 -39.37 -5.72 8.71
CA GLU V 47 -40.59 -4.99 9.03
C GLU V 47 -40.85 -5.00 10.54
N ARG V 48 -40.60 -6.12 11.21
CA ARG V 48 -40.79 -6.20 12.65
C ARG V 48 -39.83 -5.26 13.38
N HIS V 49 -38.57 -5.21 12.94
CA HIS V 49 -37.62 -4.29 13.54
C HIS V 49 -38.05 -2.83 13.31
N ASP V 50 -38.56 -2.53 12.11
CA ASP V 50 -39.05 -1.19 11.83
C ASP V 50 -40.23 -0.84 12.73
N GLU V 51 -41.11 -1.81 12.99
CA GLU V 51 -42.24 -1.55 13.86
C GLU V 51 -41.81 -1.34 15.30
N LEU V 52 -40.78 -2.06 15.75
CA LEU V 52 -40.22 -1.76 17.07
C LEU V 52 -39.60 -0.38 17.12
N ASP V 53 -38.99 0.07 16.02
CA ASP V 53 -38.49 1.44 15.94
C ASP V 53 -39.63 2.45 16.06
N HIS V 54 -40.74 2.19 15.37
CA HIS V 54 -41.91 3.05 15.48
C HIS V 54 -42.44 3.11 16.91
N ALA V 55 -42.50 1.95 17.56
CA ALA V 55 -42.95 1.92 18.96
C ALA V 55 -42.01 2.71 19.84
N GLY V 56 -40.70 2.61 19.60
CA GLY V 56 -39.75 3.41 20.35
C GLY V 56 -39.97 4.90 20.17
N LEU V 57 -40.19 5.33 18.92
CA LEU V 57 -40.45 6.74 18.67
C LEU V 57 -41.71 7.20 19.39
N LEU V 58 -42.77 6.39 19.35
CA LEU V 58 -44.02 6.78 20.01
C LEU V 58 -43.86 6.85 21.51
N ILE V 59 -43.13 5.91 22.11
CA ILE V 59 -42.94 5.96 23.56
C ILE V 59 -42.07 7.14 23.95
N ASN V 60 -41.06 7.46 23.13
CA ASN V 60 -40.25 8.65 23.40
C ASN V 60 -41.10 9.91 23.35
N ARG V 61 -41.99 10.01 22.36
CA ARG V 61 -42.87 11.17 22.28
C ARG V 61 -43.83 11.23 23.47
N ILE V 62 -44.36 10.08 23.89
CA ILE V 62 -45.27 10.05 25.02
C ILE V 62 -44.56 10.49 26.29
N LEU V 63 -43.34 10.00 26.50
CA LEU V 63 -42.57 10.38 27.68
C LEU V 63 -42.17 11.86 27.66
N PHE V 64 -41.89 12.40 26.47
CA PHE V 64 -41.61 13.83 26.37
C PHE V 64 -42.85 14.65 26.75
N LEU V 65 -44.03 14.21 26.34
CA LEU V 65 -45.27 14.90 26.66
C LEU V 65 -45.80 14.58 28.04
N GLU V 66 -44.97 14.01 28.91
CA GLU V 66 -45.32 13.69 30.29
C GLU V 66 -46.58 12.81 30.34
N GLY V 67 -46.44 11.62 29.76
CA GLY V 67 -47.49 10.63 29.80
C GLY V 67 -46.95 9.28 30.23
N VAL V 68 -47.87 8.35 30.45
CA VAL V 68 -47.54 6.98 30.84
C VAL V 68 -47.81 6.08 29.63
N PRO V 69 -46.76 5.56 28.99
CA PRO V 69 -47.00 4.68 27.83
C PRO V 69 -47.76 3.42 28.23
N ASP V 70 -48.65 2.99 27.34
CA ASP V 70 -49.48 1.80 27.56
C ASP V 70 -48.91 0.67 26.73
N VAL V 71 -48.03 -0.12 27.36
CA VAL V 71 -47.44 -1.29 26.71
C VAL V 71 -48.07 -2.59 27.20
N ALA V 72 -48.82 -2.56 28.30
CA ALA V 72 -49.50 -3.76 28.77
C ALA V 72 -50.59 -4.21 27.80
N SER V 73 -51.33 -3.26 27.25
CA SER V 73 -52.46 -3.59 26.39
C SER V 73 -51.98 -4.09 25.03
N ARG V 74 -52.75 -5.02 24.45
CA ARG V 74 -52.46 -5.53 23.12
C ARG V 74 -53.76 -5.73 22.37
N ALA V 75 -53.75 -5.41 21.08
CA ALA V 75 -54.90 -5.69 20.23
C ALA V 75 -54.91 -7.15 19.81
N ALA V 76 -56.01 -7.56 19.18
CA ALA V 76 -56.14 -8.94 18.75
C ALA V 76 -55.13 -9.25 17.64
N LEU V 77 -54.54 -10.45 17.71
CA LEU V 77 -53.59 -10.91 16.72
C LEU V 77 -54.31 -11.75 15.68
N ASN V 78 -54.11 -11.41 14.41
CA ASN V 78 -54.71 -12.13 13.28
C ASN V 78 -53.58 -12.91 12.61
N ILE V 79 -53.52 -14.21 12.87
CA ILE V 79 -52.42 -15.06 12.43
C ILE V 79 -52.88 -15.86 11.22
N GLY V 80 -52.11 -15.77 10.13
CA GLY V 80 -52.47 -16.45 8.90
C GLY V 80 -51.90 -17.86 8.85
N SER V 81 -52.75 -18.82 8.49
CA SER V 81 -52.34 -20.21 8.39
C SER V 81 -51.49 -20.49 7.16
N ASP V 82 -51.62 -19.69 6.10
CA ASP V 82 -50.84 -19.84 4.89
C ASP V 82 -50.43 -18.47 4.40
N VAL V 83 -49.36 -18.43 3.60
CA VAL V 83 -48.74 -17.16 3.21
C VAL V 83 -49.75 -16.15 2.65
N PRO V 84 -50.65 -16.52 1.73
CA PRO V 84 -51.64 -15.52 1.28
C PRO V 84 -52.47 -14.96 2.41
N LYS V 85 -52.86 -15.80 3.38
CA LYS V 85 -53.67 -15.32 4.49
C LYS V 85 -52.89 -14.36 5.38
N MET V 86 -51.62 -14.66 5.65
CA MET V 86 -50.83 -13.75 6.47
C MET V 86 -50.57 -12.43 5.76
N MET V 87 -50.35 -12.46 4.45
CA MET V 87 -50.20 -11.19 3.73
C MET V 87 -51.50 -10.39 3.76
N ALA V 88 -52.65 -11.05 3.60
CA ALA V 88 -53.92 -10.34 3.67
C ALA V 88 -54.14 -9.73 5.04
N ASN V 89 -53.82 -10.50 6.10
CA ASN V 89 -53.98 -9.99 7.47
C ASN V 89 -53.06 -8.81 7.73
N ASP V 90 -51.81 -8.90 7.27
CA ASP V 90 -50.86 -7.81 7.44
C ASP V 90 -51.32 -6.56 6.71
N LEU V 91 -51.82 -6.72 5.48
CA LEU V 91 -52.31 -5.56 4.74
C LEU V 91 -53.52 -4.93 5.42
N ALA V 92 -54.43 -5.76 5.93
CA ALA V 92 -55.59 -5.21 6.64
C ALA V 92 -55.15 -4.44 7.88
N TYR V 93 -54.21 -5.00 8.65
CA TYR V 93 -53.74 -4.30 9.85
C TYR V 93 -53.04 -3.00 9.48
N GLU V 94 -52.25 -3.00 8.42
CA GLU V 94 -51.57 -1.78 8.01
C GLU V 94 -52.56 -0.72 7.54
N LEU V 95 -53.62 -1.12 6.85
CA LEU V 95 -54.64 -0.15 6.44
C LEU V 95 -55.34 0.45 7.65
N GLN V 96 -55.66 -0.39 8.65
CA GLN V 96 -56.26 0.14 9.87
C GLN V 96 -55.33 1.10 10.59
N VAL V 97 -54.04 0.75 10.65
CA VAL V 97 -53.04 1.63 11.26
C VAL V 97 -52.96 2.94 10.51
N VAL V 98 -53.06 2.90 9.17
CA VAL V 98 -53.00 4.13 8.38
C VAL V 98 -54.19 5.02 8.69
N ASP V 99 -55.38 4.44 8.78
CA ASP V 99 -56.56 5.25 9.10
C ASP V 99 -56.43 5.88 10.49
N GLU V 100 -56.00 5.09 11.47
CA GLU V 100 -55.83 5.62 12.82
C GLU V 100 -54.76 6.71 12.84
N LEU V 101 -53.68 6.53 12.08
CA LEU V 101 -52.63 7.53 12.01
C LEU V 101 -53.12 8.82 11.38
N LYS V 102 -53.96 8.72 10.35
CA LYS V 102 -54.54 9.92 9.75
C LYS V 102 -55.40 10.67 10.76
N ALA V 103 -56.22 9.93 11.51
CA ALA V 103 -57.03 10.58 12.54
C ALA V 103 -56.16 11.26 13.59
N ALA V 104 -55.08 10.58 14.01
CA ALA V 104 -54.19 11.16 15.01
C ALA V 104 -53.45 12.38 14.49
N ILE V 105 -53.06 12.37 13.21
CA ILE V 105 -52.41 13.52 12.60
C ILE V 105 -53.36 14.70 12.57
N ALA V 106 -54.61 14.46 12.22
CA ALA V 106 -55.61 15.53 12.26
C ALA V 106 -55.77 16.07 13.68
N LEU V 107 -55.82 15.17 14.67
CA LEU V 107 -55.97 15.60 16.06
C LEU V 107 -54.78 16.45 16.50
N CYS V 108 -53.56 16.04 16.15
CA CYS V 108 -52.38 16.80 16.54
C CYS V 108 -52.33 18.15 15.83
N GLU V 109 -52.80 18.22 14.60
CA GLU V 109 -52.92 19.51 13.92
C GLU V 109 -53.92 20.40 14.63
N SER V 110 -55.03 19.83 15.10
CA SER V 110 -56.04 20.62 15.79
C SER V 110 -55.51 21.19 17.12
N GLU V 111 -54.74 20.40 17.86
CA GLU V 111 -54.18 20.82 19.14
C GLU V 111 -52.79 21.42 19.01
N ARG V 112 -52.31 21.63 17.78
CA ARG V 112 -51.04 22.31 17.50
C ARG V 112 -49.83 21.56 18.04
N ASP V 113 -49.95 20.26 18.27
CA ASP V 113 -48.81 19.44 18.69
C ASP V 113 -48.01 19.09 17.44
N TYR V 114 -47.23 20.07 16.97
CA TYR V 114 -46.64 20.00 15.63
C TYR V 114 -45.45 19.05 15.56
N ASP V 115 -44.68 18.91 16.64
CA ASP V 115 -43.62 17.90 16.63
C ASP V 115 -44.20 16.49 16.69
N THR V 116 -45.25 16.30 17.48
CA THR V 116 -45.97 15.03 17.45
C THR V 116 -46.55 14.78 16.08
N ARG V 117 -47.06 15.84 15.43
CA ARG V 117 -47.56 15.69 14.07
C ARG V 117 -46.44 15.29 13.11
N ARG V 118 -45.24 15.85 13.29
CA ARG V 118 -44.12 15.47 12.43
C ARG V 118 -43.74 14.01 12.62
N ILE V 119 -43.69 13.55 13.87
CA ILE V 119 -43.40 12.14 14.12
C ILE V 119 -44.48 11.25 13.52
N LEU V 120 -45.75 11.65 13.66
CA LEU V 120 -46.84 10.85 13.11
C LEU V 120 -46.82 10.85 11.59
N VAL V 121 -46.39 11.95 10.96
CA VAL V 121 -46.29 11.99 9.51
C VAL V 121 -45.15 11.09 9.04
N HIS V 122 -44.04 11.07 9.76
CA HIS V 122 -42.97 10.14 9.44
C HIS V 122 -43.45 8.70 9.56
N LEU V 123 -44.21 8.40 10.63
CA LEU V 123 -44.77 7.06 10.80
C LEU V 123 -45.73 6.71 9.66
N LEU V 124 -46.57 7.67 9.26
CA LEU V 124 -47.51 7.44 8.17
C LEU V 124 -46.79 7.16 6.87
N GLU V 125 -45.74 7.91 6.58
CA GLU V 125 -44.97 7.66 5.37
C GLU V 125 -44.30 6.29 5.41
N GLU V 126 -43.71 5.94 6.55
CA GLU V 126 -43.09 4.63 6.68
C GLU V 126 -44.10 3.51 6.50
N THR V 127 -45.30 3.68 7.04
CA THR V 127 -46.33 2.65 6.93
C THR V 127 -46.85 2.54 5.50
N GLU V 128 -47.14 3.66 4.86
CA GLU V 128 -47.70 3.63 3.51
C GLU V 128 -46.69 3.10 2.50
N GLN V 129 -45.44 3.53 2.59
CA GLN V 129 -44.46 3.16 1.57
C GLN V 129 -43.77 1.83 1.86
N ASP V 130 -43.23 1.66 3.07
CA ASP V 130 -42.49 0.45 3.37
C ASP V 130 -43.43 -0.75 3.54
N HIS V 131 -44.54 -0.58 4.25
CA HIS V 131 -45.38 -1.71 4.65
C HIS V 131 -46.59 -1.89 3.74
N VAL V 132 -47.44 -0.86 3.62
CA VAL V 132 -48.68 -0.99 2.86
C VAL V 132 -48.38 -1.27 1.39
N ARG V 133 -47.45 -0.52 0.82
CA ARG V 133 -47.12 -0.69 -0.59
C ARG V 133 -46.55 -2.07 -0.86
N TRP V 134 -45.64 -2.53 0.01
CA TRP V 134 -45.04 -3.84 -0.18
C TRP V 134 -46.08 -4.95 -0.08
N LEU V 135 -47.00 -4.85 0.87
CA LEU V 135 -48.00 -5.91 1.03
C LEU V 135 -49.00 -5.90 -0.11
N GLU V 136 -49.38 -4.72 -0.60
CA GLU V 136 -50.23 -4.65 -1.79
C GLU V 136 -49.53 -5.28 -2.98
N VAL V 137 -48.23 -4.99 -3.14
CA VAL V 137 -47.46 -5.59 -4.23
C VAL V 137 -47.43 -7.10 -4.07
N GLN V 138 -47.24 -7.59 -2.85
CA GLN V 138 -47.18 -9.04 -2.62
C GLN V 138 -48.51 -9.71 -2.94
N VAL V 139 -49.62 -9.10 -2.56
CA VAL V 139 -50.93 -9.67 -2.88
C VAL V 139 -51.14 -9.68 -4.39
N GLY V 140 -50.79 -8.58 -5.07
CA GLY V 140 -50.88 -8.57 -6.53
C GLY V 140 -50.00 -9.62 -7.18
N LEU V 141 -48.80 -9.84 -6.62
CA LEU V 141 -47.90 -10.84 -7.16
C LEU V 141 -48.43 -12.25 -6.94
N ILE V 142 -49.07 -12.49 -5.80
CA ILE V 142 -49.71 -13.78 -5.59
C ILE V 142 -50.82 -13.99 -6.61
N ASP V 143 -51.57 -12.93 -6.91
CA ASP V 143 -52.64 -13.05 -7.90
C ASP V 143 -52.08 -13.30 -9.31
N LYS V 144 -50.99 -12.62 -9.67
CA LYS V 144 -50.48 -12.65 -11.04
C LYS V 144 -49.55 -13.83 -11.30
N LEU V 145 -48.48 -13.94 -10.49
CA LEU V 145 -47.53 -15.03 -10.63
C LEU V 145 -48.16 -16.39 -10.36
N GLY V 146 -49.29 -16.41 -9.66
CA GLY V 146 -49.82 -17.66 -9.13
C GLY V 146 -49.20 -18.00 -7.79
N LEU V 147 -49.91 -18.83 -7.04
CA LEU V 147 -49.43 -19.18 -5.71
C LEU V 147 -48.15 -20.01 -5.79
N LYS V 148 -48.06 -20.95 -6.72
CA LYS V 148 -46.89 -21.81 -6.81
C LYS V 148 -45.63 -21.02 -7.10
N ASN V 149 -45.69 -20.14 -8.11
CA ASN V 149 -44.51 -19.35 -8.48
C ASN V 149 -44.14 -18.37 -7.37
N TYR V 150 -45.14 -17.77 -6.73
CA TYR V 150 -44.85 -16.85 -5.63
C TYR V 150 -44.20 -17.58 -4.47
N LEU V 151 -44.69 -18.78 -4.15
CA LEU V 151 -44.07 -19.55 -3.07
C LEU V 151 -42.66 -19.99 -3.44
N GLN V 152 -42.41 -20.27 -4.72
CA GLN V 152 -41.05 -20.59 -5.12
C GLN V 152 -40.13 -19.38 -4.98
N SER V 153 -40.61 -18.19 -5.37
CA SER V 153 -39.81 -16.99 -5.23
C SER V 153 -39.60 -16.64 -3.76
N ALA V 154 -40.55 -16.97 -2.91
CA ALA V 154 -40.43 -16.76 -1.47
C ALA V 154 -39.49 -17.76 -0.83
N ALA V 155 -39.40 -18.98 -1.37
CA ALA V 155 -38.53 -19.99 -0.80
C ALA V 155 -37.06 -19.60 -0.93
N GLY V 156 -36.68 -19.01 -2.06
CA GLY V 156 -35.30 -18.66 -2.29
C GLY V 156 -34.46 -19.87 -2.66
N GLU V 157 -33.15 -19.70 -2.51
CA GLU V 157 -32.21 -20.78 -2.82
C GLU V 157 -32.25 -21.86 -1.74
N ILE V 158 -32.31 -23.11 -2.17
CA ILE V 158 -32.33 -24.23 -1.24
C ILE V 158 -30.96 -24.93 -1.23
N PRO W 1 40.86 32.97 -14.17
CA PRO W 1 40.94 33.47 -15.53
C PRO W 1 40.64 34.96 -15.62
N ARG W 2 41.62 35.73 -16.09
CA ARG W 2 41.49 37.19 -16.12
C ARG W 2 40.37 37.62 -17.04
N GLY W 3 39.60 38.61 -16.60
CA GLY W 3 38.57 39.24 -17.41
C GLY W 3 39.01 40.64 -17.80
N SER W 4 38.77 41.00 -19.05
CA SER W 4 39.19 42.30 -19.54
C SER W 4 38.39 43.42 -18.89
N PRO W 5 38.97 44.61 -18.76
CA PRO W 5 38.21 45.74 -18.18
C PRO W 5 36.95 46.08 -18.96
N LYS W 6 36.95 45.91 -20.28
CA LYS W 6 35.75 46.24 -21.05
C LYS W 6 34.63 45.25 -20.80
N VAL W 7 34.96 43.95 -20.78
CA VAL W 7 33.93 42.94 -20.52
C VAL W 7 33.39 43.09 -19.10
N ILE W 8 34.27 43.32 -18.13
CA ILE W 8 33.82 43.51 -16.75
C ILE W 8 32.99 44.78 -16.63
N SER W 9 33.34 45.83 -17.38
CA SER W 9 32.60 47.07 -17.32
C SER W 9 31.19 46.90 -17.88
N VAL W 10 31.07 46.24 -19.04
CA VAL W 10 29.73 46.04 -19.59
C VAL W 10 28.93 45.08 -18.73
N LEU W 11 29.58 44.10 -18.10
CA LEU W 11 28.89 43.22 -17.17
C LEU W 11 28.37 43.99 -15.96
N ASN W 12 29.18 44.94 -15.47
CA ASN W 12 28.74 45.78 -14.36
C ASN W 12 27.55 46.64 -14.75
N GLY W 13 27.58 47.21 -15.96
CA GLY W 13 26.45 47.96 -16.43
C GLY W 13 25.18 47.11 -16.54
N LEU W 14 25.32 45.90 -17.04
CA LEU W 14 24.18 44.98 -17.11
C LEU W 14 23.68 44.64 -15.72
N LEU W 15 24.59 44.45 -14.76
CA LEU W 15 24.18 44.18 -13.38
C LEU W 15 23.42 45.34 -12.78
N THR W 16 23.89 46.57 -13.03
CA THR W 16 23.17 47.75 -12.60
C THR W 16 21.77 47.78 -13.19
N GLY W 17 21.66 47.46 -14.48
CA GLY W 17 20.35 47.41 -15.10
C GLY W 17 19.45 46.37 -14.47
N GLU W 18 19.99 45.18 -14.17
CA GLU W 18 19.18 44.13 -13.55
C GLU W 18 18.74 44.52 -12.15
N LEU W 19 19.61 45.16 -11.38
CA LEU W 19 19.24 45.58 -10.03
C LEU W 19 18.18 46.67 -10.05
N THR W 20 18.33 47.65 -10.94
CA THR W 20 17.30 48.68 -11.07
C THR W 20 15.97 48.09 -11.52
N ALA W 21 16.02 47.13 -12.44
CA ALA W 21 14.80 46.43 -12.85
C ALA W 21 14.19 45.68 -11.69
N ALA W 22 15.02 45.06 -10.85
CA ALA W 22 14.50 44.35 -9.68
C ALA W 22 13.78 45.29 -8.73
N ASP W 23 14.37 46.46 -8.48
CA ASP W 23 13.71 47.43 -7.60
C ASP W 23 12.41 47.94 -8.20
N GLN W 24 12.42 48.27 -9.49
CA GLN W 24 11.20 48.75 -10.15
C GLN W 24 10.11 47.69 -10.13
N TYR W 25 10.48 46.44 -10.41
CA TYR W 25 9.51 45.34 -10.37
C TYR W 25 9.00 45.13 -8.96
N PHE W 26 9.88 45.29 -7.96
CA PHE W 26 9.45 45.20 -6.58
C PHE W 26 8.35 46.20 -6.26
N VAL W 27 8.61 47.47 -6.57
CA VAL W 27 7.62 48.50 -6.28
C VAL W 27 6.34 48.26 -7.06
N HIS W 28 6.47 47.89 -8.34
CA HIS W 28 5.27 47.68 -9.15
C HIS W 28 4.44 46.52 -8.63
N ALA W 29 5.09 45.41 -8.26
CA ALA W 29 4.35 44.27 -7.71
C ALA W 29 3.68 44.63 -6.41
N ARG W 30 4.35 45.42 -5.57
CA ARG W 30 3.76 45.79 -4.29
C ARG W 30 2.56 46.71 -4.47
N MET W 31 2.64 47.69 -5.38
CA MET W 31 1.46 48.52 -5.63
C MET W 31 0.35 47.74 -6.33
N LEU W 32 0.70 46.72 -7.12
CA LEU W 32 -0.34 45.89 -7.72
C LEU W 32 -1.06 45.08 -6.66
N GLU W 33 -0.32 44.53 -5.69
CA GLU W 33 -0.95 43.87 -4.56
C GLU W 33 -1.78 44.85 -3.75
N ASN W 34 -1.30 46.09 -3.64
CA ASN W 34 -2.03 47.13 -2.91
C ASN W 34 -3.37 47.42 -3.57
N TRP W 35 -3.39 47.50 -4.90
CA TRP W 35 -4.62 47.81 -5.63
C TRP W 35 -5.57 46.63 -5.75
N GLY W 36 -5.15 45.44 -5.33
CA GLY W 36 -5.99 44.27 -5.45
C GLY W 36 -5.83 43.49 -6.73
N PHE W 37 -4.91 43.90 -7.62
CA PHE W 37 -4.63 43.16 -8.86
C PHE W 37 -3.72 41.99 -8.53
N LYS W 38 -4.33 40.89 -8.09
CA LYS W 38 -3.57 39.77 -7.55
C LYS W 38 -2.80 39.03 -8.63
N VAL W 39 -3.43 38.77 -9.79
CA VAL W 39 -2.79 37.99 -10.84
C VAL W 39 -1.55 38.72 -11.36
N LEU W 40 -1.71 39.99 -11.71
CA LEU W 40 -0.56 40.79 -12.13
C LEU W 40 0.48 40.86 -11.05
N TYR W 41 0.06 40.92 -9.79
CA TYR W 41 1.02 40.99 -8.68
C TYR W 41 1.87 39.74 -8.62
N GLU W 42 1.25 38.56 -8.72
CA GLU W 42 2.02 37.32 -8.69
C GLU W 42 2.97 37.24 -9.88
N ARG W 43 2.49 37.62 -11.06
CA ARG W 43 3.35 37.59 -12.24
C ARG W 43 4.56 38.51 -12.09
N ILE W 44 4.32 39.74 -11.62
CA ILE W 44 5.40 40.71 -11.49
C ILE W 44 6.38 40.28 -10.39
N GLU W 45 5.88 39.67 -9.32
CA GLU W 45 6.77 39.15 -8.29
C GLU W 45 7.65 38.04 -8.83
N HIS W 46 7.09 37.14 -9.63
CA HIS W 46 7.89 36.10 -10.26
C HIS W 46 8.95 36.70 -11.18
N GLU W 47 8.56 37.73 -11.95
CA GLU W 47 9.52 38.39 -12.84
C GLU W 47 10.63 39.08 -12.04
N ARG W 48 10.30 39.65 -10.89
CA ARG W 48 11.30 40.28 -10.05
C ARG W 48 12.28 39.25 -9.48
N HIS W 49 11.77 38.09 -9.09
CA HIS W 49 12.67 37.02 -8.64
C HIS W 49 13.55 36.54 -9.79
N ASP W 50 13.00 36.50 -11.01
CA ASP W 50 13.82 36.18 -12.18
C ASP W 50 14.92 37.21 -12.36
N GLU W 51 14.61 38.49 -12.16
CA GLU W 51 15.63 39.54 -12.25
C GLU W 51 16.69 39.37 -11.18
N LEU W 52 16.29 38.96 -9.98
CA LEU W 52 17.26 38.69 -8.93
C LEU W 52 18.20 37.55 -9.33
N ASP W 53 17.65 36.49 -9.93
CA ASP W 53 18.49 35.39 -10.40
C ASP W 53 19.44 35.85 -11.51
N HIS W 54 18.94 36.69 -12.41
CA HIS W 54 19.81 37.24 -13.46
C HIS W 54 20.95 38.04 -12.87
N ALA W 55 20.66 38.88 -11.87
CA ALA W 55 21.70 39.66 -11.21
C ALA W 55 22.71 38.75 -10.53
N GLY W 56 22.23 37.66 -9.91
CA GLY W 56 23.13 36.70 -9.31
C GLY W 56 24.06 36.05 -10.33
N LEU W 57 23.51 35.67 -11.48
CA LEU W 57 24.33 35.12 -12.56
C LEU W 57 25.39 36.12 -12.99
N LEU W 58 25.00 37.39 -13.15
CA LEU W 58 25.94 38.42 -13.56
C LEU W 58 27.04 38.62 -12.52
N ILE W 59 26.67 38.64 -11.24
CA ILE W 59 27.66 38.84 -10.19
C ILE W 59 28.64 37.66 -10.15
N ASN W 60 28.13 36.44 -10.27
CA ASN W 60 29.03 35.28 -10.30
C ASN W 60 29.98 35.36 -11.48
N ARG W 61 29.49 35.74 -12.66
CA ARG W 61 30.37 35.86 -13.81
C ARG W 61 31.42 36.95 -13.60
N ILE W 62 31.02 38.09 -13.03
CA ILE W 62 31.98 39.18 -12.80
C ILE W 62 33.04 38.76 -11.79
N LEU W 63 32.65 38.03 -10.74
CA LEU W 63 33.61 37.59 -9.74
C LEU W 63 34.53 36.52 -10.30
N PHE W 64 34.05 35.70 -11.24
CA PHE W 64 34.91 34.75 -11.93
C PHE W 64 36.01 35.50 -12.68
N LEU W 65 35.65 36.60 -13.34
CA LEU W 65 36.60 37.38 -14.13
C LEU W 65 37.48 38.28 -13.29
N GLU W 66 37.55 38.05 -11.98
CA GLU W 66 38.39 38.81 -11.06
C GLU W 66 38.05 40.30 -11.11
N GLY W 67 36.77 40.61 -11.11
CA GLY W 67 36.32 41.99 -11.10
C GLY W 67 35.35 42.24 -9.97
N VAL W 68 35.37 43.48 -9.47
CA VAL W 68 34.48 43.86 -8.38
C VAL W 68 33.13 44.26 -8.96
N PRO W 69 32.04 43.62 -8.55
CA PRO W 69 30.72 43.98 -9.08
C PRO W 69 30.31 45.38 -8.64
N ASP W 70 29.55 46.04 -9.50
CA ASP W 70 29.00 47.37 -9.21
C ASP W 70 27.55 47.19 -8.80
N VAL W 71 27.34 46.89 -7.52
CA VAL W 71 26.01 46.61 -7.01
C VAL W 71 25.33 47.85 -6.42
N ALA W 72 26.09 48.86 -6.02
CA ALA W 72 25.50 50.03 -5.37
C ALA W 72 24.81 50.96 -6.35
N SER W 73 25.36 51.12 -7.55
CA SER W 73 24.81 52.07 -8.51
C SER W 73 23.45 51.61 -9.02
N ARG W 74 22.52 52.55 -9.11
CA ARG W 74 21.16 52.27 -9.58
C ARG W 74 20.79 53.27 -10.67
N ALA W 75 20.10 52.78 -11.69
CA ALA W 75 19.56 53.65 -12.72
C ALA W 75 18.30 54.35 -12.19
N ALA W 76 17.87 55.37 -12.92
CA ALA W 76 16.68 56.11 -12.53
C ALA W 76 15.44 55.22 -12.66
N LEU W 77 14.64 55.18 -11.61
CA LEU W 77 13.43 54.39 -11.59
C LEU W 77 12.29 55.15 -12.24
N ASN W 78 11.37 54.40 -12.86
CA ASN W 78 10.21 54.96 -13.55
C ASN W 78 8.98 54.21 -13.06
N ILE W 79 8.39 54.70 -11.98
CA ILE W 79 7.22 54.08 -11.37
C ILE W 79 5.96 54.62 -12.03
N GLY W 80 5.07 53.72 -12.43
CA GLY W 80 3.86 54.11 -13.12
C GLY W 80 2.71 54.40 -12.15
N SER W 81 1.95 55.45 -12.45
CA SER W 81 0.84 55.83 -11.59
C SER W 81 -0.24 54.76 -11.58
N ASP W 82 -0.58 54.20 -12.75
CA ASP W 82 -1.55 53.13 -12.82
C ASP W 82 -1.01 51.97 -13.66
N VAL W 83 -1.85 50.96 -13.90
CA VAL W 83 -1.38 49.74 -14.56
C VAL W 83 -0.86 49.99 -15.98
N PRO W 84 -1.58 50.71 -16.86
CA PRO W 84 -1.04 50.90 -18.22
C PRO W 84 0.30 51.61 -18.24
N LYS W 85 0.47 52.67 -17.45
CA LYS W 85 1.77 53.33 -17.37
C LYS W 85 2.80 52.45 -16.71
N MET W 86 2.38 51.68 -15.69
CA MET W 86 3.27 50.70 -15.06
C MET W 86 3.92 49.81 -16.12
N MET W 87 3.08 49.24 -16.98
CA MET W 87 3.58 48.21 -17.90
C MET W 87 4.23 48.84 -19.13
N ALA W 88 3.84 50.05 -19.52
CA ALA W 88 4.60 50.78 -20.53
C ALA W 88 6.02 51.05 -20.04
N ASN W 89 6.16 51.48 -18.78
CA ASN W 89 7.49 51.70 -18.22
C ASN W 89 8.28 50.41 -18.14
N ASP W 90 7.62 49.31 -17.74
CA ASP W 90 8.29 48.02 -17.68
C ASP W 90 8.79 47.60 -19.05
N LEU W 91 7.95 47.74 -20.07
CA LEU W 91 8.35 47.38 -21.44
C LEU W 91 9.49 48.25 -21.92
N ALA W 92 9.44 49.55 -21.63
CA ALA W 92 10.52 50.44 -22.05
C ALA W 92 11.85 50.05 -21.42
N TYR W 93 11.83 49.76 -20.11
CA TYR W 93 13.06 49.35 -19.45
C TYR W 93 13.56 48.02 -19.99
N GLU W 94 12.65 47.09 -20.28
CA GLU W 94 13.05 45.81 -20.83
C GLU W 94 13.69 45.98 -22.21
N LEU W 95 13.13 46.86 -23.05
CA LEU W 95 13.74 47.10 -24.36
C LEU W 95 15.11 47.75 -24.22
N GLN W 96 15.25 48.66 -23.25
CA GLN W 96 16.56 49.26 -22.99
C GLN W 96 17.59 48.21 -22.60
N VAL W 97 17.20 47.30 -21.70
CA VAL W 97 18.13 46.26 -21.29
C VAL W 97 18.38 45.28 -22.44
N VAL W 98 17.43 45.12 -23.35
CA VAL W 98 17.63 44.25 -24.51
C VAL W 98 18.72 44.84 -25.41
N ASP W 99 18.65 46.15 -25.67
CA ASP W 99 19.70 46.78 -26.47
C ASP W 99 21.04 46.70 -25.76
N GLU W 100 21.06 46.92 -24.45
CA GLU W 100 22.31 46.84 -23.70
C GLU W 100 22.90 45.43 -23.77
N LEU W 101 22.06 44.41 -23.62
CA LEU W 101 22.53 43.03 -23.68
C LEU W 101 23.04 42.67 -25.07
N LYS W 102 22.39 43.18 -26.12
CA LYS W 102 22.88 42.94 -27.47
C LYS W 102 24.25 43.56 -27.67
N ALA W 103 24.44 44.80 -27.22
CA ALA W 103 25.75 45.43 -27.33
C ALA W 103 26.80 44.66 -26.54
N ALA W 104 26.44 44.20 -25.33
CA ALA W 104 27.37 43.43 -24.52
C ALA W 104 27.73 42.10 -25.18
N ILE W 105 26.75 41.43 -25.79
CA ILE W 105 27.01 40.17 -26.47
C ILE W 105 27.94 40.38 -27.65
N ALA W 106 27.71 41.44 -28.42
CA ALA W 106 28.61 41.75 -29.54
C ALA W 106 30.02 41.99 -29.04
N LEU W 107 30.17 42.76 -27.95
CA LEU W 107 31.50 43.01 -27.42
C LEU W 107 32.17 41.74 -26.92
N CYS W 108 31.40 40.87 -26.26
CA CYS W 108 31.94 39.61 -25.77
C CYS W 108 32.41 38.73 -26.91
N GLU W 109 31.64 38.69 -28.00
CA GLU W 109 32.07 37.96 -29.19
C GLU W 109 33.35 38.54 -29.76
N SER W 110 33.44 39.88 -29.80
CA SER W 110 34.64 40.53 -30.33
C SER W 110 35.88 40.32 -29.46
N GLU W 111 35.72 39.80 -28.24
CA GLU W 111 36.82 39.70 -27.30
C GLU W 111 37.09 38.26 -26.86
N ARG W 112 36.56 37.28 -27.57
CA ARG W 112 36.80 35.86 -27.30
C ARG W 112 36.36 35.43 -25.90
N ASP W 113 35.40 36.15 -25.30
CA ASP W 113 34.81 35.74 -24.03
C ASP W 113 33.55 34.95 -24.34
N TYR W 114 33.74 33.69 -24.72
CA TYR W 114 32.64 32.88 -25.22
C TYR W 114 31.72 32.38 -24.12
N ASP W 115 32.25 32.12 -22.92
CA ASP W 115 31.40 31.72 -21.81
C ASP W 115 30.55 32.90 -21.31
N THR W 116 31.17 34.07 -21.19
CA THR W 116 30.40 35.27 -20.86
C THR W 116 29.37 35.55 -21.94
N ARG W 117 29.74 35.34 -23.21
CA ARG W 117 28.79 35.50 -24.30
C ARG W 117 27.62 34.53 -24.16
N ARG W 118 27.90 33.29 -23.75
CA ARG W 118 26.84 32.31 -23.56
C ARG W 118 25.88 32.74 -22.45
N ILE W 119 26.44 33.20 -21.33
CA ILE W 119 25.60 33.64 -20.21
C ILE W 119 24.75 34.83 -20.62
N LEU W 120 25.35 35.79 -21.33
CA LEU W 120 24.60 36.96 -21.78
C LEU W 120 23.54 36.58 -22.81
N VAL W 121 23.81 35.58 -23.64
CA VAL W 121 22.81 35.14 -24.61
C VAL W 121 21.66 34.46 -23.90
N HIS W 122 21.94 33.70 -22.85
CA HIS W 122 20.87 33.12 -22.03
C HIS W 122 20.03 34.22 -21.37
N LEU W 123 20.71 35.26 -20.85
CA LEU W 123 19.98 36.38 -20.25
C LEU W 123 19.10 37.08 -21.28
N LEU W 124 19.64 37.33 -22.48
CA LEU W 124 18.87 37.99 -23.53
C LEU W 124 17.70 37.13 -23.97
N GLU W 125 17.90 35.82 -24.07
CA GLU W 125 16.81 34.92 -24.43
C GLU W 125 15.70 34.98 -23.41
N GLU W 126 16.04 34.92 -22.12
CA GLU W 126 15.03 35.01 -21.08
C GLU W 126 14.31 36.35 -21.14
N THR W 127 15.07 37.44 -21.30
CA THR W 127 14.48 38.77 -21.34
C THR W 127 13.51 38.93 -22.51
N GLU W 128 13.92 38.47 -23.69
CA GLU W 128 13.11 38.69 -24.88
C GLU W 128 11.89 37.78 -24.91
N GLN W 129 12.07 36.50 -24.58
CA GLN W 129 10.98 35.54 -24.74
C GLN W 129 10.11 35.39 -23.51
N ASP W 130 10.51 35.94 -22.35
CA ASP W 130 9.69 35.88 -21.16
C ASP W 130 9.23 37.25 -20.70
N HIS W 131 10.17 38.18 -20.45
CA HIS W 131 9.80 39.48 -19.89
C HIS W 131 9.20 40.39 -20.94
N VAL W 132 9.94 40.64 -22.03
CA VAL W 132 9.45 41.55 -23.06
C VAL W 132 8.17 41.02 -23.68
N ARG W 133 8.15 39.73 -23.99
CA ARG W 133 6.99 39.15 -24.67
C ARG W 133 5.72 39.34 -23.85
N TRP W 134 5.78 39.03 -22.56
CA TRP W 134 4.60 39.16 -21.71
C TRP W 134 4.18 40.61 -21.60
N LEU W 135 5.12 41.54 -21.54
CA LEU W 135 4.77 42.95 -21.40
C LEU W 135 4.09 43.48 -22.67
N GLU W 136 4.62 43.15 -23.85
CA GLU W 136 3.95 43.55 -25.08
C GLU W 136 2.58 42.91 -25.19
N VAL W 137 2.45 41.65 -24.78
CA VAL W 137 1.15 41.00 -24.76
C VAL W 137 0.18 41.77 -23.85
N GLN W 138 0.69 42.23 -22.69
CA GLN W 138 -0.16 42.95 -21.75
C GLN W 138 -0.61 44.29 -22.32
N VAL W 139 0.29 45.02 -22.99
CA VAL W 139 -0.14 46.27 -23.63
C VAL W 139 -1.18 46.00 -24.71
N GLY W 140 -0.95 44.98 -25.53
CA GLY W 140 -1.95 44.63 -26.53
C GLY W 140 -3.29 44.27 -25.92
N LEU W 141 -3.27 43.55 -24.80
CA LEU W 141 -4.50 43.20 -24.11
C LEU W 141 -5.18 44.42 -23.50
N ILE W 142 -4.40 45.40 -23.02
CA ILE W 142 -5.00 46.63 -22.52
C ILE W 142 -5.71 47.35 -23.65
N ASP W 143 -5.09 47.41 -24.83
CA ASP W 143 -5.76 48.02 -25.98
C ASP W 143 -7.00 47.25 -26.40
N LYS W 144 -6.94 45.93 -26.41
CA LYS W 144 -8.01 45.13 -27.02
C LYS W 144 -9.16 44.84 -26.05
N LEU W 145 -8.85 44.30 -24.88
CA LEU W 145 -9.87 44.01 -23.86
C LEU W 145 -10.51 45.28 -23.32
N GLY W 146 -9.86 46.42 -23.48
CA GLY W 146 -10.25 47.61 -22.75
C GLY W 146 -9.66 47.62 -21.36
N LEU W 147 -9.60 48.82 -20.77
CA LEU W 147 -8.99 48.95 -19.46
C LEU W 147 -9.82 48.25 -18.39
N LYS W 148 -11.14 48.36 -18.47
CA LYS W 148 -11.99 47.76 -17.43
C LYS W 148 -11.92 46.24 -17.45
N ASN W 149 -12.03 45.63 -18.63
CA ASN W 149 -11.94 44.17 -18.71
C ASN W 149 -10.54 43.69 -18.35
N TYR W 150 -9.51 44.41 -18.78
CA TYR W 150 -8.15 43.99 -18.43
C TYR W 150 -7.93 44.07 -16.93
N LEU W 151 -8.45 45.10 -16.28
CA LEU W 151 -8.36 45.20 -14.82
C LEU W 151 -9.18 44.13 -14.14
N GLN W 152 -10.32 43.75 -14.72
CA GLN W 152 -11.09 42.64 -14.18
C GLN W 152 -10.29 41.35 -14.21
N SER W 153 -9.59 41.10 -15.32
CA SER W 153 -8.74 39.91 -15.41
C SER W 153 -7.54 40.01 -14.48
N ALA W 154 -7.00 41.21 -14.30
CA ALA W 154 -5.87 41.39 -13.38
C ALA W 154 -6.27 41.15 -11.94
N ALA W 155 -7.46 41.60 -11.54
CA ALA W 155 -7.94 41.39 -10.18
C ALA W 155 -8.17 39.93 -9.88
N GLY W 156 -8.59 39.14 -10.87
CA GLY W 156 -8.81 37.72 -10.65
C GLY W 156 -9.98 37.46 -9.72
N GLU W 157 -9.84 36.41 -8.92
CA GLU W 157 -10.87 36.04 -7.95
C GLU W 157 -10.73 36.93 -6.72
N ILE W 158 -11.80 37.66 -6.40
CA ILE W 158 -11.78 38.56 -5.24
C ILE W 158 -12.19 37.81 -3.98
N PRO X 1 -6.15 54.61 4.70
CA PRO X 1 -5.59 54.62 6.06
C PRO X 1 -4.40 55.56 6.18
N ARG X 2 -4.63 56.85 5.97
CA ARG X 2 -3.53 57.80 5.93
C ARG X 2 -2.80 57.83 7.27
N GLY X 3 -1.49 57.58 7.22
CA GLY X 3 -0.65 57.59 8.39
C GLY X 3 0.05 58.92 8.57
N SER X 4 0.69 59.06 9.73
CA SER X 4 1.43 60.28 10.01
C SER X 4 2.62 60.40 9.06
N PRO X 5 2.96 61.62 8.63
CA PRO X 5 4.16 61.79 7.79
C PRO X 5 5.44 61.32 8.46
N LYS X 6 5.54 61.46 9.79
CA LYS X 6 6.74 61.00 10.47
C LYS X 6 6.89 59.48 10.39
N VAL X 7 5.79 58.75 10.57
CA VAL X 7 5.84 57.30 10.46
C VAL X 7 6.24 56.88 9.06
N ILE X 8 5.67 57.54 8.05
CA ILE X 8 6.01 57.20 6.66
C ILE X 8 7.48 57.51 6.38
N SER X 9 7.97 58.63 6.88
CA SER X 9 9.38 59.00 6.66
C SER X 9 10.32 57.99 7.30
N VAL X 10 10.04 57.60 8.54
CA VAL X 10 10.94 56.65 9.21
C VAL X 10 10.80 55.26 8.59
N LEU X 11 9.61 54.90 8.09
CA LEU X 11 9.47 53.63 7.40
C LEU X 11 10.24 53.62 6.09
N ASN X 12 10.25 54.75 5.38
CA ASN X 12 11.06 54.86 4.17
C ASN X 12 12.55 54.77 4.50
N GLY X 13 12.97 55.37 5.62
CA GLY X 13 14.35 55.22 6.05
C GLY X 13 14.71 53.78 6.36
N LEU X 14 13.82 53.08 7.06
CA LEU X 14 14.04 51.67 7.35
C LEU X 14 14.07 50.85 6.07
N LEU X 15 13.23 51.20 5.10
CA LEU X 15 13.24 50.51 3.81
C LEU X 15 14.55 50.71 3.08
N THR X 16 15.07 51.94 3.09
CA THR X 16 16.39 52.19 2.49
C THR X 16 17.46 51.36 3.17
N GLY X 17 17.44 51.33 4.50
CA GLY X 17 18.39 50.51 5.22
C GLY X 17 18.27 49.04 4.88
N GLU X 18 17.04 48.55 4.75
CA GLU X 18 16.81 47.14 4.48
C GLU X 18 17.26 46.76 3.08
N LEU X 19 17.00 47.62 2.09
CA LEU X 19 17.44 47.36 0.73
C LEU X 19 18.96 47.40 0.64
N THR X 20 19.60 48.35 1.34
CA THR X 20 21.07 48.37 1.37
C THR X 20 21.61 47.11 2.03
N ALA X 21 20.95 46.63 3.08
CA ALA X 21 21.35 45.37 3.71
C ALA X 21 21.22 44.22 2.72
N ALA X 22 20.15 44.20 1.93
CA ALA X 22 19.97 43.15 0.95
C ALA X 22 21.09 43.17 -0.08
N ASP X 23 21.46 44.36 -0.56
CA ASP X 23 22.55 44.46 -1.54
C ASP X 23 23.88 44.01 -0.95
N GLN X 24 24.19 44.44 0.27
CA GLN X 24 25.42 44.03 0.92
C GLN X 24 25.46 42.52 1.13
N TYR X 25 24.34 41.95 1.57
CA TYR X 25 24.27 40.51 1.80
C TYR X 25 24.42 39.75 0.48
N PHE X 26 23.82 40.28 -0.59
CA PHE X 26 23.98 39.69 -1.92
C PHE X 26 25.44 39.62 -2.32
N VAL X 27 26.14 40.75 -2.24
CA VAL X 27 27.54 40.77 -2.65
C VAL X 27 28.37 39.83 -1.78
N HIS X 28 28.16 39.89 -0.46
CA HIS X 28 28.96 39.06 0.44
C HIS X 28 28.73 37.58 0.19
N ALA X 29 27.47 37.18 -0.01
CA ALA X 29 27.17 35.79 -0.30
C ALA X 29 27.81 35.36 -1.62
N ARG X 30 27.76 36.24 -2.63
CA ARG X 30 28.35 35.87 -3.92
C ARG X 30 29.86 35.70 -3.81
N MET X 31 30.55 36.56 -3.08
CA MET X 31 32.00 36.37 -2.98
C MET X 31 32.37 35.20 -2.07
N LEU X 32 31.52 34.88 -1.08
CA LEU X 32 31.77 33.67 -0.31
C LEU X 32 31.58 32.41 -1.16
N GLU X 33 30.58 32.42 -2.04
CA GLU X 33 30.44 31.31 -2.99
C GLU X 33 31.64 31.25 -3.93
N ASN X 34 32.12 32.42 -4.36
CA ASN X 34 33.29 32.46 -5.24
C ASN X 34 34.51 31.85 -4.57
N TRP X 35 34.72 32.14 -3.27
CA TRP X 35 35.87 31.61 -2.57
C TRP X 35 35.75 30.15 -2.19
N GLY X 36 34.57 29.56 -2.35
CA GLY X 36 34.37 28.16 -2.00
C GLY X 36 33.82 27.90 -0.61
N PHE X 37 33.37 28.93 0.09
CA PHE X 37 32.76 28.76 1.41
C PHE X 37 31.26 28.59 1.22
N LYS X 38 30.86 27.36 0.91
CA LYS X 38 29.48 27.09 0.52
C LYS X 38 28.53 27.15 1.72
N VAL X 39 28.99 26.78 2.92
CA VAL X 39 28.12 26.85 4.10
C VAL X 39 27.75 28.29 4.40
N LEU X 40 28.75 29.17 4.45
CA LEU X 40 28.48 30.59 4.65
C LEU X 40 27.66 31.15 3.50
N TYR X 41 27.93 30.70 2.29
CA TYR X 41 27.16 31.19 1.15
C TYR X 41 25.68 30.83 1.29
N GLU X 42 25.38 29.62 1.76
CA GLU X 42 24.00 29.23 1.98
C GLU X 42 23.36 30.07 3.07
N ARG X 43 24.08 30.26 4.18
CA ARG X 43 23.50 31.05 5.27
C ARG X 43 23.22 32.48 4.83
N ILE X 44 24.13 33.10 4.10
CA ILE X 44 23.91 34.47 3.66
C ILE X 44 22.92 34.57 2.50
N GLU X 45 22.76 33.55 1.68
CA GLU X 45 21.64 33.55 0.74
C GLU X 45 20.31 33.56 1.49
N HIS X 46 20.21 32.73 2.54
CA HIS X 46 19.02 32.76 3.38
C HIS X 46 18.81 34.14 3.99
N GLU X 47 19.88 34.74 4.50
CA GLU X 47 19.77 36.04 5.16
C GLU X 47 19.36 37.13 4.17
N ARG X 48 19.88 37.09 2.94
CA ARG X 48 19.49 38.07 1.93
C ARG X 48 18.03 37.90 1.53
N HIS X 49 17.56 36.66 1.42
CA HIS X 49 16.13 36.45 1.18
C HIS X 49 15.29 37.00 2.34
N ASP X 50 15.77 36.83 3.57
CA ASP X 50 15.07 37.38 4.72
C ASP X 50 15.00 38.90 4.65
N GLU X 51 16.10 39.54 4.25
CA GLU X 51 16.10 41.00 4.16
C GLU X 51 15.18 41.48 3.03
N LEU X 52 15.11 40.74 1.93
CA LEU X 52 14.15 41.08 0.87
C LEU X 52 12.72 40.95 1.39
N ASP X 53 12.44 39.93 2.20
CA ASP X 53 11.12 39.80 2.81
C ASP X 53 10.81 40.97 3.73
N HIS X 54 11.79 41.40 4.52
CA HIS X 54 11.61 42.56 5.39
C HIS X 54 11.33 43.81 4.59
N ALA X 55 12.06 44.02 3.49
CA ALA X 55 11.80 45.16 2.63
C ALA X 55 10.42 45.10 2.02
N GLY X 56 9.96 43.89 1.68
CA GLY X 56 8.60 43.73 1.18
C GLY X 56 7.55 44.12 2.22
N LEU X 57 7.76 43.69 3.46
CA LEU X 57 6.85 44.08 4.54
C LEU X 57 6.83 45.59 4.73
N LEU X 58 8.01 46.22 4.70
CA LEU X 58 8.07 47.67 4.85
C LEU X 58 7.36 48.38 3.70
N ILE X 59 7.55 47.90 2.47
CA ILE X 59 6.90 48.54 1.32
C ILE X 59 5.39 48.38 1.41
N ASN X 60 4.94 47.19 1.83
CA ASN X 60 3.51 46.97 1.98
C ASN X 60 2.92 47.90 3.04
N ARG X 61 3.63 48.09 4.15
CA ARG X 61 3.15 49.01 5.17
C ARG X 61 3.09 50.44 4.66
N ILE X 62 4.13 50.87 3.94
CA ILE X 62 4.15 52.25 3.45
C ILE X 62 3.05 52.47 2.42
N LEU X 63 2.77 51.47 1.59
CA LEU X 63 1.69 51.59 0.62
C LEU X 63 0.32 51.53 1.28
N PHE X 64 0.20 50.80 2.39
CA PHE X 64 -1.06 50.78 3.14
C PHE X 64 -1.36 52.15 3.74
N LEU X 65 -0.34 52.84 4.22
CA LEU X 65 -0.50 54.15 4.85
C LEU X 65 -0.51 55.29 3.85
N GLU X 66 -0.81 54.99 2.57
CA GLU X 66 -0.87 56.02 1.53
C GLU X 66 0.41 56.82 1.44
N GLY X 67 1.55 56.13 1.52
CA GLY X 67 2.83 56.77 1.36
C GLY X 67 3.57 56.23 0.16
N VAL X 68 4.54 56.98 -0.35
CA VAL X 68 5.30 56.59 -1.54
C VAL X 68 6.56 55.87 -1.06
N PRO X 69 6.69 54.56 -1.30
CA PRO X 69 7.89 53.85 -0.86
C PRO X 69 9.11 54.21 -1.68
N ASP X 70 10.06 54.92 -1.09
CA ASP X 70 11.28 55.27 -1.79
C ASP X 70 12.21 54.07 -1.78
N VAL X 71 12.60 53.62 -2.96
CA VAL X 71 13.53 52.51 -3.09
C VAL X 71 14.77 52.87 -3.89
N ALA X 72 14.76 53.94 -4.68
CA ALA X 72 15.94 54.32 -5.44
C ALA X 72 17.09 54.70 -4.52
N SER X 73 16.78 55.20 -3.33
CA SER X 73 17.83 55.63 -2.41
C SER X 73 18.55 54.43 -1.82
N ARG X 74 19.88 54.52 -1.78
CA ARG X 74 20.74 53.53 -1.17
C ARG X 74 21.71 54.22 -0.22
N ALA X 75 22.11 53.50 0.82
CA ALA X 75 23.17 53.97 1.69
C ALA X 75 24.52 53.45 1.19
N ALA X 76 25.58 54.08 1.69
CA ALA X 76 26.93 53.63 1.32
C ALA X 76 27.13 52.19 1.77
N LEU X 77 27.80 51.42 0.93
CA LEU X 77 28.05 50.01 1.19
C LEU X 77 29.40 49.80 1.85
N ASN X 78 29.52 48.68 2.57
CA ASN X 78 30.75 48.29 3.24
C ASN X 78 31.03 46.84 2.86
N ILE X 79 31.72 46.64 1.74
CA ILE X 79 32.04 45.30 1.25
C ILE X 79 33.35 44.85 1.90
N GLY X 80 33.32 43.67 2.52
CA GLY X 80 34.49 43.18 3.20
C GLY X 80 35.46 42.49 2.24
N SER X 81 36.75 42.69 2.49
CA SER X 81 37.77 42.09 1.64
C SER X 81 37.91 40.59 1.91
N ASP X 82 37.79 40.19 3.17
CA ASP X 82 37.86 38.79 3.57
C ASP X 82 36.72 38.48 4.53
N VAL X 83 36.62 37.20 4.90
CA VAL X 83 35.48 36.75 5.71
C VAL X 83 35.37 37.50 7.03
N PRO X 84 36.45 37.71 7.80
CA PRO X 84 36.29 38.52 9.04
C PRO X 84 35.76 39.92 8.76
N LYS X 85 36.18 40.55 7.66
CA LYS X 85 35.65 41.87 7.34
C LYS X 85 34.19 41.78 6.91
N MET X 86 33.82 40.72 6.19
CA MET X 86 32.41 40.48 5.91
C MET X 86 31.59 40.45 7.18
N MET X 87 32.03 39.63 8.15
CA MET X 87 31.29 39.50 9.39
C MET X 87 31.23 40.82 10.15
N ALA X 88 32.35 41.52 10.23
CA ALA X 88 32.37 42.79 10.96
C ALA X 88 31.43 43.82 10.32
N ASN X 89 31.49 43.94 8.99
CA ASN X 89 30.64 44.91 8.30
C ASN X 89 29.17 44.55 8.43
N ASP X 90 28.82 43.28 8.24
CA ASP X 90 27.42 42.87 8.39
C ASP X 90 26.92 43.10 9.81
N LEU X 91 27.74 42.78 10.80
CA LEU X 91 27.35 42.98 12.19
C LEU X 91 27.13 44.45 12.51
N ALA X 92 28.07 45.30 12.08
CA ALA X 92 27.94 46.73 12.35
C ALA X 92 26.70 47.31 11.67
N TYR X 93 26.47 46.92 10.42
CA TYR X 93 25.31 47.44 9.71
C TYR X 93 24.02 46.98 10.35
N GLU X 94 23.95 45.70 10.75
CA GLU X 94 22.73 45.21 11.39
C GLU X 94 22.50 45.86 12.74
N LEU X 95 23.57 46.15 13.49
CA LEU X 95 23.40 46.86 14.75
C LEU X 95 22.87 48.28 14.53
N GLN X 96 23.37 48.97 13.51
CA GLN X 96 22.83 50.30 13.21
C GLN X 96 21.36 50.21 12.78
N VAL X 97 21.02 49.18 12.00
CA VAL X 97 19.64 48.96 11.62
C VAL X 97 18.77 48.71 12.85
N VAL X 98 19.32 47.98 13.82
CA VAL X 98 18.61 47.74 15.08
C VAL X 98 18.34 49.05 15.81
N ASP X 99 19.34 49.93 15.85
CA ASP X 99 19.14 51.23 16.50
C ASP X 99 18.04 52.04 15.80
N GLU X 100 18.08 52.07 14.46
CA GLU X 100 17.02 52.76 13.73
C GLU X 100 15.65 52.13 13.97
N LEU X 101 15.61 50.79 14.05
CA LEU X 101 14.35 50.10 14.30
C LEU X 101 13.80 50.44 15.67
N LYS X 102 14.67 50.51 16.68
CA LYS X 102 14.20 50.87 18.02
C LYS X 102 13.67 52.30 18.06
N ALA X 103 14.37 53.22 17.39
CA ALA X 103 13.85 54.58 17.30
C ALA X 103 12.49 54.61 16.61
N ALA X 104 12.33 53.85 15.53
CA ALA X 104 11.08 53.83 14.81
C ALA X 104 9.96 53.21 15.65
N ILE X 105 10.28 52.17 16.43
CA ILE X 105 9.28 51.55 17.28
C ILE X 105 8.80 52.53 18.34
N ALA X 106 9.74 53.26 18.95
CA ALA X 106 9.37 54.27 19.94
C ALA X 106 8.46 55.34 19.31
N LEU X 107 8.84 55.83 18.13
CA LEU X 107 8.04 56.87 17.49
C LEU X 107 6.65 56.34 17.12
N CYS X 108 6.58 55.11 16.59
CA CYS X 108 5.29 54.54 16.19
C CYS X 108 4.39 54.34 17.39
N GLU X 109 4.95 53.93 18.53
CA GLU X 109 4.16 53.88 19.75
C GLU X 109 3.68 55.26 20.13
N SER X 110 4.53 56.29 19.95
CA SER X 110 4.12 57.65 20.29
C SER X 110 2.94 58.12 19.45
N GLU X 111 2.96 57.85 18.14
CA GLU X 111 1.88 58.26 17.26
C GLU X 111 0.69 57.31 17.28
N ARG X 112 0.64 56.37 18.23
CA ARG X 112 -0.50 55.48 18.42
C ARG X 112 -0.81 54.66 17.17
N ASP X 113 0.21 54.39 16.35
CA ASP X 113 0.05 53.57 15.15
C ASP X 113 0.61 52.19 15.47
N TYR X 114 -0.23 51.36 16.08
CA TYR X 114 0.24 50.15 16.74
C TYR X 114 0.48 48.99 15.77
N ASP X 115 -0.19 48.96 14.63
CA ASP X 115 0.06 47.91 13.66
C ASP X 115 1.46 48.03 13.08
N THR X 116 1.88 49.26 12.74
CA THR X 116 3.26 49.47 12.33
C THR X 116 4.22 49.11 13.44
N ARG X 117 3.84 49.38 14.69
CA ARG X 117 4.70 49.02 15.81
C ARG X 117 4.87 47.51 15.90
N ARG X 118 3.80 46.76 15.66
CA ARG X 118 3.90 45.30 15.63
C ARG X 118 4.79 44.82 14.49
N ILE X 119 4.65 45.42 13.31
CA ILE X 119 5.50 45.05 12.18
C ILE X 119 6.96 45.34 12.49
N LEU X 120 7.24 46.50 13.05
CA LEU X 120 8.62 46.88 13.37
C LEU X 120 9.19 46.03 14.50
N VAL X 121 8.35 45.61 15.45
CA VAL X 121 8.83 44.72 16.50
C VAL X 121 9.17 43.36 15.92
N HIS X 122 8.36 42.88 14.97
CA HIS X 122 8.69 41.63 14.28
C HIS X 122 10.02 41.77 13.53
N LEU X 123 10.21 42.90 12.84
CA LEU X 123 11.47 43.11 12.12
C LEU X 123 12.65 43.20 13.07
N LEU X 124 12.49 43.90 14.20
CA LEU X 124 13.58 44.01 15.18
C LEU X 124 13.91 42.66 15.79
N GLU X 125 12.88 41.86 16.11
CA GLU X 125 13.12 40.52 16.63
C GLU X 125 13.87 39.66 15.63
N GLU X 126 13.48 39.71 14.36
CA GLU X 126 14.19 38.93 13.35
C GLU X 126 15.62 39.42 13.19
N THR X 127 15.83 40.74 13.22
CA THR X 127 17.18 41.29 13.08
C THR X 127 18.06 40.90 14.26
N GLU X 128 17.50 40.86 15.47
CA GLU X 128 18.30 40.64 16.68
C GLU X 128 18.54 39.16 16.94
N GLN X 129 17.48 38.34 16.93
CA GLN X 129 17.64 36.93 17.26
C GLN X 129 18.30 36.13 16.16
N ASP X 130 18.09 36.52 14.89
CA ASP X 130 18.58 35.76 13.77
C ASP X 130 19.83 36.35 13.13
N HIS X 131 19.80 37.64 12.78
CA HIS X 131 20.90 38.22 12.03
C HIS X 131 22.02 38.69 12.95
N VAL X 132 21.71 39.56 13.91
CA VAL X 132 22.73 40.09 14.81
C VAL X 132 23.34 38.97 15.64
N ARG X 133 22.50 38.05 16.13
CA ARG X 133 23.01 36.96 16.95
C ARG X 133 23.96 36.06 16.16
N TRP X 134 23.60 35.72 14.92
CA TRP X 134 24.46 34.85 14.13
C TRP X 134 25.79 35.52 13.81
N LEU X 135 25.76 36.82 13.52
CA LEU X 135 27.01 37.53 13.21
C LEU X 135 27.90 37.66 14.44
N GLU X 136 27.29 37.89 15.62
CA GLU X 136 28.08 37.89 16.84
C GLU X 136 28.69 36.51 17.09
N VAL X 137 27.91 35.45 16.84
CA VAL X 137 28.42 34.10 16.99
C VAL X 137 29.58 33.86 16.04
N GLN X 138 29.45 34.34 14.79
CA GLN X 138 30.52 34.15 13.81
C GLN X 138 31.79 34.89 14.21
N VAL X 139 31.65 36.12 14.71
CA VAL X 139 32.83 36.87 15.17
C VAL X 139 33.51 36.14 16.33
N GLY X 140 32.72 35.69 17.29
CA GLY X 140 33.29 34.95 18.41
C GLY X 140 33.94 33.65 17.97
N LEU X 141 33.35 32.97 16.99
CA LEU X 141 33.91 31.72 16.49
C LEU X 141 35.21 31.95 15.74
N ILE X 142 35.27 33.03 14.96
CA ILE X 142 36.53 33.38 14.30
C ILE X 142 37.60 33.66 15.34
N ASP X 143 37.21 34.29 16.45
CA ASP X 143 38.19 34.55 17.51
C ASP X 143 38.66 33.26 18.17
N LYS X 144 37.73 32.37 18.52
CA LYS X 144 38.08 31.18 19.31
C LYS X 144 38.72 30.10 18.45
N LEU X 145 38.02 29.67 17.39
CA LEU X 145 38.51 28.60 16.53
C LEU X 145 39.80 28.99 15.81
N GLY X 146 40.02 30.28 15.62
CA GLY X 146 41.05 30.74 14.72
C GLY X 146 40.55 30.86 13.30
N LEU X 147 41.26 31.66 12.50
CA LEU X 147 40.82 31.93 11.14
C LEU X 147 40.84 30.66 10.29
N LYS X 148 41.90 29.85 10.41
CA LYS X 148 42.05 28.68 9.55
C LYS X 148 40.97 27.65 9.83
N ASN X 149 40.73 27.33 11.11
CA ASN X 149 39.70 26.37 11.46
C ASN X 149 38.32 26.87 11.05
N TYR X 150 38.05 28.15 11.29
CA TYR X 150 36.74 28.71 10.92
C TYR X 150 36.54 28.65 9.41
N LEU X 151 37.57 28.96 8.63
CA LEU X 151 37.45 28.90 7.18
C LEU X 151 37.32 27.47 6.69
N GLN X 152 37.95 26.51 7.37
CA GLN X 152 37.75 25.11 7.03
C GLN X 152 36.31 24.70 7.28
N SER X 153 35.73 25.12 8.40
CA SER X 153 34.34 24.80 8.68
C SER X 153 33.41 25.48 7.68
N ALA X 154 33.73 26.71 7.28
CA ALA X 154 32.92 27.41 6.30
C ALA X 154 32.96 26.73 4.95
N ALA X 155 34.14 26.21 4.56
CA ALA X 155 34.26 25.53 3.27
C ALA X 155 33.37 24.29 3.22
N GLY X 156 33.32 23.54 4.31
CA GLY X 156 32.49 22.34 4.31
C GLY X 156 33.11 21.25 3.47
N GLU X 157 32.29 20.66 2.59
CA GLU X 157 32.79 19.63 1.68
C GLU X 157 33.50 20.27 0.50
N ILE X 158 34.75 19.88 0.29
CA ILE X 158 35.54 20.42 -0.80
C ILE X 158 35.51 19.46 -1.99
#